data_5JM8
#
_entry.id   5JM8
#
_cell.length_a   170.850
_cell.length_b   96.630
_cell.length_c   173.230
_cell.angle_alpha   90.000
_cell.angle_beta   90.020
_cell.angle_gamma   90.000
#
_symmetry.space_group_name_H-M   'P 1 21 1'
#
loop_
_entity.id
_entity.type
_entity.pdbx_description
1 polymer 'Aerobactin synthase IucA'
2 non-polymer "ADENOSINE-5'-TRIPHOSPHATE"
3 non-polymer 'MAGNESIUM ION'
4 water water
#
_entity_poly.entity_id   1
_entity_poly.type   'polypeptide(L)'
_entity_poly.pdbx_seq_one_letter_code
;GHMTLPTKTSTLDVAAQCFLNSLVRETKDWRLTEYQPTQLIIPLGEQQALHFRVAYFSPTQHHRFEFPARLVTASGSHPV
DFATLSRLIVDKLQHQLLLPATSCETFHQRVMESHAHTQQAIDARHDWAALREKALNFGEAEQALLVGHAFHPAPKSHEP
FNQQEAERYLPDFAPHFPLRWFAVNKTQIAGESLHLNLQQRLTRFAAENAPQLLNELSDNQWLFPLHPWQGEYLLQQEWC
QELVAKGLIKDLGEAGAPWLPTTSSRSLYCATSRDMIKFSLSVRLTNSVRTLSVKEVKRGMRLARLAQTDDWQTLQARFP
TFRVMQEDGWAGLRDLHGNIMQESLFALRENLLVDQPQSQTNVLVSLTQAAPDGGDSLLVAAVKRLSDRLGITAQQAAHA
WVDAYCHQVLKPLFTAEADYGLVLLAHQQNILVQMLGDLPVGLIYRDCQGSAFMPHAAGWLDTIGEAQAENVFTREQLLR
YFPYYLLVNSTFAVTAALGAAGLDSEANLMARVRTLLAEMRDQVTHKTCLNYVLENPYWNVKGNFFCYLNDHNENTIVDP
SVIYFDFANPLLAQEG
;
_entity_poly.pdbx_strand_id   A,B,C,D,E,F,G,H
#
loop_
_chem_comp.id
_chem_comp.type
_chem_comp.name
_chem_comp.formula
ATP non-polymer ADENOSINE-5'-TRIPHOSPHATE 'C10 H16 N5 O13 P3'
MG non-polymer 'MAGNESIUM ION' 'Mg 2'
#
# COMPACT_ATOMS: atom_id res chain seq x y z
N THR A 11 -23.71 17.80 -12.13
CA THR A 11 -24.98 17.12 -12.40
C THR A 11 -24.74 15.71 -12.92
N LEU A 12 -23.77 15.60 -13.83
CA LEU A 12 -23.44 14.32 -14.45
C LEU A 12 -22.20 13.69 -13.84
N ASP A 13 -22.29 12.40 -13.57
CA ASP A 13 -21.13 11.62 -13.17
C ASP A 13 -21.28 10.20 -13.70
N VAL A 14 -20.56 9.90 -14.77
CA VAL A 14 -20.58 8.57 -15.38
C VAL A 14 -19.73 7.58 -14.58
N ALA A 15 -18.79 8.10 -13.79
CA ALA A 15 -17.94 7.26 -12.95
C ALA A 15 -18.74 6.73 -11.77
N ALA A 16 -19.46 7.62 -11.11
CA ALA A 16 -20.26 7.24 -9.95
C ALA A 16 -21.34 6.25 -10.35
N GLN A 17 -21.85 6.40 -11.57
CA GLN A 17 -22.93 5.54 -12.05
C GLN A 17 -22.47 4.09 -12.15
N CYS A 18 -21.18 3.90 -12.37
CA CYS A 18 -20.60 2.56 -12.42
C CYS A 18 -20.62 1.91 -11.05
N PHE A 19 -20.16 2.66 -10.04
CA PHE A 19 -20.18 2.20 -8.66
C PHE A 19 -21.60 1.84 -8.26
N LEU A 20 -22.54 2.73 -8.56
CA LEU A 20 -23.92 2.59 -8.12
C LEU A 20 -24.68 1.51 -8.90
N ASN A 21 -24.56 1.51 -10.22
CA ASN A 21 -25.25 0.50 -11.04
C ASN A 21 -24.72 -0.89 -10.76
N SER A 22 -23.41 -0.99 -10.54
CA SER A 22 -22.79 -2.25 -10.16
C SER A 22 -23.41 -2.75 -8.85
N LEU A 23 -23.57 -1.84 -7.90
CA LEU A 23 -24.16 -2.17 -6.60
C LEU A 23 -25.63 -2.58 -6.73
N VAL A 24 -26.41 -1.78 -7.47
CA VAL A 24 -27.84 -2.01 -7.62
C VAL A 24 -28.15 -3.37 -8.25
N ARG A 25 -27.26 -3.83 -9.12
CA ARG A 25 -27.44 -5.13 -9.78
C ARG A 25 -27.19 -6.29 -8.81
N GLU A 26 -26.26 -6.11 -7.88
CA GLU A 26 -25.81 -7.19 -7.02
C GLU A 26 -26.50 -7.17 -5.66
N THR A 27 -27.48 -6.29 -5.49
CA THR A 27 -28.24 -6.22 -4.24
C THR A 27 -29.75 -6.20 -4.53
N LYS A 28 -30.51 -6.72 -3.57
CA LYS A 28 -31.97 -6.68 -3.61
C LYS A 28 -32.45 -5.73 -2.51
N ASP A 29 -31.50 -4.99 -1.93
CA ASP A 29 -31.78 -4.06 -0.83
C ASP A 29 -31.86 -2.63 -1.35
N TRP A 30 -32.89 -2.36 -2.17
CA TRP A 30 -33.15 -1.02 -2.66
C TRP A 30 -34.59 -0.92 -3.14
N ARG A 31 -35.10 0.30 -3.25
CA ARG A 31 -36.52 0.52 -3.46
C ARG A 31 -36.75 1.75 -4.34
N LEU A 32 -37.87 1.74 -5.04
CA LEU A 32 -38.29 2.87 -5.87
C LEU A 32 -39.46 3.58 -5.19
N THR A 33 -39.59 4.88 -5.46
CA THR A 33 -40.65 5.69 -4.88
C THR A 33 -41.92 5.63 -5.71
N GLU A 34 -43.06 5.52 -5.04
CA GLU A 34 -44.35 5.45 -5.72
C GLU A 34 -44.71 6.80 -6.32
N TYR A 35 -44.01 7.84 -5.89
CA TYR A 35 -44.24 9.18 -6.39
C TYR A 35 -43.15 9.63 -7.34
N GLN A 36 -43.41 10.69 -8.08
CA GLN A 36 -42.44 11.22 -9.04
C GLN A 36 -42.16 12.70 -8.73
N PRO A 37 -40.99 13.31 -9.21
CA PRO A 37 -40.09 12.46 -10.02
C PRO A 37 -39.60 11.23 -9.26
N THR A 38 -39.58 10.09 -9.94
CA THR A 38 -39.14 8.83 -9.35
C THR A 38 -37.72 8.91 -8.80
N GLN A 39 -37.51 8.28 -7.66
CA GLN A 39 -36.21 8.26 -7.02
C GLN A 39 -35.86 6.84 -6.60
N LEU A 40 -34.59 6.48 -6.73
CA LEU A 40 -34.10 5.17 -6.29
C LEU A 40 -33.49 5.31 -4.90
N ILE A 41 -33.89 4.42 -4.00
CA ILE A 41 -33.50 4.50 -2.60
C ILE A 41 -32.61 3.34 -2.19
N ILE A 42 -31.49 3.68 -1.53
CA ILE A 42 -30.61 2.69 -0.96
C ILE A 42 -30.56 2.91 0.56
N PRO A 43 -31.27 2.08 1.33
CA PRO A 43 -31.34 2.29 2.78
C PRO A 43 -29.97 2.14 3.45
N LEU A 44 -29.70 2.99 4.44
CA LEU A 44 -28.45 2.92 5.20
C LEU A 44 -28.70 2.39 6.61
N GLY A 45 -29.96 2.12 6.93
CA GLY A 45 -30.34 1.66 8.25
C GLY A 45 -30.31 2.79 9.26
N GLU A 46 -30.87 2.55 10.44
CA GLU A 46 -30.94 3.55 11.49
C GLU A 46 -31.81 4.74 11.06
N GLN A 47 -32.81 4.45 10.24
CA GLN A 47 -33.76 5.47 9.77
C GLN A 47 -33.09 6.52 8.88
N GLN A 48 -32.14 6.07 8.05
CA GLN A 48 -31.49 6.93 7.07
C GLN A 48 -31.30 6.20 5.75
N ALA A 49 -31.37 6.96 4.65
CA ALA A 49 -31.26 6.38 3.32
C ALA A 49 -30.76 7.39 2.30
N LEU A 50 -30.25 6.89 1.18
CA LEU A 50 -29.78 7.73 0.09
C LEU A 50 -30.82 7.76 -1.03
N HIS A 51 -31.19 8.96 -1.45
CA HIS A 51 -32.19 9.14 -2.49
C HIS A 51 -31.59 9.65 -3.81
N PHE A 52 -31.63 8.82 -4.84
CA PHE A 52 -31.08 9.16 -6.14
C PHE A 52 -32.17 9.49 -7.16
N ARG A 53 -32.15 10.72 -7.68
CA ARG A 53 -33.06 11.11 -8.75
C ARG A 53 -32.76 10.28 -9.99
N VAL A 54 -33.77 9.59 -10.50
CA VAL A 54 -33.60 8.72 -11.66
C VAL A 54 -34.02 9.41 -12.95
N ALA A 55 -33.07 9.62 -13.84
CA ALA A 55 -33.34 10.20 -15.16
C ALA A 55 -33.74 9.12 -16.15
N TYR A 56 -33.09 7.96 -16.04
CA TYR A 56 -33.44 6.80 -16.85
C TYR A 56 -33.36 5.52 -16.04
N PHE A 57 -34.48 4.81 -15.98
CA PHE A 57 -34.53 3.50 -15.32
C PHE A 57 -34.40 2.39 -16.35
N SER A 58 -33.45 1.49 -16.09
CA SER A 58 -33.12 0.42 -17.02
C SER A 58 -33.46 -0.95 -16.43
N PRO A 59 -34.18 -1.78 -17.19
CA PRO A 59 -34.42 -3.15 -16.73
C PRO A 59 -33.18 -4.04 -16.81
N THR A 60 -32.08 -3.46 -17.29
CA THR A 60 -30.78 -4.15 -17.30
C THR A 60 -29.79 -3.39 -16.42
N GLN A 61 -30.33 -2.54 -15.54
CA GLN A 61 -29.55 -1.81 -14.55
C GLN A 61 -28.54 -0.82 -15.15
N HIS A 62 -28.69 -0.49 -16.43
CA HIS A 62 -27.96 0.63 -17.01
C HIS A 62 -28.65 1.94 -16.67
N HIS A 63 -28.76 2.23 -15.37
CA HIS A 63 -29.47 3.41 -14.90
C HIS A 63 -28.68 4.70 -15.12
N ARG A 64 -29.42 5.80 -15.19
CA ARG A 64 -28.82 7.13 -15.21
C ARG A 64 -29.40 7.94 -14.06
N PHE A 65 -28.57 8.25 -13.07
CA PHE A 65 -28.97 9.07 -11.93
C PHE A 65 -28.62 10.53 -12.16
N GLU A 66 -29.50 11.41 -11.69
CA GLU A 66 -29.23 12.84 -11.66
C GLU A 66 -28.65 13.21 -10.30
N PHE A 67 -27.52 13.90 -10.32
CA PHE A 67 -26.78 14.22 -9.09
C PHE A 67 -26.89 15.71 -8.77
N PRO A 68 -26.61 16.09 -7.51
CA PRO A 68 -26.13 15.29 -6.38
C PRO A 68 -27.16 14.36 -5.76
N ALA A 69 -26.68 13.36 -5.03
CA ALA A 69 -27.54 12.49 -4.25
C ALA A 69 -28.08 13.27 -3.05
N ARG A 70 -28.89 12.60 -2.23
CA ARG A 70 -29.53 13.24 -1.10
C ARG A 70 -29.57 12.27 0.07
N LEU A 71 -29.04 12.70 1.21
CA LEU A 71 -29.06 11.89 2.41
C LEU A 71 -30.36 12.13 3.17
N VAL A 72 -31.16 11.08 3.30
CA VAL A 72 -32.44 11.14 4.00
C VAL A 72 -32.30 10.62 5.42
N THR A 73 -32.20 11.54 6.35
CA THR A 73 -32.05 11.21 7.78
C THR A 73 -33.12 11.63 8.84
N ALA A 74 -32.76 12.62 9.67
CA ALA A 74 -33.55 13.10 10.78
C ALA A 74 -34.42 14.32 10.50
N SER A 75 -35.70 14.04 10.32
CA SER A 75 -36.71 15.06 10.11
C SER A 75 -36.24 15.96 8.97
N GLY A 76 -35.28 15.46 8.19
CA GLY A 76 -34.70 16.23 7.04
C GLY A 76 -33.44 15.72 6.24
N SER A 77 -33.01 16.29 5.08
CA SER A 77 -31.85 15.72 4.49
C SER A 77 -31.07 16.81 3.92
N HIS A 78 -30.11 16.37 3.15
CA HIS A 78 -29.18 17.30 2.52
C HIS A 78 -28.37 16.57 1.43
N PRO A 79 -27.71 17.32 0.56
CA PRO A 79 -26.91 16.69 -0.49
C PRO A 79 -25.61 16.07 0.02
N VAL A 80 -25.17 15.00 -0.64
CA VAL A 80 -23.89 14.37 -0.33
C VAL A 80 -23.12 14.12 -1.62
N ASP A 81 -21.81 14.40 -1.59
CA ASP A 81 -20.96 14.15 -2.75
C ASP A 81 -20.72 12.66 -2.90
N PHE A 82 -20.04 12.26 -3.98
CA PHE A 82 -19.81 10.85 -4.27
C PHE A 82 -18.89 10.22 -3.23
N ALA A 83 -17.92 10.99 -2.77
CA ALA A 83 -16.96 10.50 -1.77
C ALA A 83 -17.69 10.17 -0.47
N THR A 84 -18.70 10.97 -0.13
CA THR A 84 -19.47 10.75 1.08
C THR A 84 -20.37 9.52 0.95
N LEU A 85 -21.27 9.53 -0.02
CA LEU A 85 -22.26 8.46 -0.16
C LEU A 85 -21.62 7.09 -0.34
N SER A 86 -20.46 7.05 -1.00
CA SER A 86 -19.73 5.81 -1.21
C SER A 86 -19.13 5.29 0.08
N ARG A 87 -18.60 6.20 0.89
CA ARG A 87 -18.08 5.85 2.21
C ARG A 87 -19.21 5.32 3.09
N LEU A 88 -20.37 5.95 2.99
CA LEU A 88 -21.52 5.54 3.79
C LEU A 88 -21.95 4.12 3.41
N ILE A 89 -21.95 3.83 2.11
CA ILE A 89 -22.35 2.51 1.62
C ILE A 89 -21.33 1.45 2.00
N VAL A 90 -20.05 1.81 1.97
CA VAL A 90 -19.01 0.87 2.37
C VAL A 90 -19.12 0.58 3.88
N ASP A 91 -19.51 1.58 4.65
CA ASP A 91 -19.72 1.39 6.09
C ASP A 91 -20.88 0.45 6.35
N LYS A 92 -21.96 0.62 5.58
CA LYS A 92 -23.12 -0.26 5.66
C LYS A 92 -22.70 -1.71 5.42
N LEU A 93 -21.81 -1.91 4.45
CA LEU A 93 -21.39 -3.24 4.07
C LEU A 93 -20.45 -3.86 5.09
N GLN A 94 -19.71 -3.01 5.81
CA GLN A 94 -18.78 -3.48 6.82
C GLN A 94 -19.53 -4.15 7.98
N HIS A 95 -20.71 -3.61 8.30
CA HIS A 95 -21.56 -4.18 9.32
C HIS A 95 -22.30 -5.42 8.82
N GLN A 96 -22.86 -5.30 7.62
CA GLN A 96 -23.71 -6.34 7.06
C GLN A 96 -22.96 -7.65 6.86
N LEU A 97 -21.70 -7.54 6.42
CA LEU A 97 -20.90 -8.71 6.11
C LEU A 97 -19.73 -8.91 7.09
N LEU A 98 -19.66 -8.06 8.12
CA LEU A 98 -18.61 -8.15 9.12
C LEU A 98 -17.24 -8.09 8.43
N LEU A 99 -17.04 -7.05 7.63
CA LEU A 99 -15.88 -7.00 6.74
C LEU A 99 -14.65 -6.42 7.44
N PRO A 100 -13.46 -7.01 7.17
CA PRO A 100 -12.22 -6.47 7.71
C PRO A 100 -12.02 -5.02 7.30
N ALA A 101 -11.75 -4.16 8.28
CA ALA A 101 -11.72 -2.71 8.05
C ALA A 101 -10.63 -2.29 7.06
N THR A 102 -9.60 -3.12 6.93
CA THR A 102 -8.50 -2.82 6.03
C THR A 102 -8.91 -3.00 4.57
N SER A 103 -9.70 -4.04 4.30
CA SER A 103 -10.19 -4.32 2.95
C SER A 103 -11.24 -3.30 2.52
N CYS A 104 -12.01 -2.81 3.47
CA CYS A 104 -13.04 -1.80 3.19
C CYS A 104 -12.41 -0.49 2.74
N GLU A 105 -11.40 -0.04 3.46
CA GLU A 105 -10.78 1.25 3.18
C GLU A 105 -9.92 1.20 1.92
N THR A 106 -9.36 0.02 1.64
CA THR A 106 -8.64 -0.20 0.40
C THR A 106 -9.60 -0.15 -0.78
N PHE A 107 -10.78 -0.73 -0.59
CA PHE A 107 -11.81 -0.72 -1.62
C PHE A 107 -12.27 0.70 -1.91
N HIS A 108 -12.53 1.46 -0.85
CA HIS A 108 -13.06 2.81 -0.99
C HIS A 108 -12.05 3.76 -1.63
N GLN A 109 -10.78 3.65 -1.24
CA GLN A 109 -9.76 4.53 -1.80
C GLN A 109 -9.60 4.25 -3.29
N ARG A 110 -9.66 2.97 -3.67
CA ARG A 110 -9.55 2.58 -5.07
C ARG A 110 -10.72 3.13 -5.90
N VAL A 111 -11.91 3.12 -5.30
CA VAL A 111 -13.11 3.63 -5.97
C VAL A 111 -13.01 5.14 -6.19
N MET A 112 -12.34 5.84 -5.26
CA MET A 112 -12.13 7.27 -5.40
C MET A 112 -11.03 7.57 -6.41
N GLU A 113 -9.99 6.73 -6.41
CA GLU A 113 -8.90 6.86 -7.37
C GLU A 113 -9.46 6.76 -8.78
N SER A 114 -10.26 5.73 -9.01
CA SER A 114 -10.89 5.53 -10.32
C SER A 114 -11.77 6.73 -10.67
N HIS A 115 -12.58 7.18 -9.72
CA HIS A 115 -13.50 8.28 -9.94
C HIS A 115 -12.74 9.55 -10.32
N ALA A 116 -11.59 9.76 -9.68
CA ALA A 116 -10.78 10.95 -9.91
C ALA A 116 -10.02 10.88 -11.22
N HIS A 117 -9.43 9.71 -11.50
CA HIS A 117 -8.68 9.49 -12.72
C HIS A 117 -9.57 9.69 -13.94
N THR A 118 -10.81 9.25 -13.83
CA THR A 118 -11.79 9.40 -14.89
C THR A 118 -12.07 10.87 -15.17
N GLN A 119 -12.25 11.64 -14.11
CA GLN A 119 -12.53 13.07 -14.24
C GLN A 119 -11.37 13.77 -14.94
N GLN A 120 -10.15 13.38 -14.58
CA GLN A 120 -8.95 13.92 -15.21
C GLN A 120 -9.00 13.69 -16.72
N ALA A 121 -9.24 12.43 -17.09
CA ALA A 121 -9.28 12.04 -18.50
C ALA A 121 -10.35 12.82 -19.25
N ILE A 122 -11.52 12.97 -18.63
CA ILE A 122 -12.63 13.69 -19.23
C ILE A 122 -12.25 15.15 -19.49
N ASP A 123 -11.50 15.74 -18.56
CA ASP A 123 -11.06 17.12 -18.71
C ASP A 123 -9.89 17.24 -19.68
N ALA A 124 -9.22 16.12 -19.95
CA ALA A 124 -8.08 16.11 -20.86
C ALA A 124 -8.48 15.84 -22.31
N ARG A 125 -9.61 15.14 -22.49
CA ARG A 125 -10.05 14.70 -23.81
C ARG A 125 -11.14 15.60 -24.39
N HIS A 126 -10.76 16.79 -24.84
CA HIS A 126 -11.71 17.72 -25.44
C HIS A 126 -12.05 17.32 -26.86
N ASP A 127 -11.33 16.31 -27.37
CA ASP A 127 -11.59 15.77 -28.69
C ASP A 127 -12.73 14.76 -28.68
N TRP A 128 -13.17 14.35 -27.49
CA TRP A 128 -14.07 13.22 -27.37
C TRP A 128 -15.41 13.47 -28.05
N ALA A 129 -16.03 14.60 -27.75
CA ALA A 129 -17.34 14.92 -28.32
C ALA A 129 -17.29 14.99 -29.85
N ALA A 130 -16.12 15.31 -30.40
CA ALA A 130 -15.97 15.43 -31.84
C ALA A 130 -15.95 14.05 -32.53
N LEU A 131 -15.77 12.99 -31.75
CA LEU A 131 -15.77 11.63 -32.28
C LEU A 131 -17.14 11.23 -32.81
N ARG A 132 -18.18 11.92 -32.36
CA ARG A 132 -19.54 11.69 -32.83
C ARG A 132 -19.72 12.05 -34.30
N GLU A 133 -18.79 12.82 -34.84
CA GLU A 133 -18.99 13.49 -36.12
C GLU A 133 -18.88 12.56 -37.32
N LYS A 134 -18.21 11.43 -37.12
CA LYS A 134 -17.96 10.51 -38.22
C LYS A 134 -17.63 9.11 -37.73
N ALA A 135 -17.51 8.18 -38.66
CA ALA A 135 -17.21 6.79 -38.33
C ALA A 135 -15.78 6.67 -37.79
N LEU A 136 -15.65 5.94 -36.69
CA LEU A 136 -14.36 5.74 -36.04
C LEU A 136 -13.54 4.63 -36.68
N ASN A 137 -12.22 4.79 -36.67
CA ASN A 137 -11.33 3.71 -37.06
C ASN A 137 -11.00 2.90 -35.82
N PHE A 138 -10.30 1.78 -36.01
CA PHE A 138 -10.01 0.86 -34.92
C PHE A 138 -9.29 1.53 -33.76
N GLY A 139 -8.26 2.32 -34.07
CA GLY A 139 -7.47 2.98 -33.05
C GLY A 139 -8.26 4.01 -32.25
N GLU A 140 -9.10 4.77 -32.94
CA GLU A 140 -9.93 5.78 -32.28
C GLU A 140 -10.87 5.15 -31.26
N ALA A 141 -11.52 4.06 -31.66
CA ALA A 141 -12.48 3.38 -30.78
C ALA A 141 -11.79 2.78 -29.57
N GLU A 142 -10.57 2.26 -29.78
CA GLU A 142 -9.85 1.58 -28.71
C GLU A 142 -9.40 2.53 -27.61
N GLN A 143 -9.38 3.82 -27.91
CA GLN A 143 -8.94 4.82 -26.94
C GLN A 143 -10.06 5.79 -26.55
N ALA A 144 -11.29 5.47 -26.96
CA ALA A 144 -12.43 6.34 -26.72
C ALA A 144 -13.21 5.93 -25.46
N LEU A 145 -12.77 4.86 -24.81
CA LEU A 145 -13.43 4.43 -23.57
C LEU A 145 -12.83 5.14 -22.37
N LEU A 146 -13.61 6.04 -21.78
CA LEU A 146 -13.17 6.82 -20.62
C LEU A 146 -13.89 6.38 -19.34
N VAL A 147 -15.02 5.72 -19.49
CA VAL A 147 -15.79 5.25 -18.33
C VAL A 147 -15.26 3.91 -17.84
N GLY A 148 -14.85 3.06 -18.78
CA GLY A 148 -14.36 1.75 -18.44
C GLY A 148 -15.50 0.76 -18.31
N HIS A 149 -15.32 -0.25 -17.47
CA HIS A 149 -16.36 -1.27 -17.24
C HIS A 149 -17.58 -0.64 -16.58
N ALA A 150 -18.73 -0.77 -17.22
CA ALA A 150 -19.93 -0.06 -16.79
C ALA A 150 -20.49 -0.62 -15.49
N PHE A 151 -20.15 -1.86 -15.17
CA PHE A 151 -20.61 -2.52 -13.96
C PHE A 151 -19.45 -3.00 -13.10
N HIS A 152 -18.46 -2.14 -12.97
CA HIS A 152 -17.37 -2.33 -12.02
C HIS A 152 -17.32 -1.10 -11.12
N PRO A 153 -17.01 -1.28 -9.82
CA PRO A 153 -16.96 -0.11 -8.94
C PRO A 153 -15.75 0.79 -9.17
N ALA A 154 -14.62 0.18 -9.52
CA ALA A 154 -13.39 0.91 -9.78
C ALA A 154 -12.76 0.49 -11.11
N PRO A 155 -13.42 0.82 -12.22
CA PRO A 155 -12.96 0.42 -13.56
C PRO A 155 -11.65 1.09 -14.00
N LYS A 156 -11.25 2.17 -13.32
CA LYS A 156 -10.04 2.90 -13.69
C LYS A 156 -9.02 2.95 -12.56
N SER A 157 -8.89 1.83 -11.85
CA SER A 157 -7.78 1.65 -10.92
C SER A 157 -6.54 1.28 -11.73
N HIS A 158 -5.45 2.03 -11.53
CA HIS A 158 -4.25 1.89 -12.34
C HIS A 158 -3.06 1.25 -11.62
N GLU A 159 -3.23 0.91 -10.35
CA GLU A 159 -2.12 0.52 -9.46
C GLU A 159 -1.12 -0.44 -10.13
N PRO A 160 0.19 -0.14 -10.05
CA PRO A 160 0.89 0.94 -9.35
C PRO A 160 1.30 2.15 -10.22
N PHE A 161 0.54 2.44 -11.27
CA PHE A 161 0.87 3.58 -12.15
C PHE A 161 0.70 4.91 -11.41
N ASN A 162 1.65 5.82 -11.60
CA ASN A 162 1.49 7.20 -11.16
C ASN A 162 0.74 7.98 -12.22
N GLN A 163 0.63 9.30 -12.04
CA GLN A 163 -0.07 10.14 -13.00
C GLN A 163 0.65 10.13 -14.35
N GLN A 164 1.94 10.41 -14.34
CA GLN A 164 2.76 10.43 -15.55
C GLN A 164 2.68 9.11 -16.31
N GLU A 165 2.64 8.01 -15.57
CA GLU A 165 2.65 6.67 -16.16
C GLU A 165 1.28 6.34 -16.75
N ALA A 166 0.23 6.86 -16.11
CA ALA A 166 -1.13 6.65 -16.61
C ALA A 166 -1.35 7.47 -17.88
N GLU A 167 -0.69 8.62 -17.96
CA GLU A 167 -0.82 9.50 -19.12
C GLU A 167 -0.27 8.88 -20.39
N ARG A 168 0.70 7.99 -20.25
CA ARG A 168 1.41 7.45 -21.41
C ARG A 168 0.99 6.03 -21.75
N TYR A 169 0.70 5.22 -20.73
CA TYR A 169 0.59 3.78 -20.90
C TYR A 169 -0.85 3.26 -20.89
N LEU A 170 -1.79 4.13 -20.51
CA LEU A 170 -3.21 3.82 -20.62
C LEU A 170 -3.78 4.49 -21.87
N PRO A 171 -4.93 4.01 -22.35
CA PRO A 171 -5.52 4.57 -23.57
C PRO A 171 -6.27 5.88 -23.36
N ASP A 172 -6.60 6.18 -22.11
CA ASP A 172 -7.54 7.25 -21.79
C ASP A 172 -7.13 8.59 -22.40
N PHE A 173 -5.85 8.92 -22.32
CA PHE A 173 -5.34 10.21 -22.82
C PHE A 173 -4.91 10.10 -24.27
N ALA A 174 -5.25 8.97 -24.90
CA ALA A 174 -4.94 8.71 -26.30
C ALA A 174 -3.46 8.89 -26.62
N PRO A 175 -2.58 8.23 -25.86
CA PRO A 175 -1.15 8.39 -26.11
C PRO A 175 -0.61 7.39 -27.11
N HIS A 176 0.67 7.54 -27.45
CA HIS A 176 1.36 6.54 -28.24
C HIS A 176 2.85 6.60 -27.92
N PHE A 177 3.55 5.51 -28.20
CA PHE A 177 4.98 5.44 -27.90
C PHE A 177 5.64 4.31 -28.69
N PRO A 178 6.93 4.47 -29.00
CA PRO A 178 7.64 3.37 -29.65
C PRO A 178 8.02 2.31 -28.62
N LEU A 179 8.23 1.07 -29.06
CA LEU A 179 8.58 -0.01 -28.16
C LEU A 179 9.99 0.15 -27.62
N ARG A 180 10.26 -0.54 -26.51
CA ARG A 180 11.61 -0.69 -26.01
C ARG A 180 12.17 -1.98 -26.58
N TRP A 181 13.48 -2.02 -26.81
CA TRP A 181 14.09 -3.16 -27.51
C TRP A 181 15.36 -3.66 -26.85
N PHE A 182 15.46 -4.98 -26.71
CA PHE A 182 16.69 -5.63 -26.23
C PHE A 182 17.29 -6.50 -27.32
N ALA A 183 18.61 -6.42 -27.47
CA ALA A 183 19.33 -7.43 -28.23
C ALA A 183 19.64 -8.58 -27.29
N VAL A 184 19.14 -9.76 -27.62
CA VAL A 184 19.19 -10.91 -26.71
C VAL A 184 19.75 -12.15 -27.39
N ASN A 185 20.65 -12.85 -26.71
CA ASN A 185 21.17 -14.11 -27.21
C ASN A 185 20.05 -15.15 -27.21
N LYS A 186 19.95 -15.91 -28.30
CA LYS A 186 18.87 -16.87 -28.49
C LYS A 186 18.78 -17.90 -27.37
N THR A 187 19.90 -18.13 -26.68
CA THR A 187 19.93 -19.05 -25.54
C THR A 187 19.11 -18.53 -24.38
N GLN A 188 18.67 -17.28 -24.46
CA GLN A 188 17.85 -16.67 -23.42
C GLN A 188 16.47 -16.26 -23.93
N ILE A 189 16.11 -16.74 -25.11
CA ILE A 189 14.81 -16.47 -25.71
C ILE A 189 13.96 -17.73 -25.79
N ALA A 190 12.90 -17.77 -24.99
CA ALA A 190 11.93 -18.86 -25.04
C ALA A 190 10.68 -18.37 -25.76
N GLY A 191 10.18 -19.18 -26.68
CA GLY A 191 8.98 -18.80 -27.42
C GLY A 191 8.50 -19.87 -28.37
N GLU A 192 7.55 -19.49 -29.22
CA GLU A 192 6.93 -20.41 -30.16
C GLU A 192 6.21 -19.61 -31.23
N SER A 193 6.08 -20.16 -32.44
CA SER A 193 5.39 -19.47 -33.51
C SER A 193 4.93 -20.42 -34.61
N LEU A 194 3.88 -20.03 -35.32
CA LEU A 194 3.37 -20.78 -36.46
C LEU A 194 3.75 -20.11 -37.77
N HIS A 195 3.73 -20.88 -38.85
CA HIS A 195 4.03 -20.36 -40.19
C HIS A 195 5.49 -19.95 -40.32
N LEU A 196 5.90 -19.02 -39.46
CA LEU A 196 7.30 -18.69 -39.28
C LEU A 196 7.76 -19.25 -37.94
N ASN A 197 9.01 -19.67 -37.84
CA ASN A 197 9.56 -20.07 -36.55
C ASN A 197 9.78 -18.83 -35.70
N LEU A 198 10.19 -19.02 -34.45
CA LEU A 198 10.33 -17.90 -33.52
C LEU A 198 11.37 -16.89 -33.99
N GLN A 199 12.51 -17.41 -34.46
CA GLN A 199 13.59 -16.56 -34.96
C GLN A 199 13.09 -15.64 -36.07
N GLN A 200 12.23 -16.20 -36.92
CA GLN A 200 11.72 -15.48 -38.09
C GLN A 200 10.67 -14.43 -37.73
N ARG A 201 9.83 -14.71 -36.73
CA ARG A 201 8.82 -13.73 -36.31
C ARG A 201 9.48 -12.45 -35.83
N LEU A 202 10.38 -12.59 -34.86
CA LEU A 202 11.04 -11.45 -34.24
C LEU A 202 11.83 -10.67 -35.28
N THR A 203 12.33 -11.36 -36.29
CA THR A 203 13.02 -10.71 -37.40
C THR A 203 12.05 -9.84 -38.18
N ARG A 204 10.93 -10.43 -38.57
CA ARG A 204 9.90 -9.70 -39.30
C ARG A 204 9.34 -8.55 -38.48
N PHE A 205 9.00 -8.86 -37.23
CA PHE A 205 8.42 -7.86 -36.33
C PHE A 205 9.36 -6.69 -36.10
N ALA A 206 10.63 -7.00 -35.84
CA ALA A 206 11.63 -5.97 -35.62
C ALA A 206 11.89 -5.16 -36.88
N ALA A 207 11.80 -5.84 -38.02
CA ALA A 207 12.07 -5.21 -39.30
C ALA A 207 11.01 -4.19 -39.69
N GLU A 208 9.74 -4.52 -39.44
CA GLU A 208 8.65 -3.66 -39.86
C GLU A 208 8.23 -2.67 -38.77
N ASN A 209 8.90 -2.72 -37.62
CA ASN A 209 8.58 -1.81 -36.51
C ASN A 209 9.75 -0.94 -36.08
N ALA A 210 10.95 -1.51 -36.09
CA ALA A 210 12.16 -0.76 -35.75
C ALA A 210 13.32 -1.19 -36.63
N PRO A 211 13.24 -0.88 -37.93
CA PRO A 211 14.25 -1.31 -38.91
C PRO A 211 15.65 -0.85 -38.55
N GLN A 212 15.77 0.31 -37.92
CA GLN A 212 17.08 0.91 -37.66
C GLN A 212 17.84 0.18 -36.57
N LEU A 213 17.21 -0.82 -35.96
CA LEU A 213 17.85 -1.64 -34.94
C LEU A 213 18.36 -2.95 -35.51
N LEU A 214 18.23 -3.11 -36.82
CA LEU A 214 18.64 -4.36 -37.45
C LEU A 214 20.16 -4.48 -37.47
N ASN A 215 20.87 -3.41 -37.17
CA ASN A 215 22.33 -3.47 -37.05
C ASN A 215 22.76 -4.30 -35.84
N GLU A 216 21.77 -4.73 -35.05
CA GLU A 216 22.01 -5.56 -33.88
C GLU A 216 21.48 -6.99 -34.05
N LEU A 217 21.04 -7.31 -35.26
CA LEU A 217 20.48 -8.64 -35.53
C LEU A 217 21.53 -9.58 -36.10
N SER A 218 21.67 -10.73 -35.46
CA SER A 218 22.61 -11.76 -35.93
C SER A 218 22.06 -13.15 -35.65
N ASP A 219 22.83 -14.17 -36.03
CA ASP A 219 22.40 -15.55 -35.86
C ASP A 219 22.11 -15.87 -34.40
N ASN A 220 22.99 -15.39 -33.52
CA ASN A 220 22.87 -15.68 -32.10
C ASN A 220 22.14 -14.59 -31.35
N GLN A 221 22.30 -13.36 -31.81
CA GLN A 221 21.74 -12.19 -31.12
C GLN A 221 20.47 -11.69 -31.82
N TRP A 222 19.34 -11.81 -31.13
CA TRP A 222 18.04 -11.45 -31.69
C TRP A 222 17.45 -10.21 -31.04
N LEU A 223 16.62 -9.49 -31.79
CA LEU A 223 15.91 -8.34 -31.28
C LEU A 223 14.63 -8.79 -30.57
N PHE A 224 14.41 -8.24 -29.38
CA PHE A 224 13.34 -8.69 -28.50
C PHE A 224 12.52 -7.50 -28.00
N PRO A 225 11.25 -7.41 -28.39
CA PRO A 225 10.45 -6.22 -28.03
C PRO A 225 9.95 -6.23 -26.59
N LEU A 226 9.85 -5.05 -25.99
CA LEU A 226 9.37 -4.91 -24.62
C LEU A 226 8.44 -3.70 -24.45
N HIS A 227 7.57 -3.78 -23.46
CA HIS A 227 6.75 -2.65 -23.06
C HIS A 227 7.65 -1.67 -22.31
N PRO A 228 7.63 -0.37 -22.68
CA PRO A 228 8.56 0.58 -22.09
C PRO A 228 8.56 0.59 -20.57
N TRP A 229 7.41 0.35 -19.95
CA TRP A 229 7.31 0.33 -18.50
C TRP A 229 7.80 -1.00 -17.91
N GLN A 230 7.41 -2.12 -18.52
CA GLN A 230 7.88 -3.42 -18.08
C GLN A 230 9.39 -3.55 -18.25
N GLY A 231 9.88 -3.10 -19.39
CA GLY A 231 11.29 -3.21 -19.72
C GLY A 231 12.18 -2.52 -18.71
N GLU A 232 11.78 -1.33 -18.27
CA GLU A 232 12.54 -0.59 -17.29
C GLU A 232 12.51 -1.29 -15.94
N TYR A 233 11.43 -2.02 -15.67
CA TYR A 233 11.29 -2.77 -14.43
C TYR A 233 12.07 -4.07 -14.50
N LEU A 234 11.96 -4.80 -15.60
CA LEU A 234 12.66 -6.07 -15.74
C LEU A 234 14.18 -5.84 -15.73
N LEU A 235 14.58 -4.70 -16.27
CA LEU A 235 16.01 -4.39 -16.40
C LEU A 235 16.63 -4.07 -15.05
N GLN A 236 15.81 -3.65 -14.09
CA GLN A 236 16.30 -3.33 -12.75
C GLN A 236 16.30 -4.58 -11.87
N GLN A 237 15.91 -5.72 -12.42
CA GLN A 237 15.90 -6.98 -11.68
C GLN A 237 17.28 -7.64 -11.66
N GLU A 238 17.49 -8.53 -10.69
CA GLU A 238 18.77 -9.20 -10.53
C GLU A 238 19.09 -10.16 -11.67
N TRP A 239 18.10 -10.98 -12.03
CA TRP A 239 18.30 -12.03 -13.04
C TRP A 239 18.57 -11.44 -14.43
N CYS A 240 17.98 -10.28 -14.70
CA CYS A 240 18.17 -9.64 -16.00
C CYS A 240 19.56 -9.02 -16.10
N GLN A 241 20.03 -8.45 -14.99
CA GLN A 241 21.33 -7.79 -14.97
C GLN A 241 22.48 -8.80 -14.98
N GLU A 242 22.19 -10.02 -14.53
CA GLU A 242 23.14 -11.13 -14.68
C GLU A 242 23.41 -11.34 -16.15
N LEU A 243 22.38 -11.17 -16.96
CA LEU A 243 22.46 -11.38 -18.40
C LEU A 243 23.11 -10.18 -19.10
N VAL A 244 22.92 -8.98 -18.53
CA VAL A 244 23.59 -7.80 -19.04
C VAL A 244 25.09 -7.88 -18.76
N ALA A 245 25.43 -8.40 -17.58
CA ALA A 245 26.82 -8.58 -17.18
C ALA A 245 27.48 -9.70 -17.99
N LYS A 246 26.68 -10.68 -18.38
CA LYS A 246 27.17 -11.81 -19.17
C LYS A 246 27.24 -11.43 -20.65
N GLY A 247 26.59 -10.34 -21.01
CA GLY A 247 26.59 -9.87 -22.39
C GLY A 247 25.50 -10.51 -23.24
N LEU A 248 24.62 -11.27 -22.60
CA LEU A 248 23.54 -11.95 -23.30
C LEU A 248 22.35 -11.04 -23.53
N ILE A 249 22.37 -9.88 -22.89
CA ILE A 249 21.36 -8.85 -23.12
C ILE A 249 22.00 -7.49 -23.32
N LYS A 250 21.59 -6.79 -24.37
CA LYS A 250 21.97 -5.41 -24.60
C LYS A 250 20.72 -4.54 -24.69
N ASP A 251 20.69 -3.47 -23.90
CA ASP A 251 19.56 -2.56 -23.88
C ASP A 251 19.68 -1.52 -24.99
N LEU A 252 18.83 -1.64 -26.01
CA LEU A 252 18.89 -0.75 -27.17
C LEU A 252 18.03 0.50 -26.99
N GLY A 253 17.20 0.49 -25.95
CA GLY A 253 16.33 1.62 -25.68
C GLY A 253 15.06 1.59 -26.49
N GLU A 254 14.36 2.74 -26.53
CA GLU A 254 13.14 2.87 -27.30
C GLU A 254 13.45 3.21 -28.76
N ALA A 255 12.64 2.69 -29.67
CA ALA A 255 12.85 2.92 -31.09
C ALA A 255 11.68 2.44 -31.93
N GLY A 256 11.49 3.09 -33.08
CA GLY A 256 10.62 2.57 -34.10
C GLY A 256 9.24 3.19 -34.18
N ALA A 257 8.32 2.42 -34.77
CA ALA A 257 6.98 2.91 -35.07
C ALA A 257 6.19 3.20 -33.79
N PRO A 258 5.19 4.08 -33.88
CA PRO A 258 4.36 4.42 -32.73
C PRO A 258 3.32 3.34 -32.41
N TRP A 259 3.15 3.03 -31.13
CA TRP A 259 2.17 2.04 -30.70
C TRP A 259 1.11 2.66 -29.80
N LEU A 260 -0.12 2.19 -29.95
CA LEU A 260 -1.25 2.73 -29.20
C LEU A 260 -1.75 1.71 -28.16
N PRO A 261 -1.72 2.07 -26.87
CA PRO A 261 -2.39 1.17 -25.92
C PRO A 261 -3.89 1.10 -26.19
N THR A 262 -4.43 -0.12 -26.23
CA THR A 262 -5.85 -0.30 -26.51
C THR A 262 -6.66 -0.34 -25.22
N THR A 263 -7.94 -0.67 -25.33
CA THR A 263 -8.84 -0.72 -24.19
C THR A 263 -8.28 -1.53 -23.01
N SER A 264 -7.46 -2.54 -23.31
CA SER A 264 -6.92 -3.43 -22.30
C SER A 264 -5.55 -2.98 -21.81
N SER A 265 -5.07 -1.87 -22.35
CA SER A 265 -3.79 -1.26 -21.96
C SER A 265 -2.57 -2.13 -22.30
N ARG A 266 -2.58 -3.39 -21.90
CA ARG A 266 -1.42 -4.25 -22.13
C ARG A 266 -1.30 -4.69 -23.58
N SER A 267 -2.38 -4.51 -24.34
CA SER A 267 -2.37 -4.82 -25.75
C SER A 267 -2.16 -3.54 -26.56
N LEU A 268 -1.14 -3.55 -27.39
CA LEU A 268 -0.77 -2.38 -28.19
C LEU A 268 -1.13 -2.56 -29.66
N TYR A 269 -1.37 -1.45 -30.34
CA TYR A 269 -1.71 -1.46 -31.76
C TYR A 269 -0.81 -0.52 -32.56
N CYS A 270 -0.33 -1.02 -33.70
CA CYS A 270 0.44 -0.22 -34.65
C CYS A 270 -0.13 -0.48 -36.05
N ALA A 271 -0.68 0.57 -36.66
CA ALA A 271 -1.44 0.44 -37.90
C ALA A 271 -0.63 -0.18 -39.03
N THR A 272 0.68 0.00 -38.99
CA THR A 272 1.56 -0.50 -40.05
C THR A 272 2.17 -1.85 -39.70
N SER A 273 1.90 -2.34 -38.50
CA SER A 273 2.43 -3.61 -38.05
C SER A 273 1.49 -4.76 -38.39
N ARG A 274 2.05 -5.80 -39.01
CA ARG A 274 1.31 -7.00 -39.35
C ARG A 274 0.82 -7.69 -38.09
N ASP A 275 1.48 -7.40 -36.98
CA ASP A 275 1.14 -8.01 -35.69
C ASP A 275 0.85 -6.96 -34.63
N MET A 276 -0.15 -7.26 -33.80
CA MET A 276 -0.32 -6.56 -32.53
C MET A 276 0.51 -7.30 -31.50
N ILE A 277 0.74 -6.67 -30.35
CA ILE A 277 1.49 -7.32 -29.29
C ILE A 277 0.80 -7.13 -27.94
N LYS A 278 0.70 -8.22 -27.19
CA LYS A 278 0.04 -8.24 -25.89
C LYS A 278 1.03 -8.64 -24.81
N PHE A 279 1.45 -7.65 -24.02
CA PHE A 279 2.52 -7.85 -23.04
C PHE A 279 2.03 -8.35 -21.69
N SER A 280 2.90 -9.11 -21.02
CA SER A 280 2.73 -9.38 -19.61
C SER A 280 3.05 -8.10 -18.86
N LEU A 281 2.01 -7.46 -18.32
CA LEU A 281 2.15 -6.13 -17.72
C LEU A 281 1.77 -6.16 -16.24
N SER A 282 2.74 -5.91 -15.37
CA SER A 282 2.51 -5.99 -13.93
C SER A 282 1.71 -4.79 -13.42
N VAL A 283 0.43 -4.73 -13.79
CA VAL A 283 -0.46 -3.65 -13.39
C VAL A 283 -1.84 -4.20 -13.07
N ARG A 284 -2.48 -3.63 -12.06
CA ARG A 284 -3.81 -4.08 -11.64
C ARG A 284 -4.90 -3.29 -12.36
N LEU A 285 -5.68 -4.00 -13.18
CA LEU A 285 -6.84 -3.43 -13.85
C LEU A 285 -8.05 -4.34 -13.61
N THR A 286 -9.12 -3.76 -13.05
CA THR A 286 -10.31 -4.50 -12.60
C THR A 286 -10.01 -5.89 -12.04
N ASN A 287 -9.64 -5.93 -10.77
CA ASN A 287 -9.36 -7.17 -10.03
C ASN A 287 -8.65 -8.26 -10.84
N SER A 288 -7.58 -7.89 -11.51
CA SER A 288 -6.65 -8.85 -12.09
C SER A 288 -5.32 -8.20 -12.45
N VAL A 289 -4.24 -8.72 -11.86
CA VAL A 289 -2.91 -8.37 -12.30
C VAL A 289 -2.81 -8.81 -13.77
N ARG A 290 -2.17 -7.98 -14.58
CA ARG A 290 -2.21 -8.19 -16.03
C ARG A 290 -0.91 -8.79 -16.57
N THR A 291 -0.30 -9.65 -15.77
CA THR A 291 0.82 -10.44 -16.23
C THR A 291 0.30 -11.66 -16.98
N LEU A 292 1.10 -12.16 -17.92
CA LEU A 292 0.77 -13.37 -18.65
C LEU A 292 1.50 -14.57 -18.06
N SER A 293 1.00 -15.76 -18.37
CA SER A 293 1.67 -16.99 -18.01
C SER A 293 1.86 -17.84 -19.25
N VAL A 294 2.84 -18.73 -19.21
CA VAL A 294 3.08 -19.68 -20.30
C VAL A 294 1.79 -20.42 -20.60
N LYS A 295 1.08 -20.76 -19.53
CA LYS A 295 -0.23 -21.39 -19.59
C LYS A 295 -1.19 -20.68 -20.54
N GLU A 296 -1.42 -19.39 -20.29
CA GLU A 296 -2.39 -18.60 -21.03
C GLU A 296 -1.99 -18.39 -22.49
N VAL A 297 -0.69 -18.26 -22.75
CA VAL A 297 -0.23 -18.01 -24.12
C VAL A 297 -0.26 -19.29 -24.95
N LYS A 298 -0.30 -20.44 -24.28
CA LYS A 298 -0.44 -21.72 -24.97
C LYS A 298 -1.86 -21.90 -25.50
N ARG A 299 -2.82 -21.27 -24.84
CA ARG A 299 -4.21 -21.29 -25.29
C ARG A 299 -4.36 -20.68 -26.66
N GLY A 300 -3.62 -19.59 -26.90
CA GLY A 300 -3.64 -18.93 -28.18
C GLY A 300 -3.04 -19.81 -29.25
N MET A 301 -1.92 -20.45 -28.92
CA MET A 301 -1.27 -21.38 -29.83
C MET A 301 -2.21 -22.54 -30.15
N ARG A 302 -2.85 -23.06 -29.10
CA ARG A 302 -3.77 -24.18 -29.23
C ARG A 302 -4.89 -23.87 -30.20
N LEU A 303 -5.48 -22.68 -30.06
CA LEU A 303 -6.54 -22.24 -30.95
C LEU A 303 -6.00 -21.97 -32.36
N ALA A 304 -4.77 -21.48 -32.44
CA ALA A 304 -4.16 -21.16 -33.72
C ALA A 304 -3.84 -22.42 -34.52
N ARG A 305 -3.32 -23.44 -33.84
CA ARG A 305 -3.06 -24.72 -34.48
C ARG A 305 -4.36 -25.40 -34.89
N LEU A 306 -5.40 -25.20 -34.08
CA LEU A 306 -6.71 -25.74 -34.36
C LEU A 306 -7.34 -25.04 -35.56
N ALA A 307 -6.91 -23.80 -35.80
CA ALA A 307 -7.46 -23.01 -36.89
C ALA A 307 -6.95 -23.45 -38.26
N GLN A 308 -6.01 -24.39 -38.25
CA GLN A 308 -5.47 -24.96 -39.49
C GLN A 308 -6.19 -26.24 -39.89
N THR A 309 -7.10 -26.71 -39.03
CA THR A 309 -7.84 -27.93 -39.30
C THR A 309 -8.98 -27.68 -40.27
N ASP A 310 -9.49 -28.74 -40.86
CA ASP A 310 -10.52 -28.64 -41.89
C ASP A 310 -11.87 -28.23 -41.31
N ASP A 311 -12.15 -28.63 -40.07
CA ASP A 311 -13.42 -28.28 -39.42
C ASP A 311 -13.48 -26.79 -39.10
N TRP A 312 -12.36 -26.21 -38.70
CA TRP A 312 -12.27 -24.76 -38.57
C TRP A 312 -12.52 -24.12 -39.92
N GLN A 313 -11.86 -24.68 -40.92
CA GLN A 313 -12.01 -24.28 -42.30
C GLN A 313 -13.49 -24.30 -42.71
N THR A 314 -14.18 -25.34 -42.26
CA THR A 314 -15.61 -25.49 -42.52
C THR A 314 -16.39 -24.41 -41.80
N LEU A 315 -16.01 -24.14 -40.56
CA LEU A 315 -16.68 -23.13 -39.75
C LEU A 315 -16.48 -21.75 -40.38
N GLN A 316 -15.25 -21.47 -40.81
CA GLN A 316 -14.92 -20.18 -41.41
C GLN A 316 -15.69 -19.96 -42.71
N ALA A 317 -15.90 -21.03 -43.45
CA ALA A 317 -16.60 -20.97 -44.72
C ALA A 317 -18.08 -20.62 -44.52
N ARG A 318 -18.64 -21.16 -43.44
CA ARG A 318 -20.05 -20.96 -43.12
C ARG A 318 -20.33 -19.54 -42.65
N PHE A 319 -19.31 -18.95 -42.03
CA PHE A 319 -19.37 -17.56 -41.58
C PHE A 319 -18.16 -16.79 -42.10
N PRO A 320 -18.20 -16.36 -43.37
CA PRO A 320 -17.06 -15.69 -43.98
C PRO A 320 -16.75 -14.32 -43.36
N THR A 321 -17.75 -13.68 -42.77
CA THR A 321 -17.56 -12.35 -42.19
C THR A 321 -17.08 -12.42 -40.74
N PHE A 322 -16.98 -13.63 -40.21
CA PHE A 322 -16.49 -13.84 -38.85
C PHE A 322 -15.01 -14.19 -38.86
N ARG A 323 -14.22 -13.42 -38.11
CA ARG A 323 -12.80 -13.70 -37.94
C ARG A 323 -12.43 -13.83 -36.47
N VAL A 324 -11.40 -14.63 -36.20
CA VAL A 324 -10.72 -14.62 -34.91
C VAL A 324 -9.30 -14.11 -35.14
N MET A 325 -8.87 -13.13 -34.33
CA MET A 325 -7.49 -12.67 -34.37
C MET A 325 -6.59 -13.66 -33.64
N GLN A 326 -5.93 -14.52 -34.41
CA GLN A 326 -5.14 -15.61 -33.86
C GLN A 326 -3.87 -15.11 -33.19
N GLU A 327 -3.65 -15.59 -31.96
CA GLU A 327 -2.41 -15.33 -31.24
C GLU A 327 -1.46 -16.51 -31.46
N ASP A 328 -0.89 -16.58 -32.66
CA ASP A 328 -0.15 -17.75 -33.10
C ASP A 328 1.34 -17.65 -32.84
N GLY A 329 1.73 -16.81 -31.87
CA GLY A 329 3.12 -16.65 -31.52
C GLY A 329 3.31 -15.97 -30.18
N TRP A 330 4.36 -16.36 -29.48
CA TRP A 330 4.68 -15.75 -28.19
C TRP A 330 6.16 -15.94 -27.88
N ALA A 331 6.67 -15.10 -26.99
CA ALA A 331 8.06 -15.19 -26.60
C ALA A 331 8.26 -14.62 -25.20
N GLY A 332 9.42 -14.91 -24.63
CA GLY A 332 9.75 -14.41 -23.30
C GLY A 332 11.23 -14.56 -23.04
N LEU A 333 11.69 -14.00 -21.93
CA LEU A 333 13.07 -14.13 -21.52
C LEU A 333 13.19 -15.22 -20.46
N ARG A 334 14.29 -15.97 -20.52
CA ARG A 334 14.62 -16.94 -19.48
C ARG A 334 15.88 -16.48 -18.76
N ASP A 335 15.95 -16.71 -17.45
CA ASP A 335 17.14 -16.32 -16.69
C ASP A 335 18.32 -17.22 -17.06
N LEU A 336 19.43 -17.05 -16.36
CA LEU A 336 20.66 -17.79 -16.69
C LEU A 336 20.50 -19.29 -16.48
N HIS A 337 19.56 -19.68 -15.62
CA HIS A 337 19.28 -21.09 -15.35
C HIS A 337 18.25 -21.66 -16.32
N GLY A 338 17.71 -20.81 -17.19
CA GLY A 338 16.77 -21.25 -18.22
C GLY A 338 15.31 -21.17 -17.80
N ASN A 339 15.03 -20.45 -16.73
CA ASN A 339 13.66 -20.31 -16.23
C ASN A 339 12.91 -19.15 -16.89
N ILE A 340 11.82 -19.49 -17.59
CA ILE A 340 10.97 -18.50 -18.22
C ILE A 340 10.48 -17.48 -17.21
N MET A 341 10.79 -16.21 -17.45
CA MET A 341 10.34 -15.12 -16.59
C MET A 341 9.03 -14.56 -17.13
N GLN A 342 7.93 -14.89 -16.46
CA GLN A 342 6.60 -14.57 -16.95
C GLN A 342 6.36 -13.07 -17.09
N GLU A 343 7.11 -12.27 -16.36
CA GLU A 343 6.96 -10.82 -16.41
C GLU A 343 7.53 -10.24 -17.70
N SER A 344 8.22 -11.06 -18.48
CA SER A 344 8.80 -10.63 -19.75
C SER A 344 7.98 -11.10 -20.94
N LEU A 345 7.01 -11.97 -20.69
CA LEU A 345 6.22 -12.59 -21.75
C LEU A 345 5.44 -11.58 -22.58
N PHE A 346 5.27 -11.89 -23.86
CA PHE A 346 4.31 -11.23 -24.72
C PHE A 346 3.77 -12.24 -25.72
N ALA A 347 2.63 -11.93 -26.31
CA ALA A 347 2.07 -12.75 -27.37
C ALA A 347 1.80 -11.88 -28.59
N LEU A 348 1.94 -12.46 -29.77
CA LEU A 348 1.74 -11.73 -31.01
C LEU A 348 0.37 -12.05 -31.61
N ARG A 349 -0.40 -11.00 -31.85
CA ARG A 349 -1.78 -11.13 -32.32
C ARG A 349 -1.89 -10.64 -33.76
N GLU A 350 -2.59 -11.40 -34.59
CA GLU A 350 -2.79 -11.03 -36.00
C GLU A 350 -3.48 -9.69 -36.13
N ASN A 351 -2.87 -8.78 -36.88
CA ASN A 351 -3.49 -7.50 -37.18
C ASN A 351 -4.25 -7.57 -38.49
N LEU A 352 -5.49 -8.06 -38.43
CA LEU A 352 -6.30 -8.25 -39.62
C LEU A 352 -6.82 -6.93 -40.19
N LEU A 353 -6.40 -5.82 -39.58
CA LEU A 353 -6.75 -4.48 -40.04
C LEU A 353 -5.57 -3.75 -40.67
N VAL A 354 -4.46 -4.47 -40.86
CA VAL A 354 -3.24 -3.86 -41.38
C VAL A 354 -3.46 -3.34 -42.80
N ASP A 355 -4.33 -4.02 -43.55
CA ASP A 355 -4.56 -3.69 -44.95
C ASP A 355 -5.72 -2.71 -45.14
N GLN A 356 -6.48 -2.45 -44.08
CA GLN A 356 -7.43 -1.35 -44.07
C GLN A 356 -7.51 -0.76 -42.67
N PRO A 357 -6.55 0.13 -42.35
CA PRO A 357 -6.50 0.75 -41.02
C PRO A 357 -7.63 1.75 -40.77
N GLN A 358 -8.34 2.12 -41.84
CA GLN A 358 -9.41 3.12 -41.75
C GLN A 358 -10.81 2.50 -41.85
N SER A 359 -10.90 1.18 -41.73
CA SER A 359 -12.20 0.52 -41.74
C SER A 359 -12.96 0.90 -40.48
N GLN A 360 -14.29 0.82 -40.55
CA GLN A 360 -15.12 1.09 -39.40
C GLN A 360 -15.27 -0.16 -38.54
N THR A 361 -14.14 -0.67 -38.07
CA THR A 361 -14.11 -1.77 -37.13
C THR A 361 -13.88 -1.19 -35.73
N ASN A 362 -14.89 -1.26 -34.89
CA ASN A 362 -14.82 -0.68 -33.55
C ASN A 362 -15.09 -1.72 -32.45
N VAL A 363 -14.37 -1.59 -31.34
CA VAL A 363 -14.67 -2.41 -30.18
C VAL A 363 -16.01 -1.96 -29.60
N LEU A 364 -16.87 -2.93 -29.30
CA LEU A 364 -18.26 -2.64 -28.94
C LEU A 364 -18.37 -1.76 -27.69
N VAL A 365 -17.48 -1.98 -26.72
CA VAL A 365 -17.58 -1.33 -25.42
C VAL A 365 -17.49 0.19 -25.50
N SER A 366 -16.78 0.68 -26.50
CA SER A 366 -16.61 2.12 -26.69
C SER A 366 -17.88 2.75 -27.26
N LEU A 367 -18.65 1.95 -28.00
CA LEU A 367 -19.84 2.44 -28.66
C LEU A 367 -21.00 2.56 -27.68
N THR A 368 -21.18 1.51 -26.88
CA THR A 368 -22.26 1.46 -25.90
C THR A 368 -22.06 2.44 -24.75
N GLN A 369 -20.79 2.72 -24.43
CA GLN A 369 -20.42 3.58 -23.31
C GLN A 369 -21.26 4.85 -23.26
N ALA A 370 -21.81 5.13 -22.08
CA ALA A 370 -22.56 6.35 -21.87
C ALA A 370 -21.63 7.55 -22.03
N ALA A 371 -22.11 8.58 -22.72
CA ALA A 371 -21.32 9.77 -22.97
C ALA A 371 -20.98 10.47 -21.66
N PRO A 372 -19.69 10.80 -21.43
CA PRO A 372 -19.34 11.56 -20.23
C PRO A 372 -20.06 12.90 -20.13
N ASP A 373 -20.35 13.51 -21.27
CA ASP A 373 -21.02 14.82 -21.30
C ASP A 373 -22.55 14.68 -21.37
N GLY A 374 -23.04 13.45 -21.36
CA GLY A 374 -24.47 13.19 -21.35
C GLY A 374 -25.11 13.23 -22.72
N GLY A 375 -24.28 13.39 -23.76
CA GLY A 375 -24.78 13.43 -25.13
C GLY A 375 -24.94 12.05 -25.71
N ASP A 376 -25.02 11.97 -27.04
CA ASP A 376 -25.14 10.70 -27.74
C ASP A 376 -23.94 9.80 -27.50
N SER A 377 -24.19 8.55 -27.12
CA SER A 377 -23.15 7.55 -27.12
C SER A 377 -22.69 7.35 -28.56
N LEU A 378 -21.48 6.82 -28.74
CA LEU A 378 -20.91 6.68 -30.08
C LEU A 378 -21.68 5.68 -30.93
N LEU A 379 -22.43 4.79 -30.26
CA LEU A 379 -23.31 3.87 -30.95
C LEU A 379 -24.49 4.65 -31.55
N VAL A 380 -25.06 5.53 -30.75
CA VAL A 380 -26.20 6.33 -31.16
C VAL A 380 -25.80 7.31 -32.25
N ALA A 381 -24.55 7.77 -32.21
CA ALA A 381 -24.01 8.63 -33.24
C ALA A 381 -23.93 7.89 -34.57
N ALA A 382 -23.62 6.61 -34.51
CA ALA A 382 -23.54 5.77 -35.70
C ALA A 382 -24.92 5.51 -36.28
N VAL A 383 -25.82 5.02 -35.43
CA VAL A 383 -27.19 4.71 -35.83
C VAL A 383 -27.87 5.93 -36.45
N LYS A 384 -27.60 7.11 -35.91
CA LYS A 384 -28.14 8.35 -36.44
C LYS A 384 -27.58 8.64 -37.84
N ARG A 385 -26.34 8.26 -38.07
CA ARG A 385 -25.75 8.40 -39.41
C ARG A 385 -26.35 7.37 -40.35
N LEU A 386 -26.61 6.17 -39.83
CA LEU A 386 -27.24 5.12 -40.60
C LEU A 386 -28.62 5.57 -41.06
N SER A 387 -29.37 6.16 -40.13
CA SER A 387 -30.71 6.66 -40.42
C SER A 387 -30.70 7.70 -41.53
N ASP A 388 -29.86 8.72 -41.38
CA ASP A 388 -29.79 9.82 -42.33
C ASP A 388 -29.37 9.37 -43.72
N ARG A 389 -28.44 8.43 -43.78
CA ARG A 389 -27.94 7.92 -45.06
C ARG A 389 -29.03 7.15 -45.80
N LEU A 390 -29.65 6.19 -45.12
CA LEU A 390 -30.66 5.36 -45.74
C LEU A 390 -32.02 6.06 -45.84
N GLY A 391 -32.13 7.20 -45.17
CA GLY A 391 -33.38 7.95 -45.17
C GLY A 391 -34.47 7.26 -44.38
N ILE A 392 -34.09 6.46 -43.39
CA ILE A 392 -35.05 5.77 -42.53
C ILE A 392 -35.08 6.40 -41.14
N THR A 393 -36.10 6.08 -40.35
CA THR A 393 -36.24 6.65 -39.01
C THR A 393 -35.13 6.15 -38.10
N ALA A 394 -34.91 6.90 -37.02
CA ALA A 394 -33.87 6.54 -36.07
C ALA A 394 -34.21 5.21 -35.41
N GLN A 395 -35.50 4.95 -35.21
CA GLN A 395 -35.93 3.69 -34.62
C GLN A 395 -35.73 2.54 -35.60
N GLN A 396 -36.03 2.79 -36.88
CA GLN A 396 -35.80 1.80 -37.93
C GLN A 396 -34.32 1.51 -38.08
N ALA A 397 -33.49 2.54 -37.93
CA ALA A 397 -32.05 2.39 -37.97
C ALA A 397 -31.59 1.58 -36.76
N ALA A 398 -32.23 1.80 -35.63
CA ALA A 398 -31.87 1.12 -34.39
C ALA A 398 -32.20 -0.36 -34.49
N HIS A 399 -33.39 -0.66 -35.01
CA HIS A 399 -33.79 -2.05 -35.23
C HIS A 399 -32.86 -2.75 -36.22
N ALA A 400 -32.58 -2.07 -37.33
CA ALA A 400 -31.68 -2.60 -38.34
C ALA A 400 -30.29 -2.90 -37.78
N TRP A 401 -29.79 -1.98 -36.94
CA TRP A 401 -28.48 -2.16 -36.33
C TRP A 401 -28.49 -3.35 -35.38
N VAL A 402 -29.53 -3.45 -34.57
CA VAL A 402 -29.66 -4.55 -33.61
C VAL A 402 -29.84 -5.91 -34.29
N ASP A 403 -30.64 -5.94 -35.35
CA ASP A 403 -30.85 -7.18 -36.10
C ASP A 403 -29.56 -7.67 -36.74
N ALA A 404 -28.82 -6.74 -37.34
CA ALA A 404 -27.54 -7.07 -37.97
C ALA A 404 -26.51 -7.51 -36.95
N TYR A 405 -26.60 -6.95 -35.74
CA TYR A 405 -25.71 -7.31 -34.65
C TYR A 405 -25.92 -8.78 -34.27
N CYS A 406 -27.18 -9.20 -34.24
CA CYS A 406 -27.51 -10.58 -33.93
C CYS A 406 -26.98 -11.54 -34.98
N HIS A 407 -27.17 -11.19 -36.25
CA HIS A 407 -26.76 -12.05 -37.36
C HIS A 407 -25.25 -12.12 -37.53
N GLN A 408 -24.58 -10.99 -37.30
CA GLN A 408 -23.14 -10.90 -37.54
C GLN A 408 -22.30 -11.28 -36.32
N VAL A 409 -22.80 -10.99 -35.12
CA VAL A 409 -22.04 -11.25 -33.90
C VAL A 409 -22.52 -12.51 -33.17
N LEU A 410 -23.79 -12.53 -32.80
CA LEU A 410 -24.31 -13.61 -31.97
C LEU A 410 -24.35 -14.94 -32.72
N LYS A 411 -24.70 -14.90 -34.00
CA LYS A 411 -24.89 -16.13 -34.76
C LYS A 411 -23.61 -16.98 -34.84
N PRO A 412 -22.50 -16.38 -35.30
CA PRO A 412 -21.29 -17.22 -35.37
C PRO A 412 -20.81 -17.74 -34.02
N LEU A 413 -21.05 -16.97 -32.95
CA LEU A 413 -20.54 -17.33 -31.63
C LEU A 413 -21.36 -18.44 -30.96
N PHE A 414 -22.69 -18.36 -31.08
CA PHE A 414 -23.56 -19.40 -30.55
C PHE A 414 -23.45 -20.69 -31.37
N THR A 415 -23.17 -20.55 -32.66
CA THR A 415 -23.07 -21.69 -33.56
C THR A 415 -21.72 -22.40 -33.40
N ALA A 416 -20.67 -21.62 -33.14
CA ALA A 416 -19.34 -22.18 -32.94
C ALA A 416 -19.32 -23.10 -31.72
N GLU A 417 -20.07 -22.74 -30.69
CA GLU A 417 -20.18 -23.57 -29.49
C GLU A 417 -21.09 -24.77 -29.71
N ALA A 418 -22.25 -24.53 -30.31
CA ALA A 418 -23.24 -25.58 -30.46
C ALA A 418 -22.79 -26.67 -31.44
N ASP A 419 -22.40 -26.25 -32.64
CA ASP A 419 -22.10 -27.20 -33.71
C ASP A 419 -20.69 -27.77 -33.64
N TYR A 420 -19.73 -27.00 -33.11
CA TYR A 420 -18.33 -27.42 -33.11
C TYR A 420 -17.72 -27.54 -31.71
N GLY A 421 -18.39 -26.99 -30.70
CA GLY A 421 -17.94 -27.10 -29.33
C GLY A 421 -16.90 -26.06 -28.93
N LEU A 422 -16.76 -25.02 -29.75
CA LEU A 422 -15.81 -23.95 -29.48
C LEU A 422 -16.44 -22.82 -28.67
N VAL A 423 -15.87 -22.56 -27.49
CA VAL A 423 -16.36 -21.51 -26.62
C VAL A 423 -15.48 -20.26 -26.74
N LEU A 424 -16.04 -19.19 -27.27
CA LEU A 424 -15.38 -17.89 -27.28
C LEU A 424 -16.15 -16.94 -26.36
N LEU A 425 -15.57 -16.68 -25.19
CA LEU A 425 -16.21 -15.82 -24.20
C LEU A 425 -16.07 -14.36 -24.61
N ALA A 426 -17.04 -13.88 -25.36
CA ALA A 426 -16.96 -12.56 -25.98
C ALA A 426 -17.42 -11.44 -25.06
N HIS A 427 -16.46 -10.75 -24.45
CA HIS A 427 -16.76 -9.51 -23.74
C HIS A 427 -17.33 -8.49 -24.70
N GLN A 428 -17.77 -7.37 -24.14
CA GLN A 428 -18.03 -6.18 -24.92
C GLN A 428 -16.72 -5.59 -25.43
N GLN A 429 -15.62 -6.05 -24.84
CA GLN A 429 -14.29 -5.58 -25.20
C GLN A 429 -13.56 -6.58 -26.11
N ASN A 430 -14.06 -7.81 -26.18
CA ASN A 430 -13.50 -8.81 -27.09
C ASN A 430 -14.23 -8.83 -28.42
N ILE A 431 -15.32 -8.06 -28.50
CA ILE A 431 -16.12 -7.98 -29.72
C ILE A 431 -15.75 -6.75 -30.55
N LEU A 432 -15.17 -6.98 -31.73
CA LEU A 432 -14.95 -5.93 -32.70
C LEU A 432 -16.05 -6.01 -33.75
N VAL A 433 -16.85 -4.95 -33.84
CA VAL A 433 -17.96 -4.91 -34.79
C VAL A 433 -17.50 -4.29 -36.09
N GLN A 434 -17.34 -5.13 -37.10
CA GLN A 434 -16.95 -4.67 -38.43
C GLN A 434 -18.15 -4.02 -39.10
N MET A 435 -18.10 -2.69 -39.22
CA MET A 435 -19.19 -1.94 -39.83
C MET A 435 -18.82 -1.41 -41.20
N LEU A 436 -19.84 -1.15 -42.00
CA LEU A 436 -19.70 -0.54 -43.31
C LEU A 436 -20.89 0.37 -43.53
N GLY A 437 -20.66 1.68 -43.44
CA GLY A 437 -21.74 2.64 -43.47
C GLY A 437 -22.59 2.57 -42.22
N ASP A 438 -21.93 2.38 -41.07
CA ASP A 438 -22.57 2.38 -39.75
C ASP A 438 -23.51 1.19 -39.52
N LEU A 439 -23.35 0.14 -40.32
CA LEU A 439 -24.13 -1.09 -40.16
C LEU A 439 -23.20 -2.27 -39.92
N PRO A 440 -23.48 -3.12 -38.92
CA PRO A 440 -22.63 -4.29 -38.75
C PRO A 440 -22.67 -5.23 -39.96
N VAL A 441 -21.50 -5.52 -40.53
CA VAL A 441 -21.40 -6.42 -41.68
C VAL A 441 -20.46 -7.58 -41.40
N GLY A 442 -19.94 -7.65 -40.17
CA GLY A 442 -19.04 -8.72 -39.79
C GLY A 442 -18.57 -8.63 -38.35
N LEU A 443 -17.85 -9.66 -37.92
CA LEU A 443 -17.33 -9.75 -36.56
C LEU A 443 -15.86 -10.13 -36.55
N ILE A 444 -15.10 -9.52 -35.66
CA ILE A 444 -13.74 -9.95 -35.37
C ILE A 444 -13.57 -10.14 -33.86
N TYR A 445 -13.31 -11.37 -33.46
CA TYR A 445 -13.12 -11.70 -32.06
C TYR A 445 -11.66 -11.57 -31.66
N ARG A 446 -11.45 -11.07 -30.44
CA ARG A 446 -10.12 -10.83 -29.90
C ARG A 446 -10.00 -11.43 -28.50
N ASP A 447 -8.77 -11.74 -28.11
CA ASP A 447 -8.44 -12.31 -26.79
C ASP A 447 -8.72 -13.81 -26.77
N CYS A 448 -7.70 -14.58 -27.14
CA CYS A 448 -7.81 -16.03 -27.20
C CYS A 448 -7.65 -16.68 -25.83
N GLN A 449 -7.31 -15.85 -24.84
CA GLN A 449 -7.24 -16.32 -23.46
C GLN A 449 -8.63 -16.75 -22.97
N GLY A 450 -9.66 -16.27 -23.66
CA GLY A 450 -11.04 -16.60 -23.32
C GLY A 450 -11.61 -17.67 -24.23
N SER A 451 -10.73 -18.49 -24.80
CA SER A 451 -11.17 -19.63 -25.60
C SER A 451 -11.24 -20.88 -24.74
N ALA A 452 -12.30 -21.66 -24.95
CA ALA A 452 -12.49 -22.92 -24.25
C ALA A 452 -13.24 -23.90 -25.13
N PHE A 453 -13.23 -25.17 -24.75
CA PHE A 453 -13.80 -26.22 -25.58
C PHE A 453 -14.77 -27.10 -24.80
N MET A 454 -15.89 -27.43 -25.43
CA MET A 454 -16.88 -28.30 -24.85
C MET A 454 -16.47 -29.75 -25.06
N PRO A 455 -17.11 -30.68 -24.33
CA PRO A 455 -16.81 -32.11 -24.49
C PRO A 455 -16.96 -32.59 -25.93
N HIS A 456 -17.92 -32.03 -26.67
CA HIS A 456 -18.20 -32.49 -28.02
C HIS A 456 -17.27 -31.84 -29.05
N ALA A 457 -16.24 -31.16 -28.57
CA ALA A 457 -15.15 -30.69 -29.43
C ALA A 457 -13.96 -31.64 -29.31
N ALA A 458 -14.09 -32.64 -28.45
CA ALA A 458 -12.99 -33.53 -28.09
C ALA A 458 -12.38 -34.25 -29.30
N GLY A 459 -13.22 -34.77 -30.19
CA GLY A 459 -12.74 -35.52 -31.33
C GLY A 459 -11.96 -34.63 -32.29
N TRP A 460 -12.29 -33.35 -32.28
CA TRP A 460 -11.64 -32.37 -33.15
C TRP A 460 -10.29 -31.97 -32.58
N LEU A 461 -10.22 -31.83 -31.26
CA LEU A 461 -8.97 -31.52 -30.57
C LEU A 461 -7.97 -32.68 -30.68
N ASP A 462 -8.50 -33.89 -30.80
CA ASP A 462 -7.67 -35.09 -30.99
C ASP A 462 -6.80 -34.94 -32.23
N THR A 463 -7.36 -34.31 -33.26
CA THR A 463 -6.68 -34.19 -34.55
C THR A 463 -5.38 -33.41 -34.43
N ILE A 464 -5.27 -32.56 -33.42
CA ILE A 464 -4.04 -31.83 -33.15
C ILE A 464 -3.44 -32.25 -31.80
N GLY A 465 -4.07 -33.22 -31.16
CA GLY A 465 -3.53 -33.82 -29.94
C GLY A 465 -3.72 -32.99 -28.69
N GLU A 466 -4.73 -32.14 -28.69
CA GLU A 466 -5.03 -31.28 -27.55
C GLU A 466 -6.35 -31.68 -26.91
N ALA A 467 -6.67 -32.97 -26.95
CA ALA A 467 -7.90 -33.48 -26.37
C ALA A 467 -7.94 -33.29 -24.86
N GLN A 468 -6.76 -33.26 -24.24
CA GLN A 468 -6.66 -33.07 -22.80
C GLN A 468 -6.38 -31.61 -22.48
N ALA A 469 -6.82 -30.72 -23.37
CA ALA A 469 -6.60 -29.29 -23.16
C ALA A 469 -7.05 -28.85 -21.79
N GLU A 470 -6.30 -27.93 -21.21
CA GLU A 470 -6.60 -27.39 -19.90
C GLU A 470 -7.85 -26.52 -19.95
N ASN A 471 -8.05 -25.82 -21.06
CA ASN A 471 -9.21 -24.96 -21.24
C ASN A 471 -10.38 -25.75 -21.82
N VAL A 472 -10.75 -26.82 -21.14
CA VAL A 472 -11.98 -27.56 -21.42
C VAL A 472 -13.04 -27.18 -20.42
N PHE A 473 -14.27 -26.99 -20.90
CA PHE A 473 -15.38 -26.57 -20.04
C PHE A 473 -16.43 -27.66 -19.86
N THR A 474 -16.96 -27.74 -18.65
CA THR A 474 -18.12 -28.58 -18.40
C THR A 474 -19.36 -27.84 -18.87
N ARG A 475 -20.49 -28.54 -18.87
CA ARG A 475 -21.77 -27.96 -19.22
C ARG A 475 -22.10 -26.80 -18.29
N GLU A 476 -21.99 -27.04 -16.98
CA GLU A 476 -22.35 -26.04 -15.98
C GLU A 476 -21.48 -24.79 -16.09
N GLN A 477 -20.20 -24.97 -16.40
CA GLN A 477 -19.29 -23.84 -16.60
C GLN A 477 -19.76 -22.97 -17.75
N LEU A 478 -20.18 -23.62 -18.84
CA LEU A 478 -20.63 -22.91 -20.03
C LEU A 478 -21.86 -22.07 -19.72
N LEU A 479 -22.83 -22.66 -19.04
CA LEU A 479 -24.10 -22.00 -18.76
C LEU A 479 -23.93 -20.85 -17.77
N ARG A 480 -22.85 -20.87 -17.00
CA ARG A 480 -22.57 -19.79 -16.07
C ARG A 480 -21.93 -18.60 -16.79
N TYR A 481 -20.85 -18.87 -17.51
CA TYR A 481 -20.04 -17.81 -18.11
C TYR A 481 -20.63 -17.25 -19.41
N PHE A 482 -20.95 -18.15 -20.33
CA PHE A 482 -21.24 -17.76 -21.72
C PHE A 482 -22.41 -16.78 -21.88
N PRO A 483 -23.56 -17.05 -21.24
CA PRO A 483 -24.64 -16.08 -21.39
C PRO A 483 -24.40 -14.77 -20.64
N TYR A 484 -23.54 -14.77 -19.63
CA TYR A 484 -23.16 -13.52 -18.96
C TYR A 484 -22.42 -12.61 -19.92
N TYR A 485 -21.29 -13.10 -20.41
CA TYR A 485 -20.43 -12.31 -21.28
C TYR A 485 -21.15 -11.84 -22.55
N LEU A 486 -21.94 -12.73 -23.15
CA LEU A 486 -22.41 -12.51 -24.51
C LEU A 486 -23.79 -11.84 -24.60
N LEU A 487 -24.55 -11.85 -23.52
CA LEU A 487 -25.86 -11.22 -23.51
C LEU A 487 -25.94 -10.10 -22.48
N VAL A 488 -25.51 -10.37 -21.26
CA VAL A 488 -25.53 -9.35 -20.21
C VAL A 488 -24.45 -8.32 -20.46
N ASN A 489 -23.19 -8.78 -20.49
CA ASN A 489 -22.07 -7.87 -20.68
C ASN A 489 -21.72 -7.71 -22.15
N SER A 490 -22.74 -7.41 -22.96
CA SER A 490 -22.55 -7.24 -24.41
C SER A 490 -23.82 -6.76 -25.08
N THR A 491 -24.74 -7.69 -25.30
CA THR A 491 -25.95 -7.42 -26.06
C THR A 491 -26.83 -6.41 -25.36
N PHE A 492 -27.00 -6.55 -24.05
CA PHE A 492 -27.89 -5.68 -23.30
C PHE A 492 -27.30 -4.27 -23.18
N ALA A 493 -25.99 -4.14 -23.37
CA ALA A 493 -25.37 -2.81 -23.39
C ALA A 493 -25.76 -2.09 -24.67
N VAL A 494 -25.94 -2.87 -25.74
CA VAL A 494 -26.40 -2.32 -27.00
C VAL A 494 -27.84 -1.84 -26.88
N THR A 495 -28.71 -2.71 -26.37
CA THR A 495 -30.13 -2.37 -26.24
C THR A 495 -30.34 -1.25 -25.23
N ALA A 496 -29.51 -1.24 -24.17
CA ALA A 496 -29.61 -0.23 -23.13
C ALA A 496 -29.20 1.15 -23.64
N ALA A 497 -28.11 1.19 -24.41
CA ALA A 497 -27.64 2.44 -25.00
C ALA A 497 -28.72 3.07 -25.88
N LEU A 498 -29.36 2.22 -26.68
CA LEU A 498 -30.40 2.68 -27.59
C LEU A 498 -31.67 3.04 -26.83
N GLY A 499 -31.93 2.31 -25.74
CA GLY A 499 -33.05 2.62 -24.88
C GLY A 499 -32.87 3.94 -24.17
N ALA A 500 -31.65 4.19 -23.70
CA ALA A 500 -31.34 5.42 -22.97
C ALA A 500 -31.47 6.64 -23.87
N ALA A 501 -31.25 6.44 -25.17
CA ALA A 501 -31.35 7.52 -26.15
C ALA A 501 -32.78 7.74 -26.61
N GLY A 502 -33.68 6.85 -26.20
CA GLY A 502 -35.09 6.97 -26.51
C GLY A 502 -35.43 6.61 -27.95
N LEU A 503 -34.62 5.73 -28.55
CA LEU A 503 -34.87 5.25 -29.90
C LEU A 503 -35.93 4.14 -29.89
N ASP A 504 -35.90 3.34 -28.83
CA ASP A 504 -36.93 2.32 -28.58
C ASP A 504 -36.67 1.73 -27.21
N SER A 505 -37.70 1.20 -26.57
CA SER A 505 -37.56 0.63 -25.22
C SER A 505 -36.61 -0.56 -25.24
N GLU A 506 -35.92 -0.80 -24.12
CA GLU A 506 -35.08 -1.99 -24.00
C GLU A 506 -35.94 -3.24 -24.16
N ALA A 507 -37.13 -3.18 -23.59
CA ALA A 507 -38.07 -4.30 -23.63
C ALA A 507 -38.37 -4.71 -25.07
N ASN A 508 -38.64 -3.73 -25.92
CA ASN A 508 -38.92 -4.00 -27.32
C ASN A 508 -37.69 -4.52 -28.05
N LEU A 509 -36.54 -3.92 -27.79
CA LEU A 509 -35.32 -4.29 -28.47
C LEU A 509 -34.88 -5.69 -28.05
N MET A 510 -35.09 -6.03 -26.78
CA MET A 510 -34.77 -7.36 -26.28
C MET A 510 -35.73 -8.40 -26.86
N ALA A 511 -36.89 -7.95 -27.34
CA ALA A 511 -37.83 -8.86 -27.97
C ALA A 511 -37.32 -9.26 -29.35
N ARG A 512 -36.69 -8.33 -30.04
CA ARG A 512 -36.08 -8.60 -31.35
C ARG A 512 -34.99 -9.64 -31.23
N VAL A 513 -34.13 -9.47 -30.24
CA VAL A 513 -33.03 -10.39 -30.01
C VAL A 513 -33.56 -11.80 -29.74
N ARG A 514 -34.60 -11.89 -28.93
CA ARG A 514 -35.20 -13.17 -28.57
C ARG A 514 -35.68 -13.90 -29.82
N THR A 515 -36.40 -13.17 -30.68
CA THR A 515 -36.90 -13.72 -31.94
C THR A 515 -35.79 -14.36 -32.75
N LEU A 516 -34.69 -13.63 -32.91
CA LEU A 516 -33.57 -14.10 -33.72
C LEU A 516 -32.78 -15.20 -33.01
N LEU A 517 -32.71 -15.13 -31.68
CA LEU A 517 -32.06 -16.18 -30.90
C LEU A 517 -32.86 -17.47 -30.98
N ALA A 518 -34.18 -17.34 -31.12
CA ALA A 518 -35.06 -18.50 -31.20
C ALA A 518 -34.97 -19.16 -32.57
N GLU A 519 -34.87 -18.34 -33.63
CA GLU A 519 -34.66 -18.85 -34.97
C GLU A 519 -33.39 -19.69 -35.01
N MET A 520 -32.35 -19.16 -34.38
CA MET A 520 -31.03 -19.78 -34.41
C MET A 520 -31.01 -21.14 -33.71
N ARG A 521 -31.68 -21.22 -32.57
CA ARG A 521 -31.74 -22.43 -31.78
C ARG A 521 -32.26 -23.61 -32.59
N ASP A 522 -33.18 -23.33 -33.51
CA ASP A 522 -33.76 -24.37 -34.37
C ASP A 522 -32.75 -24.91 -35.38
N GLN A 523 -31.69 -24.16 -35.64
CA GLN A 523 -30.68 -24.54 -36.64
C GLN A 523 -29.39 -25.13 -36.11
N VAL A 524 -29.23 -25.16 -34.79
CA VAL A 524 -28.00 -25.70 -34.19
C VAL A 524 -28.19 -27.13 -33.71
N THR A 525 -27.07 -27.81 -33.50
CA THR A 525 -27.07 -29.21 -33.07
C THR A 525 -27.36 -29.31 -31.57
N HIS A 526 -26.46 -28.74 -30.77
CA HIS A 526 -26.62 -28.73 -29.32
C HIS A 526 -27.36 -27.46 -28.88
N LYS A 527 -28.64 -27.63 -28.56
CA LYS A 527 -29.49 -26.50 -28.19
C LYS A 527 -29.31 -26.10 -26.73
N THR A 528 -28.40 -26.78 -26.05
CA THR A 528 -28.19 -26.62 -24.61
C THR A 528 -28.10 -25.16 -24.16
N CYS A 529 -27.32 -24.37 -24.88
CA CYS A 529 -27.01 -23.00 -24.48
C CYS A 529 -28.14 -22.02 -24.77
N LEU A 530 -28.77 -22.15 -25.94
CA LEU A 530 -29.84 -21.24 -26.33
C LEU A 530 -31.15 -21.54 -25.59
N ASN A 531 -31.34 -22.80 -25.21
CA ASN A 531 -32.44 -23.17 -24.32
C ASN A 531 -32.33 -22.37 -23.03
N TYR A 532 -31.16 -22.44 -22.41
CA TYR A 532 -30.89 -21.78 -21.14
C TYR A 532 -31.17 -20.28 -21.23
N VAL A 533 -30.60 -19.64 -22.24
CA VAL A 533 -30.80 -18.22 -22.49
C VAL A 533 -32.27 -17.84 -22.57
N LEU A 534 -33.02 -18.58 -23.37
CA LEU A 534 -34.40 -18.22 -23.69
C LEU A 534 -35.43 -18.64 -22.65
N GLU A 535 -35.09 -19.61 -21.81
CA GLU A 535 -36.10 -20.32 -21.02
C GLU A 535 -35.79 -20.43 -19.54
N ASN A 536 -34.51 -20.46 -19.16
CA ASN A 536 -34.15 -20.54 -17.75
C ASN A 536 -34.49 -19.23 -17.05
N PRO A 537 -35.36 -19.26 -16.02
CA PRO A 537 -35.82 -18.02 -15.39
C PRO A 537 -34.69 -17.15 -14.83
N TYR A 538 -33.65 -17.77 -14.30
CA TYR A 538 -32.54 -17.06 -13.68
C TYR A 538 -31.21 -17.43 -14.35
N TRP A 539 -30.31 -16.45 -14.43
CA TRP A 539 -28.95 -16.69 -14.86
C TRP A 539 -28.01 -16.49 -13.68
N ASN A 540 -27.35 -17.57 -13.27
CA ASN A 540 -26.40 -17.50 -12.16
C ASN A 540 -25.01 -17.18 -12.69
N VAL A 541 -24.44 -16.07 -12.23
CA VAL A 541 -23.21 -15.54 -12.78
C VAL A 541 -22.28 -15.02 -11.67
N LYS A 542 -21.46 -14.02 -11.98
CA LYS A 542 -20.47 -13.51 -11.03
C LYS A 542 -20.41 -11.98 -11.06
N GLY A 543 -20.58 -11.36 -9.88
CA GLY A 543 -20.57 -9.92 -9.76
C GLY A 543 -19.18 -9.36 -9.58
N ASN A 544 -19.00 -8.08 -9.90
CA ASN A 544 -17.71 -7.42 -9.81
C ASN A 544 -17.55 -6.60 -8.53
N PHE A 545 -18.66 -6.13 -7.97
CA PHE A 545 -18.62 -5.21 -6.85
C PHE A 545 -18.14 -5.91 -5.56
N PHE A 546 -18.72 -7.06 -5.25
CA PHE A 546 -18.34 -7.79 -4.04
C PHE A 546 -17.13 -8.67 -4.29
N CYS A 547 -16.83 -8.91 -5.56
CA CYS A 547 -15.61 -9.61 -5.94
C CYS A 547 -14.40 -8.70 -5.74
N TYR A 548 -14.59 -7.42 -6.03
CA TYR A 548 -13.53 -6.43 -5.93
C TYR A 548 -13.27 -6.03 -4.47
N LEU A 549 -14.34 -6.10 -3.68
CA LEU A 549 -14.28 -5.81 -2.25
C LEU A 549 -13.51 -6.92 -1.52
N ASN A 550 -13.54 -8.12 -2.08
CA ASN A 550 -12.78 -9.27 -1.57
C ASN A 550 -11.69 -9.72 -2.53
N ASP A 551 -10.49 -9.15 -2.40
CA ASP A 551 -9.38 -9.52 -3.27
C ASP A 551 -9.02 -11.01 -3.12
N PRO A 560 -19.61 -17.22 -0.60
CA PRO A 560 -19.62 -17.44 -2.05
C PRO A 560 -21.02 -17.38 -2.64
N SER A 561 -22.00 -17.09 -1.80
CA SER A 561 -23.37 -16.90 -2.25
C SER A 561 -23.58 -15.48 -2.74
N VAL A 562 -22.65 -14.59 -2.39
CA VAL A 562 -22.72 -13.19 -2.76
C VAL A 562 -21.81 -12.88 -3.95
N ILE A 563 -20.69 -13.60 -4.03
CA ILE A 563 -19.76 -13.44 -5.15
C ILE A 563 -20.47 -13.74 -6.46
N TYR A 564 -21.39 -14.69 -6.40
CA TYR A 564 -22.19 -15.09 -7.55
C TYR A 564 -23.67 -14.88 -7.24
N PHE A 565 -24.39 -14.24 -8.15
CA PHE A 565 -25.79 -13.92 -7.93
C PHE A 565 -26.68 -14.30 -9.11
N ASP A 566 -27.96 -14.53 -8.83
CA ASP A 566 -28.92 -14.95 -9.84
C ASP A 566 -29.48 -13.74 -10.58
N PHE A 567 -29.39 -13.80 -11.91
CA PHE A 567 -29.80 -12.69 -12.77
C PHE A 567 -31.12 -13.03 -13.46
N ALA A 568 -32.15 -12.26 -13.13
CA ALA A 568 -33.48 -12.47 -13.69
C ALA A 568 -33.45 -12.32 -15.22
N ASN A 569 -33.80 -13.40 -15.90
CA ASN A 569 -33.77 -13.45 -17.36
C ASN A 569 -34.83 -12.53 -17.99
N PRO A 570 -34.40 -11.52 -18.77
CA PRO A 570 -35.37 -10.68 -19.47
C PRO A 570 -35.84 -11.24 -20.80
N LEU A 571 -35.30 -12.38 -21.23
CA LEU A 571 -35.62 -12.97 -22.53
C LEU A 571 -36.70 -14.07 -22.44
N LEU A 572 -37.20 -14.31 -21.23
CA LEU A 572 -38.24 -15.31 -21.05
C LEU A 572 -39.55 -14.83 -21.68
N ALA A 573 -40.24 -15.73 -22.38
CA ALA A 573 -41.52 -15.39 -23.00
C ALA A 573 -42.55 -14.99 -21.96
N GLN A 574 -42.77 -13.68 -21.83
CA GLN A 574 -43.59 -13.13 -20.77
C GLN A 574 -44.65 -12.19 -21.33
N THR B 11 -14.46 -0.89 85.19
CA THR B 11 -15.77 -1.54 85.13
C THR B 11 -15.66 -2.99 84.68
N LEU B 12 -14.67 -3.25 83.83
CA LEU B 12 -14.49 -4.58 83.26
C LEU B 12 -13.16 -5.20 83.72
N ASP B 13 -13.12 -6.52 83.79
CA ASP B 13 -11.91 -7.24 84.17
C ASP B 13 -11.98 -8.69 83.68
N VAL B 14 -11.35 -8.93 82.54
CA VAL B 14 -11.36 -10.24 81.91
C VAL B 14 -10.47 -11.24 82.65
N ALA B 15 -9.50 -10.72 83.41
CA ALA B 15 -8.64 -11.59 84.22
C ALA B 15 -9.42 -12.15 85.40
N ALA B 16 -10.12 -11.28 86.12
CA ALA B 16 -10.91 -11.68 87.28
C ALA B 16 -11.98 -12.68 86.86
N GLN B 17 -12.51 -12.49 85.65
CA GLN B 17 -13.61 -13.30 85.17
C GLN B 17 -13.18 -14.76 84.98
N CYS B 18 -11.91 -14.98 84.63
CA CYS B 18 -11.37 -16.34 84.54
C CYS B 18 -11.47 -17.03 85.89
N PHE B 19 -11.00 -16.35 86.92
CA PHE B 19 -11.03 -16.88 88.28
C PHE B 19 -12.45 -17.17 88.74
N LEU B 20 -13.37 -16.25 88.46
CA LEU B 20 -14.75 -16.37 88.93
C LEU B 20 -15.53 -17.44 88.16
N ASN B 21 -15.47 -17.40 86.83
CA ASN B 21 -16.15 -18.40 86.01
C ASN B 21 -15.62 -19.80 86.28
N SER B 22 -14.30 -19.89 86.49
CA SER B 22 -13.67 -21.16 86.82
C SER B 22 -14.23 -21.73 88.12
N LEU B 23 -14.52 -20.85 89.07
CA LEU B 23 -15.09 -21.25 90.35
C LEU B 23 -16.55 -21.67 90.20
N VAL B 24 -17.32 -20.85 89.49
CA VAL B 24 -18.75 -21.08 89.32
C VAL B 24 -19.05 -22.42 88.64
N ARG B 25 -18.17 -22.85 87.74
CA ARG B 25 -18.37 -24.11 87.04
C ARG B 25 -18.08 -25.32 87.94
N GLU B 26 -17.14 -25.16 88.86
CA GLU B 26 -16.69 -26.28 89.69
C GLU B 26 -17.39 -26.33 91.04
N THR B 27 -18.34 -25.42 91.24
CA THR B 27 -19.12 -25.40 92.47
C THR B 27 -20.62 -25.36 92.16
N LYS B 28 -21.42 -25.67 93.17
CA LYS B 28 -22.88 -25.53 93.08
C LYS B 28 -23.39 -24.76 94.29
N ASP B 29 -22.46 -24.11 94.99
CA ASP B 29 -22.79 -23.21 96.09
C ASP B 29 -22.81 -21.77 95.59
N TRP B 30 -23.83 -21.43 94.82
CA TRP B 30 -24.06 -20.06 94.38
C TRP B 30 -25.49 -19.90 93.93
N ARG B 31 -25.97 -18.66 93.89
CA ARG B 31 -27.39 -18.39 93.70
C ARG B 31 -27.62 -17.17 92.81
N LEU B 32 -28.68 -17.23 92.03
CA LEU B 32 -29.11 -16.09 91.22
C LEU B 32 -30.26 -15.39 91.94
N THR B 33 -30.31 -14.07 91.82
CA THR B 33 -31.35 -13.28 92.47
C THR B 33 -32.68 -13.36 91.73
N GLU B 34 -33.77 -13.25 92.47
CA GLU B 34 -35.10 -13.34 91.88
C GLU B 34 -35.44 -12.08 91.09
N TYR B 35 -35.06 -10.93 91.62
CA TYR B 35 -35.33 -9.65 90.96
C TYR B 35 -34.20 -9.24 90.04
N GLN B 36 -34.46 -8.23 89.21
CA GLN B 36 -33.48 -7.71 88.28
C GLN B 36 -33.14 -6.25 88.63
N PRO B 37 -31.95 -5.67 88.16
CA PRO B 37 -31.07 -6.54 87.35
C PRO B 37 -30.63 -7.79 88.10
N THR B 38 -30.38 -8.86 87.36
CA THR B 38 -29.96 -10.12 87.94
C THR B 38 -28.54 -10.08 88.48
N GLN B 39 -28.35 -10.64 89.67
CA GLN B 39 -27.04 -10.70 90.31
C GLN B 39 -26.71 -12.12 90.71
N LEU B 40 -25.46 -12.51 90.50
CA LEU B 40 -24.99 -13.83 90.92
C LEU B 40 -24.39 -13.71 92.33
N ILE B 41 -24.72 -14.68 93.18
CA ILE B 41 -24.33 -14.61 94.59
C ILE B 41 -23.44 -15.77 95.02
N ILE B 42 -22.29 -15.44 95.60
CA ILE B 42 -21.38 -16.42 96.17
C ILE B 42 -21.34 -16.25 97.68
N PRO B 43 -22.10 -17.07 98.42
CA PRO B 43 -22.17 -16.92 99.88
C PRO B 43 -20.83 -17.11 100.57
N LEU B 44 -20.58 -16.37 101.66
CA LEU B 44 -19.33 -16.49 102.40
C LEU B 44 -19.54 -17.17 103.76
N GLY B 45 -20.80 -17.31 104.17
CA GLY B 45 -21.14 -18.18 105.29
C GLY B 45 -21.71 -17.52 106.54
N GLU B 46 -21.07 -16.45 107.01
CA GLU B 46 -21.44 -15.82 108.28
C GLU B 46 -22.33 -14.60 108.05
N GLN B 47 -23.48 -14.83 107.41
CA GLN B 47 -24.34 -13.72 107.00
C GLN B 47 -23.58 -12.80 106.06
N GLN B 48 -22.68 -13.40 105.29
CA GLN B 48 -21.91 -12.67 104.28
C GLN B 48 -22.11 -13.31 102.92
N ALA B 49 -22.07 -12.50 101.87
CA ALA B 49 -22.13 -13.00 100.50
C ALA B 49 -21.62 -11.96 99.52
N LEU B 50 -21.10 -12.43 98.40
CA LEU B 50 -20.61 -11.54 97.35
C LEU B 50 -21.63 -11.45 96.21
N HIS B 51 -22.02 -10.22 95.88
CA HIS B 51 -22.99 -9.97 94.81
C HIS B 51 -22.33 -9.47 93.53
N PHE B 52 -22.47 -10.25 92.46
CA PHE B 52 -21.92 -9.87 91.15
C PHE B 52 -23.03 -9.46 90.18
N ARG B 53 -22.99 -8.22 89.72
CA ARG B 53 -23.90 -7.78 88.67
C ARG B 53 -23.57 -8.53 87.38
N VAL B 54 -24.59 -9.14 86.78
CA VAL B 54 -24.40 -9.96 85.60
C VAL B 54 -24.74 -9.19 84.33
N ALA B 55 -23.78 -9.14 83.41
CA ALA B 55 -23.99 -8.49 82.11
C ALA B 55 -24.43 -9.53 81.07
N TYR B 56 -23.95 -10.75 81.23
CA TYR B 56 -24.32 -11.85 80.35
C TYR B 56 -24.22 -13.19 81.08
N PHE B 57 -25.35 -13.87 81.18
CA PHE B 57 -25.39 -15.20 81.78
C PHE B 57 -25.26 -16.29 80.71
N SER B 58 -24.43 -17.29 81.01
CA SER B 58 -24.04 -18.31 80.07
C SER B 58 -24.40 -19.71 80.57
N PRO B 59 -25.15 -20.48 79.77
CA PRO B 59 -25.41 -21.87 80.17
C PRO B 59 -24.16 -22.76 80.08
N THR B 60 -23.06 -22.20 79.58
CA THR B 60 -21.77 -22.88 79.56
C THR B 60 -20.77 -22.13 80.44
N GLN B 61 -21.29 -21.29 81.34
CA GLN B 61 -20.49 -20.58 82.33
C GLN B 61 -19.44 -19.63 81.74
N HIS B 62 -19.63 -19.22 80.50
CA HIS B 62 -18.83 -18.14 79.93
C HIS B 62 -19.47 -16.81 80.33
N HIS B 63 -19.55 -16.56 81.63
CA HIS B 63 -20.26 -15.39 82.16
C HIS B 63 -19.46 -14.11 81.96
N ARG B 64 -20.19 -13.00 81.87
CA ARG B 64 -19.59 -11.68 81.95
C ARG B 64 -20.20 -10.92 83.12
N PHE B 65 -19.39 -10.64 84.13
CA PHE B 65 -19.83 -9.87 85.28
C PHE B 65 -19.47 -8.40 85.11
N GLU B 66 -20.34 -7.51 85.59
CA GLU B 66 -20.02 -6.10 85.72
C GLU B 66 -19.37 -5.88 87.08
N PHE B 67 -18.40 -4.99 87.13
CA PHE B 67 -17.64 -4.72 88.37
C PHE B 67 -17.76 -3.24 88.74
N PRO B 68 -17.45 -2.89 90.00
CA PRO B 68 -16.95 -3.71 91.11
C PRO B 68 -17.98 -4.65 91.75
N ALA B 69 -17.49 -5.74 92.32
CA ALA B 69 -18.31 -6.64 93.12
C ALA B 69 -18.58 -6.00 94.47
N ARG B 70 -19.66 -6.42 95.12
CA ARG B 70 -20.07 -5.85 96.40
C ARG B 70 -20.22 -6.92 97.48
N LEU B 71 -19.62 -6.66 98.63
CA LEU B 71 -19.78 -7.53 99.79
C LEU B 71 -21.06 -7.18 100.54
N VAL B 72 -21.98 -8.13 100.61
CA VAL B 72 -23.31 -7.88 101.18
C VAL B 72 -23.70 -8.95 102.20
N THR B 73 -24.78 -8.70 102.93
CA THR B 73 -25.25 -9.63 103.95
C THR B 73 -24.99 -9.05 105.34
N ALA B 74 -23.83 -8.43 105.50
CA ALA B 74 -23.51 -7.72 106.73
C ALA B 74 -24.02 -6.28 106.61
N SER B 75 -25.08 -5.97 107.37
CA SER B 75 -26.00 -4.87 107.07
C SER B 75 -25.39 -3.69 106.32
N GLY B 76 -26.03 -3.34 105.21
CA GLY B 76 -25.44 -2.45 104.24
C GLY B 76 -24.59 -3.28 103.31
N SER B 77 -24.05 -2.65 102.28
CA SER B 77 -23.13 -3.33 101.36
C SER B 77 -22.05 -2.36 100.93
N HIS B 78 -20.89 -2.89 100.55
CA HIS B 78 -19.77 -2.05 100.11
C HIS B 78 -18.98 -2.73 99.00
N PRO B 79 -18.47 -1.94 98.03
CA PRO B 79 -17.67 -2.52 96.95
C PRO B 79 -16.34 -3.11 97.40
N VAL B 80 -15.92 -4.19 96.75
CA VAL B 80 -14.62 -4.81 97.01
C VAL B 80 -13.84 -4.96 95.71
N ASP B 81 -12.52 -4.82 95.78
CA ASP B 81 -11.67 -5.02 94.61
C ASP B 81 -11.38 -6.51 94.44
N PHE B 82 -10.74 -6.88 93.34
CA PHE B 82 -10.51 -8.30 93.05
C PHE B 82 -9.57 -8.94 94.07
N ALA B 83 -8.58 -8.19 94.52
CA ALA B 83 -7.64 -8.67 95.52
C ALA B 83 -8.37 -9.12 96.77
N THR B 84 -9.39 -8.35 97.14
CA THR B 84 -10.19 -8.65 98.34
C THR B 84 -11.07 -9.86 98.14
N LEU B 85 -11.97 -9.81 97.16
CA LEU B 85 -12.94 -10.87 96.95
C LEU B 85 -12.25 -12.22 96.71
N SER B 86 -11.07 -12.19 96.12
CA SER B 86 -10.28 -13.39 95.86
C SER B 86 -9.68 -13.92 97.16
N ARG B 87 -9.31 -13.01 98.04
CA ARG B 87 -8.82 -13.37 99.36
C ARG B 87 -9.95 -13.98 100.19
N LEU B 88 -11.10 -13.31 100.16
CA LEU B 88 -12.29 -13.77 100.87
C LEU B 88 -12.68 -15.19 100.47
N ILE B 89 -12.82 -15.41 99.17
CA ILE B 89 -13.26 -16.71 98.66
C ILE B 89 -12.25 -17.80 99.00
N VAL B 90 -10.97 -17.45 99.08
CA VAL B 90 -9.95 -18.41 99.46
C VAL B 90 -10.02 -18.71 100.95
N ASP B 91 -10.32 -17.69 101.75
CA ASP B 91 -10.50 -17.89 103.18
C ASP B 91 -11.66 -18.86 103.41
N LYS B 92 -12.71 -18.72 102.60
CA LYS B 92 -13.86 -19.62 102.68
C LYS B 92 -13.46 -21.07 102.42
N LEU B 93 -12.70 -21.29 101.36
CA LEU B 93 -12.29 -22.65 100.98
C LEU B 93 -11.37 -23.27 102.03
N GLN B 94 -10.66 -22.42 102.77
CA GLN B 94 -9.77 -22.88 103.82
C GLN B 94 -10.56 -23.52 104.95
N HIS B 95 -11.80 -23.07 105.13
CA HIS B 95 -12.70 -23.64 106.12
C HIS B 95 -13.34 -24.93 105.63
N GLN B 96 -14.03 -24.85 104.51
CA GLN B 96 -14.79 -25.99 103.97
C GLN B 96 -13.92 -27.22 103.80
N LEU B 97 -12.70 -27.03 103.29
CA LEU B 97 -11.82 -28.14 102.95
C LEU B 97 -10.72 -28.38 103.97
N LEU B 98 -10.68 -27.56 105.02
CA LEU B 98 -9.64 -27.67 106.04
C LEU B 98 -8.28 -27.65 105.35
N LEU B 99 -8.05 -26.59 104.59
CA LEU B 99 -6.87 -26.51 103.74
C LEU B 99 -5.65 -25.95 104.49
N PRO B 100 -4.45 -26.46 104.17
CA PRO B 100 -3.24 -25.88 104.75
C PRO B 100 -3.10 -24.42 104.34
N ALA B 101 -2.78 -23.54 105.28
CA ALA B 101 -2.71 -22.11 105.01
C ALA B 101 -1.60 -21.75 104.03
N THR B 102 -0.57 -22.60 103.97
CA THR B 102 0.57 -22.34 103.09
C THR B 102 0.24 -22.59 101.63
N SER B 103 -0.65 -23.55 101.37
CA SER B 103 -1.07 -23.85 100.00
C SER B 103 -2.15 -22.85 99.54
N CYS B 104 -2.86 -22.27 100.50
CA CYS B 104 -3.87 -21.25 100.20
C CYS B 104 -3.23 -19.93 99.77
N GLU B 105 -2.25 -19.49 100.55
CA GLU B 105 -1.57 -18.22 100.30
C GLU B 105 -0.82 -18.25 98.97
N THR B 106 -0.20 -19.40 98.68
CA THR B 106 0.50 -19.59 97.43
C THR B 106 -0.48 -19.53 96.26
N PHE B 107 -1.68 -20.04 96.48
CA PHE B 107 -2.71 -20.01 95.46
C PHE B 107 -3.19 -18.58 95.19
N HIS B 108 -3.41 -17.82 96.25
CA HIS B 108 -3.94 -16.47 96.11
C HIS B 108 -2.92 -15.51 95.49
N GLN B 109 -1.64 -15.69 95.84
CA GLN B 109 -0.60 -14.82 95.32
C GLN B 109 -0.35 -15.08 93.83
N ARG B 110 -0.49 -16.34 93.42
CA ARG B 110 -0.37 -16.70 92.02
C ARG B 110 -1.52 -16.13 91.19
N VAL B 111 -2.72 -16.13 91.78
CA VAL B 111 -3.90 -15.58 91.14
C VAL B 111 -3.80 -14.08 90.92
N MET B 112 -3.18 -13.38 91.88
CA MET B 112 -3.04 -11.94 91.80
C MET B 112 -1.90 -11.54 90.87
N GLU B 113 -0.87 -12.37 90.81
CA GLU B 113 0.22 -12.13 89.88
C GLU B 113 -0.28 -12.28 88.44
N SER B 114 -1.09 -13.30 88.20
CA SER B 114 -1.69 -13.50 86.89
C SER B 114 -2.61 -12.33 86.53
N HIS B 115 -3.24 -11.74 87.54
CA HIS B 115 -4.17 -10.64 87.33
C HIS B 115 -3.41 -9.36 86.98
N ALA B 116 -2.28 -9.16 87.64
CA ALA B 116 -1.46 -7.97 87.42
C ALA B 116 -0.71 -8.05 86.09
N HIS B 117 -0.22 -9.24 85.75
CA HIS B 117 0.51 -9.44 84.51
C HIS B 117 -0.41 -9.24 83.30
N THR B 118 -1.66 -9.64 83.44
CA THR B 118 -2.65 -9.49 82.38
C THR B 118 -2.95 -8.01 82.12
N GLN B 119 -3.03 -7.22 83.18
CA GLN B 119 -3.31 -5.80 83.06
C GLN B 119 -2.14 -5.08 82.41
N GLN B 120 -0.93 -5.49 82.77
CA GLN B 120 0.28 -4.94 82.16
C GLN B 120 0.27 -5.17 80.65
N ALA B 121 -0.05 -6.40 80.25
CA ALA B 121 -0.11 -6.77 78.84
C ALA B 121 -1.17 -5.95 78.11
N ILE B 122 -2.31 -5.77 78.76
CA ILE B 122 -3.41 -4.98 78.20
C ILE B 122 -2.98 -3.54 77.98
N ASP B 123 -2.28 -2.97 78.96
CA ASP B 123 -1.81 -1.59 78.87
C ASP B 123 -0.72 -1.43 77.82
N ALA B 124 -0.04 -2.52 77.49
CA ALA B 124 1.07 -2.48 76.54
C ALA B 124 0.61 -2.69 75.09
N ARG B 125 -0.41 -3.52 74.91
CA ARG B 125 -0.88 -3.91 73.59
C ARG B 125 -2.02 -3.04 73.07
N HIS B 126 -1.71 -1.76 72.82
CA HIS B 126 -2.70 -0.84 72.30
C HIS B 126 -3.11 -1.22 70.87
N ASP B 127 -2.25 -1.97 70.20
CA ASP B 127 -2.52 -2.45 68.85
C ASP B 127 -3.61 -3.52 68.81
N TRP B 128 -3.96 -4.06 69.97
CA TRP B 128 -4.83 -5.24 70.02
C TRP B 128 -6.17 -4.98 69.35
N ALA B 129 -6.76 -3.83 69.63
CA ALA B 129 -8.08 -3.51 69.08
C ALA B 129 -8.04 -3.46 67.56
N ALA B 130 -6.91 -3.03 67.01
CA ALA B 130 -6.77 -2.91 65.56
C ALA B 130 -6.76 -4.27 64.86
N LEU B 131 -6.58 -5.34 65.65
CA LEU B 131 -6.63 -6.69 65.11
C LEU B 131 -8.03 -7.06 64.62
N ARG B 132 -9.03 -6.29 65.04
CA ARG B 132 -10.41 -6.49 64.60
C ARG B 132 -10.62 -6.09 63.15
N GLU B 133 -9.68 -5.29 62.62
CA GLU B 133 -9.87 -4.60 61.36
C GLU B 133 -9.77 -5.49 60.13
N LYS B 134 -9.06 -6.60 60.26
CA LYS B 134 -8.85 -7.49 59.12
C LYS B 134 -8.49 -8.91 59.57
N ALA B 135 -8.53 -9.82 58.61
CA ALA B 135 -8.18 -11.22 58.86
C ALA B 135 -6.76 -11.35 59.39
N LEU B 136 -6.62 -12.06 60.51
CA LEU B 136 -5.31 -12.27 61.12
C LEU B 136 -4.54 -13.36 60.41
N ASN B 137 -3.22 -13.30 60.52
CA ASN B 137 -2.38 -14.42 60.10
C ASN B 137 -2.06 -15.27 61.31
N PHE B 138 -1.34 -16.37 61.10
CA PHE B 138 -1.04 -17.30 62.17
C PHE B 138 -0.26 -16.67 63.31
N GLY B 139 0.77 -15.90 62.97
CA GLY B 139 1.58 -15.25 63.98
C GLY B 139 0.80 -14.26 64.82
N GLU B 140 -0.04 -13.46 64.15
CA GLU B 140 -0.85 -12.46 64.83
C GLU B 140 -1.79 -13.10 65.84
N ALA B 141 -2.49 -14.14 65.41
CA ALA B 141 -3.43 -14.85 66.28
C ALA B 141 -2.71 -15.50 67.45
N GLU B 142 -1.54 -16.08 67.21
CA GLU B 142 -0.80 -16.78 68.25
C GLU B 142 -0.42 -15.86 69.41
N GLN B 143 -0.30 -14.56 69.12
CA GLN B 143 0.14 -13.60 70.13
C GLN B 143 -0.98 -12.68 70.60
N ALA B 144 -2.22 -12.99 70.21
CA ALA B 144 -3.35 -12.15 70.52
C ALA B 144 -4.07 -12.57 71.80
N LEU B 145 -3.65 -13.69 72.38
CA LEU B 145 -4.28 -14.19 73.60
C LEU B 145 -3.70 -13.53 74.84
N LEU B 146 -4.39 -12.50 75.33
CA LEU B 146 -3.95 -11.77 76.52
C LEU B 146 -4.67 -12.27 77.77
N VAL B 147 -5.81 -12.91 77.59
CA VAL B 147 -6.59 -13.42 78.71
C VAL B 147 -6.06 -14.76 79.18
N GLY B 148 -5.77 -15.64 78.23
CA GLY B 148 -5.29 -16.98 78.52
C GLY B 148 -6.44 -17.96 78.65
N HIS B 149 -6.20 -19.06 79.37
CA HIS B 149 -7.21 -20.10 79.58
C HIS B 149 -8.39 -19.53 80.35
N ALA B 150 -9.55 -19.45 79.70
CA ALA B 150 -10.71 -18.75 80.24
C ALA B 150 -11.31 -19.42 81.47
N PHE B 151 -10.88 -20.65 81.76
CA PHE B 151 -11.36 -21.38 82.94
C PHE B 151 -10.20 -21.91 83.77
N HIS B 152 -9.22 -21.06 83.99
CA HIS B 152 -8.14 -21.31 84.95
C HIS B 152 -8.10 -20.10 85.89
N PRO B 153 -7.85 -20.33 87.19
CA PRO B 153 -7.84 -19.18 88.10
C PRO B 153 -6.65 -18.24 87.88
N ALA B 154 -5.50 -18.81 87.55
CA ALA B 154 -4.30 -18.02 87.25
C ALA B 154 -3.71 -18.38 85.89
N PRO B 155 -4.37 -17.94 84.81
CA PRO B 155 -3.95 -18.30 83.45
C PRO B 155 -2.62 -17.66 83.03
N LYS B 156 -2.12 -16.71 83.81
CA LYS B 156 -0.90 -15.99 83.44
C LYS B 156 0.15 -15.99 84.56
N SER B 157 0.26 -17.12 85.26
CA SER B 157 1.34 -17.30 86.22
C SER B 157 2.61 -17.68 85.46
N HIS B 158 3.67 -16.90 85.65
CA HIS B 158 4.88 -17.02 84.82
C HIS B 158 6.07 -17.64 85.53
N GLU B 159 5.87 -18.17 86.74
CA GLU B 159 6.98 -18.60 87.59
C GLU B 159 7.99 -19.46 86.82
N PRO B 160 9.30 -19.14 86.90
CA PRO B 160 9.97 -18.08 87.67
C PRO B 160 10.35 -16.83 86.85
N PHE B 161 9.67 -16.56 85.74
CA PHE B 161 10.00 -15.39 84.92
C PHE B 161 9.83 -14.09 85.71
N ASN B 162 10.82 -13.21 85.60
CA ASN B 162 10.67 -11.83 86.08
C ASN B 162 10.01 -11.00 85.00
N GLN B 163 9.85 -9.71 85.24
CA GLN B 163 9.12 -8.86 84.30
C GLN B 163 9.83 -8.76 82.95
N GLN B 164 11.14 -8.55 82.99
CA GLN B 164 11.93 -8.43 81.76
C GLN B 164 11.87 -9.73 80.95
N GLU B 165 11.82 -10.85 81.64
CA GLU B 165 11.81 -12.17 81.01
C GLU B 165 10.44 -12.44 80.37
N ALA B 166 9.39 -11.97 81.04
CA ALA B 166 8.04 -12.14 80.53
C ALA B 166 7.83 -11.34 79.26
N GLU B 167 8.48 -10.18 79.18
CA GLU B 167 8.32 -9.26 78.06
C GLU B 167 8.96 -9.77 76.77
N ARG B 168 9.84 -10.76 76.88
CA ARG B 168 10.56 -11.27 75.71
C ARG B 168 10.13 -12.69 75.35
N TYR B 169 9.88 -13.52 76.36
CA TYR B 169 9.72 -14.95 76.15
C TYR B 169 8.25 -15.40 76.15
N LEU B 170 7.35 -14.48 76.44
CA LEU B 170 5.91 -14.74 76.35
C LEU B 170 5.31 -14.01 75.15
N PRO B 171 4.23 -14.57 74.58
CA PRO B 171 3.59 -13.97 73.41
C PRO B 171 2.82 -12.69 73.72
N ASP B 172 2.55 -12.46 75.00
CA ASP B 172 1.66 -11.38 75.45
C ASP B 172 2.04 -10.01 74.89
N PHE B 173 3.34 -9.71 74.92
CA PHE B 173 3.84 -8.41 74.47
C PHE B 173 4.27 -8.46 73.01
N ALA B 174 3.86 -9.50 72.31
CA ALA B 174 4.21 -9.68 70.90
C ALA B 174 5.70 -9.47 70.62
N PRO B 175 6.57 -10.21 71.34
CA PRO B 175 8.01 -10.06 71.08
C PRO B 175 8.51 -11.02 70.02
N HIS B 176 9.81 -10.94 69.74
CA HIS B 176 10.48 -11.92 68.90
C HIS B 176 11.97 -11.87 69.17
N PHE B 177 12.69 -12.89 68.76
CA PHE B 177 14.11 -12.99 69.05
C PHE B 177 14.76 -14.12 68.26
N PRO B 178 16.07 -13.99 67.99
CA PRO B 178 16.81 -15.07 67.33
C PRO B 178 17.19 -16.16 68.34
N LEU B 179 17.26 -17.41 67.89
CA LEU B 179 17.62 -18.52 68.76
C LEU B 179 19.04 -18.40 69.26
N ARG B 180 19.33 -19.05 70.39
CA ARG B 180 20.69 -19.23 70.85
C ARG B 180 21.24 -20.50 70.21
N TRP B 181 22.54 -20.54 69.96
CA TRP B 181 23.14 -21.64 69.21
C TRP B 181 24.44 -22.16 69.82
N PHE B 182 24.53 -23.48 69.95
CA PHE B 182 25.78 -24.14 70.35
C PHE B 182 26.37 -24.91 69.18
N ALA B 183 27.69 -24.95 69.12
CA ALA B 183 28.37 -25.92 68.28
C ALA B 183 28.73 -27.11 69.17
N VAL B 184 28.13 -28.26 68.88
CA VAL B 184 28.21 -29.41 69.76
C VAL B 184 28.78 -30.64 69.05
N ASN B 185 29.72 -31.31 69.71
CA ASN B 185 30.27 -32.56 69.19
C ASN B 185 29.16 -33.61 69.14
N LYS B 186 29.04 -34.28 68.01
CA LYS B 186 27.93 -35.21 67.76
C LYS B 186 27.78 -36.31 68.81
N THR B 187 28.87 -36.60 69.53
CA THR B 187 28.82 -37.57 70.62
C THR B 187 27.86 -37.10 71.71
N GLN B 188 27.67 -35.79 71.80
CA GLN B 188 26.82 -35.20 72.84
C GLN B 188 25.47 -34.73 72.28
N ILE B 189 25.09 -35.26 71.12
CA ILE B 189 23.79 -34.94 70.53
C ILE B 189 22.93 -36.18 70.37
N ALA B 190 21.94 -36.31 71.25
CA ALA B 190 20.93 -37.35 71.11
C ALA B 190 19.79 -36.80 70.28
N GLY B 191 19.13 -37.66 69.51
CA GLY B 191 18.01 -37.21 68.70
C GLY B 191 17.54 -38.22 67.68
N GLU B 192 16.60 -37.79 66.84
CA GLU B 192 15.93 -38.68 65.91
C GLU B 192 15.22 -37.85 64.85
N SER B 193 15.11 -38.38 63.64
CA SER B 193 14.37 -37.69 62.60
C SER B 193 13.96 -38.59 61.43
N LEU B 194 12.87 -38.20 60.78
CA LEU B 194 12.37 -38.88 59.60
C LEU B 194 12.73 -38.11 58.34
N HIS B 195 12.68 -38.80 57.20
CA HIS B 195 12.95 -38.19 55.89
C HIS B 195 14.42 -37.79 55.78
N LEU B 196 14.86 -36.95 56.71
CA LEU B 196 16.27 -36.63 56.87
C LEU B 196 16.74 -37.20 58.20
N ASN B 197 17.99 -37.63 58.27
CA ASN B 197 18.56 -38.08 59.54
C ASN B 197 18.81 -36.86 60.43
N LEU B 198 19.16 -37.08 61.68
CA LEU B 198 19.34 -36.00 62.65
C LEU B 198 20.40 -35.00 62.20
N GLN B 199 21.47 -35.50 61.61
CA GLN B 199 22.55 -34.65 61.13
C GLN B 199 22.08 -33.75 60.00
N GLN B 200 21.21 -34.29 59.16
CA GLN B 200 20.70 -33.56 58.00
C GLN B 200 19.64 -32.53 58.39
N ARG B 201 18.81 -32.85 59.39
CA ARG B 201 17.84 -31.90 59.90
C ARG B 201 18.50 -30.65 60.45
N LEU B 202 19.38 -30.86 61.43
CA LEU B 202 20.08 -29.76 62.08
C LEU B 202 20.84 -28.94 61.05
N THR B 203 21.37 -29.61 60.03
CA THR B 203 22.05 -28.93 58.95
C THR B 203 21.08 -27.99 58.24
N ARG B 204 19.91 -28.51 57.91
CA ARG B 204 18.88 -27.72 57.26
C ARG B 204 18.41 -26.59 58.17
N PHE B 205 17.93 -26.95 59.35
CA PHE B 205 17.38 -25.99 60.31
C PHE B 205 18.33 -24.82 60.55
N ALA B 206 19.63 -25.12 60.66
CA ALA B 206 20.63 -24.09 60.89
C ALA B 206 20.82 -23.23 59.64
N ALA B 207 20.76 -23.88 58.48
CA ALA B 207 21.03 -23.22 57.21
C ALA B 207 19.93 -22.23 56.83
N GLU B 208 18.69 -22.50 57.25
CA GLU B 208 17.58 -21.63 56.93
C GLU B 208 17.49 -20.49 57.94
N ASN B 209 17.96 -20.74 59.16
CA ASN B 209 17.75 -19.81 60.25
C ASN B 209 18.99 -19.03 60.65
N ALA B 210 20.12 -19.70 60.80
CA ALA B 210 21.37 -19.02 61.11
C ALA B 210 22.47 -19.38 60.12
N PRO B 211 22.32 -18.98 58.85
CA PRO B 211 23.29 -19.30 57.80
C PRO B 211 24.70 -18.84 58.12
N GLN B 212 24.82 -17.74 58.86
CA GLN B 212 26.11 -17.12 59.13
C GLN B 212 26.91 -17.94 60.13
N LEU B 213 26.25 -18.88 60.81
CA LEU B 213 26.92 -19.74 61.78
C LEU B 213 27.49 -20.99 61.12
N LEU B 214 27.22 -21.17 59.83
CA LEU B 214 27.64 -22.39 59.13
C LEU B 214 29.16 -22.52 59.05
N ASN B 215 29.88 -21.47 59.43
CA ASN B 215 31.33 -21.55 59.57
C ASN B 215 31.75 -22.48 60.71
N GLU B 216 30.81 -22.81 61.58
CA GLU B 216 31.06 -23.71 62.71
C GLU B 216 30.62 -25.15 62.44
N LEU B 217 29.92 -25.35 61.33
CA LEU B 217 29.40 -26.67 60.99
C LEU B 217 30.47 -27.58 60.42
N SER B 218 30.61 -28.78 61.00
CA SER B 218 31.53 -29.77 60.49
C SER B 218 31.01 -31.18 60.77
N ASP B 219 31.72 -32.19 60.26
CA ASP B 219 31.32 -33.57 60.39
C ASP B 219 31.02 -33.96 61.84
N ASN B 220 31.93 -33.59 62.73
CA ASN B 220 31.81 -33.97 64.14
C ASN B 220 31.12 -32.90 64.98
N GLN B 221 31.18 -31.66 64.51
CA GLN B 221 30.69 -30.52 65.27
C GLN B 221 29.44 -29.93 64.62
N TRP B 222 28.29 -30.17 65.24
CA TRP B 222 27.00 -29.76 64.68
C TRP B 222 26.43 -28.51 65.36
N LEU B 223 25.56 -27.82 64.64
CA LEU B 223 24.87 -26.64 65.18
C LEU B 223 23.58 -27.06 65.89
N PHE B 224 23.50 -26.71 67.17
CA PHE B 224 22.41 -27.14 68.03
C PHE B 224 21.62 -25.92 68.54
N PRO B 225 20.33 -25.85 68.20
CA PRO B 225 19.56 -24.66 68.60
C PRO B 225 19.05 -24.74 70.03
N LEU B 226 18.91 -23.59 70.67
CA LEU B 226 18.41 -23.54 72.04
C LEU B 226 17.61 -22.27 72.30
N HIS B 227 16.62 -22.39 73.16
CA HIS B 227 15.88 -21.25 73.65
C HIS B 227 16.87 -20.32 74.35
N PRO B 228 16.79 -19.01 74.11
CA PRO B 228 17.74 -18.08 74.74
C PRO B 228 17.77 -18.19 76.26
N TRP B 229 16.61 -18.45 76.86
CA TRP B 229 16.49 -18.54 78.32
C TRP B 229 16.99 -19.89 78.85
N GLN B 230 16.54 -20.98 78.24
CA GLN B 230 16.99 -22.32 78.66
C GLN B 230 18.48 -22.46 78.47
N GLY B 231 18.96 -22.01 77.32
CA GLY B 231 20.38 -22.04 77.01
C GLY B 231 21.19 -21.35 78.10
N GLU B 232 20.72 -20.17 78.51
CA GLU B 232 21.38 -19.43 79.59
C GLU B 232 21.36 -20.27 80.87
N TYR B 233 20.18 -20.77 81.20
CA TYR B 233 20.00 -21.57 82.41
C TYR B 233 20.86 -22.83 82.41
N LEU B 234 20.77 -23.62 81.34
CA LEU B 234 21.54 -24.86 81.20
C LEU B 234 23.04 -24.60 81.33
N LEU B 235 23.51 -23.52 80.73
CA LEU B 235 24.92 -23.20 80.68
C LEU B 235 25.48 -22.94 82.08
N GLN B 236 24.59 -22.65 83.02
CA GLN B 236 24.97 -22.43 84.41
C GLN B 236 25.06 -23.74 85.20
N GLN B 237 24.72 -24.85 84.54
CA GLN B 237 24.70 -26.15 85.21
C GLN B 237 26.08 -26.81 85.17
N GLU B 238 26.32 -27.72 86.10
CA GLU B 238 27.61 -28.39 86.22
C GLU B 238 27.94 -29.25 85.00
N TRP B 239 27.00 -30.10 84.60
CA TRP B 239 27.23 -31.05 83.51
C TRP B 239 27.48 -30.38 82.16
N CYS B 240 26.85 -29.23 81.95
CA CYS B 240 26.97 -28.50 80.69
C CYS B 240 28.34 -27.81 80.60
N GLN B 241 28.84 -27.35 81.74
CA GLN B 241 30.12 -26.65 81.80
C GLN B 241 31.28 -27.63 81.66
N GLU B 242 31.08 -28.86 82.10
CA GLU B 242 32.07 -29.91 81.89
C GLU B 242 32.28 -30.09 80.40
N LEU B 243 31.19 -30.06 79.64
CA LEU B 243 31.27 -30.19 78.19
C LEU B 243 32.02 -29.03 77.57
N VAL B 244 31.77 -27.82 78.09
CA VAL B 244 32.50 -26.63 77.64
C VAL B 244 33.99 -26.79 77.91
N ALA B 245 34.32 -27.37 79.08
CA ALA B 245 35.71 -27.59 79.46
C ALA B 245 36.40 -28.63 78.58
N LYS B 246 35.64 -29.62 78.13
CA LYS B 246 36.17 -30.66 77.26
C LYS B 246 36.22 -30.23 75.79
N GLY B 247 35.74 -29.02 75.51
CA GLY B 247 35.68 -28.53 74.15
C GLY B 247 34.58 -29.21 73.35
N LEU B 248 33.67 -29.87 74.07
CA LEU B 248 32.57 -30.60 73.44
C LEU B 248 31.38 -29.69 73.16
N ILE B 249 31.39 -28.51 73.77
CA ILE B 249 30.37 -27.49 73.47
C ILE B 249 31.03 -26.13 73.29
N LYS B 250 30.51 -25.38 72.32
CA LYS B 250 30.98 -24.03 72.04
C LYS B 250 29.79 -23.11 71.89
N ASP B 251 29.66 -22.16 72.81
CA ASP B 251 28.56 -21.21 72.79
C ASP B 251 28.75 -20.17 71.68
N LEU B 252 27.85 -20.19 70.70
CA LEU B 252 27.91 -19.27 69.58
C LEU B 252 27.03 -18.03 69.81
N GLY B 253 26.23 -18.07 70.86
CA GLY B 253 25.35 -16.96 71.19
C GLY B 253 24.11 -16.94 70.32
N GLU B 254 23.34 -15.86 70.43
CA GLU B 254 22.13 -15.71 69.62
C GLU B 254 22.45 -15.28 68.20
N ALA B 255 21.67 -15.78 67.25
CA ALA B 255 21.87 -15.42 65.84
C ALA B 255 20.72 -15.87 64.97
N GLY B 256 20.58 -15.22 63.82
CA GLY B 256 19.72 -15.70 62.77
C GLY B 256 18.35 -15.04 62.68
N ALA B 257 17.41 -15.77 62.09
CA ALA B 257 16.09 -15.27 61.80
C ALA B 257 15.27 -15.05 63.08
N PRO B 258 14.30 -14.13 63.02
CA PRO B 258 13.46 -13.87 64.20
C PRO B 258 12.48 -14.99 64.50
N TRP B 259 12.34 -15.30 65.78
CA TRP B 259 11.36 -16.30 66.24
C TRP B 259 10.44 -15.64 67.26
N LEU B 260 9.14 -15.90 67.15
CA LEU B 260 8.20 -15.37 68.13
C LEU B 260 7.61 -16.51 68.96
N PRO B 261 7.45 -16.28 70.28
CA PRO B 261 6.76 -17.27 71.10
C PRO B 261 5.27 -17.34 70.75
N THR B 262 4.73 -18.55 70.70
CA THR B 262 3.32 -18.76 70.40
C THR B 262 2.51 -18.81 71.69
N THR B 263 1.24 -19.18 71.59
CA THR B 263 0.33 -19.23 72.75
C THR B 263 0.90 -20.08 73.89
N SER B 264 1.59 -21.16 73.53
CA SER B 264 2.19 -22.07 74.50
C SER B 264 3.56 -21.61 75.00
N SER B 265 4.07 -20.53 74.39
CA SER B 265 5.35 -19.92 74.74
C SER B 265 6.57 -20.80 74.44
N ARG B 266 6.53 -22.08 74.77
CA ARG B 266 7.68 -22.95 74.53
C ARG B 266 7.78 -23.37 73.07
N SER B 267 6.68 -23.24 72.34
CA SER B 267 6.69 -23.45 70.89
C SER B 267 6.88 -22.11 70.18
N LEU B 268 7.86 -22.06 69.30
CA LEU B 268 8.23 -20.83 68.59
C LEU B 268 7.95 -20.93 67.08
N TYR B 269 7.69 -19.78 66.46
CA TYR B 269 7.33 -19.72 65.04
C TYR B 269 8.21 -18.75 64.25
N CYS B 270 8.77 -19.25 63.14
CA CYS B 270 9.51 -18.43 62.20
C CYS B 270 8.92 -18.59 60.79
N ALA B 271 8.48 -17.49 60.21
CA ALA B 271 7.68 -17.52 58.98
C ALA B 271 8.46 -18.00 57.76
N THR B 272 9.79 -18.07 57.87
CA THR B 272 10.64 -18.46 56.75
C THR B 272 11.29 -19.84 56.98
N SER B 273 11.11 -20.38 58.18
CA SER B 273 11.65 -21.70 58.52
C SER B 273 10.64 -22.80 58.22
N ARG B 274 11.12 -23.91 57.69
CA ARG B 274 10.26 -25.03 57.34
C ARG B 274 9.77 -25.75 58.59
N ASP B 275 10.53 -25.60 59.68
CA ASP B 275 10.19 -26.23 60.95
C ASP B 275 9.93 -25.19 62.03
N MET B 276 8.90 -25.45 62.84
CA MET B 276 8.75 -24.76 64.12
C MET B 276 9.62 -25.51 65.12
N ILE B 277 9.73 -24.97 66.33
CA ILE B 277 10.51 -25.64 67.37
C ILE B 277 9.86 -25.51 68.75
N LYS B 278 9.81 -26.63 69.45
CA LYS B 278 9.16 -26.72 70.76
C LYS B 278 10.18 -27.14 71.80
N PHE B 279 10.59 -26.20 72.63
CA PHE B 279 11.67 -26.42 73.59
C PHE B 279 11.19 -26.98 74.93
N SER B 280 12.07 -27.73 75.58
CA SER B 280 11.86 -28.14 76.96
C SER B 280 12.17 -26.92 77.83
N LEU B 281 11.13 -26.26 78.33
CA LEU B 281 11.27 -24.97 79.00
C LEU B 281 10.90 -25.03 80.47
N SER B 282 11.87 -24.75 81.34
CA SER B 282 11.65 -24.83 82.79
C SER B 282 10.86 -23.64 83.31
N VAL B 283 9.59 -23.57 82.91
CA VAL B 283 8.68 -22.51 83.37
C VAL B 283 7.31 -23.11 83.66
N ARG B 284 6.67 -22.61 84.71
CA ARG B 284 5.34 -23.08 85.09
C ARG B 284 4.25 -22.28 84.41
N LEU B 285 3.57 -22.93 83.46
CA LEU B 285 2.42 -22.34 82.77
C LEU B 285 1.16 -23.15 83.06
N THR B 286 0.21 -22.51 83.76
CA THR B 286 -1.02 -23.15 84.23
C THR B 286 -0.84 -24.57 84.77
N ASN B 287 0.08 -24.74 85.70
CA ASN B 287 0.13 -25.97 86.49
C ASN B 287 0.76 -27.19 85.83
N SER B 288 1.64 -26.96 84.87
CA SER B 288 2.55 -28.01 84.40
C SER B 288 3.86 -27.36 83.99
N VAL B 289 4.95 -27.73 84.67
CA VAL B 289 6.27 -27.28 84.28
C VAL B 289 6.51 -27.75 82.85
N ARG B 290 6.99 -26.83 82.00
CA ARG B 290 6.92 -27.05 80.57
C ARG B 290 8.21 -27.64 79.98
N THR B 291 8.88 -28.45 80.79
CA THR B 291 9.96 -29.28 80.28
C THR B 291 9.37 -30.44 79.50
N LEU B 292 10.08 -30.88 78.46
CA LEU B 292 9.69 -32.07 77.71
C LEU B 292 10.41 -33.27 78.28
N SER B 293 9.83 -34.45 78.13
CA SER B 293 10.53 -35.69 78.44
C SER B 293 10.76 -36.46 77.16
N VAL B 294 11.65 -37.42 77.19
CA VAL B 294 11.94 -38.24 76.03
C VAL B 294 10.67 -38.94 75.57
N LYS B 295 9.91 -39.48 76.50
CA LYS B 295 8.70 -40.23 76.15
C LYS B 295 7.67 -39.35 75.44
N GLU B 296 7.66 -38.06 75.76
CA GLU B 296 6.71 -37.14 75.14
C GLU B 296 7.05 -36.87 73.68
N VAL B 297 8.34 -36.79 73.35
CA VAL B 297 8.74 -36.57 71.97
C VAL B 297 8.65 -37.87 71.17
N LYS B 298 8.72 -39.01 71.85
CA LYS B 298 8.54 -40.31 71.19
C LYS B 298 7.12 -40.44 70.65
N ARG B 299 6.19 -39.71 71.26
CA ARG B 299 4.81 -39.72 70.80
C ARG B 299 4.71 -39.06 69.43
N GLY B 300 5.36 -37.90 69.29
CA GLY B 300 5.35 -37.19 68.03
C GLY B 300 6.00 -38.03 66.95
N MET B 301 7.06 -38.73 67.31
CA MET B 301 7.76 -39.61 66.39
C MET B 301 6.88 -40.81 66.04
N ARG B 302 6.16 -41.30 67.04
CA ARG B 302 5.25 -42.42 66.86
C ARG B 302 4.16 -42.06 65.85
N LEU B 303 3.52 -40.91 66.08
CA LEU B 303 2.44 -40.45 65.21
C LEU B 303 2.97 -40.11 63.82
N ALA B 304 4.22 -39.65 63.74
CA ALA B 304 4.82 -39.29 62.47
C ALA B 304 5.07 -40.52 61.62
N ARG B 305 5.64 -41.56 62.23
CA ARG B 305 5.84 -42.83 61.54
C ARG B 305 4.52 -43.45 61.14
N LEU B 306 3.51 -43.24 61.97
CA LEU B 306 2.17 -43.78 61.71
C LEU B 306 1.50 -43.02 60.58
N ALA B 307 1.99 -41.81 60.31
CA ALA B 307 1.43 -40.99 59.24
C ALA B 307 1.98 -41.39 57.87
N GLN B 308 2.85 -42.38 57.85
CA GLN B 308 3.40 -42.92 56.61
C GLN B 308 2.63 -44.16 56.14
N THR B 309 1.74 -44.65 56.99
CA THR B 309 1.00 -45.88 56.71
C THR B 309 -0.13 -45.64 55.73
N ASP B 310 -0.64 -46.72 55.16
CA ASP B 310 -1.69 -46.64 54.15
C ASP B 310 -3.03 -46.19 54.73
N ASP B 311 -3.30 -46.57 55.98
CA ASP B 311 -4.59 -46.23 56.60
C ASP B 311 -4.66 -44.75 56.94
N TRP B 312 -3.55 -44.17 57.38
CA TRP B 312 -3.47 -42.74 57.57
C TRP B 312 -3.73 -42.05 56.25
N GLN B 313 -3.12 -42.63 55.22
CA GLN B 313 -3.25 -42.13 53.85
C GLN B 313 -4.72 -42.11 53.43
N THR B 314 -5.45 -43.12 53.88
CA THR B 314 -6.89 -43.22 53.59
C THR B 314 -7.63 -42.12 54.34
N LEU B 315 -7.30 -41.95 55.60
CA LEU B 315 -7.89 -40.92 56.44
C LEU B 315 -7.69 -39.54 55.82
N GLN B 316 -6.46 -39.26 55.39
CA GLN B 316 -6.14 -37.98 54.76
C GLN B 316 -6.96 -37.77 53.48
N ALA B 317 -7.10 -38.82 52.69
CA ALA B 317 -7.84 -38.76 51.43
C ALA B 317 -9.32 -38.49 51.67
N ARG B 318 -9.81 -38.97 52.80
CA ARG B 318 -11.20 -38.78 53.19
C ARG B 318 -11.42 -37.34 53.70
N PHE B 319 -10.38 -36.79 54.32
CA PHE B 319 -10.41 -35.43 54.87
C PHE B 319 -9.23 -34.61 54.37
N PRO B 320 -9.27 -34.20 53.09
CA PRO B 320 -8.13 -33.48 52.50
C PRO B 320 -7.85 -32.12 53.14
N THR B 321 -8.86 -31.52 53.77
CA THR B 321 -8.70 -30.21 54.40
C THR B 321 -8.16 -30.34 55.83
N PHE B 322 -8.04 -31.57 56.32
CA PHE B 322 -7.51 -31.82 57.65
C PHE B 322 -6.03 -32.21 57.62
N ARG B 323 -5.20 -31.44 58.31
CA ARG B 323 -3.79 -31.75 58.47
C ARG B 323 -3.40 -31.93 59.92
N VAL B 324 -2.23 -32.54 60.14
CA VAL B 324 -1.61 -32.57 61.45
C VAL B 324 -0.18 -32.05 61.29
N MET B 325 0.25 -31.22 62.22
CA MET B 325 1.62 -30.75 62.22
C MET B 325 2.52 -31.79 62.86
N GLN B 326 3.04 -32.68 62.02
CA GLN B 326 3.85 -33.79 62.49
C GLN B 326 5.11 -33.30 63.19
N GLU B 327 5.41 -33.91 64.33
CA GLU B 327 6.64 -33.63 65.06
C GLU B 327 7.62 -34.77 64.79
N ASP B 328 8.19 -34.74 63.59
CA ASP B 328 8.94 -35.88 63.06
C ASP B 328 10.44 -35.73 63.30
N GLY B 329 10.80 -34.96 64.33
CA GLY B 329 12.19 -34.81 64.70
C GLY B 329 12.34 -34.28 66.11
N TRP B 330 13.44 -34.63 66.75
CA TRP B 330 13.77 -34.11 68.08
C TRP B 330 15.25 -34.28 68.34
N ALA B 331 15.75 -33.53 69.31
CA ALA B 331 17.15 -33.62 69.68
C ALA B 331 17.35 -33.15 71.11
N GLY B 332 18.54 -33.42 71.65
CA GLY B 332 18.87 -33.03 73.01
C GLY B 332 20.35 -33.17 73.25
N LEU B 333 20.80 -32.68 74.40
CA LEU B 333 22.21 -32.78 74.77
C LEU B 333 22.45 -33.96 75.71
N ARG B 334 23.57 -34.63 75.51
CA ARG B 334 24.04 -35.66 76.43
C ARG B 334 25.08 -35.08 77.39
N ASP B 335 25.04 -35.48 78.66
CA ASP B 335 26.11 -35.12 79.58
C ASP B 335 27.34 -35.97 79.24
N LEU B 336 28.40 -35.82 80.01
CA LEU B 336 29.64 -36.52 79.72
C LEU B 336 29.48 -38.04 79.87
N HIS B 337 28.46 -38.46 80.61
CA HIS B 337 28.21 -39.89 80.83
C HIS B 337 27.25 -40.49 79.80
N GLY B 338 26.72 -39.65 78.91
CA GLY B 338 25.83 -40.11 77.86
C GLY B 338 24.36 -39.96 78.21
N ASN B 339 24.07 -39.52 79.43
CA ASN B 339 22.70 -39.31 79.86
C ASN B 339 22.05 -38.16 79.11
N ILE B 340 20.88 -38.42 78.53
CA ILE B 340 20.11 -37.39 77.84
C ILE B 340 19.56 -36.40 78.86
N MET B 341 20.01 -35.16 78.78
CA MET B 341 19.59 -34.14 79.72
C MET B 341 18.24 -33.55 79.29
N GLN B 342 17.23 -33.80 80.11
CA GLN B 342 15.85 -33.50 79.81
C GLN B 342 15.58 -32.04 79.51
N GLU B 343 16.33 -31.16 80.18
CA GLU B 343 16.09 -29.72 80.09
C GLU B 343 16.71 -29.09 78.84
N SER B 344 17.29 -29.92 77.97
CA SER B 344 17.89 -29.46 76.73
C SER B 344 17.13 -29.95 75.49
N LEU B 345 16.05 -30.70 75.73
CA LEU B 345 15.28 -31.29 74.64
C LEU B 345 14.51 -30.28 73.82
N PHE B 346 14.29 -30.60 72.55
CA PHE B 346 13.32 -29.89 71.73
C PHE B 346 12.79 -30.81 70.66
N ALA B 347 11.59 -30.50 70.16
CA ALA B 347 11.00 -31.21 69.05
C ALA B 347 10.82 -30.25 67.89
N LEU B 348 10.93 -30.78 66.69
CA LEU B 348 10.72 -29.99 65.48
C LEU B 348 9.34 -30.30 64.92
N ARG B 349 8.60 -29.24 64.62
CA ARG B 349 7.22 -29.35 64.15
C ARG B 349 7.10 -28.81 62.74
N GLU B 350 6.44 -29.58 61.86
CA GLU B 350 6.20 -29.15 60.49
C GLU B 350 5.54 -27.77 60.45
N ASN B 351 6.20 -26.82 59.79
CA ASN B 351 5.56 -25.55 59.50
C ASN B 351 4.83 -25.64 58.16
N LEU B 352 3.60 -26.14 58.22
CA LEU B 352 2.79 -26.30 57.02
C LEU B 352 2.33 -24.97 56.44
N LEU B 353 2.66 -23.88 57.15
CA LEU B 353 2.28 -22.53 56.72
C LEU B 353 3.44 -21.77 56.09
N VAL B 354 4.59 -22.43 55.93
CA VAL B 354 5.79 -21.76 55.44
C VAL B 354 5.58 -21.17 54.05
N ASP B 355 4.72 -21.81 53.26
CA ASP B 355 4.50 -21.41 51.88
C ASP B 355 3.36 -20.40 51.72
N GLN B 356 2.50 -20.31 52.72
CA GLN B 356 1.52 -19.22 52.79
C GLN B 356 1.49 -18.64 54.20
N PRO B 357 2.45 -17.76 54.51
CA PRO B 357 2.54 -17.17 55.84
C PRO B 357 1.37 -16.21 56.15
N GLN B 358 0.71 -15.72 55.12
CA GLN B 358 -0.38 -14.76 55.29
C GLN B 358 -1.77 -15.42 55.19
N SER B 359 -1.82 -16.74 55.22
CA SER B 359 -3.11 -17.43 55.23
C SER B 359 -3.86 -17.08 56.49
N GLN B 360 -5.19 -17.14 56.43
CA GLN B 360 -6.02 -16.90 57.60
C GLN B 360 -6.19 -18.18 58.39
N THR B 361 -5.07 -18.71 58.89
CA THR B 361 -5.08 -19.83 59.81
C THR B 361 -4.81 -19.30 61.21
N ASN B 362 -5.82 -19.35 62.07
CA ASN B 362 -5.72 -18.83 63.43
C ASN B 362 -6.00 -19.90 64.48
N VAL B 363 -5.23 -19.87 65.56
CA VAL B 363 -5.52 -20.73 66.70
C VAL B 363 -6.88 -20.30 67.26
N LEU B 364 -7.72 -21.28 67.58
CA LEU B 364 -9.12 -20.99 67.92
C LEU B 364 -9.27 -20.19 69.21
N VAL B 365 -8.34 -20.37 70.15
CA VAL B 365 -8.46 -19.78 71.48
C VAL B 365 -8.39 -18.25 71.47
N SER B 366 -7.57 -17.70 70.58
CA SER B 366 -7.45 -16.26 70.48
C SER B 366 -8.74 -15.62 69.95
N LEU B 367 -9.42 -16.35 69.07
CA LEU B 367 -10.63 -15.84 68.42
C LEU B 367 -11.78 -15.72 69.40
N THR B 368 -11.97 -16.76 70.21
CA THR B 368 -13.08 -16.82 71.15
C THR B 368 -12.91 -15.98 72.39
N GLN B 369 -11.66 -15.71 72.77
CA GLN B 369 -11.36 -14.95 73.99
C GLN B 369 -12.17 -13.66 74.02
N ALA B 370 -12.67 -13.33 75.21
CA ALA B 370 -13.40 -12.10 75.42
C ALA B 370 -12.44 -10.92 75.28
N ALA B 371 -12.92 -9.84 74.67
CA ALA B 371 -12.09 -8.68 74.41
C ALA B 371 -11.72 -7.96 75.71
N PRO B 372 -10.41 -7.75 75.95
CA PRO B 372 -10.03 -7.03 77.17
C PRO B 372 -10.65 -5.64 77.29
N ASP B 373 -11.10 -5.05 76.18
CA ASP B 373 -11.75 -3.75 76.21
C ASP B 373 -13.27 -3.87 76.16
N GLY B 374 -13.76 -5.10 76.16
CA GLY B 374 -15.19 -5.35 76.20
C GLY B 374 -15.87 -5.30 74.84
N GLY B 375 -15.07 -5.13 73.78
CA GLY B 375 -15.61 -5.02 72.44
C GLY B 375 -15.85 -6.38 71.80
N ASP B 376 -15.94 -6.39 70.47
CA ASP B 376 -16.10 -7.63 69.71
C ASP B 376 -14.90 -8.55 69.87
N SER B 377 -15.16 -9.84 70.10
CA SER B 377 -14.10 -10.83 70.06
C SER B 377 -13.61 -10.92 68.62
N LEU B 378 -12.43 -11.48 68.43
CA LEU B 378 -11.85 -11.58 67.10
C LEU B 378 -12.61 -12.58 66.24
N LEU B 379 -13.28 -13.53 66.90
CA LEU B 379 -14.18 -14.45 66.19
C LEU B 379 -15.35 -13.65 65.61
N VAL B 380 -15.89 -12.76 66.42
CA VAL B 380 -17.05 -11.97 66.05
C VAL B 380 -16.70 -10.97 64.95
N ALA B 381 -15.50 -10.41 65.02
CA ALA B 381 -15.02 -9.51 63.98
C ALA B 381 -14.93 -10.22 62.63
N ALA B 382 -14.53 -11.50 62.67
CA ALA B 382 -14.44 -12.32 61.47
C ALA B 382 -15.83 -12.63 60.90
N VAL B 383 -16.74 -13.06 61.77
CA VAL B 383 -18.11 -13.38 61.39
C VAL B 383 -18.82 -12.14 60.82
N LYS B 384 -18.55 -10.99 61.40
CA LYS B 384 -19.11 -9.74 60.91
C LYS B 384 -18.57 -9.41 59.51
N ARG B 385 -17.31 -9.75 59.26
CA ARG B 385 -16.72 -9.56 57.93
C ARG B 385 -17.30 -10.56 56.94
N LEU B 386 -17.58 -11.76 57.41
CA LEU B 386 -18.22 -12.78 56.59
C LEU B 386 -19.62 -12.31 56.19
N SER B 387 -20.33 -11.70 57.14
CA SER B 387 -21.65 -11.15 56.90
C SER B 387 -21.62 -10.04 55.85
N ASP B 388 -20.66 -9.13 56.00
CA ASP B 388 -20.58 -7.97 55.11
C ASP B 388 -20.14 -8.35 53.71
N ARG B 389 -19.30 -9.38 53.59
CA ARG B 389 -18.81 -9.82 52.29
C ARG B 389 -19.89 -10.57 51.51
N LEU B 390 -20.58 -11.47 52.20
CA LEU B 390 -21.61 -12.31 51.56
C LEU B 390 -22.96 -11.60 51.47
N GLY B 391 -23.08 -10.46 52.14
CA GLY B 391 -24.34 -9.72 52.14
C GLY B 391 -25.45 -10.45 52.88
N ILE B 392 -25.07 -11.30 53.84
CA ILE B 392 -26.03 -11.98 54.70
C ILE B 392 -26.05 -11.30 56.07
N THR B 393 -26.98 -11.71 56.93
CA THR B 393 -27.05 -11.14 58.27
C THR B 393 -25.90 -11.64 59.14
N ALA B 394 -25.78 -11.08 60.33
CA ALA B 394 -24.73 -11.50 61.25
C ALA B 394 -25.07 -12.84 61.88
N GLN B 395 -26.36 -13.12 62.03
CA GLN B 395 -26.80 -14.40 62.58
C GLN B 395 -26.64 -15.51 61.55
N GLN B 396 -26.93 -15.20 60.30
CA GLN B 396 -26.73 -16.14 59.21
C GLN B 396 -25.25 -16.45 59.04
N ALA B 397 -24.41 -15.44 59.22
CA ALA B 397 -22.97 -15.61 59.16
C ALA B 397 -22.49 -16.40 60.39
N ALA B 398 -23.12 -16.14 61.53
CA ALA B 398 -22.82 -16.87 62.75
C ALA B 398 -23.12 -18.35 62.56
N HIS B 399 -24.33 -18.63 62.09
CA HIS B 399 -24.74 -19.99 61.79
C HIS B 399 -23.82 -20.67 60.79
N ALA B 400 -23.53 -19.96 59.70
CA ALA B 400 -22.68 -20.49 58.64
C ALA B 400 -21.28 -20.82 59.17
N TRP B 401 -20.75 -19.96 60.04
CA TRP B 401 -19.42 -20.16 60.58
C TRP B 401 -19.40 -21.39 61.49
N VAL B 402 -20.46 -21.53 62.30
CA VAL B 402 -20.55 -22.65 63.24
C VAL B 402 -20.70 -23.99 62.53
N ASP B 403 -21.60 -24.05 61.54
CA ASP B 403 -21.79 -25.26 60.76
C ASP B 403 -20.50 -25.70 60.07
N ALA B 404 -19.78 -24.73 59.51
CA ALA B 404 -18.51 -25.02 58.85
C ALA B 404 -17.49 -25.50 59.88
N TYR B 405 -17.52 -24.92 61.07
CA TYR B 405 -16.63 -25.36 62.14
C TYR B 405 -16.90 -26.82 62.48
N CYS B 406 -18.18 -27.20 62.47
CA CYS B 406 -18.57 -28.57 62.77
C CYS B 406 -18.07 -29.53 61.70
N HIS B 407 -18.20 -29.15 60.44
CA HIS B 407 -17.78 -30.00 59.33
C HIS B 407 -16.26 -30.04 59.17
N GLN B 408 -15.61 -28.89 59.38
CA GLN B 408 -14.17 -28.80 59.14
C GLN B 408 -13.32 -29.23 60.34
N VAL B 409 -13.83 -29.02 61.56
CA VAL B 409 -13.07 -29.33 62.76
C VAL B 409 -13.54 -30.61 63.42
N LEU B 410 -14.81 -30.64 63.84
CA LEU B 410 -15.32 -31.77 64.61
C LEU B 410 -15.37 -33.05 63.80
N LYS B 411 -15.83 -32.97 62.56
CA LYS B 411 -16.05 -34.17 61.74
C LYS B 411 -14.79 -35.02 61.58
N PRO B 412 -13.66 -34.41 61.20
CA PRO B 412 -12.46 -35.24 61.07
C PRO B 412 -11.97 -35.80 62.41
N LEU B 413 -12.13 -35.05 63.49
CA LEU B 413 -11.59 -35.45 64.79
C LEU B 413 -12.36 -36.62 65.39
N PHE B 414 -13.69 -36.54 65.37
CA PHE B 414 -14.52 -37.64 65.86
C PHE B 414 -14.38 -38.87 64.98
N THR B 415 -14.21 -38.66 63.68
CA THR B 415 -14.11 -39.75 62.72
C THR B 415 -12.77 -40.46 62.83
N ALA B 416 -11.74 -39.74 63.24
CA ALA B 416 -10.40 -40.32 63.39
C ALA B 416 -10.37 -41.28 64.57
N GLU B 417 -11.15 -40.98 65.59
CA GLU B 417 -11.27 -41.86 66.76
C GLU B 417 -12.18 -43.04 66.45
N ALA B 418 -13.36 -42.74 65.90
CA ALA B 418 -14.38 -43.77 65.69
C ALA B 418 -13.93 -44.83 64.68
N ASP B 419 -13.53 -44.38 63.50
CA ASP B 419 -13.23 -45.30 62.40
C ASP B 419 -11.83 -45.89 62.48
N TYR B 420 -10.86 -45.10 62.93
CA TYR B 420 -9.46 -45.52 62.90
C TYR B 420 -8.85 -45.73 64.29
N GLY B 421 -9.48 -45.18 65.32
CA GLY B 421 -9.01 -45.35 66.69
C GLY B 421 -7.92 -44.35 67.08
N LEU B 422 -7.90 -43.21 66.41
CA LEU B 422 -6.92 -42.16 66.70
C LEU B 422 -7.52 -41.07 67.57
N VAL B 423 -6.86 -40.77 68.69
CA VAL B 423 -7.36 -39.81 69.67
C VAL B 423 -6.52 -38.53 69.68
N LEU B 424 -7.01 -37.49 69.03
CA LEU B 424 -6.37 -36.19 69.07
C LEU B 424 -7.10 -35.31 70.08
N LEU B 425 -6.43 -35.03 71.20
CA LEU B 425 -7.03 -34.22 72.26
C LEU B 425 -6.91 -32.74 71.91
N ALA B 426 -7.95 -32.23 71.29
CA ALA B 426 -7.91 -30.91 70.68
C ALA B 426 -8.45 -29.81 71.57
N HIS B 427 -7.54 -29.10 72.24
CA HIS B 427 -7.91 -27.89 72.96
C HIS B 427 -8.41 -26.84 71.99
N GLN B 428 -8.78 -25.70 72.55
CA GLN B 428 -9.02 -24.50 71.78
C GLN B 428 -7.70 -23.94 71.26
N GLN B 429 -6.60 -24.43 71.83
CA GLN B 429 -5.27 -23.92 71.53
C GLN B 429 -4.50 -24.88 70.63
N ASN B 430 -4.95 -26.13 70.55
CA ASN B 430 -4.38 -27.11 69.63
C ASN B 430 -5.05 -27.05 68.26
N ILE B 431 -6.23 -26.43 68.21
CA ILE B 431 -6.99 -26.30 66.98
C ILE B 431 -6.62 -25.05 66.19
N LEU B 432 -6.09 -25.27 64.99
CA LEU B 432 -5.85 -24.17 64.06
C LEU B 432 -6.96 -24.18 63.02
N VAL B 433 -7.76 -23.13 63.02
CA VAL B 433 -8.88 -23.01 62.09
C VAL B 433 -8.41 -22.35 60.81
N GLN B 434 -8.26 -23.16 59.77
CA GLN B 434 -7.96 -22.65 58.44
C GLN B 434 -9.18 -21.94 57.89
N MET B 435 -9.02 -20.69 57.50
CA MET B 435 -10.13 -19.90 56.98
C MET B 435 -9.79 -19.24 55.65
N LEU B 436 -10.83 -18.97 54.89
CA LEU B 436 -10.73 -18.26 53.62
C LEU B 436 -11.95 -17.37 53.53
N GLY B 437 -11.74 -16.06 53.57
CA GLY B 437 -12.84 -15.11 53.58
C GLY B 437 -13.62 -15.19 54.88
N ASP B 438 -12.91 -15.48 55.96
CA ASP B 438 -13.47 -15.54 57.31
C ASP B 438 -14.47 -16.68 57.45
N LEU B 439 -14.25 -17.77 56.71
CA LEU B 439 -15.06 -18.97 56.83
C LEU B 439 -14.15 -20.18 57.01
N PRO B 440 -14.44 -21.04 58.01
CA PRO B 440 -13.60 -22.23 58.16
C PRO B 440 -13.64 -23.15 56.95
N VAL B 441 -12.49 -23.39 56.34
CA VAL B 441 -12.40 -24.24 55.16
C VAL B 441 -11.53 -25.46 55.42
N GLY B 442 -10.91 -25.51 56.60
CA GLY B 442 -10.05 -26.63 56.94
C GLY B 442 -9.53 -26.59 58.36
N LEU B 443 -8.87 -27.67 58.76
CA LEU B 443 -8.31 -27.81 60.10
C LEU B 443 -6.85 -28.24 60.05
N ILE B 444 -6.06 -27.64 60.94
CA ILE B 444 -4.71 -28.12 61.21
C ILE B 444 -4.60 -28.36 62.71
N TYR B 445 -4.28 -29.60 63.09
CA TYR B 445 -4.10 -29.94 64.49
C TYR B 445 -2.64 -29.86 64.88
N ARG B 446 -2.41 -29.35 66.09
CA ARG B 446 -1.07 -29.14 66.61
C ARG B 446 -0.94 -29.78 68.00
N ASP B 447 0.30 -30.12 68.37
CA ASP B 447 0.64 -30.72 69.67
C ASP B 447 0.36 -32.21 69.67
N CYS B 448 1.40 -32.99 69.38
CA CYS B 448 1.26 -34.42 69.17
C CYS B 448 1.45 -35.26 70.44
N GLN B 449 1.74 -34.63 71.57
CA GLN B 449 1.77 -35.37 72.83
C GLN B 449 0.35 -35.50 73.37
N GLY B 450 -0.58 -34.84 72.69
CA GLY B 450 -1.99 -34.99 72.98
C GLY B 450 -2.59 -36.10 72.13
N SER B 451 -1.73 -36.86 71.45
CA SER B 451 -2.18 -37.98 70.65
C SER B 451 -2.24 -39.24 71.50
N ALA B 452 -3.35 -39.97 71.38
CA ALA B 452 -3.51 -41.26 72.03
C ALA B 452 -4.21 -42.22 71.08
N PHE B 453 -4.26 -43.50 71.45
CA PHE B 453 -4.85 -44.52 70.58
C PHE B 453 -5.85 -45.39 71.33
N MET B 454 -6.92 -45.76 70.64
CA MET B 454 -7.94 -46.64 71.20
C MET B 454 -7.58 -48.09 70.88
N PRO B 455 -8.19 -49.05 71.60
CA PRO B 455 -7.88 -50.47 71.40
C PRO B 455 -8.05 -50.94 69.96
N HIS B 456 -8.98 -50.34 69.22
CA HIS B 456 -9.26 -50.76 67.85
C HIS B 456 -8.32 -50.11 66.83
N ALA B 457 -7.26 -49.48 67.33
CA ALA B 457 -6.18 -48.99 66.49
C ALA B 457 -4.98 -49.91 66.58
N ALA B 458 -5.08 -50.90 67.46
CA ALA B 458 -3.95 -51.76 67.82
C ALA B 458 -3.31 -52.46 66.62
N GLY B 459 -4.15 -52.99 65.74
CA GLY B 459 -3.65 -53.70 64.57
C GLY B 459 -2.89 -52.77 63.65
N TRP B 460 -3.36 -51.52 63.57
CA TRP B 460 -2.75 -50.51 62.74
C TRP B 460 -1.39 -50.10 63.29
N LEU B 461 -1.31 -50.00 64.61
CA LEU B 461 -0.05 -49.69 65.29
C LEU B 461 0.93 -50.84 65.10
N ASP B 462 0.41 -52.06 65.05
CA ASP B 462 1.23 -53.24 64.84
C ASP B 462 1.97 -53.18 63.50
N THR B 463 1.47 -52.34 62.59
CA THR B 463 2.10 -52.15 61.30
C THR B 463 3.50 -51.55 61.48
N ILE B 464 3.60 -50.55 62.34
CA ILE B 464 4.87 -49.89 62.62
C ILE B 464 5.51 -50.44 63.89
N GLY B 465 4.82 -51.36 64.56
CA GLY B 465 5.35 -52.01 65.75
C GLY B 465 5.22 -51.18 67.01
N GLU B 466 4.17 -50.37 67.07
CA GLU B 466 3.93 -49.47 68.19
C GLU B 466 2.68 -49.87 68.99
N ALA B 467 2.15 -51.06 68.73
CA ALA B 467 0.92 -51.50 69.40
C ALA B 467 1.08 -51.54 70.92
N GLN B 468 2.33 -51.61 71.38
CA GLN B 468 2.63 -51.58 72.81
C GLN B 468 2.97 -50.17 73.27
N ALA B 469 2.47 -49.17 72.55
CA ALA B 469 2.77 -47.78 72.86
C ALA B 469 2.20 -47.38 74.21
N GLU B 470 2.83 -46.39 74.83
CA GLU B 470 2.45 -45.92 76.15
C GLU B 470 1.14 -45.13 76.11
N ASN B 471 0.94 -44.35 75.05
CA ASN B 471 -0.20 -43.44 74.99
C ASN B 471 -1.44 -44.09 74.40
N VAL B 472 -1.74 -45.30 74.86
CA VAL B 472 -3.00 -45.96 74.50
C VAL B 472 -4.04 -45.70 75.58
N PHE B 473 -5.26 -45.38 75.16
CA PHE B 473 -6.35 -45.09 76.08
C PHE B 473 -7.30 -46.26 76.28
N THR B 474 -7.99 -46.24 77.42
CA THR B 474 -9.11 -47.13 77.68
C THR B 474 -10.39 -46.42 77.26
N ARG B 475 -11.53 -47.08 77.46
CA ARG B 475 -12.82 -46.50 77.12
C ARG B 475 -13.16 -45.32 78.03
N GLU B 476 -12.98 -45.52 79.34
CA GLU B 476 -13.26 -44.48 80.33
C GLU B 476 -12.42 -43.23 80.09
N GLN B 477 -11.15 -43.43 79.76
CA GLN B 477 -10.23 -42.32 79.53
C GLN B 477 -10.65 -41.47 78.33
N LEU B 478 -11.14 -42.13 77.28
CA LEU B 478 -11.64 -41.42 76.11
C LEU B 478 -12.85 -40.57 76.47
N LEU B 479 -13.82 -41.17 77.15
CA LEU B 479 -15.03 -40.48 77.53
C LEU B 479 -14.73 -39.37 78.54
N ARG B 480 -13.67 -39.55 79.31
CA ARG B 480 -13.26 -38.56 80.30
C ARG B 480 -12.75 -37.28 79.64
N TYR B 481 -11.72 -37.42 78.82
CA TYR B 481 -10.97 -36.27 78.30
C TYR B 481 -11.53 -35.71 76.99
N PHE B 482 -11.88 -36.60 76.08
CA PHE B 482 -12.18 -36.22 74.70
C PHE B 482 -13.37 -35.27 74.52
N PRO B 483 -14.48 -35.51 75.26
CA PRO B 483 -15.58 -34.55 75.12
C PRO B 483 -15.28 -33.19 75.77
N TYR B 484 -14.55 -33.18 76.88
CA TYR B 484 -14.21 -31.92 77.53
C TYR B 484 -13.39 -31.03 76.58
N TYR B 485 -12.24 -31.55 76.17
CA TYR B 485 -11.31 -30.78 75.34
C TYR B 485 -11.95 -30.29 74.04
N LEU B 486 -12.80 -31.13 73.45
CA LEU B 486 -13.28 -30.89 72.10
C LEU B 486 -14.63 -30.15 72.05
N LEU B 487 -15.44 -30.30 73.08
CA LEU B 487 -16.72 -29.58 73.14
C LEU B 487 -16.72 -28.48 74.19
N VAL B 488 -16.36 -28.83 75.42
CA VAL B 488 -16.35 -27.85 76.49
C VAL B 488 -15.27 -26.80 76.24
N ASN B 489 -14.02 -27.24 76.20
CA ASN B 489 -12.89 -26.34 75.99
C ASN B 489 -12.59 -26.17 74.50
N SER B 490 -13.62 -25.88 73.72
CA SER B 490 -13.46 -25.68 72.28
C SER B 490 -14.75 -25.19 71.62
N THR B 491 -15.69 -26.10 71.42
CA THR B 491 -16.91 -25.80 70.67
C THR B 491 -17.80 -24.83 71.42
N PHE B 492 -17.84 -24.93 72.75
CA PHE B 492 -18.73 -24.09 73.54
C PHE B 492 -18.18 -22.68 73.69
N ALA B 493 -16.87 -22.52 73.53
CA ALA B 493 -16.28 -21.19 73.55
C ALA B 493 -16.68 -20.45 72.27
N VAL B 494 -16.87 -21.22 71.21
CA VAL B 494 -17.34 -20.67 69.94
C VAL B 494 -18.78 -20.20 70.08
N THR B 495 -19.64 -21.07 70.62
CA THR B 495 -21.05 -20.75 70.79
C THR B 495 -21.25 -19.66 71.83
N ALA B 496 -20.43 -19.69 72.88
CA ALA B 496 -20.51 -18.70 73.94
C ALA B 496 -20.07 -17.32 73.44
N ALA B 497 -19.03 -17.30 72.64
CA ALA B 497 -18.49 -16.04 72.13
C ALA B 497 -19.51 -15.37 71.22
N LEU B 498 -20.23 -16.18 70.47
CA LEU B 498 -21.28 -15.67 69.58
C LEU B 498 -22.53 -15.36 70.38
N GLY B 499 -22.81 -16.17 71.38
CA GLY B 499 -23.93 -15.91 72.28
C GLY B 499 -23.72 -14.63 73.06
N ALA B 500 -22.48 -14.36 73.43
CA ALA B 500 -22.16 -13.18 74.21
C ALA B 500 -22.29 -11.93 73.35
N ALA B 501 -22.11 -12.08 72.04
CA ALA B 501 -22.21 -10.96 71.11
C ALA B 501 -23.66 -10.71 70.71
N GLY B 502 -24.56 -11.60 71.11
CA GLY B 502 -25.98 -11.43 70.88
C GLY B 502 -26.43 -11.79 69.48
N LEU B 503 -25.55 -12.43 68.72
CA LEU B 503 -25.87 -12.83 67.35
C LEU B 503 -26.95 -13.90 67.36
N ASP B 504 -26.88 -14.79 68.36
CA ASP B 504 -27.89 -15.83 68.58
C ASP B 504 -27.58 -16.52 69.90
N SER B 505 -28.59 -17.05 70.57
CA SER B 505 -28.40 -17.68 71.88
C SER B 505 -27.43 -18.86 71.81
N GLU B 506 -26.82 -19.21 72.95
CA GLU B 506 -25.97 -20.39 73.00
C GLU B 506 -26.80 -21.65 72.77
N ALA B 507 -28.01 -21.66 73.30
CA ALA B 507 -28.90 -22.81 73.19
C ALA B 507 -29.23 -23.11 71.73
N ASN B 508 -29.52 -22.08 70.96
CA ASN B 508 -29.84 -22.23 69.54
C ASN B 508 -28.61 -22.68 68.74
N LEU B 509 -27.45 -22.17 69.11
CA LEU B 509 -26.22 -22.51 68.42
C LEU B 509 -25.75 -23.92 68.77
N MET B 510 -26.03 -24.34 70.00
CA MET B 510 -25.68 -25.70 70.42
C MET B 510 -26.64 -26.70 69.77
N ALA B 511 -27.83 -26.23 69.43
CA ALA B 511 -28.81 -27.07 68.74
C ALA B 511 -28.33 -27.35 67.32
N ARG B 512 -27.58 -26.42 66.76
CA ARG B 512 -26.98 -26.61 65.43
C ARG B 512 -25.87 -27.66 65.51
N VAL B 513 -25.09 -27.59 66.58
CA VAL B 513 -24.05 -28.58 66.83
C VAL B 513 -24.71 -29.92 67.09
N ARG B 514 -25.77 -29.91 67.90
CA ARG B 514 -26.54 -31.09 68.23
C ARG B 514 -26.97 -31.83 66.97
N THR B 515 -27.49 -31.07 66.00
CA THR B 515 -27.98 -31.64 64.75
C THR B 515 -26.88 -32.29 63.93
N LEU B 516 -25.74 -31.61 63.83
CA LEU B 516 -24.66 -32.05 62.97
C LEU B 516 -23.88 -33.21 63.59
N LEU B 517 -23.73 -33.20 64.91
CA LEU B 517 -23.06 -34.30 65.59
C LEU B 517 -23.86 -35.60 65.41
N ALA B 518 -25.19 -35.47 65.41
CA ALA B 518 -26.06 -36.61 65.22
C ALA B 518 -25.85 -37.24 63.84
N GLU B 519 -25.75 -36.38 62.82
CA GLU B 519 -25.52 -36.85 61.46
C GLU B 519 -24.19 -37.60 61.36
N MET B 520 -23.19 -37.09 62.07
CA MET B 520 -21.85 -37.71 62.08
C MET B 520 -21.89 -39.09 62.71
N ARG B 521 -22.67 -39.23 63.77
CA ARG B 521 -22.76 -40.49 64.50
C ARG B 521 -23.26 -41.62 63.61
N ASP B 522 -24.24 -41.30 62.77
CA ASP B 522 -24.86 -42.30 61.91
C ASP B 522 -23.87 -42.86 60.88
N GLN B 523 -22.82 -42.09 60.61
CA GLN B 523 -21.88 -42.44 59.55
C GLN B 523 -20.64 -43.19 60.04
N VAL B 524 -20.33 -43.07 61.34
CA VAL B 524 -19.11 -43.68 61.88
C VAL B 524 -19.33 -45.12 62.32
N THR B 525 -18.21 -45.84 62.51
CA THR B 525 -18.24 -47.23 62.91
C THR B 525 -18.54 -47.38 64.40
N HIS B 526 -17.67 -46.80 65.22
CA HIS B 526 -17.79 -46.88 66.67
C HIS B 526 -18.50 -45.65 67.24
N LYS B 527 -19.77 -45.82 67.59
CA LYS B 527 -20.61 -44.71 68.03
C LYS B 527 -20.45 -44.40 69.51
N THR B 528 -19.53 -45.10 70.18
CA THR B 528 -19.36 -44.98 71.62
C THR B 528 -19.15 -43.53 72.09
N CYS B 529 -18.18 -42.85 71.50
CA CYS B 529 -17.84 -41.50 71.91
C CYS B 529 -19.01 -40.51 71.68
N LEU B 530 -19.57 -40.53 70.47
CA LEU B 530 -20.63 -39.60 70.09
C LEU B 530 -21.94 -39.84 70.83
N ASN B 531 -22.28 -41.10 71.07
CA ASN B 531 -23.43 -41.43 71.91
C ASN B 531 -23.34 -40.71 73.24
N TYR B 532 -22.23 -40.94 73.94
CA TYR B 532 -21.95 -40.29 75.22
C TYR B 532 -22.15 -38.77 75.14
N VAL B 533 -21.69 -38.18 74.05
CA VAL B 533 -21.78 -36.73 73.85
C VAL B 533 -23.24 -36.26 73.73
N LEU B 534 -24.06 -37.04 73.03
CA LEU B 534 -25.42 -36.64 72.71
C LEU B 534 -26.49 -37.23 73.64
N GLU B 535 -26.09 -38.13 74.54
CA GLU B 535 -27.06 -38.85 75.36
C GLU B 535 -26.77 -38.88 76.86
N ASN B 536 -25.50 -38.81 77.26
CA ASN B 536 -25.18 -38.88 78.68
C ASN B 536 -25.62 -37.62 79.43
N PRO B 537 -26.33 -37.79 80.56
CA PRO B 537 -26.77 -36.60 81.31
C PRO B 537 -25.62 -35.72 81.80
N TYR B 538 -24.54 -36.30 82.30
CA TYR B 538 -23.44 -35.52 82.90
C TYR B 538 -22.07 -36.01 82.51
N TRP B 539 -21.22 -35.08 82.09
CA TRP B 539 -19.83 -35.37 81.74
C TRP B 539 -18.93 -35.11 82.95
N ASN B 540 -18.49 -36.17 83.60
CA ASN B 540 -17.57 -36.01 84.73
C ASN B 540 -16.18 -35.71 84.19
N VAL B 541 -15.60 -34.60 84.64
CA VAL B 541 -14.35 -34.09 84.07
C VAL B 541 -13.46 -33.39 85.08
N LYS B 542 -12.27 -33.01 84.63
CA LYS B 542 -11.26 -32.36 85.46
C LYS B 542 -11.44 -30.84 85.51
N GLY B 543 -11.45 -30.29 86.71
CA GLY B 543 -11.51 -28.85 86.92
C GLY B 543 -10.14 -28.30 87.24
N ASN B 544 -9.86 -27.10 86.74
CA ASN B 544 -8.54 -26.50 86.91
C ASN B 544 -8.42 -25.68 88.20
N PHE B 545 -9.55 -25.24 88.74
CA PHE B 545 -9.56 -24.37 89.91
C PHE B 545 -9.02 -25.09 91.14
N PHE B 546 -9.74 -26.11 91.60
CA PHE B 546 -9.36 -26.83 92.80
C PHE B 546 -8.13 -27.71 92.57
N CYS B 547 -7.81 -27.95 91.31
CA CYS B 547 -6.61 -28.69 90.94
C CYS B 547 -5.37 -27.82 91.13
N TYR B 548 -5.51 -26.54 90.82
CA TYR B 548 -4.42 -25.58 90.90
C TYR B 548 -4.15 -25.19 92.35
N LEU B 549 -5.22 -25.25 93.15
CA LEU B 549 -5.15 -24.99 94.58
C LEU B 549 -4.40 -26.10 95.31
N ASN B 550 -4.57 -27.33 94.83
CA ASN B 550 -3.85 -28.48 95.37
C ASN B 550 -2.44 -28.58 94.78
N ASP B 551 -2.20 -27.81 93.72
CA ASP B 551 -0.89 -27.74 93.07
C ASP B 551 -0.35 -29.12 92.72
N PRO B 560 -10.31 -35.14 95.39
CA PRO B 560 -10.83 -36.32 94.68
C PRO B 560 -12.14 -36.03 93.95
N SER B 561 -13.26 -36.12 94.65
CA SER B 561 -14.57 -35.87 94.05
C SER B 561 -14.79 -34.38 93.82
N VAL B 562 -13.89 -33.56 94.36
CA VAL B 562 -13.95 -32.12 94.16
C VAL B 562 -13.04 -31.72 93.00
N ILE B 563 -11.92 -32.43 92.87
CA ILE B 563 -11.01 -32.23 91.74
C ILE B 563 -11.76 -32.46 90.44
N TYR B 564 -12.18 -33.71 90.22
CA TYR B 564 -13.09 -34.01 89.12
C TYR B 564 -14.49 -33.53 89.51
N PHE B 565 -15.36 -33.34 88.51
CA PHE B 565 -16.74 -32.94 88.79
C PHE B 565 -17.67 -33.24 87.61
N ASP B 566 -18.95 -33.39 87.90
CA ASP B 566 -19.95 -33.71 86.89
C ASP B 566 -20.45 -32.47 86.17
N PHE B 567 -20.31 -32.47 84.85
CA PHE B 567 -20.71 -31.34 84.02
C PHE B 567 -21.99 -31.67 83.25
N ALA B 568 -23.04 -30.89 83.51
CA ALA B 568 -24.33 -31.11 82.87
C ALA B 568 -24.20 -30.98 81.35
N ASN B 569 -24.75 -31.97 80.65
CA ASN B 569 -24.70 -32.00 79.19
C ASN B 569 -25.78 -31.11 78.58
N PRO B 570 -25.39 -30.04 77.86
CA PRO B 570 -26.39 -29.21 77.19
C PRO B 570 -26.80 -29.72 75.81
N LEU B 571 -26.23 -30.83 75.36
CA LEU B 571 -26.47 -31.35 74.01
C LEU B 571 -27.52 -32.45 73.96
N LEU B 572 -28.28 -32.62 75.04
CA LEU B 572 -29.30 -33.65 75.08
C LEU B 572 -30.57 -33.19 74.37
N ALA B 573 -31.49 -34.12 74.15
CA ALA B 573 -32.77 -33.83 73.52
C ALA B 573 -33.79 -33.41 74.57
N GLN B 574 -33.86 -32.12 74.87
CA GLN B 574 -34.76 -31.59 75.88
C GLN B 574 -35.20 -30.17 75.53
N THR C 11 8.39 24.78 -11.50
CA THR C 11 9.75 25.15 -11.87
C THR C 11 9.78 25.93 -13.18
N LEU C 12 8.84 25.61 -14.08
CA LEU C 12 8.76 26.29 -15.36
C LEU C 12 7.40 26.97 -15.52
N ASP C 13 7.43 28.21 -16.02
CA ASP C 13 6.20 28.95 -16.29
C ASP C 13 6.37 29.84 -17.51
N VAL C 14 5.87 29.38 -18.65
CA VAL C 14 6.01 30.11 -19.91
C VAL C 14 5.05 31.30 -19.98
N ALA C 15 3.94 31.23 -19.26
CA ALA C 15 3.00 32.33 -19.20
C ALA C 15 3.58 33.51 -18.40
N ALA C 16 4.27 33.18 -17.32
CA ALA C 16 4.88 34.20 -16.47
C ALA C 16 6.04 34.87 -17.20
N GLN C 17 6.73 34.10 -18.03
CA GLN C 17 7.90 34.58 -18.74
C GLN C 17 7.56 35.68 -19.74
N CYS C 18 6.38 35.59 -20.34
CA CYS C 18 5.89 36.61 -21.26
C CYS C 18 5.76 37.95 -20.56
N PHE C 19 5.27 37.91 -19.33
CA PHE C 19 5.07 39.10 -18.53
C PHE C 19 6.43 39.71 -18.16
N LEU C 20 7.37 38.84 -17.81
CA LEU C 20 8.69 39.29 -17.35
C LEU C 20 9.62 39.71 -18.48
N ASN C 21 9.71 38.90 -19.53
CA ASN C 21 10.55 39.23 -20.68
C ASN C 21 10.07 40.50 -21.36
N SER C 22 8.76 40.72 -21.34
CA SER C 22 8.18 41.94 -21.91
C SER C 22 8.56 43.15 -21.08
N LEU C 23 8.69 42.94 -19.77
CA LEU C 23 9.04 44.01 -18.85
C LEU C 23 10.52 44.36 -18.96
N VAL C 24 11.36 43.32 -18.89
CA VAL C 24 12.81 43.48 -18.97
C VAL C 24 13.25 44.24 -20.22
N ARG C 25 12.60 43.95 -21.35
CA ARG C 25 12.95 44.59 -22.62
C ARG C 25 12.61 46.08 -22.64
N GLU C 26 11.51 46.45 -22.00
CA GLU C 26 11.02 47.82 -22.03
C GLU C 26 11.50 48.66 -20.86
N THR C 27 12.41 48.10 -20.06
CA THR C 27 12.96 48.81 -18.92
C THR C 27 14.49 48.72 -18.86
N LYS C 28 15.11 49.75 -18.29
CA LYS C 28 16.54 49.75 -18.02
C LYS C 28 16.78 49.58 -16.52
N ASP C 29 15.69 49.35 -15.78
CA ASP C 29 15.76 49.17 -14.34
C ASP C 29 15.77 47.68 -13.98
N TRP C 30 16.94 47.07 -14.09
CA TRP C 30 17.17 45.69 -13.68
C TRP C 30 18.66 45.41 -13.80
N ARG C 31 19.15 44.43 -13.06
CA ARG C 31 20.59 44.15 -13.02
C ARG C 31 20.89 42.66 -12.97
N LEU C 32 22.12 42.32 -13.36
CA LEU C 32 22.62 40.95 -13.32
C LEU C 32 23.66 40.78 -12.22
N THR C 33 23.68 39.60 -11.60
CA THR C 33 24.71 39.26 -10.63
C THR C 33 25.90 38.66 -11.35
N GLU C 34 27.06 39.30 -11.21
CA GLU C 34 28.27 38.89 -11.89
C GLU C 34 28.65 37.44 -11.56
N TYR C 35 28.45 37.07 -10.31
CA TYR C 35 28.81 35.72 -9.85
C TYR C 35 27.77 34.69 -10.26
N GLN C 36 28.17 33.43 -10.23
CA GLN C 36 27.28 32.33 -10.61
C GLN C 36 26.72 31.63 -9.37
N PRO C 37 25.52 31.03 -9.48
CA PRO C 37 24.66 31.03 -10.66
C PRO C 37 24.02 32.40 -10.88
N THR C 38 23.99 32.85 -12.13
CA THR C 38 23.54 34.18 -12.45
C THR C 38 22.08 34.41 -12.10
N GLN C 39 21.78 35.58 -11.57
CA GLN C 39 20.43 35.95 -11.18
C GLN C 39 20.08 37.34 -11.67
N LEU C 40 18.89 37.47 -12.27
CA LEU C 40 18.39 38.76 -12.73
C LEU C 40 17.59 39.43 -11.61
N ILE C 41 17.86 40.71 -11.39
CA ILE C 41 17.30 41.45 -10.27
C ILE C 41 16.40 42.59 -10.74
N ILE C 42 15.18 42.63 -10.20
CA ILE C 42 14.23 43.71 -10.49
C ILE C 42 13.95 44.47 -9.20
N PRO C 43 14.60 45.63 -9.01
CA PRO C 43 14.42 46.41 -7.79
C PRO C 43 12.98 46.88 -7.58
N LEU C 44 12.49 46.76 -6.36
CA LEU C 44 11.15 47.25 -6.00
C LEU C 44 11.25 48.54 -5.20
N GLY C 45 12.47 48.94 -4.86
CA GLY C 45 12.70 50.11 -4.03
C GLY C 45 12.45 49.78 -2.58
N GLU C 46 12.85 50.67 -1.67
CA GLU C 46 12.72 50.41 -0.24
C GLU C 46 13.46 49.12 0.12
N GLN C 47 14.75 49.09 -0.18
CA GLN C 47 15.64 47.96 0.10
C GLN C 47 14.98 46.60 -0.17
N GLN C 48 14.19 46.54 -1.23
CA GLN C 48 13.53 45.32 -1.67
C GLN C 48 13.70 45.13 -3.17
N ALA C 49 13.87 43.88 -3.59
CA ALA C 49 14.02 43.55 -5.01
C ALA C 49 13.48 42.15 -5.27
N LEU C 50 13.40 41.77 -6.55
CA LEU C 50 13.00 40.41 -6.92
C LEU C 50 14.14 39.69 -7.61
N HIS C 51 14.47 38.50 -7.13
CA HIS C 51 15.58 37.73 -7.67
C HIS C 51 15.10 36.53 -8.50
N PHE C 52 15.46 36.53 -9.78
CA PHE C 52 15.10 35.45 -10.70
C PHE C 52 16.35 34.68 -11.15
N ARG C 53 16.42 33.40 -10.78
CA ARG C 53 17.51 32.55 -11.25
C ARG C 53 17.39 32.36 -12.75
N VAL C 54 18.45 32.71 -13.47
CA VAL C 54 18.44 32.66 -14.93
C VAL C 54 18.95 31.31 -15.44
N ALA C 55 18.11 30.65 -16.25
CA ALA C 55 18.50 29.41 -16.90
C ALA C 55 19.12 29.72 -18.27
N TYR C 56 18.58 30.75 -18.91
CA TYR C 56 19.12 31.21 -20.20
C TYR C 56 19.01 32.73 -20.31
N PHE C 57 20.15 33.39 -20.51
CA PHE C 57 20.15 34.83 -20.79
C PHE C 57 20.26 35.08 -22.30
N SER C 58 19.35 35.91 -22.79
CA SER C 58 19.23 36.21 -24.21
C SER C 58 19.55 37.67 -24.48
N PRO C 59 20.49 37.94 -25.40
CA PRO C 59 20.70 39.34 -25.77
C PRO C 59 19.47 39.96 -26.42
N THR C 60 18.55 39.11 -26.87
CA THR C 60 17.28 39.55 -27.45
C THR C 60 16.13 39.33 -26.47
N GLN C 61 16.48 39.25 -25.19
CA GLN C 61 15.49 39.22 -24.10
C GLN C 61 14.57 37.99 -24.09
N HIS C 62 14.85 37.00 -24.93
CA HIS C 62 14.13 35.73 -24.88
C HIS C 62 14.66 34.89 -23.71
N HIS C 63 14.60 35.44 -22.50
CA HIS C 63 15.18 34.80 -21.33
C HIS C 63 14.39 33.56 -20.93
N ARG C 64 14.98 32.78 -20.03
CA ARG C 64 14.33 31.64 -19.41
C ARG C 64 14.69 31.64 -17.93
N PHE C 65 13.76 32.08 -17.08
CA PHE C 65 13.99 32.10 -15.65
C PHE C 65 13.61 30.76 -15.03
N GLU C 66 14.31 30.40 -13.96
CA GLU C 66 13.99 29.23 -13.17
C GLU C 66 13.23 29.68 -11.92
N PHE C 67 12.03 29.14 -11.75
CA PHE C 67 11.12 29.55 -10.68
C PHE C 67 11.14 28.56 -9.52
N PRO C 68 10.64 28.94 -8.34
CA PRO C 68 9.99 30.20 -7.97
C PRO C 68 10.93 31.40 -7.79
N ALA C 69 10.38 32.60 -7.94
CA ALA C 69 11.09 33.83 -7.66
C ALA C 69 11.25 34.01 -6.16
N ARG C 70 12.31 34.69 -5.75
CA ARG C 70 12.57 34.97 -4.35
C ARG C 70 12.55 36.48 -4.07
N LEU C 71 11.66 36.91 -3.19
CA LEU C 71 11.63 38.31 -2.75
C LEU C 71 12.73 38.55 -1.72
N VAL C 72 13.62 39.47 -2.00
CA VAL C 72 14.72 39.79 -1.10
C VAL C 72 14.51 41.11 -0.37
N THR C 73 14.72 41.07 0.94
CA THR C 73 14.58 42.26 1.77
C THR C 73 15.93 42.57 2.38
N ALA C 74 15.93 43.20 3.55
CA ALA C 74 17.17 43.53 4.23
C ALA C 74 17.51 42.44 5.23
N SER C 75 16.51 41.64 5.59
CA SER C 75 16.68 40.57 6.55
C SER C 75 16.08 39.24 6.09
N GLY C 76 16.82 38.51 5.26
CA GLY C 76 16.35 37.23 4.76
C GLY C 76 15.61 37.28 3.44
N SER C 77 15.24 36.11 2.94
CA SER C 77 14.52 36.01 1.67
C SER C 77 13.48 34.90 1.70
N HIS C 78 12.48 35.03 0.84
CA HIS C 78 11.40 34.04 0.74
C HIS C 78 10.79 34.00 -0.67
N PRO C 79 10.31 32.81 -1.09
CA PRO C 79 9.71 32.71 -2.43
C PRO C 79 8.38 33.46 -2.59
N VAL C 80 8.02 33.75 -3.83
CA VAL C 80 6.73 34.37 -4.14
C VAL C 80 6.17 33.79 -5.44
N ASP C 81 4.86 33.58 -5.49
CA ASP C 81 4.22 33.05 -6.70
C ASP C 81 4.11 34.15 -7.75
N PHE C 82 3.66 33.81 -8.94
CA PHE C 82 3.57 34.78 -10.03
C PHE C 82 2.53 35.86 -9.75
N ALA C 83 1.45 35.49 -9.07
CA ALA C 83 0.41 36.43 -8.69
C ALA C 83 1.00 37.55 -7.84
N THR C 84 1.80 37.15 -6.85
CA THR C 84 2.41 38.08 -5.92
C THR C 84 3.39 39.03 -6.62
N LEU C 85 4.38 38.46 -7.29
CA LEU C 85 5.43 39.28 -7.90
C LEU C 85 4.86 40.23 -8.95
N SER C 86 3.82 39.79 -9.66
CA SER C 86 3.18 40.63 -10.66
C SER C 86 2.45 41.79 -9.99
N ARG C 87 1.83 41.51 -8.84
CA ARG C 87 1.18 42.54 -8.06
C ARG C 87 2.18 43.53 -7.49
N LEU C 88 3.33 43.03 -7.04
CA LEU C 88 4.38 43.87 -6.51
C LEU C 88 4.96 44.80 -7.58
N ILE C 89 5.13 44.25 -8.78
CA ILE C 89 5.68 45.01 -9.89
C ILE C 89 4.68 46.08 -10.36
N VAL C 90 3.40 45.73 -10.37
CA VAL C 90 2.35 46.69 -10.73
C VAL C 90 2.24 47.75 -9.64
N ASP C 91 2.55 47.38 -8.41
CA ASP C 91 2.58 48.32 -7.30
C ASP C 91 3.73 49.32 -7.50
N LYS C 92 4.85 48.83 -8.03
CA LYS C 92 6.00 49.68 -8.31
C LYS C 92 5.68 50.69 -9.43
N LEU C 93 5.03 50.19 -10.48
CA LEU C 93 4.68 51.03 -11.61
C LEU C 93 3.69 52.12 -11.23
N GLN C 94 2.84 51.81 -10.24
CA GLN C 94 1.86 52.76 -9.74
C GLN C 94 2.54 53.92 -9.03
N HIS C 95 3.49 53.60 -8.16
CA HIS C 95 4.33 54.61 -7.51
C HIS C 95 5.14 55.38 -8.54
N GLN C 96 5.80 54.65 -9.43
CA GLN C 96 6.73 55.23 -10.39
C GLN C 96 6.06 56.23 -11.34
N LEU C 97 4.97 55.81 -11.97
CA LEU C 97 4.34 56.61 -13.02
C LEU C 97 3.12 57.39 -12.51
N LEU C 98 2.64 57.02 -11.33
CA LEU C 98 1.52 57.72 -10.70
C LEU C 98 0.23 57.53 -11.49
N LEU C 99 -0.13 56.27 -11.74
CA LEU C 99 -1.34 55.95 -12.49
C LEU C 99 -2.52 55.70 -11.55
N PRO C 100 -3.75 55.73 -12.08
CA PRO C 100 -4.95 55.38 -11.29
C PRO C 100 -4.99 53.90 -10.94
N ALA C 101 -5.50 53.59 -9.75
CA ALA C 101 -5.60 52.20 -9.31
C ALA C 101 -6.50 51.35 -10.21
N THR C 102 -7.50 51.99 -10.82
CA THR C 102 -8.43 51.27 -11.69
C THR C 102 -7.72 50.69 -12.91
N SER C 103 -6.83 51.46 -13.51
CA SER C 103 -6.11 50.98 -14.70
C SER C 103 -5.03 49.96 -14.33
N CYS C 104 -4.51 50.06 -13.11
CA CYS C 104 -3.45 49.16 -12.65
C CYS C 104 -3.97 47.79 -12.26
N GLU C 105 -5.11 47.75 -11.58
CA GLU C 105 -5.66 46.50 -11.09
C GLU C 105 -6.42 45.78 -12.19
N THR C 106 -6.91 46.54 -13.17
CA THR C 106 -7.47 45.97 -14.39
C THR C 106 -6.35 45.25 -15.14
N PHE C 107 -5.23 45.95 -15.31
CA PHE C 107 -4.05 45.40 -15.96
C PHE C 107 -3.62 44.09 -15.29
N HIS C 108 -3.43 44.14 -13.98
CA HIS C 108 -3.02 42.96 -13.23
C HIS C 108 -4.02 41.82 -13.39
N GLN C 109 -5.30 42.14 -13.26
CA GLN C 109 -6.37 41.16 -13.45
C GLN C 109 -6.20 40.43 -14.77
N ARG C 110 -6.04 41.18 -15.85
CA ARG C 110 -5.95 40.61 -17.19
C ARG C 110 -4.68 39.77 -17.36
N VAL C 111 -3.64 40.10 -16.58
CA VAL C 111 -2.40 39.32 -16.59
C VAL C 111 -2.61 37.98 -15.90
N MET C 112 -3.38 37.97 -14.82
CA MET C 112 -3.65 36.76 -14.07
C MET C 112 -4.66 35.86 -14.78
N GLU C 113 -5.58 36.47 -15.52
CA GLU C 113 -6.52 35.72 -16.34
C GLU C 113 -5.76 34.94 -17.41
N SER C 114 -4.91 35.66 -18.15
CA SER C 114 -4.10 35.06 -19.21
C SER C 114 -3.23 33.92 -18.67
N HIS C 115 -2.57 34.18 -17.55
CA HIS C 115 -1.71 33.18 -16.91
C HIS C 115 -2.50 31.91 -16.61
N ALA C 116 -3.71 32.08 -16.09
CA ALA C 116 -4.57 30.95 -15.74
C ALA C 116 -5.07 30.25 -17.00
N HIS C 117 -5.47 31.04 -17.99
CA HIS C 117 -6.00 30.50 -19.24
C HIS C 117 -4.96 29.67 -19.97
N THR C 118 -3.69 30.08 -19.84
CA THR C 118 -2.59 29.35 -20.47
C THR C 118 -2.41 27.99 -19.81
N GLN C 119 -2.52 27.94 -18.49
CA GLN C 119 -2.31 26.69 -17.77
C GLN C 119 -3.42 25.71 -18.07
N GLN C 120 -4.63 26.22 -18.26
CA GLN C 120 -5.76 25.38 -18.62
C GLN C 120 -5.53 24.77 -20.00
N ALA C 121 -4.93 25.54 -20.89
CA ALA C 121 -4.63 25.08 -22.24
C ALA C 121 -3.56 23.99 -22.22
N ILE C 122 -2.50 24.23 -21.48
CA ILE C 122 -1.41 23.27 -21.34
C ILE C 122 -1.90 21.93 -20.81
N ASP C 123 -2.73 21.97 -19.77
CA ASP C 123 -3.27 20.75 -19.16
C ASP C 123 -4.26 20.03 -20.06
N ALA C 124 -4.87 20.77 -20.98
CA ALA C 124 -5.88 20.21 -21.87
C ALA C 124 -5.28 19.63 -23.14
N ARG C 125 -4.06 20.06 -23.47
CA ARG C 125 -3.37 19.60 -24.68
C ARG C 125 -2.24 18.64 -24.35
N HIS C 126 -2.60 17.40 -24.02
CA HIS C 126 -1.63 16.35 -23.76
C HIS C 126 -1.12 15.77 -25.08
N ASP C 127 -1.60 16.34 -26.18
CA ASP C 127 -1.16 15.96 -27.52
C ASP C 127 0.03 16.80 -27.98
N TRP C 128 0.29 17.91 -27.30
CA TRP C 128 1.24 18.90 -27.79
C TRP C 128 2.65 18.34 -27.91
N ALA C 129 3.05 17.52 -26.95
CA ALA C 129 4.41 16.97 -26.95
C ALA C 129 4.65 16.11 -28.18
N ALA C 130 3.62 15.38 -28.62
CA ALA C 130 3.75 14.48 -29.77
C ALA C 130 3.90 15.24 -31.08
N LEU C 131 3.59 16.53 -31.08
CA LEU C 131 3.75 17.36 -32.28
C LEU C 131 5.20 17.42 -32.73
N ARG C 132 6.12 17.17 -31.80
CA ARG C 132 7.54 17.13 -32.11
C ARG C 132 7.91 16.00 -33.05
N GLU C 133 7.10 14.94 -33.04
CA GLU C 133 7.48 13.66 -33.65
C GLU C 133 7.54 13.70 -35.17
N LYS C 134 6.78 14.59 -35.78
CA LYS C 134 6.77 14.69 -37.24
C LYS C 134 6.42 16.10 -37.71
N ALA C 135 6.68 16.36 -38.98
CA ALA C 135 6.34 17.64 -39.60
C ALA C 135 4.85 17.94 -39.43
N LEU C 136 4.55 19.22 -39.21
CA LEU C 136 3.17 19.66 -39.01
C LEU C 136 2.59 20.21 -40.31
N ASN C 137 1.29 20.01 -40.51
CA ASN C 137 0.60 20.71 -41.59
C ASN C 137 0.11 22.07 -41.08
N PHE C 138 -0.50 22.84 -41.97
CA PHE C 138 -0.90 24.21 -41.64
C PHE C 138 -1.84 24.30 -40.44
N GLY C 139 -2.91 23.54 -40.48
CA GLY C 139 -3.91 23.56 -39.43
C GLY C 139 -3.33 23.22 -38.07
N GLU C 140 -2.47 22.21 -38.03
CA GLU C 140 -1.80 21.82 -36.79
C GLU C 140 -0.98 22.97 -36.23
N ALA C 141 -0.18 23.59 -37.08
CA ALA C 141 0.65 24.71 -36.66
C ALA C 141 -0.20 25.89 -36.18
N GLU C 142 -1.40 26.03 -36.75
CA GLU C 142 -2.25 27.19 -36.45
C GLU C 142 -2.89 27.11 -35.06
N GLN C 143 -2.93 25.90 -34.49
CA GLN C 143 -3.49 25.72 -33.15
C GLN C 143 -2.46 25.14 -32.19
N ALA C 144 -1.18 25.32 -32.50
CA ALA C 144 -0.11 24.79 -31.66
C ALA C 144 0.46 25.86 -30.72
N LEU C 145 0.02 27.10 -30.89
CA LEU C 145 0.52 28.21 -30.07
C LEU C 145 -0.29 28.37 -28.78
N LEU C 146 0.27 27.92 -27.67
CA LEU C 146 -0.41 27.96 -26.39
C LEU C 146 0.10 29.11 -25.52
N VAL C 147 1.28 29.63 -25.85
CA VAL C 147 1.89 30.69 -25.06
C VAL C 147 1.42 32.08 -25.52
N GLY C 148 1.16 32.21 -26.82
CA GLY C 148 0.74 33.47 -27.39
C GLY C 148 1.92 34.39 -27.70
N HIS C 149 1.70 35.69 -27.51
CA HIS C 149 2.72 36.69 -27.78
C HIS C 149 3.78 36.66 -26.68
N ALA C 150 5.01 36.33 -27.05
CA ALA C 150 6.08 36.10 -26.08
C ALA C 150 6.53 37.37 -25.37
N PHE C 151 6.12 38.52 -25.89
CA PHE C 151 6.46 39.81 -25.30
C PHE C 151 5.22 40.67 -25.10
N HIS C 152 4.15 40.04 -24.62
CA HIS C 152 2.96 40.73 -24.17
C HIS C 152 2.68 40.28 -22.74
N PRO C 153 2.27 41.20 -21.85
CA PRO C 153 2.06 40.81 -20.45
C PRO C 153 0.85 39.91 -20.21
N ALA C 154 -0.11 39.94 -21.14
CA ALA C 154 -1.33 39.16 -21.00
C ALA C 154 -1.78 38.59 -22.35
N PRO C 155 -0.95 37.72 -22.94
CA PRO C 155 -1.18 37.24 -24.30
C PRO C 155 -2.47 36.43 -24.48
N LYS C 156 -2.96 35.83 -23.41
CA LYS C 156 -4.12 34.95 -23.50
C LYS C 156 -5.34 35.50 -22.75
N SER C 157 -5.43 36.81 -22.66
CA SER C 157 -6.67 37.45 -22.26
C SER C 157 -7.59 37.44 -23.47
N HIS C 158 -8.83 36.98 -23.27
CA HIS C 158 -9.76 36.81 -24.37
C HIS C 158 -11.15 37.33 -24.00
N GLU C 159 -11.18 38.46 -23.30
CA GLU C 159 -12.44 39.08 -22.92
C GLU C 159 -13.28 39.37 -24.16
N PRO C 160 -14.60 39.16 -24.08
CA PRO C 160 -15.42 38.76 -22.94
C PRO C 160 -15.75 37.26 -22.89
N PHE C 161 -14.98 36.43 -23.58
CA PHE C 161 -15.27 34.98 -23.64
C PHE C 161 -15.24 34.33 -22.26
N ASN C 162 -16.27 33.56 -21.95
CA ASN C 162 -16.29 32.73 -20.75
C ASN C 162 -15.44 31.47 -20.99
N GLN C 163 -15.48 30.53 -20.06
CA GLN C 163 -14.69 29.32 -20.17
C GLN C 163 -15.17 28.43 -21.32
N GLN C 164 -16.49 28.30 -21.45
CA GLN C 164 -17.06 27.44 -22.48
C GLN C 164 -16.74 27.99 -23.87
N GLU C 165 -16.80 29.31 -24.00
CA GLU C 165 -16.60 29.98 -25.28
C GLU C 165 -15.14 29.92 -25.70
N ALA C 166 -14.25 30.08 -24.73
CA ALA C 166 -12.82 30.08 -25.01
C ALA C 166 -12.37 28.72 -25.55
N GLU C 167 -13.08 27.67 -25.16
CA GLU C 167 -12.70 26.32 -25.55
C GLU C 167 -13.17 25.95 -26.95
N ARG C 168 -14.17 26.69 -27.45
CA ARG C 168 -14.75 26.40 -28.76
C ARG C 168 -14.23 27.36 -29.84
N TYR C 169 -13.89 28.58 -29.43
CA TYR C 169 -13.65 29.66 -30.39
C TYR C 169 -12.21 30.16 -30.40
N LEU C 170 -11.36 29.63 -29.53
CA LEU C 170 -9.92 29.92 -29.55
C LEU C 170 -9.15 28.69 -30.02
N PRO C 171 -7.99 28.89 -30.65
CA PRO C 171 -7.22 27.76 -31.19
C PRO C 171 -6.70 26.81 -30.12
N ASP C 172 -6.53 27.33 -28.91
CA ASP C 172 -5.76 26.64 -27.87
C ASP C 172 -6.20 25.21 -27.61
N PHE C 173 -7.51 24.98 -27.49
CA PHE C 173 -8.04 23.66 -27.18
C PHE C 173 -8.27 22.82 -28.43
N ALA C 174 -7.79 23.32 -29.57
CA ALA C 174 -7.95 22.63 -30.86
C ALA C 174 -9.40 22.28 -31.18
N PRO C 175 -10.33 23.25 -31.04
CA PRO C 175 -11.71 22.95 -31.42
C PRO C 175 -11.91 23.10 -32.93
N HIS C 176 -13.05 22.64 -33.41
CA HIS C 176 -13.48 22.90 -34.77
C HIS C 176 -14.99 22.86 -34.83
N PHE C 177 -15.57 23.66 -35.73
CA PHE C 177 -17.02 23.81 -35.77
C PHE C 177 -17.52 24.23 -37.14
N PRO C 178 -18.79 23.93 -37.43
CA PRO C 178 -19.39 24.46 -38.66
C PRO C 178 -19.82 25.91 -38.49
N LEU C 179 -19.92 26.66 -39.58
CA LEU C 179 -20.31 28.06 -39.52
C LEU C 179 -21.80 28.21 -39.29
N ARG C 180 -22.19 29.36 -38.75
CA ARG C 180 -23.58 29.77 -38.70
C ARG C 180 -23.93 30.42 -40.04
N TRP C 181 -25.17 30.24 -40.50
CA TRP C 181 -25.57 30.72 -41.82
C TRP C 181 -26.91 31.47 -41.80
N PHE C 182 -26.98 32.58 -42.51
CA PHE C 182 -28.25 33.28 -42.75
C PHE C 182 -28.62 33.22 -44.23
N ALA C 183 -29.92 33.15 -44.50
CA ALA C 183 -30.44 33.43 -45.82
C ALA C 183 -30.86 34.89 -45.85
N VAL C 184 -30.09 35.70 -46.57
CA VAL C 184 -30.27 37.16 -46.54
C VAL C 184 -30.67 37.71 -47.90
N ASN C 185 -31.55 38.70 -47.88
CA ASN C 185 -31.94 39.40 -49.11
C ASN C 185 -30.79 40.26 -49.59
N LYS C 186 -30.50 40.21 -50.88
CA LYS C 186 -29.36 40.92 -51.46
C LYS C 186 -29.42 42.42 -51.20
N THR C 187 -30.60 42.93 -50.86
CA THR C 187 -30.77 44.35 -50.53
C THR C 187 -30.08 44.68 -49.22
N GLN C 188 -29.75 43.65 -48.45
CA GLN C 188 -29.11 43.83 -47.15
C GLN C 188 -27.70 43.26 -47.12
N ILE C 189 -27.20 42.84 -48.28
CA ILE C 189 -25.84 42.33 -48.38
C ILE C 189 -24.94 43.36 -49.07
N ALA C 190 -23.91 43.77 -48.37
CA ALA C 190 -22.89 44.68 -48.90
C ALA C 190 -21.58 43.91 -49.04
N GLY C 191 -20.87 44.13 -50.13
CA GLY C 191 -19.62 43.43 -50.34
C GLY C 191 -18.98 43.63 -51.69
N GLU C 192 -18.02 42.76 -52.01
CA GLU C 192 -17.20 42.93 -53.20
C GLU C 192 -16.39 41.66 -53.46
N SER C 193 -16.02 41.44 -54.71
CA SER C 193 -15.16 40.31 -55.04
C SER C 193 -14.55 40.37 -56.44
N LEU C 194 -13.35 39.83 -56.55
CA LEU C 194 -12.63 39.76 -57.82
C LEU C 194 -12.79 38.39 -58.46
N HIS C 195 -12.72 38.37 -59.79
CA HIS C 195 -12.80 37.13 -60.59
C HIS C 195 -14.21 36.55 -60.56
N LEU C 196 -14.81 36.53 -59.38
CA LEU C 196 -16.24 36.26 -59.24
C LEU C 196 -16.91 37.48 -58.63
N ASN C 197 -18.08 37.87 -59.13
CA ASN C 197 -18.85 38.92 -58.46
C ASN C 197 -19.28 38.38 -57.10
N LEU C 198 -19.80 39.26 -56.24
CA LEU C 198 -20.14 38.86 -54.88
C LEU C 198 -21.12 37.69 -54.86
N GLN C 199 -22.14 37.77 -55.70
CA GLN C 199 -23.16 36.75 -55.80
C GLN C 199 -22.56 35.38 -56.10
N GLN C 200 -21.47 35.39 -56.86
CA GLN C 200 -20.84 34.16 -57.31
C GLN C 200 -19.86 33.61 -56.27
N ARG C 201 -19.23 34.49 -55.48
CA ARG C 201 -18.39 34.03 -54.38
C ARG C 201 -19.24 33.30 -53.35
N LEU C 202 -20.25 34.02 -52.86
CA LEU C 202 -21.11 33.51 -51.81
C LEU C 202 -21.76 32.19 -52.23
N THR C 203 -22.11 32.10 -53.51
CA THR C 203 -22.66 30.87 -54.05
C THR C 203 -21.63 29.76 -53.97
N ARG C 204 -20.39 30.07 -54.35
CA ARG C 204 -19.31 29.08 -54.36
C ARG C 204 -18.89 28.70 -52.94
N PHE C 205 -18.74 29.70 -52.09
CA PHE C 205 -18.34 29.48 -50.71
C PHE C 205 -19.34 28.58 -50.00
N ALA C 206 -20.63 28.86 -50.18
CA ALA C 206 -21.67 28.08 -49.53
C ALA C 206 -21.75 26.68 -50.13
N ALA C 207 -21.61 26.59 -51.44
CA ALA C 207 -21.73 25.32 -52.16
C ALA C 207 -20.65 24.33 -51.75
N GLU C 208 -19.46 24.84 -51.42
CA GLU C 208 -18.35 23.97 -51.07
C GLU C 208 -18.34 23.65 -49.58
N ASN C 209 -18.92 24.54 -48.79
CA ASN C 209 -18.89 24.40 -47.33
C ASN C 209 -20.20 23.93 -46.70
N ALA C 210 -21.32 24.39 -47.26
CA ALA C 210 -22.63 23.98 -46.75
C ALA C 210 -23.60 23.66 -47.88
N PRO C 211 -23.33 22.59 -48.64
CA PRO C 211 -24.16 22.22 -49.80
C PRO C 211 -25.64 21.97 -49.46
N GLN C 212 -25.92 21.54 -48.22
CA GLN C 212 -27.27 21.15 -47.86
C GLN C 212 -28.17 22.37 -47.56
N LEU C 213 -27.59 23.56 -47.64
CA LEU C 213 -28.34 24.79 -47.46
C LEU C 213 -28.70 25.45 -48.80
N LEU C 214 -28.25 24.85 -49.90
CA LEU C 214 -28.43 25.45 -51.22
C LEU C 214 -29.89 25.51 -51.65
N ASN C 215 -30.77 24.76 -50.99
CA ASN C 215 -32.20 24.88 -51.24
C ASN C 215 -32.72 26.24 -50.75
N GLU C 216 -31.91 26.95 -49.97
CA GLU C 216 -32.23 28.28 -49.49
C GLU C 216 -31.66 29.36 -50.42
N LEU C 217 -31.00 28.93 -51.49
CA LEU C 217 -30.35 29.84 -52.42
C LEU C 217 -31.23 30.16 -53.62
N SER C 218 -31.44 31.44 -53.85
CA SER C 218 -32.23 31.90 -55.00
C SER C 218 -31.64 33.20 -55.52
N ASP C 219 -32.27 33.77 -56.54
CA ASP C 219 -31.79 35.01 -57.16
C ASP C 219 -31.69 36.16 -56.16
N ASN C 220 -32.71 36.31 -55.32
CA ASN C 220 -32.78 37.43 -54.38
C ASN C 220 -32.30 37.07 -52.99
N GLN C 221 -32.37 35.79 -52.64
CA GLN C 221 -31.99 35.31 -51.32
C GLN C 221 -30.65 34.61 -51.37
N TRP C 222 -29.65 35.20 -50.71
CA TRP C 222 -28.28 34.69 -50.73
C TRP C 222 -27.89 34.10 -49.37
N LEU C 223 -26.98 33.12 -49.41
CA LEU C 223 -26.48 32.50 -48.20
C LEU C 223 -25.30 33.29 -47.63
N PHE C 224 -25.39 33.66 -46.36
CA PHE C 224 -24.45 34.55 -45.72
C PHE C 224 -23.78 33.87 -44.52
N PRO C 225 -22.46 33.64 -44.59
CA PRO C 225 -21.80 32.92 -43.49
C PRO C 225 -21.45 33.81 -42.31
N LEU C 226 -21.58 33.25 -41.11
CA LEU C 226 -21.27 33.97 -39.87
C LEU C 226 -20.37 33.16 -38.96
N HIS C 227 -19.71 33.86 -38.05
CA HIS C 227 -19.02 33.22 -36.94
C HIS C 227 -20.10 32.82 -35.95
N PRO C 228 -20.04 31.58 -35.41
CA PRO C 228 -21.12 31.13 -34.53
C PRO C 228 -21.37 32.06 -33.34
N TRP C 229 -20.31 32.66 -32.81
CA TRP C 229 -20.44 33.54 -31.66
C TRP C 229 -20.97 34.92 -32.07
N GLN C 230 -20.41 35.51 -33.12
CA GLN C 230 -20.92 36.77 -33.67
C GLN C 230 -22.38 36.61 -34.07
N GLY C 231 -22.66 35.50 -34.74
CA GLY C 231 -24.01 35.19 -35.20
C GLY C 231 -25.04 35.31 -34.09
N GLU C 232 -24.79 34.66 -32.97
CA GLU C 232 -25.69 34.74 -31.82
C GLU C 232 -25.79 36.18 -31.35
N TYR C 233 -24.65 36.84 -31.22
CA TYR C 233 -24.60 38.21 -30.75
C TYR C 233 -25.35 39.18 -31.67
N LEU C 234 -25.11 39.06 -32.96
CA LEU C 234 -25.76 39.94 -33.94
C LEU C 234 -27.28 39.78 -33.91
N LEU C 235 -27.73 38.54 -33.75
CA LEU C 235 -29.16 38.24 -33.70
C LEU C 235 -29.83 38.92 -32.51
N GLN C 236 -29.02 39.28 -31.51
CA GLN C 236 -29.55 39.93 -30.31
C GLN C 236 -29.63 41.45 -30.45
N GLN C 237 -29.22 41.96 -31.62
CA GLN C 237 -29.29 43.39 -31.87
C GLN C 237 -30.65 43.75 -32.45
N GLU C 238 -31.11 44.97 -32.19
CA GLU C 238 -32.42 45.40 -32.63
C GLU C 238 -32.44 45.59 -34.15
N TRP C 239 -31.34 46.07 -34.72
CA TRP C 239 -31.27 46.34 -36.16
C TRP C 239 -31.32 45.04 -36.96
N CYS C 240 -30.83 43.96 -36.37
CA CYS C 240 -30.82 42.66 -37.02
C CYS C 240 -32.20 42.01 -36.92
N GLN C 241 -32.85 42.17 -35.77
CA GLN C 241 -34.18 41.60 -35.56
C GLN C 241 -35.22 42.29 -36.43
N GLU C 242 -34.97 43.56 -36.76
CA GLU C 242 -35.83 44.28 -37.68
C GLU C 242 -35.78 43.62 -39.06
N LEU C 243 -34.62 43.09 -39.42
CA LEU C 243 -34.47 42.41 -40.70
C LEU C 243 -35.19 41.05 -40.65
N VAL C 244 -35.16 40.42 -39.49
CA VAL C 244 -35.87 39.16 -39.30
C VAL C 244 -37.38 39.37 -39.39
N ALA C 245 -37.86 40.42 -38.72
CA ALA C 245 -39.29 40.71 -38.69
C ALA C 245 -39.83 41.10 -40.06
N LYS C 246 -38.95 41.60 -40.92
CA LYS C 246 -39.33 42.01 -42.28
C LYS C 246 -39.10 40.90 -43.29
N GLY C 247 -38.72 39.73 -42.81
CA GLY C 247 -38.48 38.58 -43.68
C GLY C 247 -37.27 38.77 -44.56
N LEU C 248 -36.35 39.63 -44.12
CA LEU C 248 -35.14 39.93 -44.88
C LEU C 248 -33.97 39.06 -44.42
N ILE C 249 -34.08 38.51 -43.22
CA ILE C 249 -33.13 37.53 -42.72
C ILE C 249 -33.84 36.31 -42.15
N LYS C 250 -33.32 35.13 -42.47
CA LYS C 250 -33.76 33.89 -41.85
C LYS C 250 -32.55 33.10 -41.40
N ASP C 251 -32.47 32.84 -40.11
CA ASP C 251 -31.35 32.10 -39.54
C ASP C 251 -31.45 30.62 -39.90
N LEU C 252 -30.36 30.08 -40.45
CA LEU C 252 -30.33 28.70 -40.92
C LEU C 252 -29.52 27.78 -39.99
N GLY C 253 -29.08 28.32 -38.86
CA GLY C 253 -28.35 27.54 -37.88
C GLY C 253 -26.95 27.16 -38.36
N GLU C 254 -26.26 26.33 -37.57
CA GLU C 254 -24.94 25.86 -37.95
C GLU C 254 -25.02 24.67 -38.91
N ALA C 255 -24.15 24.66 -39.91
CA ALA C 255 -24.17 23.59 -40.90
C ALA C 255 -22.89 23.54 -41.73
N GLY C 256 -22.56 22.35 -42.20
CA GLY C 256 -21.53 22.19 -43.21
C GLY C 256 -20.18 21.73 -42.69
N ALA C 257 -19.14 22.12 -43.41
CA ALA C 257 -17.79 21.63 -43.17
C ALA C 257 -17.21 22.16 -41.86
N PRO C 258 -16.27 21.41 -41.27
CA PRO C 258 -15.63 21.82 -40.00
C PRO C 258 -14.55 22.90 -40.18
N TRP C 259 -14.70 23.99 -39.44
CA TRP C 259 -13.76 25.10 -39.47
C TRP C 259 -12.98 25.21 -38.17
N LEU C 260 -11.66 25.31 -38.26
CA LEU C 260 -10.83 25.44 -37.07
C LEU C 260 -10.32 26.86 -36.91
N PRO C 261 -10.40 27.41 -35.68
CA PRO C 261 -9.83 28.73 -35.46
C PRO C 261 -8.31 28.72 -35.56
N THR C 262 -7.75 29.71 -36.24
CA THR C 262 -6.31 29.83 -36.41
C THR C 262 -5.68 30.56 -35.22
N THR C 263 -4.41 30.92 -35.36
CA THR C 263 -3.71 31.66 -34.31
C THR C 263 -4.40 32.97 -33.93
N SER C 264 -5.04 33.62 -34.91
CA SER C 264 -5.72 34.89 -34.67
C SER C 264 -7.16 34.71 -34.22
N SER C 265 -7.61 33.46 -34.11
CA SER C 265 -8.97 33.12 -33.68
C SER C 265 -10.05 33.59 -34.66
N ARG C 266 -10.09 34.89 -34.96
CA ARG C 266 -11.15 35.44 -35.81
C ARG C 266 -11.03 34.96 -37.25
N SER C 267 -9.82 34.58 -37.65
CA SER C 267 -9.60 33.98 -38.96
C SER C 267 -9.71 32.46 -38.84
N LEU C 268 -10.52 31.86 -39.72
CA LEU C 268 -10.83 30.44 -39.67
C LEU C 268 -10.27 29.68 -40.87
N TYR C 269 -9.99 28.40 -40.67
CA TYR C 269 -9.42 27.54 -41.70
C TYR C 269 -10.23 26.26 -41.92
N CYS C 270 -10.53 25.96 -43.17
CA CYS C 270 -11.12 24.69 -43.56
C CYS C 270 -10.35 24.15 -44.76
N ALA C 271 -9.80 22.94 -44.62
CA ALA C 271 -8.87 22.38 -45.60
C ALA C 271 -9.50 22.18 -46.98
N THR C 272 -10.81 21.95 -47.02
CA THR C 272 -11.51 21.62 -48.25
C THR C 272 -12.15 22.83 -48.92
N SER C 273 -11.90 24.01 -48.37
CA SER C 273 -12.43 25.26 -48.94
C SER C 273 -11.35 26.03 -49.69
N ARG C 274 -11.73 26.56 -50.86
CA ARG C 274 -10.81 27.39 -51.64
C ARG C 274 -10.57 28.73 -50.96
N ASP C 275 -11.42 29.06 -49.98
CA ASP C 275 -11.28 30.28 -49.21
C ASP C 275 -11.18 30.01 -47.71
N MET C 276 -10.30 30.76 -47.06
CA MET C 276 -10.35 30.92 -45.61
C MET C 276 -11.11 32.19 -45.31
N ILE C 277 -11.70 32.27 -44.12
CA ILE C 277 -12.57 33.38 -43.79
C ILE C 277 -12.11 34.11 -42.52
N LYS C 278 -12.10 35.44 -42.61
CA LYS C 278 -11.70 36.30 -41.52
C LYS C 278 -12.88 37.16 -41.10
N PHE C 279 -13.35 36.96 -39.87
CA PHE C 279 -14.54 37.64 -39.38
C PHE C 279 -14.24 38.88 -38.53
N SER C 280 -15.12 39.86 -38.62
CA SER C 280 -15.22 40.89 -37.59
C SER C 280 -15.72 40.20 -36.33
N LEU C 281 -14.88 40.15 -35.30
CA LEU C 281 -15.21 39.42 -34.07
C LEU C 281 -15.04 40.29 -32.83
N SER C 282 -16.14 40.56 -32.15
CA SER C 282 -16.13 41.47 -31.01
C SER C 282 -15.49 40.82 -29.78
N VAL C 283 -14.19 40.57 -29.88
CA VAL C 283 -13.42 40.01 -28.77
C VAL C 283 -12.11 40.77 -28.65
N ARG C 284 -11.63 40.96 -27.42
CA ARG C 284 -10.37 41.66 -27.17
C ARG C 284 -9.20 40.68 -27.03
N LEU C 285 -8.32 40.68 -28.04
CA LEU C 285 -7.12 39.85 -28.03
C LEU C 285 -5.90 40.74 -28.16
N THR C 286 -5.00 40.67 -27.18
CA THR C 286 -3.84 41.56 -27.09
C THR C 286 -4.17 43.01 -27.46
N ASN C 287 -4.73 43.74 -26.49
CA ASN C 287 -5.07 45.16 -26.63
C ASN C 287 -5.66 45.56 -27.98
N SER C 288 -6.70 44.86 -28.41
CA SER C 288 -7.40 45.21 -29.64
C SER C 288 -8.70 44.46 -29.80
N VAL C 289 -9.79 45.21 -29.93
CA VAL C 289 -11.07 44.63 -30.34
C VAL C 289 -10.89 44.11 -31.75
N ARG C 290 -11.37 42.89 -31.99
CA ARG C 290 -11.07 42.21 -33.25
C ARG C 290 -12.23 42.30 -34.24
N THR C 291 -12.85 43.48 -34.27
CA THR C 291 -13.82 43.80 -35.30
C THR C 291 -13.08 44.31 -36.53
N LEU C 292 -13.74 44.25 -37.68
CA LEU C 292 -13.18 44.77 -38.93
C LEU C 292 -13.89 46.07 -39.29
N SER C 293 -13.29 46.80 -40.23
CA SER C 293 -13.92 47.99 -40.80
C SER C 293 -13.99 47.84 -42.30
N VAL C 294 -14.71 48.76 -42.95
CA VAL C 294 -14.78 48.78 -44.40
C VAL C 294 -13.46 49.29 -44.96
N LYS C 295 -12.77 50.09 -44.14
CA LYS C 295 -11.44 50.57 -44.48
C LYS C 295 -10.46 49.41 -44.58
N GLU C 296 -10.50 48.53 -43.59
CA GLU C 296 -9.53 47.45 -43.46
C GLU C 296 -9.71 46.38 -44.54
N VAL C 297 -10.96 46.03 -44.85
CA VAL C 297 -11.20 45.05 -45.90
C VAL C 297 -10.89 45.66 -47.27
N LYS C 298 -10.92 46.98 -47.36
CA LYS C 298 -10.60 47.64 -48.62
C LYS C 298 -9.12 47.55 -48.92
N ARG C 299 -8.30 47.45 -47.87
CA ARG C 299 -6.87 47.27 -48.04
C ARG C 299 -6.57 45.97 -48.77
N GLY C 300 -7.24 44.90 -48.35
CA GLY C 300 -7.11 43.61 -49.01
C GLY C 300 -7.48 43.70 -50.48
N MET C 301 -8.61 44.35 -50.76
CA MET C 301 -9.09 44.52 -52.12
C MET C 301 -8.08 45.34 -52.93
N ARG C 302 -7.59 46.42 -52.32
CA ARG C 302 -6.59 47.27 -52.95
C ARG C 302 -5.38 46.47 -53.37
N LEU C 303 -4.83 45.70 -52.43
CA LEU C 303 -3.66 44.88 -52.68
C LEU C 303 -3.98 43.77 -53.68
N ALA C 304 -5.22 43.28 -53.65
CA ALA C 304 -5.64 42.21 -54.54
C ALA C 304 -5.72 42.70 -55.98
N ARG C 305 -6.28 43.89 -56.19
CA ARG C 305 -6.35 44.49 -57.52
C ARG C 305 -4.96 44.79 -58.04
N LEU C 306 -4.10 45.25 -57.14
CA LEU C 306 -2.73 45.60 -57.48
C LEU C 306 -1.97 44.37 -57.95
N ALA C 307 -2.35 43.21 -57.41
CA ALA C 307 -1.67 41.96 -57.77
C ALA C 307 -1.95 41.58 -59.23
N GLN C 308 -2.98 42.18 -59.81
CA GLN C 308 -3.37 41.87 -61.19
C GLN C 308 -2.63 42.74 -62.21
N THR C 309 -1.68 43.55 -61.74
CA THR C 309 -0.90 44.43 -62.61
C THR C 309 0.32 43.71 -63.18
N ASP C 310 0.96 44.33 -64.16
CA ASP C 310 2.13 43.74 -64.82
C ASP C 310 3.35 43.77 -63.91
N ASP C 311 3.44 44.77 -63.03
CA ASP C 311 4.61 44.91 -62.18
C ASP C 311 4.63 43.84 -61.10
N TRP C 312 3.48 43.58 -60.49
CA TRP C 312 3.36 42.49 -59.52
C TRP C 312 3.81 41.20 -60.16
N GLN C 313 3.48 41.06 -61.44
CA GLN C 313 3.86 39.91 -62.24
C GLN C 313 5.38 39.78 -62.29
N THR C 314 6.06 40.91 -62.37
CA THR C 314 7.52 40.95 -62.38
C THR C 314 8.05 40.53 -61.02
N LEU C 315 7.41 41.04 -59.97
CA LEU C 315 7.78 40.70 -58.61
C LEU C 315 7.60 39.22 -58.34
N GLN C 316 6.43 38.71 -58.73
CA GLN C 316 6.10 37.30 -58.52
C GLN C 316 7.07 36.39 -59.29
N ALA C 317 7.37 36.78 -60.52
CA ALA C 317 8.27 36.01 -61.36
C ALA C 317 9.67 35.94 -60.74
N ARG C 318 10.06 37.04 -60.11
CA ARG C 318 11.39 37.15 -59.52
C ARG C 318 11.48 36.34 -58.23
N PHE C 319 10.35 36.15 -57.58
CA PHE C 319 10.28 35.37 -56.34
C PHE C 319 9.16 34.34 -56.40
N PRO C 320 9.36 33.28 -57.19
CA PRO C 320 8.32 32.26 -57.39
C PRO C 320 7.95 31.48 -56.13
N THR C 321 8.81 31.55 -55.11
CA THR C 321 8.56 30.86 -53.85
C THR C 321 7.93 31.79 -52.82
N PHE C 322 7.61 33.01 -53.23
CA PHE C 322 6.94 33.98 -52.38
C PHE C 322 5.50 34.21 -52.85
N ARG C 323 4.55 34.04 -51.94
CA ARG C 323 3.14 34.21 -52.25
C ARG C 323 2.42 35.00 -51.16
N VAL C 324 1.37 35.72 -51.57
CA VAL C 324 0.52 36.45 -50.63
C VAL C 324 -0.90 35.90 -50.75
N MET C 325 -1.50 35.57 -49.61
CA MET C 325 -2.90 35.14 -49.58
C MET C 325 -3.80 36.35 -49.71
N GLN C 326 -4.17 36.67 -50.95
CA GLN C 326 -4.99 37.85 -51.24
C GLN C 326 -6.33 37.78 -50.53
N GLU C 327 -6.81 38.94 -50.10
CA GLU C 327 -8.14 39.07 -49.53
C GLU C 327 -9.02 39.78 -50.55
N ASP C 328 -9.39 39.03 -51.58
CA ASP C 328 -9.98 39.59 -52.79
C ASP C 328 -11.49 39.56 -52.76
N GLY C 329 -12.04 39.46 -51.56
CA GLY C 329 -13.48 39.44 -51.39
C GLY C 329 -13.87 39.71 -49.96
N TRP C 330 -15.01 40.38 -49.79
CA TRP C 330 -15.54 40.67 -48.47
C TRP C 330 -17.04 40.90 -48.58
N ALA C 331 -17.74 40.76 -47.45
CA ALA C 331 -19.17 41.00 -47.42
C ALA C 331 -19.58 41.55 -46.06
N GLY C 332 -20.83 42.00 -45.97
CA GLY C 332 -21.36 42.52 -44.73
C GLY C 332 -22.86 42.73 -44.82
N LEU C 333 -23.50 42.87 -43.66
CA LEU C 333 -24.94 43.11 -43.60
C LEU C 333 -25.25 44.60 -43.53
N ARG C 334 -26.35 44.99 -44.14
CA ARG C 334 -26.87 46.36 -44.01
C ARG C 334 -28.13 46.37 -43.14
N ASP C 335 -28.28 47.40 -42.32
CA ASP C 335 -29.53 47.59 -41.59
C ASP C 335 -30.61 48.05 -42.57
N LEU C 336 -31.80 48.37 -42.05
CA LEU C 336 -32.90 48.77 -42.92
C LEU C 336 -32.62 50.11 -43.62
N HIS C 337 -31.71 50.90 -43.04
CA HIS C 337 -31.39 52.22 -43.60
C HIS C 337 -30.27 52.15 -44.64
N GLY C 338 -29.71 50.96 -44.83
CA GLY C 338 -28.64 50.77 -45.80
C GLY C 338 -27.26 50.94 -45.20
N ASN C 339 -27.20 51.05 -43.87
CA ASN C 339 -25.92 51.22 -43.17
C ASN C 339 -25.20 49.90 -43.00
N ILE C 340 -23.95 49.84 -43.48
CA ILE C 340 -23.13 48.64 -43.34
C ILE C 340 -22.76 48.43 -41.88
N MET C 341 -23.22 47.32 -41.31
CA MET C 341 -22.94 46.99 -39.92
C MET C 341 -21.62 46.26 -39.79
N GLN C 342 -20.59 47.01 -39.37
CA GLN C 342 -19.21 46.52 -39.39
C GLN C 342 -18.98 45.27 -38.55
N GLU C 343 -19.90 45.00 -37.63
CA GLU C 343 -19.77 43.84 -36.75
C GLU C 343 -20.21 42.56 -37.45
N SER C 344 -20.73 42.69 -38.67
CA SER C 344 -21.14 41.55 -39.48
C SER C 344 -20.15 41.25 -40.60
N LEU C 345 -19.13 42.08 -40.75
CA LEU C 345 -18.18 41.95 -41.84
C LEU C 345 -17.37 40.66 -41.80
N PHE C 346 -16.88 40.26 -42.96
CA PHE C 346 -15.85 39.23 -43.04
C PHE C 346 -15.10 39.34 -44.35
N ALA C 347 -13.80 39.02 -44.31
CA ALA C 347 -12.99 39.00 -45.52
C ALA C 347 -12.68 37.56 -45.90
N LEU C 348 -12.69 37.30 -47.20
CA LEU C 348 -12.37 35.97 -47.71
C LEU C 348 -10.91 35.97 -48.17
N ARG C 349 -10.17 34.99 -47.66
CA ARG C 349 -8.73 34.87 -47.91
C ARG C 349 -8.42 33.64 -48.75
N GLU C 350 -7.60 33.82 -49.79
CA GLU C 350 -7.18 32.71 -50.65
C GLU C 350 -6.59 31.58 -49.85
N ASN C 351 -7.24 30.42 -49.87
CA ASN C 351 -6.66 29.21 -49.31
C ASN C 351 -5.73 28.58 -50.33
N LEU C 352 -4.47 29.03 -50.33
CA LEU C 352 -3.48 28.55 -51.29
C LEU C 352 -2.98 27.15 -50.95
N LEU C 353 -3.52 26.57 -49.89
CA LEU C 353 -3.15 25.23 -49.46
C LEU C 353 -4.23 24.19 -49.74
N VAL C 354 -5.30 24.60 -50.42
CA VAL C 354 -6.47 23.72 -50.58
C VAL C 354 -6.14 22.44 -51.34
N ASP C 355 -5.17 22.54 -52.25
CA ASP C 355 -4.72 21.39 -53.02
C ASP C 355 -3.47 20.74 -52.39
N GLN C 356 -3.05 21.27 -51.25
CA GLN C 356 -1.92 20.70 -50.52
C GLN C 356 -2.09 20.88 -49.02
N PRO C 357 -3.12 20.24 -48.45
CA PRO C 357 -3.49 20.42 -47.05
C PRO C 357 -2.55 19.75 -46.05
N GLN C 358 -1.65 18.90 -46.51
CA GLN C 358 -0.69 18.21 -45.64
C GLN C 358 0.72 18.74 -45.82
N SER C 359 0.87 19.75 -46.66
CA SER C 359 2.17 20.39 -46.87
C SER C 359 2.69 20.95 -45.56
N GLN C 360 4.01 20.93 -45.40
CA GLN C 360 4.63 21.47 -44.20
C GLN C 360 4.79 22.97 -44.31
N THR C 361 3.67 23.68 -44.35
CA THR C 361 3.65 25.14 -44.30
C THR C 361 3.14 25.56 -42.93
N ASN C 362 4.04 26.04 -42.07
CA ASN C 362 3.71 26.35 -40.68
C ASN C 362 3.92 27.81 -40.35
N VAL C 363 2.99 28.40 -39.60
CA VAL C 363 3.16 29.76 -39.11
C VAL C 363 4.36 29.82 -38.17
N LEU C 364 5.18 30.85 -38.33
CA LEU C 364 6.46 30.92 -37.65
C LEU C 364 6.33 30.96 -36.12
N VAL C 365 5.33 31.70 -35.64
CA VAL C 365 5.14 31.92 -34.22
C VAL C 365 4.98 30.62 -33.42
N SER C 366 4.43 29.60 -34.07
CA SER C 366 4.18 28.33 -33.40
C SER C 366 5.47 27.50 -33.27
N LEU C 367 6.44 27.77 -34.14
CA LEU C 367 7.69 27.03 -34.15
C LEU C 367 8.69 27.62 -33.17
N THR C 368 8.65 28.95 -33.05
CA THR C 368 9.60 29.66 -32.23
C THR C 368 9.20 29.69 -30.75
N GLN C 369 7.94 29.39 -30.46
CA GLN C 369 7.45 29.47 -29.09
C GLN C 369 8.23 28.52 -28.18
N ALA C 370 8.47 28.96 -26.95
CA ALA C 370 9.09 28.10 -25.96
C ALA C 370 8.12 27.02 -25.55
N ALA C 371 8.58 25.78 -25.57
CA ALA C 371 7.74 24.65 -25.20
C ALA C 371 7.26 24.80 -23.77
N PRO C 372 5.95 24.59 -23.54
CA PRO C 372 5.45 24.64 -22.17
C PRO C 372 6.16 23.63 -21.24
N ASP C 373 6.45 22.44 -21.74
CA ASP C 373 7.06 21.39 -20.92
C ASP C 373 8.57 21.52 -20.81
N GLY C 374 9.13 22.53 -21.46
CA GLY C 374 10.55 22.83 -21.35
C GLY C 374 11.43 22.06 -22.32
N GLY C 375 10.82 21.18 -23.09
CA GLY C 375 11.56 20.42 -24.09
C GLY C 375 11.86 21.25 -25.32
N ASP C 376 12.14 20.59 -26.43
CA ASP C 376 12.38 21.27 -27.70
C ASP C 376 11.21 22.13 -28.14
N SER C 377 11.49 23.29 -28.70
CA SER C 377 10.48 24.04 -29.43
C SER C 377 10.20 23.27 -30.71
N LEU C 378 9.09 23.58 -31.37
CA LEU C 378 8.74 22.88 -32.59
C LEU C 378 9.67 23.24 -33.72
N LEU C 379 10.36 24.37 -33.59
CA LEU C 379 11.40 24.75 -34.54
C LEU C 379 12.60 23.81 -34.42
N VAL C 380 13.09 23.66 -33.20
CA VAL C 380 14.22 22.78 -32.93
C VAL C 380 13.91 21.33 -33.30
N ALA C 381 12.64 20.95 -33.17
CA ALA C 381 12.21 19.63 -33.60
C ALA C 381 12.45 19.46 -35.11
N ALA C 382 12.06 20.48 -35.88
CA ALA C 382 12.23 20.45 -37.33
C ALA C 382 13.71 20.43 -37.72
N VAL C 383 14.50 21.29 -37.07
CA VAL C 383 15.93 21.38 -37.37
C VAL C 383 16.66 20.08 -37.06
N LYS C 384 16.26 19.40 -36.00
CA LYS C 384 16.86 18.11 -35.64
C LYS C 384 16.54 17.03 -36.68
N ARG C 385 15.32 17.06 -37.21
CA ARG C 385 14.92 16.13 -38.27
C ARG C 385 15.73 16.39 -39.54
N LEU C 386 15.91 17.67 -39.85
CA LEU C 386 16.75 18.07 -40.97
C LEU C 386 18.17 17.56 -40.80
N SER C 387 18.67 17.65 -39.57
CA SER C 387 20.01 17.17 -39.24
C SER C 387 20.14 15.66 -39.42
N ASP C 388 19.15 14.92 -38.93
CA ASP C 388 19.15 13.46 -39.05
C ASP C 388 19.03 13.02 -40.51
N ARG C 389 18.15 13.69 -41.24
CA ARG C 389 17.86 13.32 -42.63
C ARG C 389 19.06 13.53 -43.52
N LEU C 390 19.71 14.68 -43.38
CA LEU C 390 20.85 15.04 -44.22
C LEU C 390 22.15 14.46 -43.69
N GLY C 391 22.11 13.95 -42.46
CA GLY C 391 23.30 13.39 -41.84
C GLY C 391 24.32 14.46 -41.51
N ILE C 392 23.84 15.64 -41.14
CA ILE C 392 24.69 16.75 -40.75
C ILE C 392 24.52 17.06 -39.27
N THR C 393 25.45 17.82 -38.69
CA THR C 393 25.36 18.15 -37.28
C THR C 393 24.20 19.09 -37.04
N ALA C 394 23.66 19.06 -35.83
CA ALA C 394 22.53 19.90 -35.48
C ALA C 394 22.86 21.38 -35.71
N GLN C 395 24.09 21.77 -35.42
CA GLN C 395 24.54 23.14 -35.65
C GLN C 395 24.49 23.49 -37.13
N GLN C 396 24.97 22.57 -37.97
CA GLN C 396 24.96 22.78 -39.41
C GLN C 396 23.53 22.90 -39.92
N ALA C 397 22.65 22.10 -39.37
CA ALA C 397 21.23 22.16 -39.75
C ALA C 397 20.62 23.46 -39.26
N ALA C 398 21.14 23.96 -38.14
CA ALA C 398 20.69 25.23 -37.59
C ALA C 398 21.09 26.37 -38.51
N HIS C 399 22.29 26.27 -39.05
CA HIS C 399 22.80 27.28 -39.96
C HIS C 399 22.07 27.21 -41.30
N ALA C 400 21.84 25.99 -41.78
CA ALA C 400 21.12 25.78 -43.03
C ALA C 400 19.70 26.36 -42.93
N TRP C 401 19.03 26.09 -41.83
CA TRP C 401 17.66 26.57 -41.62
C TRP C 401 17.63 28.09 -41.55
N VAL C 402 18.57 28.68 -40.80
CA VAL C 402 18.64 30.12 -40.64
C VAL C 402 18.99 30.84 -41.94
N ASP C 403 19.93 30.30 -42.70
CA ASP C 403 20.26 30.86 -44.00
C ASP C 403 19.08 30.75 -44.97
N ALA C 404 18.45 29.57 -45.00
CA ALA C 404 17.30 29.35 -45.90
C ALA C 404 16.15 30.27 -45.52
N TYR C 405 15.98 30.50 -44.22
CA TYR C 405 14.97 31.43 -43.73
C TYR C 405 15.18 32.81 -44.37
N CYS C 406 16.41 33.29 -44.32
CA CYS C 406 16.75 34.60 -44.89
C CYS C 406 16.43 34.68 -46.38
N HIS C 407 16.86 33.67 -47.12
CA HIS C 407 16.69 33.65 -48.57
C HIS C 407 15.23 33.53 -48.98
N GLN C 408 14.45 32.82 -48.16
CA GLN C 408 13.05 32.52 -48.48
C GLN C 408 12.06 33.54 -47.92
N VAL C 409 12.39 34.11 -46.76
CA VAL C 409 11.46 34.97 -46.04
C VAL C 409 11.90 36.43 -46.12
N LEU C 410 13.09 36.72 -45.63
CA LEU C 410 13.55 38.09 -45.53
C LEU C 410 13.77 38.72 -46.90
N LYS C 411 14.37 37.96 -47.82
CA LYS C 411 14.76 38.52 -49.11
C LYS C 411 13.56 39.08 -49.88
N PRO C 412 12.51 38.26 -50.09
CA PRO C 412 11.39 38.82 -50.85
C PRO C 412 10.70 40.00 -50.15
N LEU C 413 10.69 40.01 -48.82
CA LEU C 413 9.97 41.04 -48.08
C LEU C 413 10.69 42.39 -48.10
N PHE C 414 12.01 42.37 -47.95
CA PHE C 414 12.80 43.59 -48.07
C PHE C 414 12.82 44.08 -49.51
N THR C 415 13.00 43.16 -50.44
CA THR C 415 13.07 43.49 -51.86
C THR C 415 11.77 44.08 -52.36
N ALA C 416 10.65 43.54 -51.88
CA ALA C 416 9.33 44.06 -52.26
C ALA C 416 9.21 45.54 -51.90
N GLU C 417 9.67 45.89 -50.70
CA GLU C 417 9.62 47.27 -50.25
C GLU C 417 10.61 48.14 -51.02
N ALA C 418 11.84 47.64 -51.18
CA ALA C 418 12.91 48.44 -51.77
C ALA C 418 12.70 48.68 -53.26
N ASP C 419 12.40 47.63 -54.00
CA ASP C 419 12.33 47.71 -55.46
C ASP C 419 10.95 48.10 -55.99
N TYR C 420 9.91 47.92 -55.18
CA TYR C 420 8.54 48.18 -55.63
C TYR C 420 7.75 49.09 -54.70
N GLY C 421 8.23 49.27 -53.47
CA GLY C 421 7.55 50.13 -52.51
C GLY C 421 6.42 49.44 -51.78
N LEU C 422 6.37 48.11 -51.86
CA LEU C 422 5.32 47.32 -51.21
C LEU C 422 5.75 46.93 -49.80
N VAL C 423 5.00 47.40 -48.81
CA VAL C 423 5.30 47.13 -47.41
C VAL C 423 4.38 46.03 -46.89
N LEU C 424 4.98 44.94 -46.44
CA LEU C 424 4.23 43.85 -45.82
C LEU C 424 4.75 43.65 -44.40
N LEU C 425 3.96 44.08 -43.43
CA LEU C 425 4.38 44.11 -42.04
C LEU C 425 4.32 42.72 -41.43
N ALA C 426 5.41 41.98 -41.58
CA ALA C 426 5.43 40.55 -41.31
C ALA C 426 6.04 40.19 -39.96
N HIS C 427 5.21 40.07 -38.94
CA HIS C 427 5.63 39.45 -37.68
C HIS C 427 5.34 37.95 -37.78
N GLN C 428 5.78 37.18 -36.78
CA GLN C 428 5.72 35.72 -36.82
C GLN C 428 4.38 35.13 -37.27
N GLN C 429 3.30 35.76 -36.83
CA GLN C 429 1.98 35.20 -37.06
C GLN C 429 1.50 35.47 -38.49
N ASN C 430 2.14 36.41 -39.17
CA ASN C 430 1.83 36.70 -40.57
C ASN C 430 2.68 35.88 -41.52
N ILE C 431 3.73 35.25 -40.98
CA ILE C 431 4.70 34.51 -41.78
C ILE C 431 4.41 33.01 -41.77
N LEU C 432 4.06 32.47 -42.93
CA LEU C 432 3.89 31.04 -43.10
C LEU C 432 5.10 30.48 -43.83
N VAL C 433 5.97 29.81 -43.09
CA VAL C 433 7.19 29.25 -43.65
C VAL C 433 6.88 27.97 -44.42
N GLN C 434 7.04 28.04 -45.74
CA GLN C 434 6.87 26.88 -46.60
C GLN C 434 8.12 26.00 -46.51
N MET C 435 7.98 24.84 -45.89
CA MET C 435 9.10 23.93 -45.70
C MET C 435 8.96 22.67 -46.53
N LEU C 436 10.10 22.06 -46.84
CA LEU C 436 10.15 20.75 -47.47
C LEU C 436 11.30 19.99 -46.82
N GLY C 437 10.96 18.92 -46.11
CA GLY C 437 11.94 18.17 -45.34
C GLY C 437 12.52 19.02 -44.24
N ASP C 438 11.67 19.83 -43.62
CA ASP C 438 12.02 20.70 -42.49
C ASP C 438 12.90 21.88 -42.89
N LEU C 439 13.20 22.00 -44.19
CA LEU C 439 13.99 23.13 -44.69
C LEU C 439 13.08 24.16 -45.38
N PRO C 440 13.21 25.45 -45.03
CA PRO C 440 12.41 26.45 -45.73
C PRO C 440 12.67 26.46 -47.24
N VAL C 441 11.61 26.41 -48.04
CA VAL C 441 11.72 26.46 -49.49
C VAL C 441 10.82 27.54 -50.07
N GLY C 442 10.29 28.41 -49.21
CA GLY C 442 9.38 29.45 -49.64
C GLY C 442 8.70 30.21 -48.53
N LEU C 443 7.83 31.13 -48.92
CA LEU C 443 7.09 31.97 -47.99
C LEU C 443 5.67 32.20 -48.48
N ILE C 444 4.73 32.15 -47.55
CA ILE C 444 3.37 32.62 -47.81
C ILE C 444 3.05 33.66 -46.74
N TYR C 445 2.75 34.88 -47.18
CA TYR C 445 2.36 35.96 -46.29
C TYR C 445 0.84 36.04 -46.19
N ARG C 446 0.35 36.28 -44.99
CA ARG C 446 -1.08 36.44 -44.75
C ARG C 446 -1.38 37.70 -43.92
N ASP C 447 -2.62 38.17 -44.00
CA ASP C 447 -3.12 39.36 -43.30
C ASP C 447 -2.79 40.63 -44.08
N CYS C 448 -3.68 40.97 -44.99
CA CYS C 448 -3.47 42.09 -45.89
C CYS C 448 -3.71 43.43 -45.22
N GLN C 449 -4.21 43.41 -43.99
CA GLN C 449 -4.33 44.62 -43.18
C GLN C 449 -2.95 45.20 -42.92
N GLY C 450 -1.95 44.32 -42.86
CA GLY C 450 -0.58 44.73 -42.62
C GLY C 450 0.14 45.09 -43.90
N SER C 451 -0.62 45.52 -44.90
CA SER C 451 -0.04 46.00 -46.14
C SER C 451 0.05 47.52 -46.11
N ALA C 452 1.10 48.06 -46.73
CA ALA C 452 1.26 49.50 -46.86
C ALA C 452 2.13 49.80 -48.07
N PHE C 453 2.17 51.07 -48.46
CA PHE C 453 2.88 51.47 -49.67
C PHE C 453 3.77 52.68 -49.41
N MET C 454 5.00 52.62 -49.93
CA MET C 454 5.94 53.73 -49.82
C MET C 454 5.69 54.70 -50.98
N PRO C 455 6.23 55.93 -50.88
CA PRO C 455 6.08 56.92 -51.94
C PRO C 455 6.47 56.43 -53.33
N HIS C 456 7.52 55.62 -53.42
CA HIS C 456 8.01 55.17 -54.72
C HIS C 456 7.17 54.02 -55.32
N ALA C 457 5.99 53.81 -54.76
CA ALA C 457 4.98 52.93 -55.34
C ALA C 457 3.84 53.73 -55.96
N ALA C 458 3.93 55.05 -55.82
CA ALA C 458 2.84 55.95 -56.23
C ALA C 458 2.46 55.79 -57.70
N GLY C 459 3.46 55.61 -58.56
CA GLY C 459 3.21 55.42 -59.98
C GLY C 459 2.56 54.07 -60.23
N TRP C 460 2.96 53.07 -59.43
CA TRP C 460 2.43 51.72 -59.54
C TRP C 460 0.97 51.67 -59.10
N LEU C 461 0.64 52.46 -58.09
CA LEU C 461 -0.73 52.53 -57.58
C LEU C 461 -1.64 53.33 -58.51
N ASP C 462 -1.05 54.28 -59.22
CA ASP C 462 -1.80 55.11 -60.15
C ASP C 462 -2.44 54.25 -61.25
N THR C 463 -1.78 53.15 -61.59
CA THR C 463 -2.25 52.27 -62.66
C THR C 463 -3.59 51.62 -62.32
N ILE C 464 -3.89 51.47 -61.03
CA ILE C 464 -5.18 50.96 -60.59
C ILE C 464 -5.96 52.08 -59.88
N GLY C 465 -5.46 53.30 -60.01
CA GLY C 465 -6.14 54.48 -59.47
C GLY C 465 -6.20 54.51 -57.96
N GLU C 466 -5.14 54.02 -57.31
CA GLU C 466 -5.11 53.92 -55.85
C GLU C 466 -3.95 54.69 -55.22
N ALA C 467 -3.31 55.56 -56.00
CA ALA C 467 -2.15 56.29 -55.51
C ALA C 467 -2.51 57.21 -54.33
N GLN C 468 -3.81 57.41 -54.14
CA GLN C 468 -4.31 58.21 -53.03
C GLN C 468 -4.72 57.28 -51.88
N ALA C 469 -4.19 56.07 -51.87
CA ALA C 469 -4.59 55.07 -50.88
C ALA C 469 -4.35 55.53 -49.46
N GLU C 470 -5.12 54.96 -48.54
CA GLU C 470 -5.12 55.35 -47.15
C GLU C 470 -3.94 54.72 -46.41
N ASN C 471 -3.48 53.56 -46.89
CA ASN C 471 -2.39 52.84 -46.24
C ASN C 471 -1.05 53.12 -46.90
N VAL C 472 -0.73 54.41 -47.01
CA VAL C 472 0.59 54.85 -47.46
C VAL C 472 1.45 55.19 -46.25
N PHE C 473 2.74 54.90 -46.35
CA PHE C 473 3.68 55.19 -45.28
C PHE C 473 4.65 56.30 -45.65
N THR C 474 5.21 56.95 -44.63
CA THR C 474 6.36 57.82 -44.80
C THR C 474 7.61 57.01 -44.50
N ARG C 475 8.76 57.63 -44.66
CA ARG C 475 10.03 56.96 -44.38
C ARG C 475 10.19 56.68 -42.90
N GLU C 476 9.67 57.57 -42.06
CA GLU C 476 9.79 57.42 -40.61
C GLU C 476 8.90 56.29 -40.11
N GLN C 477 7.71 56.16 -40.70
CA GLN C 477 6.78 55.11 -40.33
C GLN C 477 7.31 53.73 -40.69
N LEU C 478 7.85 53.61 -41.89
CA LEU C 478 8.41 52.34 -42.34
C LEU C 478 9.61 51.95 -41.49
N LEU C 479 10.40 52.94 -41.11
CA LEU C 479 11.61 52.72 -40.32
C LEU C 479 11.40 52.18 -38.90
N ARG C 480 10.31 52.55 -38.25
CA ARG C 480 10.07 52.09 -36.89
C ARG C 480 9.29 50.76 -36.82
N TYR C 481 8.33 50.59 -37.74
CA TYR C 481 7.47 49.42 -37.72
C TYR C 481 8.12 48.20 -38.36
N PHE C 482 8.65 48.40 -39.57
CA PHE C 482 9.09 47.31 -40.42
C PHE C 482 10.25 46.48 -39.86
N PRO C 483 11.27 47.14 -39.28
CA PRO C 483 12.36 46.32 -38.71
C PRO C 483 11.99 45.65 -37.38
N TYR C 484 11.03 46.21 -36.65
CA TYR C 484 10.57 45.57 -35.43
C TYR C 484 9.85 44.26 -35.75
N TYR C 485 8.94 44.32 -36.72
CA TYR C 485 8.18 43.14 -37.12
C TYR C 485 9.07 42.09 -37.77
N LEU C 486 9.96 42.54 -38.66
CA LEU C 486 10.70 41.64 -39.54
C LEU C 486 11.94 41.02 -38.90
N LEU C 487 12.47 41.66 -37.86
CA LEU C 487 13.67 41.16 -37.19
C LEU C 487 13.47 40.85 -35.72
N VAL C 488 12.94 41.83 -34.99
CA VAL C 488 12.75 41.67 -33.56
C VAL C 488 11.66 40.63 -33.30
N ASN C 489 10.48 40.86 -33.86
CA ASN C 489 9.35 39.99 -33.63
C ASN C 489 9.55 38.63 -34.34
N SER C 490 10.12 38.67 -35.54
CA SER C 490 10.25 37.46 -36.36
C SER C 490 11.60 36.78 -36.22
N THR C 491 12.63 37.42 -36.80
CA THR C 491 13.91 36.76 -37.00
C THR C 491 14.61 36.43 -35.68
N PHE C 492 14.54 37.31 -34.70
CA PHE C 492 15.27 37.06 -33.46
C PHE C 492 14.59 35.97 -32.65
N ALA C 493 13.29 35.78 -32.84
CA ALA C 493 12.59 34.67 -32.21
C ALA C 493 13.11 33.35 -32.78
N VAL C 494 13.49 33.39 -34.06
CA VAL C 494 14.10 32.24 -34.71
C VAL C 494 15.47 31.95 -34.09
N THR C 495 16.33 32.96 -34.07
CA THR C 495 17.68 32.79 -33.54
C THR C 495 17.66 32.48 -32.06
N ALA C 496 16.75 33.12 -31.33
CA ALA C 496 16.63 32.90 -29.89
C ALA C 496 16.27 31.45 -29.56
N ALA C 497 15.42 30.86 -30.39
CA ALA C 497 14.97 29.49 -30.16
C ALA C 497 16.12 28.51 -30.30
N LEU C 498 16.89 28.68 -31.38
CA LEU C 498 18.04 27.83 -31.64
C LEU C 498 19.12 28.06 -30.58
N GLY C 499 19.26 29.31 -30.17
CA GLY C 499 20.19 29.66 -29.12
C GLY C 499 19.82 29.00 -27.81
N ALA C 500 18.55 29.13 -27.43
CA ALA C 500 18.06 28.62 -26.17
C ALA C 500 18.21 27.11 -26.08
N ALA C 501 18.20 26.44 -27.23
CA ALA C 501 18.35 24.99 -27.30
C ALA C 501 19.83 24.60 -27.34
N GLY C 502 20.70 25.59 -27.48
CA GLY C 502 22.14 25.34 -27.45
C GLY C 502 22.73 24.88 -28.76
N LEU C 503 21.99 25.06 -29.86
CA LEU C 503 22.48 24.64 -31.17
C LEU C 503 23.62 25.55 -31.62
N ASP C 504 23.59 26.80 -31.16
CA ASP C 504 24.66 27.77 -31.38
C ASP C 504 24.33 28.99 -30.52
N SER C 505 25.13 30.05 -30.60
CA SER C 505 24.84 31.28 -29.86
C SER C 505 24.00 32.23 -30.72
N GLU C 506 23.14 33.03 -30.07
CA GLU C 506 22.36 34.03 -30.78
C GLU C 506 23.26 34.97 -31.57
N ALA C 507 24.43 35.26 -30.99
CA ALA C 507 25.38 36.17 -31.60
C ALA C 507 25.89 35.62 -32.93
N ASN C 508 26.30 34.35 -32.92
CA ASN C 508 26.78 33.70 -34.14
C ASN C 508 25.68 33.58 -35.18
N LEU C 509 24.46 33.35 -34.73
CA LEU C 509 23.33 33.21 -35.64
C LEU C 509 22.90 34.57 -36.16
N MET C 510 22.92 35.59 -35.30
CA MET C 510 22.59 36.94 -35.73
C MET C 510 23.68 37.49 -36.64
N ALA C 511 24.85 36.86 -36.61
CA ALA C 511 25.95 37.23 -37.50
C ALA C 511 25.67 36.71 -38.90
N ARG C 512 25.14 35.50 -38.98
CA ARG C 512 24.76 34.90 -40.26
C ARG C 512 23.68 35.73 -40.95
N VAL C 513 22.74 36.22 -40.16
CA VAL C 513 21.66 37.03 -40.70
C VAL C 513 22.25 38.32 -41.26
N ARG C 514 23.09 38.97 -40.46
CA ARG C 514 23.74 40.22 -40.87
C ARG C 514 24.45 40.06 -42.21
N THR C 515 25.20 38.96 -42.35
CA THR C 515 25.91 38.66 -43.58
C THR C 515 25.00 38.68 -44.80
N LEU C 516 23.88 37.99 -44.71
CA LEU C 516 22.96 37.87 -45.82
C LEU C 516 22.16 39.16 -46.02
N LEU C 517 21.92 39.88 -44.94
CA LEU C 517 21.23 41.17 -45.04
C LEU C 517 22.12 42.17 -45.77
N ALA C 518 23.44 41.98 -45.65
CA ALA C 518 24.40 42.85 -46.33
C ALA C 518 24.40 42.57 -47.83
N GLU C 519 24.53 41.30 -48.20
CA GLU C 519 24.50 40.89 -49.61
C GLU C 519 23.25 41.42 -50.30
N MET C 520 22.16 41.42 -49.55
CA MET C 520 20.84 41.77 -50.04
C MET C 520 20.68 43.28 -50.23
N ARG C 521 21.36 44.05 -49.38
CA ARG C 521 21.35 45.50 -49.50
C ARG C 521 22.00 45.92 -50.80
N ASP C 522 23.02 45.17 -51.20
CA ASP C 522 23.80 45.48 -52.39
C ASP C 522 23.00 45.26 -53.67
N GLN C 523 21.88 44.54 -53.55
CA GLN C 523 21.07 44.15 -54.70
C GLN C 523 19.86 45.05 -54.95
N VAL C 524 19.45 45.83 -53.95
CA VAL C 524 18.21 46.59 -54.03
C VAL C 524 18.42 48.05 -54.42
N THR C 525 17.37 48.66 -54.96
CA THR C 525 17.41 50.03 -55.45
C THR C 525 17.44 51.04 -54.31
N HIS C 526 16.49 50.89 -53.38
CA HIS C 526 16.38 51.77 -52.22
C HIS C 526 16.92 51.10 -50.97
N LYS C 527 18.16 51.43 -50.62
CA LYS C 527 18.87 50.78 -49.53
C LYS C 527 18.51 51.36 -48.16
N THR C 528 17.60 52.33 -48.16
CA THR C 528 17.21 53.04 -46.94
C THR C 528 16.92 52.15 -45.75
N CYS C 529 16.00 51.21 -45.92
CA CYS C 529 15.51 50.40 -44.81
C CYS C 529 16.57 49.43 -44.30
N LEU C 530 17.35 48.85 -45.22
CA LEU C 530 18.37 47.88 -44.83
C LEU C 530 19.58 48.55 -44.16
N ASN C 531 19.90 49.77 -44.56
CA ASN C 531 20.93 50.54 -43.88
C ASN C 531 20.55 50.75 -42.43
N TYR C 532 19.30 51.13 -42.21
CA TYR C 532 18.76 51.34 -40.87
C TYR C 532 18.89 50.06 -40.03
N VAL C 533 18.61 48.93 -40.65
CA VAL C 533 18.73 47.62 -40.00
C VAL C 533 20.17 47.29 -39.64
N LEU C 534 21.09 47.62 -40.54
CA LEU C 534 22.47 47.19 -40.41
C LEU C 534 23.37 48.17 -39.66
N GLU C 535 22.98 49.44 -39.63
CA GLU C 535 23.89 50.50 -39.18
C GLU C 535 23.37 51.35 -38.02
N ASN C 536 22.06 51.49 -37.88
CA ASN C 536 21.51 52.34 -36.84
C ASN C 536 21.65 51.70 -35.45
N PRO C 537 22.34 52.40 -34.53
CA PRO C 537 22.57 51.83 -33.20
C PRO C 537 21.31 51.44 -32.45
N TYR C 538 20.22 52.19 -32.64
CA TYR C 538 19.00 51.98 -31.84
C TYR C 538 17.71 52.06 -32.66
N TRP C 539 16.85 51.06 -32.48
CA TRP C 539 15.56 51.01 -33.15
C TRP C 539 14.44 51.43 -32.19
N ASN C 540 13.96 52.66 -32.34
CA ASN C 540 12.88 53.16 -31.51
C ASN C 540 11.57 52.52 -31.93
N VAL C 541 10.95 51.80 -30.99
CA VAL C 541 9.79 50.97 -31.28
C VAL C 541 8.76 50.98 -30.16
N LYS C 542 7.51 50.64 -30.50
CA LYS C 542 6.46 50.49 -29.50
C LYS C 542 6.57 49.16 -28.78
N GLY C 543 6.37 49.18 -27.46
CA GLY C 543 6.33 47.97 -26.66
C GLY C 543 4.90 47.57 -26.40
N ASN C 544 4.70 46.41 -25.79
CA ASN C 544 3.36 45.94 -25.46
C ASN C 544 3.01 46.14 -24.00
N PHE C 545 4.02 46.05 -23.13
CA PHE C 545 3.79 46.02 -21.69
C PHE C 545 3.11 47.29 -21.17
N PHE C 546 3.73 48.44 -21.44
CA PHE C 546 3.20 49.70 -20.94
C PHE C 546 2.06 50.18 -21.81
N CYS C 547 2.04 49.75 -23.08
CA CYS C 547 0.93 50.05 -23.96
C CYS C 547 -0.35 49.36 -23.45
N TYR C 548 -0.20 48.15 -22.95
CA TYR C 548 -1.32 47.37 -22.44
C TYR C 548 -1.85 47.97 -21.14
N LEU C 549 -0.92 48.43 -20.29
CA LEU C 549 -1.25 49.07 -19.03
C LEU C 549 -2.11 50.31 -19.26
N ASN C 550 -1.69 51.13 -20.21
CA ASN C 550 -2.47 52.29 -20.62
C ASN C 550 -3.51 51.92 -21.66
N ASP C 551 -4.70 51.53 -21.21
CA ASP C 551 -5.74 51.04 -22.10
C ASP C 551 -6.13 52.09 -23.13
N ILE C 563 5.68 54.79 -24.03
CA ILE C 563 5.34 53.50 -24.59
C ILE C 563 6.34 53.10 -25.68
N TYR C 564 6.87 54.10 -26.38
CA TYR C 564 7.94 53.88 -27.35
C TYR C 564 9.30 53.85 -26.65
N PHE C 565 10.10 52.82 -26.92
CA PHE C 565 11.43 52.69 -26.34
C PHE C 565 12.47 52.38 -27.40
N ASP C 566 13.70 52.82 -27.15
CA ASP C 566 14.82 52.50 -28.04
C ASP C 566 15.33 51.09 -27.77
N PHE C 567 15.59 50.37 -28.84
CA PHE C 567 16.03 48.98 -28.77
C PHE C 567 17.39 48.83 -29.43
N ALA C 568 18.39 48.45 -28.65
CA ALA C 568 19.76 48.31 -29.14
C ALA C 568 19.82 47.35 -30.32
N ASN C 569 20.54 47.74 -31.37
CA ASN C 569 20.69 46.92 -32.56
C ASN C 569 21.83 45.92 -32.43
N PRO C 570 21.51 44.61 -32.47
CA PRO C 570 22.58 43.61 -32.43
C PRO C 570 23.17 43.28 -33.81
N LEU C 571 22.76 44.00 -34.84
CA LEU C 571 23.19 43.72 -36.21
C LEU C 571 24.25 44.72 -36.71
N LEU C 572 24.77 45.54 -35.81
CA LEU C 572 25.85 46.45 -36.19
C LEU C 572 27.11 45.65 -36.48
N ALA C 573 28.18 46.34 -36.87
CA ALA C 573 29.46 45.70 -37.14
C ALA C 573 30.43 45.94 -35.98
N THR D 11 17.77 5.88 86.10
CA THR D 11 19.10 6.28 85.62
C THR D 11 19.00 6.97 84.25
N LEU D 12 18.06 6.50 83.43
CA LEU D 12 17.83 7.10 82.12
C LEU D 12 16.51 7.86 82.11
N ASP D 13 16.54 9.08 81.59
CA ASP D 13 15.34 9.91 81.51
C ASP D 13 15.47 10.91 80.37
N VAL D 14 15.01 10.50 79.18
CA VAL D 14 15.20 11.28 77.97
C VAL D 14 14.27 12.48 77.89
N ALA D 15 13.16 12.44 78.60
CA ALA D 15 12.25 13.59 78.65
C ALA D 15 12.87 14.72 79.48
N ALA D 16 13.42 14.36 80.63
CA ALA D 16 14.06 15.33 81.51
C ALA D 16 15.26 15.97 80.83
N GLN D 17 15.94 15.21 79.98
CA GLN D 17 17.15 15.68 79.30
C GLN D 17 16.84 16.80 78.30
N CYS D 18 15.66 16.75 77.70
CA CYS D 18 15.19 17.82 76.81
C CYS D 18 15.10 19.13 77.58
N PHE D 19 14.44 19.06 78.73
CA PHE D 19 14.26 20.20 79.60
C PHE D 19 15.60 20.78 80.02
N LEU D 20 16.53 19.89 80.37
CA LEU D 20 17.83 20.32 80.86
C LEU D 20 18.76 20.80 79.76
N ASN D 21 18.84 20.07 78.66
CA ASN D 21 19.71 20.45 77.54
C ASN D 21 19.31 21.81 76.96
N SER D 22 18.02 22.08 76.88
CA SER D 22 17.52 23.34 76.34
C SER D 22 17.80 24.47 77.33
N LEU D 23 17.88 24.13 78.61
CA LEU D 23 18.22 25.12 79.63
C LEU D 23 19.70 25.46 79.55
N VAL D 24 20.53 24.44 79.43
CA VAL D 24 21.98 24.64 79.40
C VAL D 24 22.41 25.42 78.15
N ARG D 25 21.69 25.22 77.06
CA ARG D 25 21.99 25.92 75.81
C ARG D 25 21.64 27.41 75.90
N GLU D 26 20.57 27.71 76.62
CA GLU D 26 20.04 29.08 76.67
C GLU D 26 20.49 29.83 77.91
N THR D 27 21.49 29.30 78.60
CA THR D 27 22.04 29.95 79.80
C THR D 27 23.57 29.90 79.82
N LYS D 28 24.16 30.92 80.42
CA LYS D 28 25.60 30.97 80.64
C LYS D 28 25.89 30.70 82.11
N ASP D 29 24.84 30.61 82.92
CA ASP D 29 24.98 30.32 84.35
C ASP D 29 24.99 28.82 84.62
N TRP D 30 26.18 28.23 84.50
CA TRP D 30 26.41 26.82 84.82
C TRP D 30 27.90 26.57 84.61
N ARG D 31 28.40 25.42 85.08
CA ARG D 31 29.81 25.13 85.01
C ARG D 31 30.11 23.64 85.10
N LEU D 32 31.33 23.28 84.70
CA LEU D 32 31.78 21.89 84.73
C LEU D 32 32.98 21.71 85.64
N THR D 33 32.95 20.65 86.44
CA THR D 33 34.10 20.27 87.25
C THR D 33 35.18 19.70 86.36
N GLU D 34 36.40 20.22 86.49
CA GLU D 34 37.52 19.74 85.69
C GLU D 34 37.82 18.28 86.03
N TYR D 35 37.93 18.01 87.33
CA TYR D 35 38.22 16.66 87.82
C TYR D 35 37.12 15.68 87.42
N GLN D 36 37.52 14.45 87.11
CA GLN D 36 36.57 13.41 86.68
C GLN D 36 36.12 12.55 87.86
N PRO D 37 34.91 11.99 87.76
CA PRO D 37 34.03 12.16 86.60
C PRO D 37 33.45 13.57 86.51
N THR D 38 33.43 14.12 85.30
CA THR D 38 32.93 15.48 85.09
C THR D 38 31.48 15.59 85.52
N GLN D 39 31.17 16.66 86.24
CA GLN D 39 29.79 16.94 86.65
C GLN D 39 29.39 18.34 86.22
N LEU D 40 28.15 18.47 85.77
CA LEU D 40 27.61 19.78 85.37
C LEU D 40 26.79 20.34 86.53
N ILE D 41 26.96 21.63 86.79
CA ILE D 41 26.36 22.27 87.94
C ILE D 41 25.48 23.44 87.54
N ILE D 42 24.25 23.45 88.08
CA ILE D 42 23.32 24.56 87.89
C ILE D 42 23.11 25.27 89.23
N PRO D 43 23.90 26.32 89.49
CA PRO D 43 23.82 27.00 90.78
C PRO D 43 22.43 27.55 91.08
N LEU D 44 21.89 27.23 92.26
CA LEU D 44 20.57 27.71 92.65
C LEU D 44 20.65 29.12 93.25
N GLY D 45 21.72 29.39 93.97
CA GLY D 45 21.90 30.70 94.60
C GLY D 45 22.16 30.65 96.08
N GLU D 46 21.11 30.44 96.86
CA GLU D 46 21.21 30.37 98.31
C GLU D 46 22.27 29.39 98.79
N GLN D 47 23.45 29.44 98.17
CA GLN D 47 24.55 28.55 98.53
C GLN D 47 24.18 27.10 98.25
N GLN D 48 23.28 26.91 97.28
CA GLN D 48 22.85 25.57 96.90
C GLN D 48 22.94 25.41 95.39
N ALA D 49 23.12 24.18 94.92
CA ALA D 49 23.24 23.93 93.49
C ALA D 49 22.86 22.50 93.15
N LEU D 50 22.46 22.28 91.89
CA LEU D 50 22.14 20.95 91.39
C LEU D 50 23.33 20.34 90.65
N HIS D 51 23.72 19.14 91.06
CA HIS D 51 24.86 18.47 90.46
C HIS D 51 24.43 17.32 89.54
N PHE D 52 24.90 17.37 88.29
CA PHE D 52 24.57 16.36 87.30
C PHE D 52 25.79 15.58 86.84
N ARG D 53 25.79 14.27 87.08
CA ARG D 53 26.83 13.40 86.56
C ARG D 53 26.70 13.35 85.04
N VAL D 54 27.77 13.67 84.34
CA VAL D 54 27.76 13.74 82.89
C VAL D 54 28.30 12.47 82.25
N ALA D 55 27.44 11.77 81.51
CA ALA D 55 27.84 10.58 80.78
C ALA D 55 28.46 10.95 79.44
N TYR D 56 27.85 11.94 78.78
CA TYR D 56 28.37 12.46 77.52
C TYR D 56 28.21 13.97 77.44
N PHE D 57 29.33 14.66 77.30
CA PHE D 57 29.31 16.11 77.09
C PHE D 57 29.39 16.43 75.62
N SER D 58 28.51 17.32 75.17
CA SER D 58 28.36 17.68 73.77
C SER D 58 28.67 19.15 73.52
N PRO D 59 29.57 19.45 72.58
CA PRO D 59 29.81 20.86 72.25
C PRO D 59 28.61 21.52 71.57
N THR D 60 27.58 20.72 71.26
CA THR D 60 26.34 21.21 70.69
C THR D 60 25.18 21.04 71.68
N GLN D 61 25.54 20.79 72.94
CA GLN D 61 24.58 20.66 74.05
C GLN D 61 23.65 19.45 73.93
N HIS D 62 23.99 18.49 73.09
CA HIS D 62 23.28 17.21 73.06
C HIS D 62 23.80 16.31 74.19
N HIS D 63 23.68 16.79 75.42
CA HIS D 63 24.26 16.10 76.57
C HIS D 63 23.47 14.86 76.97
N ARG D 64 24.14 13.98 77.71
CA ARG D 64 23.49 12.86 78.37
C ARG D 64 23.90 12.83 79.84
N PHE D 65 22.94 13.13 80.72
CA PHE D 65 23.18 13.12 82.15
C PHE D 65 22.79 11.78 82.76
N GLU D 66 23.55 11.36 83.77
CA GLU D 66 23.21 10.19 84.57
C GLU D 66 22.43 10.66 85.80
N PHE D 67 21.29 10.01 86.04
CA PHE D 67 20.37 10.41 87.11
C PHE D 67 20.39 9.40 88.26
N PRO D 68 19.86 9.76 89.43
CA PRO D 68 19.24 11.04 89.83
C PRO D 68 20.22 12.20 90.02
N ALA D 69 19.71 13.41 89.85
CA ALA D 69 20.45 14.61 90.16
C ALA D 69 20.64 14.72 91.66
N ARG D 70 21.64 15.48 92.08
CA ARG D 70 21.92 15.69 93.50
C ARG D 70 21.85 17.17 93.85
N LEU D 71 21.03 17.50 94.84
CA LEU D 71 20.98 18.85 95.37
C LEU D 71 22.05 19.02 96.44
N VAL D 72 23.04 19.87 96.15
CA VAL D 72 24.18 20.04 97.02
C VAL D 72 24.06 21.33 97.83
N THR D 73 24.23 21.20 99.15
CA THR D 73 24.26 22.34 100.05
C THR D 73 25.45 22.20 100.98
N ALA D 74 25.68 23.20 101.82
CA ALA D 74 26.76 23.16 102.79
C ALA D 74 26.59 21.96 103.73
N SER D 75 25.35 21.59 103.98
CA SER D 75 25.05 20.48 104.88
C SER D 75 24.87 19.16 104.12
N GLY D 76 25.77 18.89 103.17
CA GLY D 76 25.79 17.64 102.44
C GLY D 76 25.02 17.66 101.14
N SER D 77 24.75 16.48 100.60
CA SER D 77 24.04 16.32 99.34
C SER D 77 22.92 15.28 99.46
N HIS D 78 21.89 15.42 98.64
CA HIS D 78 20.80 14.45 98.62
C HIS D 78 20.13 14.40 97.25
N PRO D 79 19.76 13.18 96.79
CA PRO D 79 19.10 13.07 95.48
C PRO D 79 17.78 13.81 95.39
N VAL D 80 17.45 14.27 94.17
CA VAL D 80 16.17 14.90 93.89
C VAL D 80 15.60 14.34 92.58
N ASP D 81 14.28 14.20 92.51
CA ASP D 81 13.64 13.74 91.28
C ASP D 81 13.47 14.91 90.31
N PHE D 82 12.96 14.62 89.12
CA PHE D 82 12.81 15.63 88.09
C PHE D 82 11.74 16.66 88.45
N ALA D 83 10.73 16.23 89.21
CA ALA D 83 9.65 17.10 89.63
C ALA D 83 10.19 18.16 90.61
N THR D 84 11.00 17.70 91.56
CA THR D 84 11.66 18.59 92.51
C THR D 84 12.66 19.48 91.78
N LEU D 85 13.52 18.83 91.01
CA LEU D 85 14.53 19.48 90.20
C LEU D 85 14.00 20.65 89.38
N SER D 86 12.99 20.38 88.56
CA SER D 86 12.40 21.38 87.67
C SER D 86 11.77 22.55 88.42
N ARG D 87 11.04 22.23 89.47
CA ARG D 87 10.40 23.24 90.30
C ARG D 87 11.42 24.19 90.90
N LEU D 88 12.51 23.61 91.43
CA LEU D 88 13.59 24.40 92.01
C LEU D 88 14.18 25.35 90.96
N ILE D 89 14.32 24.85 89.74
CA ILE D 89 14.82 25.67 88.64
C ILE D 89 13.83 26.78 88.29
N VAL D 90 12.57 26.42 88.07
CA VAL D 90 11.54 27.39 87.74
C VAL D 90 11.42 28.48 88.81
N ASP D 91 11.65 28.10 90.06
CA ASP D 91 11.64 29.04 91.17
C ASP D 91 12.73 30.10 90.97
N LYS D 92 13.92 29.66 90.55
CA LYS D 92 15.05 30.55 90.32
C LYS D 92 14.74 31.61 89.26
N LEU D 93 14.12 31.18 88.16
CA LEU D 93 13.91 32.04 87.00
C LEU D 93 13.15 33.32 87.33
N GLN D 94 12.35 33.27 88.40
CA GLN D 94 11.63 34.46 88.87
C GLN D 94 12.52 35.33 89.75
N HIS D 95 13.31 34.71 90.63
CA HIS D 95 14.18 35.46 91.52
C HIS D 95 15.38 36.08 90.80
N GLN D 96 15.84 35.43 89.75
CA GLN D 96 16.99 35.91 88.99
C GLN D 96 16.58 36.98 87.98
N LEU D 97 15.39 36.85 87.42
CA LEU D 97 14.95 37.74 86.34
C LEU D 97 13.65 38.49 86.61
N LEU D 98 12.98 38.17 87.72
CA LEU D 98 11.73 38.84 88.07
C LEU D 98 10.62 38.52 87.07
N LEU D 99 10.04 37.34 87.20
CA LEU D 99 8.96 36.91 86.32
C LEU D 99 7.64 36.78 87.08
N PRO D 100 6.51 36.53 86.32
CA PRO D 100 5.27 36.42 87.11
C PRO D 100 5.23 35.18 88.01
N ALA D 101 4.04 34.60 88.16
CA ALA D 101 3.87 33.41 89.00
C ALA D 101 2.90 32.41 88.40
N THR D 102 1.76 32.89 87.93
CA THR D 102 0.75 32.02 87.33
C THR D 102 1.32 31.38 86.07
N SER D 103 2.20 32.11 85.39
CA SER D 103 2.82 31.61 84.18
C SER D 103 3.92 30.60 84.52
N CYS D 104 4.60 30.85 85.63
CA CYS D 104 5.68 29.98 86.08
C CYS D 104 5.19 28.58 86.44
N GLU D 105 4.02 28.50 87.07
CA GLU D 105 3.47 27.21 87.48
C GLU D 105 2.75 26.54 86.31
N THR D 106 2.23 27.36 85.38
CA THR D 106 1.66 26.83 84.15
C THR D 106 2.76 26.14 83.36
N PHE D 107 3.91 26.82 83.26
CA PHE D 107 5.07 26.29 82.56
C PHE D 107 5.53 24.97 83.17
N HIS D 108 5.73 24.97 84.48
CA HIS D 108 6.24 23.78 85.17
C HIS D 108 5.27 22.61 85.04
N GLN D 109 3.98 22.90 85.11
CA GLN D 109 2.96 21.87 84.91
C GLN D 109 3.13 21.24 83.54
N ARG D 110 3.18 22.09 82.52
CA ARG D 110 3.35 21.64 81.14
C ARG D 110 4.58 20.75 80.97
N VAL D 111 5.63 21.04 81.73
CA VAL D 111 6.85 20.24 81.71
C VAL D 111 6.60 18.88 82.35
N MET D 112 5.79 18.85 83.40
CA MET D 112 5.49 17.61 84.11
C MET D 112 4.61 16.67 83.29
N GLU D 113 3.61 17.24 82.63
CA GLU D 113 2.68 16.44 81.82
C GLU D 113 3.42 15.83 80.63
N SER D 114 4.26 16.62 79.98
CA SER D 114 5.08 16.13 78.88
C SER D 114 5.99 15.01 79.35
N HIS D 115 6.64 15.21 80.49
CA HIS D 115 7.55 14.22 81.07
C HIS D 115 6.81 12.93 81.36
N ALA D 116 5.57 13.04 81.82
CA ALA D 116 4.77 11.89 82.20
C ALA D 116 4.24 11.15 80.99
N HIS D 117 3.81 11.89 79.99
CA HIS D 117 3.27 11.28 78.77
C HIS D 117 4.35 10.50 78.04
N THR D 118 5.55 11.08 77.98
CA THR D 118 6.68 10.44 77.32
C THR D 118 6.91 9.05 77.89
N GLN D 119 6.80 8.94 79.21
CA GLN D 119 7.02 7.67 79.89
C GLN D 119 5.88 6.71 79.60
N GLN D 120 4.68 7.25 79.45
CA GLN D 120 3.52 6.43 79.11
C GLN D 120 3.70 5.83 77.72
N ALA D 121 4.25 6.62 76.80
CA ALA D 121 4.50 6.14 75.45
C ALA D 121 5.62 5.10 75.45
N ILE D 122 6.69 5.37 76.19
CA ILE D 122 7.82 4.45 76.27
C ILE D 122 7.39 3.08 76.79
N ASP D 123 6.52 3.07 77.79
CA ASP D 123 6.03 1.82 78.37
C ASP D 123 5.04 1.12 77.43
N ALA D 124 4.35 1.93 76.62
CA ALA D 124 3.36 1.40 75.68
C ALA D 124 4.01 0.84 74.42
N ARG D 125 5.15 1.42 74.03
CA ARG D 125 5.81 1.04 72.79
C ARG D 125 6.89 0.00 73.03
N HIS D 126 6.45 -1.23 73.27
CA HIS D 126 7.34 -2.38 73.46
C HIS D 126 8.11 -2.70 72.18
N ASP D 127 7.57 -2.26 71.05
CA ASP D 127 8.13 -2.59 69.74
C ASP D 127 9.32 -1.70 69.35
N TRP D 128 9.55 -0.65 70.12
CA TRP D 128 10.48 0.39 69.68
C TRP D 128 11.89 -0.13 69.48
N ALA D 129 12.36 -0.97 70.40
CA ALA D 129 13.73 -1.49 70.31
C ALA D 129 13.93 -2.33 69.05
N ALA D 130 12.87 -2.99 68.60
CA ALA D 130 12.94 -3.83 67.41
C ALA D 130 13.07 -3.02 66.13
N LEU D 131 12.84 -1.72 66.22
CA LEU D 131 12.98 -0.83 65.06
C LEU D 131 14.43 -0.72 64.61
N ARG D 132 15.35 -1.11 65.50
CA ARG D 132 16.78 -1.12 65.16
C ARG D 132 17.12 -2.24 64.19
N GLU D 133 16.29 -3.27 64.17
CA GLU D 133 16.64 -4.54 63.52
C GLU D 133 16.69 -4.44 61.99
N LYS D 134 15.93 -3.51 61.43
CA LYS D 134 15.89 -3.37 59.99
C LYS D 134 15.53 -1.95 59.58
N ALA D 135 15.83 -1.63 58.32
CA ALA D 135 15.50 -0.34 57.75
C ALA D 135 14.01 -0.03 57.92
N LEU D 136 13.73 1.23 58.22
CA LEU D 136 12.36 1.68 58.46
C LEU D 136 11.77 2.27 57.19
N ASN D 137 10.45 2.14 57.06
CA ASN D 137 9.72 2.85 56.01
C ASN D 137 9.23 4.20 56.53
N PHE D 138 8.56 4.95 55.68
CA PHE D 138 8.16 6.33 55.98
C PHE D 138 7.28 6.44 57.21
N GLY D 139 6.19 5.69 57.22
CA GLY D 139 5.27 5.69 58.35
C GLY D 139 5.93 5.25 59.65
N GLU D 140 6.68 4.15 59.60
CA GLU D 140 7.38 3.65 60.78
C GLU D 140 8.27 4.73 61.40
N ALA D 141 8.96 5.47 60.55
CA ALA D 141 9.83 6.54 61.02
C ALA D 141 9.01 7.71 61.57
N GLU D 142 7.83 7.91 60.99
CA GLU D 142 6.97 9.02 61.39
C GLU D 142 6.35 8.83 62.78
N GLN D 143 6.29 7.57 63.22
CA GLN D 143 5.71 7.25 64.52
C GLN D 143 6.74 6.71 65.51
N ALA D 144 8.01 6.99 65.23
CA ALA D 144 9.10 6.46 66.04
C ALA D 144 9.60 7.47 67.07
N LEU D 145 9.23 8.74 66.90
CA LEU D 145 9.71 9.81 67.77
C LEU D 145 8.92 9.91 69.07
N LEU D 146 9.48 9.37 70.15
CA LEU D 146 8.82 9.37 71.45
C LEU D 146 9.35 10.47 72.36
N VAL D 147 10.54 11.01 72.04
CA VAL D 147 11.14 12.07 72.82
C VAL D 147 10.64 13.44 72.38
N GLY D 148 10.46 13.60 71.08
CA GLY D 148 10.02 14.87 70.51
C GLY D 148 11.17 15.84 70.32
N HIS D 149 10.86 17.13 70.41
CA HIS D 149 11.85 18.18 70.21
C HIS D 149 12.90 18.14 71.33
N ALA D 150 14.13 17.77 70.97
CA ALA D 150 15.17 17.50 71.96
C ALA D 150 15.59 18.75 72.71
N PHE D 151 15.26 19.92 72.16
CA PHE D 151 15.61 21.19 72.79
C PHE D 151 14.36 22.04 73.03
N HIS D 152 13.33 21.39 73.57
CA HIS D 152 12.14 22.06 74.06
C HIS D 152 11.89 21.55 75.48
N PRO D 153 11.45 22.43 76.39
CA PRO D 153 11.25 21.97 77.77
C PRO D 153 10.08 21.00 77.94
N ALA D 154 9.04 21.17 77.12
CA ALA D 154 7.86 20.31 77.18
C ALA D 154 7.45 19.91 75.77
N PRO D 155 8.19 18.99 75.15
CA PRO D 155 7.94 18.56 73.77
C PRO D 155 6.70 17.70 73.59
N LYS D 156 6.18 17.11 74.67
CA LYS D 156 5.02 16.22 74.56
C LYS D 156 3.80 16.73 75.33
N SER D 157 3.75 18.05 75.54
CA SER D 157 2.52 18.67 76.00
C SER D 157 1.59 18.73 74.81
N HIS D 158 0.36 18.26 74.99
CA HIS D 158 -0.60 18.14 73.90
C HIS D 158 -2.00 18.59 74.33
N GLU D 159 -2.08 19.79 74.90
CA GLU D 159 -3.36 20.35 75.32
C GLU D 159 -4.23 20.65 74.11
N PRO D 160 -5.55 20.38 74.19
CA PRO D 160 -6.33 19.90 75.33
C PRO D 160 -6.62 18.38 75.33
N PHE D 161 -5.91 17.61 74.52
CA PHE D 161 -6.13 16.16 74.46
C PHE D 161 -6.06 15.51 75.83
N ASN D 162 -7.01 14.63 76.10
CA ASN D 162 -6.97 13.81 77.29
C ASN D 162 -6.09 12.59 77.04
N GLN D 163 -6.15 11.60 77.92
CA GLN D 163 -5.34 10.39 77.76
C GLN D 163 -5.80 9.58 76.56
N GLN D 164 -7.10 9.36 76.46
CA GLN D 164 -7.67 8.54 75.39
C GLN D 164 -7.46 9.18 74.02
N GLU D 165 -7.65 10.49 73.94
CA GLU D 165 -7.50 11.22 72.69
C GLU D 165 -6.06 11.21 72.20
N ALA D 166 -5.13 11.25 73.16
CA ALA D 166 -3.71 11.27 72.84
C ALA D 166 -3.25 9.93 72.31
N GLU D 167 -3.95 8.86 72.69
CA GLU D 167 -3.63 7.53 72.22
C GLU D 167 -4.03 7.32 70.77
N ARG D 168 -5.00 8.11 70.31
CA ARG D 168 -5.59 7.93 68.98
C ARG D 168 -5.08 8.95 67.98
N TYR D 169 -4.73 10.13 68.46
CA TYR D 169 -4.48 11.27 67.58
C TYR D 169 -3.03 11.77 67.61
N LEU D 170 -2.19 11.14 68.43
CA LEU D 170 -0.75 11.39 68.41
C LEU D 170 -0.01 10.15 67.93
N PRO D 171 1.13 10.33 67.23
CA PRO D 171 1.87 9.21 66.65
C PRO D 171 2.51 8.29 67.69
N ASP D 172 2.61 8.78 68.91
CA ASP D 172 3.43 8.14 69.94
C ASP D 172 3.01 6.69 70.22
N PHE D 173 1.71 6.42 70.17
CA PHE D 173 1.19 5.08 70.45
C PHE D 173 0.95 4.28 69.16
N ALA D 174 1.46 4.82 68.06
CA ALA D 174 1.30 4.21 66.74
C ALA D 174 -0.16 3.87 66.41
N PRO D 175 -1.07 4.85 66.55
CA PRO D 175 -2.46 4.60 66.16
C PRO D 175 -2.69 4.81 64.68
N HIS D 176 -3.81 4.32 64.19
CA HIS D 176 -4.29 4.68 62.86
C HIS D 176 -5.81 4.68 62.89
N PHE D 177 -6.41 5.45 62.01
CA PHE D 177 -7.85 5.62 62.01
C PHE D 177 -8.34 6.08 60.64
N PRO D 178 -9.64 5.84 60.35
CA PRO D 178 -10.22 6.39 59.12
C PRO D 178 -10.63 7.85 59.32
N LEU D 179 -10.63 8.64 58.26
CA LEU D 179 -11.09 10.02 58.34
C LEU D 179 -12.58 10.05 58.59
N ARG D 180 -13.05 11.13 59.20
CA ARG D 180 -14.47 11.41 59.24
C ARG D 180 -14.83 12.18 57.98
N TRP D 181 -16.09 12.07 57.56
CA TRP D 181 -16.52 12.66 56.30
C TRP D 181 -17.85 13.39 56.40
N PHE D 182 -17.94 14.52 55.69
CA PHE D 182 -19.20 15.24 55.51
C PHE D 182 -19.60 15.24 54.03
N ALA D 183 -20.90 15.18 53.79
CA ALA D 183 -21.45 15.55 52.49
C ALA D 183 -21.84 17.02 52.57
N VAL D 184 -21.24 17.84 51.71
CA VAL D 184 -21.33 19.29 51.83
C VAL D 184 -21.75 19.95 50.52
N ASN D 185 -22.68 20.90 50.61
CA ASN D 185 -23.07 21.68 49.45
C ASN D 185 -21.91 22.57 49.02
N LYS D 186 -21.63 22.61 47.72
CA LYS D 186 -20.47 23.31 47.18
C LYS D 186 -20.46 24.81 47.50
N THR D 187 -21.60 25.35 47.92
CA THR D 187 -21.67 26.77 48.28
C THR D 187 -20.94 27.02 49.60
N GLN D 188 -20.83 25.98 50.42
CA GLN D 188 -20.16 26.07 51.71
C GLN D 188 -18.75 25.49 51.66
N ILE D 189 -18.22 25.29 50.46
CA ILE D 189 -16.87 24.76 50.27
C ILE D 189 -15.97 25.78 49.61
N ALA D 190 -15.00 26.27 50.39
CA ALA D 190 -13.96 27.15 49.87
C ALA D 190 -12.67 26.37 49.74
N GLY D 191 -11.90 26.67 48.71
CA GLY D 191 -10.64 25.97 48.49
C GLY D 191 -10.03 26.23 47.13
N GLU D 192 -9.06 25.41 46.78
CA GLU D 192 -8.27 25.63 45.58
C GLU D 192 -7.48 24.38 45.24
N SER D 193 -7.11 24.22 43.97
CA SER D 193 -6.26 23.11 43.57
C SER D 193 -5.61 23.32 42.21
N LEU D 194 -4.51 22.60 41.97
CA LEU D 194 -3.82 22.63 40.68
C LEU D 194 -3.99 21.31 39.94
N HIS D 195 -3.85 21.37 38.61
CA HIS D 195 -3.96 20.20 37.74
C HIS D 195 -5.40 19.69 37.69
N LEU D 196 -5.95 19.38 38.87
CA LEU D 196 -7.38 19.14 39.02
C LEU D 196 -8.00 20.32 39.75
N ASN D 197 -9.22 20.71 39.37
CA ASN D 197 -9.91 21.75 40.10
C ASN D 197 -10.33 21.19 41.45
N LEU D 198 -10.88 22.03 42.32
CA LEU D 198 -11.21 21.61 43.67
C LEU D 198 -12.24 20.46 43.68
N GLN D 199 -13.20 20.52 42.78
CA GLN D 199 -14.23 19.48 42.68
C GLN D 199 -13.60 18.15 42.32
N GLN D 200 -12.64 18.18 41.40
CA GLN D 200 -12.02 16.99 40.87
C GLN D 200 -11.03 16.35 41.85
N ARG D 201 -10.46 17.16 42.74
CA ARG D 201 -9.54 16.66 43.75
C ARG D 201 -10.28 15.94 44.87
N LEU D 202 -11.34 16.57 45.37
CA LEU D 202 -12.14 16.00 46.43
C LEU D 202 -12.77 14.70 45.93
N THR D 203 -13.10 14.67 44.65
CA THR D 203 -13.65 13.47 44.04
C THR D 203 -12.62 12.36 44.07
N ARG D 204 -11.39 12.67 43.65
CA ARG D 204 -10.31 11.70 43.60
C ARG D 204 -9.88 11.27 45.00
N PHE D 205 -9.80 12.23 45.91
CA PHE D 205 -9.37 11.96 47.27
C PHE D 205 -10.34 11.01 47.96
N ALA D 206 -11.63 11.20 47.72
CA ALA D 206 -12.66 10.36 48.33
C ALA D 206 -12.68 8.99 47.69
N ALA D 207 -12.57 8.97 46.36
CA ALA D 207 -12.70 7.73 45.61
C ALA D 207 -11.60 6.73 45.94
N GLU D 208 -10.46 7.23 46.40
CA GLU D 208 -9.33 6.37 46.68
C GLU D 208 -9.25 6.00 48.16
N ASN D 209 -9.90 6.81 49.00
CA ASN D 209 -9.82 6.64 50.44
C ASN D 209 -11.09 6.11 51.08
N ALA D 210 -12.24 6.53 50.56
CA ALA D 210 -13.53 6.07 51.07
C ALA D 210 -14.54 5.88 49.94
N PRO D 211 -14.28 4.92 49.05
CA PRO D 211 -15.14 4.66 47.88
C PRO D 211 -16.60 4.41 48.25
N GLN D 212 -16.87 3.87 49.43
CA GLN D 212 -18.22 3.44 49.77
C GLN D 212 -19.14 4.62 50.08
N LEU D 213 -18.56 5.81 50.17
CA LEU D 213 -19.34 7.04 50.40
C LEU D 213 -19.69 7.74 49.08
N LEU D 214 -19.32 7.13 47.96
CA LEU D 214 -19.53 7.75 46.66
C LEU D 214 -21.01 7.82 46.28
N ASN D 215 -21.85 7.15 47.06
CA ASN D 215 -23.30 7.24 46.88
C ASN D 215 -23.80 8.63 47.26
N GLU D 216 -23.00 9.33 48.06
CA GLU D 216 -23.36 10.66 48.55
C GLU D 216 -22.79 11.78 47.67
N LEU D 217 -22.09 11.39 46.61
CA LEU D 217 -21.43 12.37 45.74
C LEU D 217 -22.32 12.79 44.57
N SER D 218 -22.52 14.09 44.42
CA SER D 218 -23.32 14.63 43.34
C SER D 218 -22.75 15.96 42.83
N ASP D 219 -23.46 16.59 41.92
CA ASP D 219 -23.01 17.85 41.33
C ASP D 219 -22.94 18.94 42.39
N ASN D 220 -23.90 18.92 43.31
CA ASN D 220 -24.02 19.98 44.31
C ASN D 220 -23.49 19.57 45.68
N GLN D 221 -23.53 18.28 45.99
CA GLN D 221 -23.01 17.77 47.25
C GLN D 221 -21.67 17.07 47.07
N TRP D 222 -20.64 17.59 47.72
CA TRP D 222 -19.29 17.05 47.62
C TRP D 222 -18.86 16.40 48.93
N LEU D 223 -17.95 15.44 48.85
CA LEU D 223 -17.45 14.75 50.02
C LEU D 223 -16.26 15.51 50.61
N PHE D 224 -16.34 15.79 51.91
CA PHE D 224 -15.41 16.67 52.58
C PHE D 224 -14.72 15.92 53.74
N PRO D 225 -13.40 15.70 53.65
CA PRO D 225 -12.70 14.98 54.71
C PRO D 225 -12.39 15.83 55.94
N LEU D 226 -12.48 15.20 57.12
CA LEU D 226 -12.22 15.87 58.39
C LEU D 226 -11.35 15.02 59.30
N HIS D 227 -10.54 15.69 60.12
CA HIS D 227 -9.86 15.01 61.21
C HIS D 227 -10.94 14.55 62.18
N PRO D 228 -10.86 13.29 62.66
CA PRO D 228 -11.94 12.78 63.50
C PRO D 228 -12.23 13.66 64.72
N TRP D 229 -11.18 14.21 65.31
CA TRP D 229 -11.33 15.05 66.50
C TRP D 229 -11.88 16.43 66.14
N GLN D 230 -11.31 17.08 65.13
CA GLN D 230 -11.81 18.38 64.69
C GLN D 230 -13.26 18.27 64.24
N GLY D 231 -13.59 17.16 63.59
CA GLY D 231 -14.93 16.94 63.08
C GLY D 231 -15.99 17.07 64.15
N GLU D 232 -15.83 16.30 65.23
CA GLU D 232 -16.76 16.38 66.36
C GLU D 232 -16.70 17.77 66.97
N TYR D 233 -15.50 18.34 67.03
CA TYR D 233 -15.28 19.68 67.58
C TYR D 233 -16.00 20.75 66.76
N LEU D 234 -15.90 20.66 65.44
CA LEU D 234 -16.58 21.60 64.55
C LEU D 234 -18.09 21.40 64.62
N LEU D 235 -18.50 20.14 64.54
CA LEU D 235 -19.90 19.79 64.43
C LEU D 235 -20.68 20.26 65.67
N GLN D 236 -19.97 20.48 66.76
CA GLN D 236 -20.57 20.99 67.99
C GLN D 236 -20.66 22.52 68.01
N GLN D 237 -20.36 23.16 66.87
CA GLN D 237 -20.40 24.61 66.80
C GLN D 237 -21.69 25.08 66.12
N GLU D 238 -22.22 26.19 66.63
CA GLU D 238 -23.53 26.70 66.22
C GLU D 238 -23.60 26.99 64.71
N TRP D 239 -22.51 27.53 64.16
CA TRP D 239 -22.47 27.83 62.73
C TRP D 239 -22.56 26.56 61.92
N CYS D 240 -21.84 25.53 62.36
CA CYS D 240 -21.83 24.25 61.68
C CYS D 240 -23.19 23.57 61.81
N GLN D 241 -23.80 23.71 62.98
CA GLN D 241 -25.13 23.16 63.23
C GLN D 241 -26.17 23.84 62.34
N GLU D 242 -25.96 25.13 62.06
CA GLU D 242 -26.86 25.87 61.18
C GLU D 242 -26.87 25.26 59.79
N LEU D 243 -25.69 24.86 59.32
CA LEU D 243 -25.57 24.22 58.01
C LEU D 243 -26.28 22.87 57.99
N VAL D 244 -26.25 22.16 59.10
CA VAL D 244 -26.92 20.87 59.20
C VAL D 244 -28.44 21.05 59.18
N ALA D 245 -28.93 22.08 59.86
CA ALA D 245 -30.36 22.36 59.91
C ALA D 245 -30.90 22.69 58.52
N LYS D 246 -30.08 23.36 57.72
CA LYS D 246 -30.49 23.78 56.38
C LYS D 246 -30.23 22.68 55.35
N GLY D 247 -29.67 21.56 55.81
CA GLY D 247 -29.38 20.44 54.93
C GLY D 247 -28.08 20.62 54.17
N LEU D 248 -27.35 21.69 54.46
CA LEU D 248 -26.12 22.00 53.74
C LEU D 248 -24.94 21.15 54.21
N ILE D 249 -25.11 20.45 55.33
CA ILE D 249 -24.12 19.50 55.80
C ILE D 249 -24.79 18.22 56.30
N LYS D 250 -24.19 17.08 55.97
CA LYS D 250 -24.71 15.78 56.35
C LYS D 250 -23.57 14.89 56.81
N ASP D 251 -23.45 14.69 58.12
CA ASP D 251 -22.38 13.88 58.67
C ASP D 251 -22.51 12.42 58.25
N LEU D 252 -21.44 11.89 57.66
CA LEU D 252 -21.43 10.51 57.17
C LEU D 252 -20.65 9.59 58.12
N GLY D 253 -19.97 10.19 59.09
CA GLY D 253 -19.20 9.44 60.06
C GLY D 253 -17.80 9.12 59.59
N GLU D 254 -17.15 8.19 60.27
CA GLU D 254 -15.82 7.72 59.87
C GLU D 254 -15.92 6.58 58.86
N ALA D 255 -15.04 6.59 57.88
CA ALA D 255 -15.07 5.58 56.83
C ALA D 255 -13.78 5.54 56.03
N GLY D 256 -13.45 4.33 55.57
CA GLY D 256 -12.44 4.17 54.53
C GLY D 256 -11.09 3.70 55.00
N ALA D 257 -10.06 4.11 54.27
CA ALA D 257 -8.71 3.62 54.47
C ALA D 257 -8.10 4.15 55.76
N PRO D 258 -7.13 3.40 56.32
CA PRO D 258 -6.49 3.79 57.59
C PRO D 258 -5.45 4.89 57.45
N TRP D 259 -5.64 5.97 58.19
CA TRP D 259 -4.69 7.08 58.24
C TRP D 259 -3.95 7.06 59.57
N LEU D 260 -2.63 7.20 59.52
CA LEU D 260 -1.82 7.28 60.73
C LEU D 260 -1.28 8.69 60.89
N PRO D 261 -1.33 9.23 62.13
CA PRO D 261 -0.71 10.54 62.35
C PRO D 261 0.81 10.49 62.22
N THR D 262 1.38 11.53 61.62
CA THR D 262 2.83 11.63 61.44
C THR D 262 3.44 12.32 62.65
N THR D 263 4.70 12.70 62.54
CA THR D 263 5.40 13.38 63.64
C THR D 263 4.70 14.66 64.09
N SER D 264 4.11 15.38 63.14
CA SER D 264 3.42 16.62 63.43
C SER D 264 2.02 16.39 64.01
N SER D 265 1.51 15.17 63.83
CA SER D 265 0.17 14.74 64.25
C SER D 265 -0.94 15.29 63.36
N ARG D 266 -0.91 16.59 63.05
CA ARG D 266 -1.97 17.20 62.25
C ARG D 266 -1.85 16.82 60.78
N SER D 267 -0.67 16.38 60.37
CA SER D 267 -0.48 15.82 59.04
C SER D 267 -0.62 14.31 59.10
N LEU D 268 -1.49 13.77 58.24
CA LEU D 268 -1.80 12.34 58.23
C LEU D 268 -1.23 11.64 57.00
N TYR D 269 -0.92 10.35 57.15
CA TYR D 269 -0.33 9.55 56.08
C TYR D 269 -1.11 8.26 55.82
N CYS D 270 -1.61 8.12 54.60
CA CYS D 270 -2.19 6.87 54.13
C CYS D 270 -1.37 6.35 52.95
N ALA D 271 -0.85 5.13 53.08
CA ALA D 271 0.10 4.58 52.11
C ALA D 271 -0.50 4.46 50.71
N THR D 272 -1.81 4.27 50.64
CA THR D 272 -2.49 3.97 49.40
C THR D 272 -3.10 5.21 48.72
N SER D 273 -3.00 6.36 49.37
CA SER D 273 -3.50 7.61 48.79
C SER D 273 -2.41 8.37 48.05
N ARG D 274 -2.81 9.06 46.99
CA ARG D 274 -1.88 9.89 46.24
C ARG D 274 -1.58 11.17 46.99
N ASP D 275 -2.49 11.52 47.91
CA ASP D 275 -2.35 12.71 48.74
C ASP D 275 -2.24 12.36 50.23
N MET D 276 -1.32 13.02 50.91
CA MET D 276 -1.36 13.10 52.36
C MET D 276 -2.17 14.36 52.68
N ILE D 277 -2.65 14.46 53.91
CA ILE D 277 -3.55 15.56 54.28
C ILE D 277 -3.15 16.20 55.60
N LYS D 278 -3.14 17.53 55.61
CA LYS D 278 -2.73 18.32 56.76
C LYS D 278 -3.90 19.17 57.25
N PHE D 279 -4.34 18.91 58.48
CA PHE D 279 -5.55 19.53 59.01
C PHE D 279 -5.26 20.73 59.92
N SER D 280 -6.19 21.68 59.91
CA SER D 280 -6.24 22.71 60.95
C SER D 280 -6.73 22.03 62.23
N LEU D 281 -5.81 21.78 63.16
CA LEU D 281 -6.12 21.00 64.36
C LEU D 281 -5.93 21.83 65.63
N SER D 282 -7.04 22.18 66.28
CA SER D 282 -7.00 23.04 67.45
C SER D 282 -6.36 22.35 68.66
N VAL D 283 -5.07 22.13 68.57
CA VAL D 283 -4.30 21.49 69.64
C VAL D 283 -2.97 22.21 69.80
N ARG D 284 -2.47 22.29 71.04
CA ARG D 284 -1.23 22.99 71.32
C ARG D 284 -0.06 22.02 71.38
N LEU D 285 0.84 22.13 70.40
CA LEU D 285 2.04 21.30 70.33
C LEU D 285 3.28 22.18 70.25
N THR D 286 4.15 22.05 71.25
CA THR D 286 5.37 22.86 71.38
C THR D 286 5.16 24.34 71.03
N ASN D 287 4.27 25.00 71.77
CA ASN D 287 4.09 26.45 71.63
C ASN D 287 3.69 26.92 70.25
N SER D 288 2.40 26.78 69.96
CA SER D 288 1.72 27.22 68.72
C SER D 288 0.54 26.32 68.48
N VAL D 289 -0.67 26.86 68.63
CA VAL D 289 -1.87 26.08 68.34
C VAL D 289 -1.86 25.68 66.87
N ARG D 290 -2.25 24.44 66.61
CA ARG D 290 -2.00 23.84 65.30
C ARG D 290 -3.17 23.98 64.33
N THR D 291 -3.88 25.09 64.43
CA THR D 291 -4.85 25.46 63.40
C THR D 291 -4.11 26.06 62.23
N LEU D 292 -4.67 25.92 61.04
CA LEU D 292 -4.13 26.57 59.85
C LEU D 292 -4.87 27.87 59.62
N SER D 293 -4.30 28.72 58.77
CA SER D 293 -4.96 29.93 58.32
C SER D 293 -4.98 29.93 56.81
N VAL D 294 -5.88 30.73 56.24
CA VAL D 294 -5.95 30.90 54.80
C VAL D 294 -4.61 31.39 54.28
N LYS D 295 -3.92 32.21 55.08
CA LYS D 295 -2.64 32.78 54.67
C LYS D 295 -1.55 31.74 54.56
N GLU D 296 -1.60 30.71 55.41
CA GLU D 296 -0.59 29.66 55.41
C GLU D 296 -0.75 28.72 54.23
N VAL D 297 -1.98 28.44 53.85
CA VAL D 297 -2.26 27.56 52.72
C VAL D 297 -2.01 28.29 51.40
N LYS D 298 -1.90 29.60 51.44
CA LYS D 298 -1.50 30.38 50.25
C LYS D 298 -0.07 30.04 49.86
N ARG D 299 0.78 29.88 50.86
CA ARG D 299 2.20 29.62 50.64
C ARG D 299 2.42 28.30 49.92
N GLY D 300 1.60 27.30 50.25
CA GLY D 300 1.69 26.02 49.59
C GLY D 300 1.34 26.17 48.12
N MET D 301 0.24 26.85 47.86
CA MET D 301 -0.20 27.08 46.49
C MET D 301 0.79 27.96 45.74
N ARG D 302 1.30 28.97 46.44
CA ARG D 302 2.28 29.89 45.87
C ARG D 302 3.52 29.14 45.39
N LEU D 303 4.00 28.22 46.23
CA LEU D 303 5.18 27.44 45.90
C LEU D 303 4.85 26.39 44.85
N ALA D 304 3.61 25.90 44.86
CA ALA D 304 3.19 24.88 43.91
C ALA D 304 3.10 25.46 42.49
N ARG D 305 2.54 26.66 42.38
CA ARG D 305 2.46 27.35 41.10
C ARG D 305 3.86 27.68 40.60
N LEU D 306 4.72 28.10 41.51
CA LEU D 306 6.10 28.44 41.18
C LEU D 306 6.85 27.20 40.70
N ALA D 307 6.42 26.02 41.14
CA ALA D 307 7.07 24.78 40.75
C ALA D 307 6.77 24.42 39.30
N GLN D 308 5.80 25.12 38.71
CA GLN D 308 5.42 24.89 37.32
C GLN D 308 6.21 25.76 36.35
N THR D 309 7.09 26.60 36.89
CA THR D 309 7.89 27.49 36.07
C THR D 309 9.12 26.78 35.51
N ASP D 310 9.80 27.41 34.57
CA ASP D 310 10.96 26.82 33.93
C ASP D 310 12.21 26.86 34.82
N ASP D 311 12.31 27.87 35.67
CA ASP D 311 13.48 27.98 36.54
C ASP D 311 13.45 26.91 37.63
N TRP D 312 12.25 26.51 38.04
CA TRP D 312 12.10 25.37 38.93
C TRP D 312 12.53 24.10 38.19
N GLN D 313 12.15 24.06 36.92
CA GLN D 313 12.47 22.93 36.05
C GLN D 313 13.99 22.78 35.89
N THR D 314 14.69 23.90 35.97
CA THR D 314 16.16 23.90 35.90
C THR D 314 16.73 23.42 37.23
N LEU D 315 16.17 23.91 38.33
CA LEU D 315 16.61 23.53 39.66
C LEU D 315 16.42 22.03 39.87
N GLN D 316 15.27 21.52 39.45
CA GLN D 316 14.95 20.10 39.59
C GLN D 316 15.94 19.25 38.80
N ALA D 317 16.22 19.68 37.57
CA ALA D 317 17.10 18.92 36.70
C ALA D 317 18.50 18.84 37.28
N ARG D 318 18.90 19.88 37.99
CA ARG D 318 20.24 19.97 38.57
C ARG D 318 20.36 19.12 39.83
N PHE D 319 19.24 18.94 40.53
CA PHE D 319 19.18 18.12 41.73
C PHE D 319 18.06 17.10 41.63
N PRO D 320 18.25 16.05 40.80
CA PRO D 320 17.21 15.05 40.55
C PRO D 320 16.85 14.16 41.74
N THR D 321 17.70 14.15 42.77
CA THR D 321 17.42 13.38 43.98
C THR D 321 16.80 14.27 45.06
N PHE D 322 16.44 15.50 44.69
CA PHE D 322 15.79 16.44 45.59
C PHE D 322 14.36 16.75 45.13
N ARG D 323 13.40 16.48 46.00
CA ARG D 323 11.99 16.74 45.71
C ARG D 323 11.34 17.55 46.83
N VAL D 324 10.31 18.30 46.48
CA VAL D 324 9.49 18.99 47.47
C VAL D 324 8.05 18.45 47.36
N MET D 325 7.51 17.98 48.48
CA MET D 325 6.11 17.56 48.54
C MET D 325 5.20 18.78 48.46
N GLN D 326 4.76 19.11 47.24
CA GLN D 326 3.94 20.30 47.02
C GLN D 326 2.62 20.21 47.75
N GLU D 327 2.20 21.34 48.30
CA GLU D 327 0.88 21.46 48.90
C GLU D 327 0.00 22.24 47.93
N ASP D 328 -0.43 21.54 46.88
CA ASP D 328 -1.07 22.16 45.72
C ASP D 328 -2.59 22.17 45.80
N GLY D 329 -3.14 21.88 46.98
CA GLY D 329 -4.58 21.90 47.18
C GLY D 329 -4.95 22.12 48.62
N TRP D 330 -6.02 22.89 48.84
CA TRP D 330 -6.56 23.11 50.18
C TRP D 330 -8.06 23.35 50.09
N ALA D 331 -8.75 23.08 51.18
CA ALA D 331 -10.19 23.30 51.25
C ALA D 331 -10.60 23.68 52.66
N GLY D 332 -11.79 24.26 52.78
CA GLY D 332 -12.34 24.65 54.06
C GLY D 332 -13.84 24.85 53.99
N LEU D 333 -14.50 24.80 55.13
CA LEU D 333 -15.93 25.05 55.20
C LEU D 333 -16.21 26.52 55.41
N ARG D 334 -17.28 27.02 54.79
CA ARG D 334 -17.78 28.36 55.04
C ARG D 334 -18.93 28.30 56.04
N ASP D 335 -19.22 29.43 56.68
CA ASP D 335 -20.46 29.56 57.44
C ASP D 335 -21.54 30.04 56.47
N LEU D 336 -22.78 30.10 56.94
CA LEU D 336 -23.91 30.47 56.09
C LEU D 336 -23.72 31.83 55.42
N HIS D 337 -22.89 32.68 56.03
CA HIS D 337 -22.59 34.01 55.48
C HIS D 337 -21.41 33.96 54.51
N GLY D 338 -20.85 32.77 54.31
CA GLY D 338 -19.75 32.59 53.37
C GLY D 338 -18.39 32.87 53.97
N ASN D 339 -18.33 33.04 55.28
CA ASN D 339 -17.05 33.22 55.97
C ASN D 339 -16.32 31.90 56.15
N ILE D 340 -15.15 31.79 55.54
CA ILE D 340 -14.32 30.60 55.66
C ILE D 340 -13.96 30.34 57.12
N MET D 341 -14.21 29.13 57.58
CA MET D 341 -13.92 28.76 58.95
C MET D 341 -12.55 28.07 59.03
N GLN D 342 -11.57 28.78 59.59
CA GLN D 342 -10.17 28.34 59.54
C GLN D 342 -9.94 27.07 60.36
N GLU D 343 -10.82 26.80 61.31
CA GLU D 343 -10.69 25.61 62.14
C GLU D 343 -11.04 24.36 61.34
N SER D 344 -11.63 24.55 60.16
CA SER D 344 -12.08 23.45 59.31
C SER D 344 -11.13 23.18 58.15
N LEU D 345 -10.16 24.07 57.96
CA LEU D 345 -9.25 23.99 56.83
C LEU D 345 -8.44 22.71 56.82
N PHE D 346 -7.97 22.34 55.63
CA PHE D 346 -6.93 21.34 55.50
C PHE D 346 -6.19 21.57 54.18
N ALA D 347 -4.97 21.05 54.10
CA ALA D 347 -4.20 21.12 52.87
C ALA D 347 -3.86 19.71 52.40
N LEU D 348 -3.74 19.55 51.09
CA LEU D 348 -3.39 18.27 50.50
C LEU D 348 -1.93 18.28 50.05
N ARG D 349 -1.21 17.22 50.42
CA ARG D 349 0.23 17.14 50.20
C ARG D 349 0.56 15.93 49.34
N GLU D 350 1.27 16.17 48.24
CA GLU D 350 1.71 15.10 47.33
C GLU D 350 2.33 13.94 48.09
N ASN D 351 1.71 12.77 48.01
CA ASN D 351 2.35 11.56 48.53
C ASN D 351 3.27 10.98 47.47
N LEU D 352 4.52 11.45 47.48
CA LEU D 352 5.50 11.01 46.50
C LEU D 352 6.03 9.61 46.84
N LEU D 353 5.52 9.03 47.93
CA LEU D 353 5.88 7.68 48.33
C LEU D 353 4.78 6.67 48.02
N VAL D 354 3.71 7.12 47.37
CA VAL D 354 2.54 6.28 47.15
C VAL D 354 2.88 5.02 46.37
N ASP D 355 3.88 5.12 45.49
CA ASP D 355 4.33 3.96 44.73
C ASP D 355 5.46 3.23 45.44
N GLN D 356 6.10 3.90 46.40
CA GLN D 356 7.22 3.30 47.14
C GLN D 356 6.99 3.35 48.65
N PRO D 357 5.96 2.65 49.13
CA PRO D 357 5.56 2.70 50.54
C PRO D 357 6.53 1.98 51.47
N GLN D 358 7.41 1.15 50.91
CA GLN D 358 8.41 0.43 51.71
C GLN D 358 9.81 1.01 51.54
N SER D 359 9.93 2.08 50.76
CA SER D 359 11.21 2.74 50.56
C SER D 359 11.75 3.25 51.89
N GLN D 360 13.07 3.23 52.04
CA GLN D 360 13.70 3.69 53.28
C GLN D 360 13.86 5.20 53.24
N THR D 361 12.73 5.89 53.28
CA THR D 361 12.70 7.34 53.43
C THR D 361 12.19 7.67 54.81
N ASN D 362 13.08 8.18 55.66
CA ASN D 362 12.74 8.47 57.05
C ASN D 362 12.90 9.94 57.38
N VAL D 363 12.00 10.45 58.23
CA VAL D 363 12.15 11.79 58.77
C VAL D 363 13.42 11.80 59.62
N LEU D 364 14.21 12.85 59.50
CA LEU D 364 15.52 12.88 60.14
C LEU D 364 15.43 12.85 61.66
N VAL D 365 14.35 13.41 62.20
CA VAL D 365 14.25 13.62 63.64
C VAL D 365 14.17 12.31 64.42
N SER D 366 13.51 11.31 63.83
CA SER D 366 13.35 10.03 64.50
C SER D 366 14.64 9.23 64.50
N LEU D 367 15.57 9.57 63.60
CA LEU D 367 16.84 8.86 63.51
C LEU D 367 17.84 9.40 64.51
N THR D 368 17.77 10.71 64.75
CA THR D 368 18.74 11.39 65.60
C THR D 368 18.38 11.34 67.08
N GLN D 369 17.10 11.10 67.38
CA GLN D 369 16.62 11.07 68.77
C GLN D 369 17.41 10.09 69.62
N ALA D 370 17.61 10.45 70.88
CA ALA D 370 18.26 9.55 71.83
C ALA D 370 17.30 8.43 72.20
N ALA D 371 17.77 7.20 72.10
CA ALA D 371 16.95 6.02 72.39
C ALA D 371 16.50 6.03 73.85
N PRO D 372 15.18 5.98 74.10
CA PRO D 372 14.68 5.98 75.48
C PRO D 372 15.29 4.90 76.38
N ASP D 373 15.75 3.79 75.80
CA ASP D 373 16.37 2.73 76.59
C ASP D 373 17.89 2.89 76.66
N GLY D 374 18.41 3.88 75.94
CA GLY D 374 19.82 4.24 76.05
C GLY D 374 20.70 3.48 75.09
N GLY D 375 20.11 2.59 74.29
CA GLY D 375 20.85 1.85 73.29
C GLY D 375 21.14 2.71 72.09
N ASP D 376 21.44 2.08 70.96
CA ASP D 376 21.70 2.79 69.72
C ASP D 376 20.47 3.57 69.27
N SER D 377 20.70 4.78 68.76
CA SER D 377 19.64 5.51 68.09
C SER D 377 19.37 4.81 66.76
N LEU D 378 18.31 5.23 66.06
CA LEU D 378 17.95 4.60 64.81
C LEU D 378 18.89 5.03 63.68
N LEU D 379 19.55 6.17 63.85
CA LEU D 379 20.59 6.59 62.91
C LEU D 379 21.82 5.69 63.02
N VAL D 380 22.23 5.43 64.25
CA VAL D 380 23.38 4.58 64.51
C VAL D 380 23.10 3.15 64.05
N ALA D 381 21.85 2.73 64.19
CA ALA D 381 21.45 1.40 63.72
C ALA D 381 21.65 1.30 62.21
N ALA D 382 21.30 2.37 61.50
CA ALA D 382 21.42 2.41 60.04
C ALA D 382 22.88 2.50 59.59
N VAL D 383 23.67 3.27 60.33
CA VAL D 383 25.09 3.42 60.02
C VAL D 383 25.84 2.12 60.25
N LYS D 384 25.41 1.35 61.25
CA LYS D 384 26.05 0.08 61.56
C LYS D 384 25.67 -0.99 60.54
N ARG D 385 24.48 -0.90 59.97
CA ARG D 385 24.08 -1.79 58.88
C ARG D 385 24.84 -1.46 57.61
N LEU D 386 25.06 -0.17 57.39
CA LEU D 386 25.88 0.30 56.27
C LEU D 386 27.29 -0.26 56.41
N SER D 387 27.79 -0.26 57.64
CA SER D 387 29.13 -0.74 57.95
C SER D 387 29.29 -2.23 57.66
N ASP D 388 28.29 -3.02 58.07
CA ASP D 388 28.33 -4.46 57.91
C ASP D 388 28.14 -4.88 56.46
N ARG D 389 27.26 -4.17 55.75
CA ARG D 389 26.98 -4.50 54.36
C ARG D 389 28.15 -4.19 53.44
N LEU D 390 28.81 -3.06 53.69
CA LEU D 390 29.92 -2.63 52.83
C LEU D 390 31.24 -3.24 53.27
N GLY D 391 31.25 -3.84 54.45
CA GLY D 391 32.47 -4.43 55.00
C GLY D 391 33.45 -3.38 55.48
N ILE D 392 32.94 -2.19 55.83
CA ILE D 392 33.78 -1.10 56.30
C ILE D 392 33.65 -0.93 57.81
N THR D 393 34.52 -0.11 58.40
CA THR D 393 34.42 0.20 59.82
C THR D 393 33.22 1.10 60.07
N ALA D 394 32.75 1.12 61.30
CA ALA D 394 31.62 1.95 61.66
C ALA D 394 31.96 3.42 61.47
N GLN D 395 33.20 3.80 61.78
CA GLN D 395 33.64 5.19 61.60
C GLN D 395 33.59 5.58 60.12
N GLN D 396 34.10 4.71 59.26
CA GLN D 396 34.04 4.92 57.82
C GLN D 396 32.58 5.05 57.36
N ALA D 397 31.73 4.19 57.89
CA ALA D 397 30.31 4.22 57.57
C ALA D 397 29.68 5.50 58.11
N ALA D 398 30.15 5.93 59.28
CA ALA D 398 29.69 7.18 59.86
C ALA D 398 30.07 8.34 58.96
N HIS D 399 31.30 8.31 58.46
CA HIS D 399 31.82 9.34 57.56
C HIS D 399 31.10 9.33 56.21
N ALA D 400 30.77 8.14 55.72
CA ALA D 400 30.07 8.00 54.45
C ALA D 400 28.65 8.53 54.54
N TRP D 401 28.00 8.28 55.66
CA TRP D 401 26.63 8.74 55.87
C TRP D 401 26.61 10.26 55.99
N VAL D 402 27.55 10.81 56.77
CA VAL D 402 27.64 12.26 56.98
C VAL D 402 27.95 13.02 55.68
N ASP D 403 28.94 12.56 54.93
CA ASP D 403 29.27 13.20 53.65
C ASP D 403 28.09 13.15 52.69
N ALA D 404 27.44 11.99 52.60
CA ALA D 404 26.30 11.82 51.71
C ALA D 404 25.16 12.74 52.10
N TYR D 405 24.96 12.89 53.42
CA TYR D 405 23.95 13.81 53.94
C TYR D 405 24.21 15.23 53.44
N CYS D 406 25.47 15.65 53.51
CA CYS D 406 25.84 16.98 53.05
C CYS D 406 25.58 17.16 51.55
N HIS D 407 25.84 16.11 50.77
CA HIS D 407 25.63 16.15 49.34
C HIS D 407 24.15 16.10 48.96
N GLN D 408 23.40 15.30 49.70
CA GLN D 408 22.01 15.02 49.34
C GLN D 408 21.02 15.96 50.00
N VAL D 409 21.38 16.49 51.16
CA VAL D 409 20.47 17.37 51.91
C VAL D 409 20.91 18.82 51.83
N LEU D 410 22.07 19.12 52.41
CA LEU D 410 22.53 20.49 52.54
C LEU D 410 22.78 21.15 51.20
N LYS D 411 23.33 20.39 50.25
CA LYS D 411 23.73 20.95 48.97
C LYS D 411 22.54 21.59 48.22
N PRO D 412 21.49 20.81 47.94
CA PRO D 412 20.38 21.41 47.18
C PRO D 412 19.67 22.55 47.91
N LEU D 413 19.58 22.45 49.23
CA LEU D 413 18.86 23.44 50.02
C LEU D 413 19.59 24.78 50.02
N PHE D 414 20.90 24.75 50.29
CA PHE D 414 21.71 25.96 50.25
C PHE D 414 21.76 26.55 48.84
N THR D 415 21.81 25.68 47.84
CA THR D 415 21.92 26.11 46.44
C THR D 415 20.66 26.82 45.97
N ALA D 416 19.50 26.33 46.44
CA ALA D 416 18.23 26.92 46.06
C ALA D 416 18.14 28.37 46.54
N GLU D 417 18.57 28.62 47.77
CA GLU D 417 18.56 29.97 48.33
C GLU D 417 19.57 30.86 47.61
N ALA D 418 20.80 30.38 47.48
CA ALA D 418 21.87 31.16 46.87
C ALA D 418 21.57 31.48 45.42
N ASP D 419 21.40 30.44 44.60
CA ASP D 419 21.29 30.62 43.16
C ASP D 419 19.90 31.07 42.70
N TYR D 420 18.85 30.57 43.35
CA TYR D 420 17.49 30.85 42.92
C TYR D 420 16.73 31.79 43.84
N GLY D 421 17.12 31.83 45.11
CA GLY D 421 16.48 32.70 46.08
C GLY D 421 15.33 32.04 46.82
N LEU D 422 15.26 30.71 46.73
CA LEU D 422 14.23 29.94 47.43
C LEU D 422 14.70 29.53 48.82
N VAL D 423 13.88 29.84 49.82
CA VAL D 423 14.19 29.52 51.21
C VAL D 423 13.29 28.38 51.69
N LEU D 424 13.91 27.29 52.13
CA LEU D 424 13.18 26.16 52.71
C LEU D 424 13.73 25.88 54.11
N LEU D 425 13.02 26.35 55.13
CA LEU D 425 13.49 26.25 56.50
C LEU D 425 13.40 24.82 57.01
N ALA D 426 14.48 24.07 56.77
CA ALA D 426 14.45 22.62 56.93
C ALA D 426 15.09 22.12 58.23
N HIS D 427 14.30 22.03 59.29
CA HIS D 427 14.73 21.34 60.51
C HIS D 427 14.50 19.83 60.33
N GLN D 428 14.83 19.05 61.37
CA GLN D 428 14.80 17.58 61.29
C GLN D 428 13.46 17.02 60.82
N GLN D 429 12.38 17.59 61.32
CA GLN D 429 11.06 17.05 61.07
C GLN D 429 10.60 17.37 59.64
N ASN D 430 11.18 18.39 59.03
CA ASN D 430 10.87 18.73 57.64
C ASN D 430 11.72 17.93 56.66
N ILE D 431 12.88 17.49 57.11
CA ILE D 431 13.82 16.73 56.28
C ILE D 431 13.49 15.25 56.23
N LEU D 432 13.11 14.75 55.05
CA LEU D 432 12.94 13.33 54.82
C LEU D 432 14.14 12.78 54.06
N VAL D 433 14.99 12.01 54.73
CA VAL D 433 16.19 11.46 54.12
C VAL D 433 15.86 10.22 53.32
N GLN D 434 16.02 10.32 52.00
CA GLN D 434 15.83 9.19 51.10
C GLN D 434 17.07 8.33 51.13
N MET D 435 16.93 7.09 51.64
CA MET D 435 18.07 6.20 51.79
C MET D 435 17.91 4.94 50.96
N LEU D 436 19.05 4.34 50.64
CA LEU D 436 19.11 3.06 49.94
C LEU D 436 20.25 2.26 50.56
N GLY D 437 19.89 1.19 51.27
CA GLY D 437 20.86 0.43 52.03
C GLY D 437 21.48 1.28 53.13
N ASP D 438 20.64 2.15 53.71
CA ASP D 438 21.00 3.02 54.85
C ASP D 438 21.89 4.20 54.48
N LEU D 439 22.20 4.37 53.20
CA LEU D 439 22.99 5.52 52.75
C LEU D 439 22.09 6.58 52.10
N PRO D 440 22.25 7.86 52.51
CA PRO D 440 21.47 8.92 51.85
C PRO D 440 21.71 9.00 50.34
N VAL D 441 20.63 8.86 49.57
CA VAL D 441 20.70 8.94 48.11
C VAL D 441 19.75 10.01 47.58
N GLY D 442 19.23 10.84 48.48
CA GLY D 442 18.32 11.91 48.08
C GLY D 442 17.63 12.57 49.25
N LEU D 443 16.80 13.57 48.93
CA LEU D 443 16.08 14.33 49.95
C LEU D 443 14.66 14.64 49.49
N ILE D 444 13.72 14.52 50.42
CA ILE D 444 12.37 15.03 50.20
C ILE D 444 12.03 16.06 51.28
N TYR D 445 11.78 17.29 50.86
CA TYR D 445 11.42 18.34 51.80
C TYR D 445 9.92 18.34 52.04
N ARG D 446 9.53 18.76 53.23
CA ARG D 446 8.14 18.74 53.65
C ARG D 446 7.81 19.98 54.48
N ASP D 447 6.55 20.42 54.40
CA ASP D 447 6.01 21.57 55.14
C ASP D 447 6.28 22.87 54.39
N CYS D 448 5.39 23.21 53.48
CA CYS D 448 5.54 24.40 52.63
C CYS D 448 5.25 25.69 53.39
N GLN D 449 4.87 25.59 54.65
CA GLN D 449 4.69 26.76 55.49
C GLN D 449 6.04 27.35 55.86
N GLY D 450 7.08 26.52 55.73
CA GLY D 450 8.44 26.96 55.98
C GLY D 450 9.14 27.40 54.72
N SER D 451 8.36 27.81 53.72
CA SER D 451 8.91 28.32 52.47
C SER D 451 8.91 29.84 52.48
N ALA D 452 9.98 30.41 51.93
CA ALA D 452 10.13 31.87 51.86
C ALA D 452 11.01 32.22 50.68
N PHE D 453 11.08 33.51 50.35
CA PHE D 453 11.80 33.95 49.17
C PHE D 453 12.69 35.16 49.46
N MET D 454 13.90 35.14 48.88
CA MET D 454 14.82 36.25 49.01
C MET D 454 14.59 37.24 47.86
N PRO D 455 15.10 38.48 48.02
CA PRO D 455 14.90 39.52 47.00
C PRO D 455 15.33 39.13 45.58
N HIS D 456 16.37 38.31 45.46
CA HIS D 456 16.88 37.95 44.13
C HIS D 456 16.07 36.83 43.47
N ALA D 457 14.95 36.47 44.09
CA ALA D 457 13.97 35.57 43.48
C ALA D 457 12.81 36.38 42.91
N ALA D 458 12.84 37.69 43.15
CA ALA D 458 11.71 38.56 42.83
C ALA D 458 11.34 38.53 41.35
N GLY D 459 12.33 38.54 40.48
CA GLY D 459 12.08 38.53 39.04
C GLY D 459 11.39 37.25 38.61
N TRP D 460 11.64 36.19 39.35
CA TRP D 460 11.07 34.87 39.06
C TRP D 460 9.67 34.73 39.66
N LEU D 461 9.41 35.48 40.73
CA LEU D 461 8.08 35.51 41.34
C LEU D 461 7.11 36.28 40.45
N ASP D 462 7.63 37.23 39.69
CA ASP D 462 6.82 38.03 38.77
C ASP D 462 6.18 37.16 37.70
N THR D 463 6.87 36.09 37.32
CA THR D 463 6.39 35.20 36.27
C THR D 463 5.01 34.63 36.61
N ILE D 464 4.76 34.42 37.91
CA ILE D 464 3.46 33.97 38.39
C ILE D 464 2.75 35.07 39.19
N GLY D 465 3.37 36.25 39.24
CA GLY D 465 2.76 37.43 39.81
C GLY D 465 2.78 37.50 41.34
N GLU D 466 3.61 36.66 41.96
CA GLU D 466 3.65 36.57 43.42
C GLU D 466 4.84 37.33 44.01
N ALA D 467 5.41 38.26 43.25
CA ALA D 467 6.57 39.00 43.72
C ALA D 467 6.25 39.86 44.94
N GLN D 468 4.96 40.15 45.13
CA GLN D 468 4.52 40.91 46.29
C GLN D 468 4.06 39.99 47.42
N ALA D 469 4.41 38.70 47.31
CA ALA D 469 3.96 37.70 48.27
C ALA D 469 4.41 38.03 49.69
N GLU D 470 3.69 37.47 50.65
CA GLU D 470 3.84 37.81 52.06
C GLU D 470 5.07 37.16 52.71
N ASN D 471 5.52 36.03 52.16
CA ASN D 471 6.56 35.24 52.80
C ASN D 471 7.97 35.54 52.28
N VAL D 472 8.16 36.73 51.71
CA VAL D 472 9.49 37.19 51.32
C VAL D 472 10.33 37.47 52.58
N PHE D 473 11.62 37.17 52.52
CA PHE D 473 12.53 37.43 53.63
C PHE D 473 13.47 38.60 53.34
N THR D 474 13.99 39.17 54.42
CA THR D 474 15.09 40.13 54.34
C THR D 474 16.38 39.38 54.59
N ARG D 475 17.50 40.02 54.30
CA ARG D 475 18.82 39.47 54.57
C ARG D 475 18.94 39.01 56.02
N GLU D 476 18.45 39.83 56.93
CA GLU D 476 18.60 39.57 58.36
C GLU D 476 17.76 38.38 58.80
N GLN D 477 16.56 38.25 58.23
CA GLN D 477 15.66 37.15 58.54
C GLN D 477 16.25 35.81 58.09
N LEU D 478 16.91 35.82 56.95
CA LEU D 478 17.53 34.62 56.42
C LEU D 478 18.62 34.12 57.34
N LEU D 479 19.59 34.99 57.65
CA LEU D 479 20.73 34.63 58.46
C LEU D 479 20.33 34.21 59.87
N ARG D 480 19.15 34.63 60.30
CA ARG D 480 18.64 34.30 61.63
C ARG D 480 18.07 32.88 61.67
N TYR D 481 17.12 32.61 60.79
CA TYR D 481 16.36 31.36 60.82
C TYR D 481 17.07 30.20 60.13
N PHE D 482 17.64 30.48 58.96
CA PHE D 482 18.11 29.45 58.06
C PHE D 482 19.27 28.59 58.62
N PRO D 483 20.33 29.23 59.15
CA PRO D 483 21.40 28.39 59.71
C PRO D 483 21.00 27.64 60.98
N TYR D 484 20.03 28.18 61.73
CA TYR D 484 19.55 27.49 62.92
C TYR D 484 18.86 26.18 62.54
N TYR D 485 17.98 26.25 61.55
CA TYR D 485 17.19 25.11 61.14
C TYR D 485 18.01 24.04 60.43
N LEU D 486 18.89 24.46 59.53
CA LEU D 486 19.63 23.53 58.69
C LEU D 486 20.85 22.91 59.37
N LEU D 487 21.44 23.62 60.32
CA LEU D 487 22.67 23.15 60.96
C LEU D 487 22.45 22.79 62.42
N VAL D 488 22.05 23.79 63.21
CA VAL D 488 21.90 23.61 64.66
C VAL D 488 20.84 22.57 65.00
N ASN D 489 19.69 22.66 64.33
CA ASN D 489 18.60 21.76 64.63
C ASN D 489 18.68 20.45 63.84
N SER D 490 19.30 20.49 62.67
CA SER D 490 19.36 19.31 61.79
C SER D 490 20.72 18.65 61.79
N THR D 491 21.70 19.30 61.16
CA THR D 491 22.99 18.70 60.91
C THR D 491 23.70 18.29 62.21
N PHE D 492 23.63 19.14 63.22
CA PHE D 492 24.34 18.86 64.45
C PHE D 492 23.65 17.75 65.25
N ALA D 493 22.36 17.53 65.00
CA ALA D 493 21.66 16.40 65.60
C ALA D 493 22.15 15.09 65.00
N VAL D 494 22.65 15.18 63.77
CA VAL D 494 23.26 14.03 63.11
C VAL D 494 24.65 13.79 63.69
N THR D 495 25.46 14.83 63.74
CA THR D 495 26.84 14.71 64.20
C THR D 495 26.89 14.39 65.70
N ALA D 496 25.92 14.90 66.45
CA ALA D 496 25.84 14.66 67.89
C ALA D 496 25.39 13.23 68.19
N ALA D 497 24.56 12.67 67.32
CA ALA D 497 24.09 11.31 67.49
C ALA D 497 25.22 10.31 67.31
N LEU D 498 26.05 10.54 66.30
CA LEU D 498 27.17 9.67 65.99
C LEU D 498 28.30 9.81 67.00
N GLY D 499 28.45 11.02 67.55
CA GLY D 499 29.46 11.30 68.55
C GLY D 499 29.11 10.70 69.90
N ALA D 500 27.83 10.74 70.24
CA ALA D 500 27.35 10.16 71.49
C ALA D 500 27.54 8.65 71.47
N ALA D 501 27.45 8.06 70.29
CA ALA D 501 27.66 6.62 70.11
C ALA D 501 29.14 6.31 70.06
N GLY D 502 29.96 7.34 69.88
CA GLY D 502 31.40 7.19 69.98
C GLY D 502 32.08 6.82 68.67
N LEU D 503 31.32 6.84 67.58
CA LEU D 503 31.86 6.48 66.28
C LEU D 503 32.92 7.48 65.81
N ASP D 504 32.74 8.74 66.18
CA ASP D 504 33.74 9.79 65.95
C ASP D 504 33.27 11.07 66.64
N SER D 505 34.21 11.89 67.10
CA SER D 505 33.87 13.10 67.84
C SER D 505 33.05 14.08 67.01
N GLU D 506 32.20 14.86 67.66
CA GLU D 506 31.40 15.87 66.98
C GLU D 506 32.30 16.86 66.25
N ALA D 507 33.44 17.16 66.84
CA ALA D 507 34.41 18.09 66.26
C ALA D 507 34.89 17.60 64.90
N ASN D 508 35.34 16.36 64.85
CA ASN D 508 35.80 15.75 63.61
C ASN D 508 34.67 15.66 62.59
N LEU D 509 33.47 15.34 63.07
CA LEU D 509 32.33 15.17 62.17
C LEU D 509 31.83 16.51 61.67
N MET D 510 31.88 17.54 62.51
CA MET D 510 31.52 18.88 62.08
C MET D 510 32.56 19.45 61.12
N ALA D 511 33.79 18.98 61.24
CA ALA D 511 34.86 19.41 60.34
C ALA D 511 34.59 18.88 58.93
N ARG D 512 34.03 17.68 58.84
CA ARG D 512 33.65 17.10 57.56
C ARG D 512 32.54 17.89 56.90
N VAL D 513 31.65 18.42 57.74
CA VAL D 513 30.58 19.26 57.25
C VAL D 513 31.15 20.57 56.72
N ARG D 514 32.06 21.17 57.49
CA ARG D 514 32.65 22.44 57.09
C ARG D 514 33.43 22.29 55.79
N THR D 515 34.15 21.17 55.66
CA THR D 515 34.91 20.88 54.45
C THR D 515 34.04 20.96 53.21
N LEU D 516 32.85 20.36 53.30
CA LEU D 516 31.97 20.30 52.15
C LEU D 516 31.20 21.60 51.95
N LEU D 517 30.82 22.26 53.04
CA LEU D 517 30.13 23.54 52.97
C LEU D 517 30.99 24.59 52.28
N ALA D 518 32.30 24.48 52.46
CA ALA D 518 33.25 25.38 51.80
C ALA D 518 33.27 25.14 50.31
N GLU D 519 33.21 23.87 49.90
CA GLU D 519 33.26 23.50 48.50
C GLU D 519 32.05 24.03 47.73
N MET D 520 30.87 23.97 48.36
CA MET D 520 29.63 24.39 47.71
C MET D 520 29.49 25.91 47.74
N ARG D 521 30.19 26.57 48.66
CA ARG D 521 30.24 28.02 48.69
C ARG D 521 30.93 28.54 47.42
N ASP D 522 31.94 27.81 46.98
CA ASP D 522 32.71 28.21 45.80
C ASP D 522 31.89 28.03 44.51
N GLN D 523 30.76 27.35 44.62
CA GLN D 523 29.93 27.04 43.46
C GLN D 523 28.58 27.77 43.44
N VAL D 524 28.33 28.60 44.44
CA VAL D 524 27.08 29.36 44.49
C VAL D 524 27.30 30.83 44.13
N THR D 525 26.26 31.44 43.57
CA THR D 525 26.31 32.84 43.14
C THR D 525 26.30 33.78 44.35
N HIS D 526 25.32 33.61 45.21
CA HIS D 526 25.20 34.41 46.43
C HIS D 526 25.76 33.68 47.64
N LYS D 527 26.96 34.08 48.05
CA LYS D 527 27.68 33.40 49.10
C LYS D 527 27.26 33.88 50.49
N THR D 528 26.29 34.79 50.53
CA THR D 528 25.86 35.45 51.76
C THR D 528 25.66 34.52 52.95
N CYS D 529 24.87 33.47 52.74
CA CYS D 529 24.48 32.58 53.82
C CYS D 529 25.60 31.61 54.23
N LEU D 530 26.30 31.05 53.25
CA LEU D 530 27.41 30.14 53.53
C LEU D 530 28.59 30.87 54.17
N ASN D 531 28.72 32.16 53.88
CA ASN D 531 29.74 32.99 54.53
C ASN D 531 29.42 33.16 56.01
N TYR D 532 28.14 33.38 56.31
CA TYR D 532 27.68 33.59 57.67
C TYR D 532 27.81 32.31 58.49
N VAL D 533 27.62 31.18 57.83
CA VAL D 533 27.74 29.88 58.48
C VAL D 533 29.19 29.55 58.80
N LEU D 534 30.08 29.80 57.86
CA LEU D 534 31.46 29.34 57.96
C LEU D 534 32.38 30.29 58.73
N GLU D 535 31.99 31.56 58.83
CA GLU D 535 32.93 32.59 59.28
C GLU D 535 32.45 33.46 60.45
N ASN D 536 31.15 33.74 60.54
CA ASN D 536 30.66 34.60 61.61
C ASN D 536 30.74 33.90 62.97
N PRO D 537 31.39 34.54 63.96
CA PRO D 537 31.63 33.88 65.25
C PRO D 537 30.36 33.42 66.00
N TYR D 538 29.27 34.16 65.91
CA TYR D 538 28.09 33.91 66.73
C TYR D 538 26.78 33.92 65.95
N TRP D 539 26.04 32.81 66.02
CA TRP D 539 24.77 32.69 65.32
C TRP D 539 23.59 33.10 66.20
N ASN D 540 22.64 33.81 65.61
CA ASN D 540 21.37 34.09 66.26
C ASN D 540 20.58 32.79 66.38
N VAL D 541 20.15 32.47 67.60
CA VAL D 541 19.36 31.27 67.85
C VAL D 541 18.17 31.60 68.74
N LYS D 542 17.05 30.94 68.47
CA LYS D 542 15.82 31.17 69.21
C LYS D 542 15.67 30.12 70.30
N GLY D 543 15.41 30.58 71.52
CA GLY D 543 15.36 29.71 72.68
C GLY D 543 13.96 29.25 73.03
N ASN D 544 13.70 27.97 72.84
CA ASN D 544 12.41 27.37 73.16
C ASN D 544 12.09 27.43 74.65
N PHE D 545 13.13 27.30 75.48
CA PHE D 545 12.95 27.16 76.91
C PHE D 545 12.31 28.40 77.54
N PHE D 546 12.82 29.58 77.19
CA PHE D 546 12.30 30.83 77.75
C PHE D 546 11.12 31.34 76.94
N CYS D 547 11.09 31.00 75.66
CA CYS D 547 9.98 31.37 74.80
C CYS D 547 8.71 30.61 75.17
N TYR D 548 8.89 29.46 75.81
CA TYR D 548 7.77 28.61 76.20
C TYR D 548 7.32 28.93 77.62
N LEU D 549 8.23 29.47 78.42
CA LEU D 549 7.89 29.98 79.74
C LEU D 549 7.03 31.24 79.56
N ASN D 550 7.49 32.12 78.69
CA ASN D 550 6.64 33.17 78.14
C ASN D 550 5.56 32.49 77.30
N ASP D 551 4.43 33.17 77.08
CA ASP D 551 3.42 32.68 76.17
C ASP D 551 3.27 33.60 74.96
N HIS D 552 3.81 33.16 73.83
CA HIS D 552 3.74 33.91 72.58
C HIS D 552 3.03 33.09 71.51
N TYR D 564 15.74 35.34 71.92
CA TYR D 564 16.92 35.29 71.07
C TYR D 564 18.21 35.27 71.89
N PHE D 565 19.10 34.34 71.57
CA PHE D 565 20.44 34.32 72.12
C PHE D 565 21.46 34.03 71.03
N ASP D 566 22.69 34.47 71.28
CA ASP D 566 23.78 34.17 70.36
C ASP D 566 24.34 32.79 70.66
N PHE D 567 24.62 32.06 69.59
CA PHE D 567 25.10 30.69 69.70
C PHE D 567 26.49 30.60 69.07
N ALA D 568 27.46 30.19 69.86
CA ALA D 568 28.84 30.06 69.38
C ALA D 568 28.91 29.10 68.20
N ASN D 569 29.51 29.57 67.12
CA ASN D 569 29.63 28.77 65.90
C ASN D 569 30.75 27.75 66.01
N PRO D 570 30.43 26.45 65.82
CA PRO D 570 31.50 25.44 65.83
C PRO D 570 32.17 25.23 64.46
N LEU D 571 31.72 25.96 63.44
CA LEU D 571 32.24 25.79 62.08
C LEU D 571 33.28 26.86 61.71
N LEU D 572 33.93 27.44 62.72
CA LEU D 572 35.03 28.36 62.48
C LEU D 572 36.25 27.60 61.95
N ALA D 573 37.30 28.34 61.61
CA ALA D 573 38.56 27.75 61.20
C ALA D 573 39.59 27.90 62.33
N THR E 11 -4.95 -18.93 -80.27
CA THR E 11 -5.59 -20.12 -79.70
C THR E 11 -6.91 -19.78 -79.05
N LEU E 12 -7.01 -18.59 -78.48
CA LEU E 12 -8.22 -18.15 -77.82
C LEU E 12 -8.78 -16.89 -78.46
N ASP E 13 -10.10 -16.75 -78.39
CA ASP E 13 -10.78 -15.57 -78.89
C ASP E 13 -12.10 -15.39 -78.15
N VAL E 14 -12.11 -14.48 -77.19
CA VAL E 14 -13.28 -14.25 -76.38
C VAL E 14 -14.38 -13.54 -77.17
N ALA E 15 -13.99 -12.78 -78.20
CA ALA E 15 -14.95 -12.08 -79.05
C ALA E 15 -15.72 -13.06 -79.93
N ALA E 16 -15.02 -14.06 -80.46
CA ALA E 16 -15.65 -15.08 -81.29
C ALA E 16 -16.56 -15.96 -80.45
N GLN E 17 -16.16 -16.20 -79.21
CA GLN E 17 -16.93 -17.05 -78.31
C GLN E 17 -18.32 -16.49 -78.07
N CYS E 18 -18.41 -15.16 -77.99
CA CYS E 18 -19.70 -14.49 -77.84
C CYS E 18 -20.65 -14.91 -78.95
N PHE E 19 -20.22 -14.67 -80.19
CA PHE E 19 -20.96 -15.05 -81.38
C PHE E 19 -21.41 -16.51 -81.32
N LEU E 20 -20.50 -17.40 -80.94
CA LEU E 20 -20.76 -18.84 -80.97
C LEU E 20 -21.64 -19.31 -79.81
N ASN E 21 -21.39 -18.81 -78.61
CA ASN E 21 -22.23 -19.16 -77.45
C ASN E 21 -23.64 -18.59 -77.59
N SER E 22 -23.71 -17.40 -78.17
CA SER E 22 -24.97 -16.78 -78.50
C SER E 22 -25.77 -17.66 -79.47
N LEU E 23 -25.06 -18.19 -80.46
CA LEU E 23 -25.67 -19.04 -81.48
C LEU E 23 -26.07 -20.41 -80.92
N VAL E 24 -25.20 -21.01 -80.12
CA VAL E 24 -25.44 -22.35 -79.58
C VAL E 24 -26.60 -22.35 -78.58
N ARG E 25 -26.75 -21.25 -77.84
CA ARG E 25 -27.85 -21.13 -76.89
C ARG E 25 -29.19 -21.02 -77.62
N GLU E 26 -29.18 -20.33 -78.76
CA GLU E 26 -30.42 -20.03 -79.49
C GLU E 26 -30.71 -21.01 -80.63
N THR E 27 -29.98 -22.12 -80.68
CA THR E 27 -30.21 -23.14 -81.70
C THR E 27 -30.19 -24.53 -81.08
N LYS E 28 -31.01 -25.42 -81.63
CA LYS E 28 -31.06 -26.81 -81.23
C LYS E 28 -30.20 -27.66 -82.19
N ASP E 29 -29.75 -27.03 -83.28
CA ASP E 29 -28.98 -27.71 -84.30
C ASP E 29 -27.47 -27.61 -84.08
N TRP E 30 -26.95 -28.52 -83.27
CA TRP E 30 -25.51 -28.65 -83.04
C TRP E 30 -25.27 -29.92 -82.23
N ARG E 31 -24.09 -30.52 -82.39
CA ARG E 31 -23.84 -31.84 -81.81
C ARG E 31 -22.60 -31.88 -80.93
N LEU E 32 -22.55 -32.87 -80.05
CA LEU E 32 -21.36 -33.17 -79.26
C LEU E 32 -20.83 -34.55 -79.64
N THR E 33 -19.51 -34.67 -79.72
CA THR E 33 -18.89 -35.95 -80.08
C THR E 33 -18.80 -36.87 -78.87
N GLU E 34 -19.17 -38.13 -79.07
CA GLU E 34 -19.11 -39.13 -78.01
C GLU E 34 -17.67 -39.36 -77.57
N TYR E 35 -16.75 -39.36 -78.53
CA TYR E 35 -15.34 -39.64 -78.23
C TYR E 35 -14.62 -38.41 -77.71
N GLN E 36 -13.52 -38.64 -77.00
CA GLN E 36 -12.67 -37.56 -76.50
C GLN E 36 -11.46 -37.39 -77.43
N PRO E 37 -10.94 -36.15 -77.54
CA PRO E 37 -11.41 -34.93 -76.87
C PRO E 37 -12.74 -34.43 -77.46
N THR E 38 -13.62 -33.96 -76.59
CA THR E 38 -14.95 -33.53 -77.01
C THR E 38 -14.89 -32.37 -77.98
N GLN E 39 -15.71 -32.45 -79.01
CA GLN E 39 -15.82 -31.39 -80.02
C GLN E 39 -17.28 -31.05 -80.27
N LEU E 40 -17.60 -29.76 -80.33
CA LEU E 40 -18.95 -29.34 -80.66
C LEU E 40 -19.04 -29.18 -82.16
N ILE E 41 -20.17 -29.61 -82.72
CA ILE E 41 -20.35 -29.65 -84.16
C ILE E 41 -21.57 -28.84 -84.59
N ILE E 42 -21.35 -27.91 -85.50
CA ILE E 42 -22.42 -27.12 -86.09
C ILE E 42 -22.53 -27.46 -87.58
N PRO E 43 -23.49 -28.34 -87.94
CA PRO E 43 -23.66 -28.70 -89.35
C PRO E 43 -23.95 -27.49 -90.23
N LEU E 44 -23.34 -27.45 -91.41
CA LEU E 44 -23.58 -26.36 -92.36
C LEU E 44 -24.48 -26.83 -93.51
N GLY E 45 -24.78 -28.13 -93.52
CA GLY E 45 -25.53 -28.72 -94.61
C GLY E 45 -24.63 -28.95 -95.81
N GLU E 46 -25.12 -29.68 -96.80
CA GLU E 46 -24.34 -29.99 -97.99
C GLU E 46 -23.10 -30.80 -97.62
N GLN E 47 -23.24 -31.66 -96.62
CA GLN E 47 -22.19 -32.59 -96.22
C GLN E 47 -20.91 -31.88 -95.75
N GLN E 48 -21.07 -30.80 -94.99
CA GLN E 48 -19.92 -30.17 -94.34
C GLN E 48 -20.35 -29.51 -93.03
N ALA E 49 -19.42 -29.44 -92.08
CA ALA E 49 -19.73 -28.96 -90.74
C ALA E 49 -18.50 -28.36 -90.05
N LEU E 50 -18.75 -27.50 -89.07
CA LEU E 50 -17.68 -26.86 -88.31
C LEU E 50 -17.42 -27.61 -87.00
N HIS E 51 -16.18 -28.06 -86.81
CA HIS E 51 -15.80 -28.79 -85.60
C HIS E 51 -15.01 -27.91 -84.64
N PHE E 52 -15.63 -27.55 -83.53
CA PHE E 52 -14.98 -26.76 -82.49
C PHE E 52 -14.50 -27.66 -81.36
N ARG E 53 -13.23 -27.53 -80.99
CA ARG E 53 -12.71 -28.25 -79.82
C ARG E 53 -13.17 -27.55 -78.56
N VAL E 54 -13.73 -28.31 -77.63
CA VAL E 54 -14.29 -27.75 -76.40
C VAL E 54 -13.30 -27.88 -75.24
N ALA E 55 -12.90 -26.74 -74.69
CA ALA E 55 -12.04 -26.70 -73.52
C ALA E 55 -12.89 -26.78 -72.26
N TYR E 56 -14.02 -26.09 -72.28
CA TYR E 56 -14.98 -26.15 -71.18
C TYR E 56 -16.41 -26.14 -71.72
N PHE E 57 -17.16 -27.18 -71.38
CA PHE E 57 -18.57 -27.27 -71.74
C PHE E 57 -19.43 -26.79 -70.57
N SER E 58 -20.28 -25.82 -70.83
CA SER E 58 -21.15 -25.22 -69.83
C SER E 58 -22.61 -25.61 -70.04
N PRO E 59 -23.28 -26.08 -68.98
CA PRO E 59 -24.71 -26.35 -69.12
C PRO E 59 -25.55 -25.07 -69.26
N THR E 60 -24.92 -23.92 -69.10
CA THR E 60 -25.58 -22.64 -69.32
C THR E 60 -25.03 -21.97 -70.58
N GLN E 61 -24.28 -22.74 -71.35
CA GLN E 61 -23.71 -22.32 -72.63
C GLN E 61 -22.67 -21.22 -72.50
N HIS E 62 -22.10 -21.07 -71.31
CA HIS E 62 -20.88 -20.28 -71.17
C HIS E 62 -19.68 -21.13 -71.59
N HIS E 63 -19.67 -21.56 -72.85
CA HIS E 63 -18.62 -22.44 -73.35
C HIS E 63 -17.32 -21.70 -73.58
N ARG E 64 -16.24 -22.47 -73.69
CA ARG E 64 -14.97 -21.96 -74.20
C ARG E 64 -14.43 -22.94 -75.22
N PHE E 65 -14.23 -22.47 -76.45
CA PHE E 65 -13.69 -23.29 -77.51
C PHE E 65 -12.20 -23.01 -77.69
N GLU E 66 -11.44 -24.04 -78.05
CA GLU E 66 -10.04 -23.91 -78.40
C GLU E 66 -9.93 -23.70 -79.92
N PHE E 67 -9.34 -22.58 -80.31
CA PHE E 67 -9.26 -22.20 -81.72
C PHE E 67 -7.90 -22.57 -82.31
N PRO E 68 -7.80 -22.65 -83.65
CA PRO E 68 -8.83 -22.37 -84.67
C PRO E 68 -9.88 -23.46 -84.80
N ALA E 69 -11.03 -23.10 -85.37
CA ALA E 69 -12.06 -24.07 -85.73
C ALA E 69 -11.57 -24.87 -86.93
N ARG E 70 -12.29 -25.94 -87.27
CA ARG E 70 -11.97 -26.74 -88.45
C ARG E 70 -13.22 -27.04 -89.26
N LEU E 71 -13.19 -26.71 -90.55
CA LEU E 71 -14.27 -27.05 -91.47
C LEU E 71 -14.03 -28.44 -92.04
N VAL E 72 -15.01 -29.32 -91.86
CA VAL E 72 -14.87 -30.70 -92.32
C VAL E 72 -15.48 -30.97 -93.70
N THR E 73 -14.68 -31.51 -94.61
CA THR E 73 -15.21 -31.76 -95.94
C THR E 73 -15.18 -33.22 -96.35
N ALA E 74 -15.66 -33.49 -97.57
CA ALA E 74 -15.66 -34.83 -98.10
C ALA E 74 -14.20 -35.22 -98.25
N SER E 75 -13.43 -34.31 -98.83
CA SER E 75 -12.00 -34.54 -99.01
C SER E 75 -11.43 -34.83 -97.63
N GLY E 76 -11.37 -33.80 -96.80
CA GLY E 76 -10.85 -33.97 -95.45
C GLY E 76 -11.32 -32.86 -94.52
N SER E 77 -10.37 -32.20 -93.88
CA SER E 77 -10.68 -31.12 -92.95
C SER E 77 -9.63 -30.03 -93.01
N HIS E 78 -10.01 -28.81 -92.65
CA HIS E 78 -9.06 -27.70 -92.67
C HIS E 78 -9.46 -26.57 -91.72
N PRO E 79 -8.46 -25.89 -91.12
CA PRO E 79 -8.76 -24.75 -90.25
C PRO E 79 -9.40 -23.57 -90.98
N VAL E 80 -10.26 -22.84 -90.26
CA VAL E 80 -10.87 -21.62 -90.78
C VAL E 80 -10.82 -20.51 -89.73
N ASP E 81 -10.52 -19.29 -90.15
CA ASP E 81 -10.50 -18.16 -89.21
C ASP E 81 -11.94 -17.79 -88.84
N PHE E 82 -12.09 -16.81 -87.96
CA PHE E 82 -13.41 -16.42 -87.48
C PHE E 82 -14.25 -15.79 -88.59
N ALA E 83 -13.61 -14.95 -89.40
CA ALA E 83 -14.27 -14.25 -90.49
C ALA E 83 -14.93 -15.26 -91.44
N THR E 84 -14.27 -16.39 -91.63
CA THR E 84 -14.74 -17.42 -92.55
C THR E 84 -15.88 -18.24 -91.95
N LEU E 85 -15.68 -18.74 -90.73
CA LEU E 85 -16.69 -19.61 -90.11
C LEU E 85 -17.95 -18.80 -89.81
N SER E 86 -17.80 -17.50 -89.57
CA SER E 86 -18.95 -16.66 -89.30
C SER E 86 -19.76 -16.44 -90.57
N ARG E 87 -19.09 -16.28 -91.71
CA ARG E 87 -19.79 -16.07 -92.97
C ARG E 87 -20.49 -17.35 -93.43
N LEU E 88 -19.91 -18.49 -93.13
CA LEU E 88 -20.50 -19.78 -93.48
C LEU E 88 -21.74 -20.05 -92.64
N ILE E 89 -21.77 -19.51 -91.42
CA ILE E 89 -22.92 -19.65 -90.54
C ILE E 89 -24.05 -18.73 -90.98
N VAL E 90 -23.72 -17.48 -91.30
CA VAL E 90 -24.74 -16.53 -91.74
C VAL E 90 -25.31 -16.96 -93.11
N ASP E 91 -24.48 -17.56 -93.95
CA ASP E 91 -24.95 -18.12 -95.21
C ASP E 91 -25.91 -19.28 -94.95
N LYS E 92 -25.52 -20.17 -94.05
CA LYS E 92 -26.36 -21.30 -93.67
C LYS E 92 -27.75 -20.84 -93.23
N LEU E 93 -27.80 -19.93 -92.27
CA LEU E 93 -29.06 -19.43 -91.74
C LEU E 93 -29.86 -18.74 -92.83
N GLN E 94 -29.16 -18.05 -93.73
CA GLN E 94 -29.83 -17.38 -94.85
C GLN E 94 -30.53 -18.40 -95.74
N HIS E 95 -29.91 -19.56 -95.92
CA HIS E 95 -30.42 -20.58 -96.84
C HIS E 95 -31.48 -21.49 -96.20
N GLN E 96 -31.22 -21.94 -94.97
CA GLN E 96 -32.15 -22.84 -94.28
C GLN E 96 -33.36 -22.10 -93.72
N LEU E 97 -33.16 -20.85 -93.29
CA LEU E 97 -34.24 -20.08 -92.66
C LEU E 97 -34.79 -19.01 -93.60
N LEU E 98 -34.24 -18.91 -94.80
CA LEU E 98 -34.82 -18.11 -95.88
C LEU E 98 -34.87 -16.62 -95.56
N LEU E 99 -33.73 -16.07 -95.17
CA LEU E 99 -33.64 -14.67 -94.76
C LEU E 99 -33.25 -13.76 -95.92
N PRO E 100 -33.54 -12.45 -95.80
CA PRO E 100 -33.08 -11.49 -96.80
C PRO E 100 -31.55 -11.46 -96.90
N ALA E 101 -31.03 -10.90 -97.99
CA ALA E 101 -29.58 -10.87 -98.22
C ALA E 101 -28.94 -9.62 -97.66
N THR E 102 -29.63 -8.48 -97.80
CA THR E 102 -29.11 -7.20 -97.34
C THR E 102 -29.05 -7.11 -95.82
N SER E 103 -29.88 -7.91 -95.15
CA SER E 103 -29.92 -7.93 -93.70
C SER E 103 -28.89 -8.88 -93.10
N CYS E 104 -28.56 -9.93 -93.85
CA CYS E 104 -27.58 -10.91 -93.40
C CYS E 104 -26.14 -10.41 -93.56
N GLU E 105 -25.91 -9.59 -94.57
CA GLU E 105 -24.57 -9.08 -94.84
C GLU E 105 -24.23 -7.94 -93.87
N THR E 106 -25.21 -7.10 -93.58
CA THR E 106 -25.03 -6.02 -92.61
C THR E 106 -24.80 -6.59 -91.21
N PHE E 107 -25.43 -7.73 -90.95
CA PHE E 107 -25.25 -8.46 -89.71
C PHE E 107 -23.82 -8.97 -89.60
N HIS E 108 -23.35 -9.64 -90.65
CA HIS E 108 -22.00 -10.19 -90.67
C HIS E 108 -20.94 -9.09 -90.61
N GLN E 109 -21.23 -7.96 -91.22
CA GLN E 109 -20.31 -6.83 -91.20
C GLN E 109 -20.15 -6.31 -89.78
N ARG E 110 -21.29 -6.13 -89.09
CA ARG E 110 -21.29 -5.62 -87.73
C ARG E 110 -20.61 -6.59 -86.75
N VAL E 111 -20.74 -7.88 -87.02
CA VAL E 111 -20.09 -8.90 -86.20
C VAL E 111 -18.57 -8.79 -86.30
N MET E 112 -18.08 -8.61 -87.52
CA MET E 112 -16.65 -8.53 -87.75
C MET E 112 -16.06 -7.24 -87.19
N GLU E 113 -16.80 -6.15 -87.29
CA GLU E 113 -16.37 -4.88 -86.70
C GLU E 113 -16.15 -5.04 -85.20
N SER E 114 -17.16 -5.58 -84.53
CA SER E 114 -17.10 -5.82 -83.09
C SER E 114 -15.87 -6.64 -82.72
N HIS E 115 -15.74 -7.80 -83.37
CA HIS E 115 -14.61 -8.71 -83.18
C HIS E 115 -13.28 -7.96 -83.31
N ALA E 116 -13.17 -7.18 -84.38
CA ALA E 116 -11.95 -6.41 -84.65
C ALA E 116 -11.73 -5.35 -83.58
N HIS E 117 -12.81 -4.71 -83.15
CA HIS E 117 -12.73 -3.67 -82.13
C HIS E 117 -12.37 -4.25 -80.77
N THR E 118 -12.80 -5.47 -80.52
CA THR E 118 -12.47 -6.14 -79.26
C THR E 118 -10.99 -6.47 -79.18
N GLN E 119 -10.38 -6.75 -80.33
CA GLN E 119 -8.96 -7.10 -80.37
C GLN E 119 -8.07 -5.88 -80.16
N GLN E 120 -8.47 -4.76 -80.75
CA GLN E 120 -7.73 -3.51 -80.56
C GLN E 120 -7.70 -3.12 -79.10
N ALA E 121 -8.84 -3.23 -78.44
CA ALA E 121 -8.95 -2.90 -77.01
C ALA E 121 -8.12 -3.85 -76.16
N ILE E 122 -8.04 -5.11 -76.56
CA ILE E 122 -7.21 -6.10 -75.87
C ILE E 122 -5.74 -5.73 -76.05
N ASP E 123 -5.37 -5.33 -77.26
CA ASP E 123 -3.99 -4.97 -77.55
C ASP E 123 -3.62 -3.69 -76.82
N ALA E 124 -4.56 -2.75 -76.76
CA ALA E 124 -4.31 -1.45 -76.13
C ALA E 124 -4.15 -1.57 -74.61
N ARG E 125 -4.94 -2.46 -74.01
CA ARG E 125 -4.97 -2.60 -72.57
C ARG E 125 -3.96 -3.60 -72.03
N HIS E 126 -2.73 -3.13 -71.80
CA HIS E 126 -1.68 -3.96 -71.22
C HIS E 126 -1.78 -4.03 -69.70
N ASP E 127 -2.63 -3.17 -69.13
CA ASP E 127 -2.83 -3.13 -67.69
C ASP E 127 -3.82 -4.17 -67.20
N TRP E 128 -4.65 -4.69 -68.11
CA TRP E 128 -5.80 -5.50 -67.71
C TRP E 128 -5.43 -6.65 -66.80
N ALA E 129 -4.37 -7.37 -67.13
CA ALA E 129 -3.96 -8.53 -66.34
C ALA E 129 -3.61 -8.13 -64.91
N ALA E 130 -3.03 -6.95 -64.74
CA ALA E 130 -2.64 -6.46 -63.42
C ALA E 130 -3.84 -6.16 -62.54
N LEU E 131 -5.04 -6.14 -63.12
CA LEU E 131 -6.25 -5.89 -62.35
C LEU E 131 -6.56 -7.03 -61.37
N ARG E 132 -6.05 -8.22 -61.69
CA ARG E 132 -6.22 -9.39 -60.82
C ARG E 132 -5.52 -9.24 -59.47
N GLU E 133 -4.58 -8.31 -59.40
CA GLU E 133 -3.65 -8.24 -58.28
C GLU E 133 -4.27 -7.72 -56.98
N LYS E 134 -5.32 -6.92 -57.08
CA LYS E 134 -5.96 -6.36 -55.90
C LYS E 134 -7.44 -6.10 -56.12
N ALA E 135 -8.13 -5.71 -55.06
CA ALA E 135 -9.54 -5.38 -55.14
C ALA E 135 -9.75 -4.14 -56.00
N LEU E 136 -10.77 -4.17 -56.85
CA LEU E 136 -11.04 -3.07 -57.77
C LEU E 136 -12.03 -2.07 -57.17
N ASN E 137 -11.83 -0.79 -57.47
CA ASN E 137 -12.82 0.21 -57.10
C ASN E 137 -13.90 0.29 -58.19
N PHE E 138 -14.78 1.28 -58.07
CA PHE E 138 -15.90 1.41 -58.99
C PHE E 138 -15.44 1.76 -60.40
N GLY E 139 -14.61 2.79 -60.53
CA GLY E 139 -14.16 3.24 -61.84
C GLY E 139 -13.32 2.22 -62.58
N GLU E 140 -12.53 1.45 -61.84
CA GLU E 140 -11.69 0.42 -62.42
C GLU E 140 -12.53 -0.69 -63.03
N ALA E 141 -13.59 -1.06 -62.31
CA ALA E 141 -14.49 -2.12 -62.77
C ALA E 141 -15.33 -1.66 -63.97
N GLU E 142 -15.69 -0.38 -63.99
CA GLU E 142 -16.54 0.15 -65.06
C GLU E 142 -15.83 0.19 -66.40
N GLN E 143 -14.50 0.09 -66.38
CA GLN E 143 -13.72 0.14 -67.62
C GLN E 143 -12.93 -1.15 -67.85
N ALA E 144 -13.29 -2.20 -67.12
CA ALA E 144 -12.61 -3.49 -67.23
C ALA E 144 -13.31 -4.43 -68.21
N LEU E 145 -14.48 -4.03 -68.70
CA LEU E 145 -15.27 -4.89 -69.57
C LEU E 145 -14.88 -4.73 -71.04
N LEU E 146 -14.06 -5.66 -71.51
CA LEU E 146 -13.54 -5.60 -72.87
C LEU E 146 -14.30 -6.54 -73.80
N VAL E 147 -14.91 -7.57 -73.23
CA VAL E 147 -15.63 -8.57 -74.02
C VAL E 147 -17.03 -8.09 -74.37
N GLY E 148 -17.64 -7.32 -73.47
CA GLY E 148 -18.98 -6.83 -73.67
C GLY E 148 -20.01 -7.89 -73.33
N HIS E 149 -21.16 -7.84 -74.00
CA HIS E 149 -22.25 -8.78 -73.75
C HIS E 149 -21.88 -10.20 -74.19
N ALA E 150 -21.79 -11.11 -73.23
CA ALA E 150 -21.28 -12.46 -73.46
C ALA E 150 -22.19 -13.31 -74.36
N PHE E 151 -23.46 -12.92 -74.45
CA PHE E 151 -24.42 -13.63 -75.30
C PHE E 151 -25.07 -12.67 -76.28
N HIS E 152 -24.26 -11.81 -76.87
CA HIS E 152 -24.64 -11.01 -78.01
C HIS E 152 -23.64 -11.31 -79.12
N PRO E 153 -24.09 -11.43 -80.38
CA PRO E 153 -23.13 -11.73 -81.45
C PRO E 153 -22.13 -10.59 -81.72
N ALA E 154 -22.58 -9.34 -81.64
CA ALA E 154 -21.73 -8.18 -81.88
C ALA E 154 -21.78 -7.18 -80.72
N PRO E 155 -21.18 -7.54 -79.57
CA PRO E 155 -21.27 -6.73 -78.36
C PRO E 155 -20.46 -5.43 -78.36
N LYS E 156 -19.62 -5.21 -79.37
CA LYS E 156 -18.74 -4.05 -79.38
C LYS E 156 -18.85 -3.19 -80.65
N SER E 157 -20.01 -3.22 -81.29
CA SER E 157 -20.29 -2.30 -82.38
C SER E 157 -20.64 -0.95 -81.77
N HIS E 158 -20.09 0.13 -82.33
CA HIS E 158 -20.26 1.46 -81.76
C HIS E 158 -20.46 2.53 -82.83
N GLU E 159 -21.08 2.14 -83.95
CA GLU E 159 -21.39 3.09 -85.01
C GLU E 159 -22.21 4.24 -84.44
N PRO E 160 -21.97 5.48 -84.91
CA PRO E 160 -21.09 5.90 -86.00
C PRO E 160 -19.66 6.29 -85.59
N PHE E 161 -19.24 5.95 -84.37
CA PHE E 161 -17.93 6.36 -83.88
C PHE E 161 -16.79 5.85 -84.75
N ASN E 162 -15.81 6.71 -85.01
CA ASN E 162 -14.56 6.28 -85.62
C ASN E 162 -13.65 5.73 -84.52
N GLN E 163 -12.39 5.47 -84.84
CA GLN E 163 -11.47 4.88 -83.86
C GLN E 163 -10.96 5.91 -82.86
N GLN E 164 -10.78 7.14 -83.31
CA GLN E 164 -10.34 8.21 -82.41
C GLN E 164 -11.42 8.51 -81.38
N GLU E 165 -12.67 8.47 -81.83
CA GLU E 165 -13.82 8.73 -80.97
C GLU E 165 -14.07 7.57 -80.03
N ALA E 166 -13.81 6.37 -80.52
CA ALA E 166 -13.99 5.15 -79.72
C ALA E 166 -12.91 5.04 -78.64
N GLU E 167 -11.80 5.75 -78.83
CA GLU E 167 -10.71 5.74 -77.87
C GLU E 167 -10.98 6.70 -76.71
N ARG E 168 -11.72 7.76 -76.99
CA ARG E 168 -11.96 8.79 -75.98
C ARG E 168 -13.27 8.59 -75.24
N TYR E 169 -14.29 8.10 -75.93
CA TYR E 169 -15.65 8.13 -75.41
C TYR E 169 -16.19 6.76 -74.97
N LEU E 170 -15.39 5.71 -75.15
CA LEU E 170 -15.78 4.38 -74.71
C LEU E 170 -14.92 3.91 -73.55
N PRO E 171 -15.50 3.09 -72.65
CA PRO E 171 -14.76 2.62 -71.47
C PRO E 171 -13.58 1.71 -71.81
N ASP E 172 -13.62 1.08 -72.97
CA ASP E 172 -12.68 0.03 -73.34
C ASP E 172 -11.21 0.46 -73.26
N PHE E 173 -10.93 1.71 -73.62
CA PHE E 173 -9.57 2.23 -73.64
C PHE E 173 -9.20 2.98 -72.36
N ALA E 174 -10.07 2.88 -71.35
CA ALA E 174 -9.88 3.55 -70.07
C ALA E 174 -9.56 5.04 -70.20
N PRO E 175 -10.36 5.78 -70.97
CA PRO E 175 -10.12 7.22 -71.10
C PRO E 175 -10.81 8.03 -70.01
N HIS E 176 -10.50 9.32 -69.97
CA HIS E 176 -11.24 10.26 -69.14
C HIS E 176 -11.23 11.61 -69.84
N PHE E 177 -12.15 12.48 -69.45
CA PHE E 177 -12.26 13.79 -70.09
C PHE E 177 -13.16 14.72 -69.29
N PRO E 178 -12.96 16.04 -69.44
CA PRO E 178 -13.86 17.03 -68.85
C PRO E 178 -15.15 17.17 -69.67
N LEU E 179 -16.23 17.58 -69.03
CA LEU E 179 -17.48 17.79 -69.74
C LEU E 179 -17.41 19.03 -70.61
N ARG E 180 -18.35 19.14 -71.54
CA ARG E 180 -18.56 20.37 -72.30
C ARG E 180 -19.62 21.19 -71.56
N TRP E 181 -19.54 22.51 -71.68
CA TRP E 181 -20.46 23.40 -70.98
C TRP E 181 -21.02 24.50 -71.87
N PHE E 182 -22.32 24.73 -71.77
CA PHE E 182 -22.97 25.90 -72.36
C PHE E 182 -23.48 26.82 -71.25
N ALA E 183 -23.47 28.12 -71.52
CA ALA E 183 -24.22 29.07 -70.70
C ALA E 183 -25.55 29.34 -71.39
N VAL E 184 -26.62 28.77 -70.85
CA VAL E 184 -27.92 28.78 -71.50
C VAL E 184 -28.93 29.61 -70.72
N ASN E 185 -29.71 30.41 -71.44
CA ASN E 185 -30.82 31.15 -70.84
C ASN E 185 -31.89 30.16 -70.36
N LYS E 186 -32.45 30.42 -69.17
CA LYS E 186 -33.36 29.49 -68.52
C LYS E 186 -34.65 29.23 -69.30
N THR E 187 -34.98 30.14 -70.23
CA THR E 187 -36.12 29.92 -71.11
C THR E 187 -35.89 28.66 -71.94
N GLN E 188 -34.63 28.37 -72.23
CA GLN E 188 -34.27 27.23 -73.09
C GLN E 188 -33.76 26.04 -72.29
N ILE E 189 -34.15 25.97 -71.02
CA ILE E 189 -33.83 24.82 -70.18
C ILE E 189 -35.10 24.19 -69.63
N ALA E 190 -35.33 22.94 -70.01
CA ALA E 190 -36.38 22.13 -69.42
C ALA E 190 -35.71 21.17 -68.46
N GLY E 191 -36.41 20.81 -67.40
CA GLY E 191 -35.88 19.81 -66.48
C GLY E 191 -36.72 19.67 -65.24
N GLU E 192 -36.21 18.89 -64.29
CA GLU E 192 -36.96 18.53 -63.10
C GLU E 192 -35.97 17.95 -62.09
N SER E 193 -36.16 18.23 -60.81
CA SER E 193 -35.27 17.70 -59.77
C SER E 193 -35.87 17.73 -58.38
N LEU E 194 -35.48 16.76 -57.55
CA LEU E 194 -35.96 16.65 -56.18
C LEU E 194 -34.98 17.28 -55.19
N HIS E 195 -35.47 17.59 -53.99
CA HIS E 195 -34.63 18.09 -52.90
C HIS E 195 -34.06 19.47 -53.20
N LEU E 196 -33.36 19.59 -54.32
CA LEU E 196 -33.02 20.89 -54.89
C LEU E 196 -33.87 21.07 -56.13
N ASN E 197 -34.31 22.29 -56.41
CA ASN E 197 -35.01 22.56 -57.66
C ASN E 197 -33.98 22.49 -58.78
N LEU E 198 -34.43 22.60 -60.02
CA LEU E 198 -33.54 22.42 -61.17
C LEU E 198 -32.41 23.45 -61.18
N GLN E 199 -32.75 24.71 -60.96
CA GLN E 199 -31.75 25.79 -60.93
C GLN E 199 -30.65 25.50 -59.91
N GLN E 200 -31.04 24.84 -58.83
CA GLN E 200 -30.14 24.56 -57.72
C GLN E 200 -29.27 23.32 -57.95
N ARG E 201 -29.79 22.33 -58.68
CA ARG E 201 -28.95 21.19 -59.07
C ARG E 201 -27.84 21.66 -60.00
N LEU E 202 -28.25 22.30 -61.09
CA LEU E 202 -27.33 22.79 -62.11
C LEU E 202 -26.24 23.65 -61.50
N THR E 203 -26.60 24.46 -60.52
CA THR E 203 -25.64 25.34 -59.86
C THR E 203 -24.69 24.51 -59.00
N ARG E 204 -25.22 23.52 -58.29
CA ARG E 204 -24.39 22.65 -57.47
C ARG E 204 -23.49 21.79 -58.36
N PHE E 205 -24.09 21.17 -59.37
CA PHE E 205 -23.36 20.28 -60.27
C PHE E 205 -22.20 21.01 -60.96
N ALA E 206 -22.41 22.29 -61.26
CA ALA E 206 -21.40 23.10 -61.93
C ALA E 206 -20.31 23.52 -60.97
N ALA E 207 -20.71 23.91 -59.77
CA ALA E 207 -19.78 24.41 -58.76
C ALA E 207 -18.83 23.32 -58.28
N GLU E 208 -19.27 22.06 -58.32
CA GLU E 208 -18.47 20.95 -57.81
C GLU E 208 -17.60 20.31 -58.91
N ASN E 209 -17.87 20.66 -60.16
CA ASN E 209 -17.17 20.07 -61.29
C ASN E 209 -16.39 21.07 -62.14
N ALA E 210 -16.99 22.22 -62.42
CA ALA E 210 -16.31 23.27 -63.19
C ALA E 210 -16.47 24.64 -62.53
N PRO E 211 -15.84 24.83 -61.36
CA PRO E 211 -15.98 26.06 -60.57
C PRO E 211 -15.54 27.32 -61.32
N GLN E 212 -14.59 27.18 -62.23
CA GLN E 212 -14.03 28.34 -62.92
C GLN E 212 -15.00 28.94 -63.93
N LEU E 213 -16.05 28.19 -64.27
CA LEU E 213 -17.06 28.68 -65.21
C LEU E 213 -18.16 29.44 -64.47
N LEU E 214 -18.08 29.52 -63.15
CA LEU E 214 -19.11 30.16 -62.35
C LEU E 214 -19.17 31.67 -62.57
N ASN E 215 -18.24 32.19 -63.36
CA ASN E 215 -18.28 33.59 -63.77
C ASN E 215 -19.42 33.81 -64.75
N GLU E 216 -19.84 32.73 -65.41
CA GLU E 216 -20.88 32.79 -66.43
C GLU E 216 -22.28 32.62 -65.84
N LEU E 217 -22.34 32.28 -64.55
CA LEU E 217 -23.61 31.94 -63.91
C LEU E 217 -24.36 33.18 -63.42
N SER E 218 -25.64 33.26 -63.77
CA SER E 218 -26.50 34.35 -63.32
C SER E 218 -27.92 33.86 -63.04
N ASP E 219 -28.81 34.80 -62.76
CA ASP E 219 -30.22 34.48 -62.53
C ASP E 219 -30.83 33.80 -63.76
N ASN E 220 -30.59 34.37 -64.93
CA ASN E 220 -31.20 33.92 -66.17
C ASN E 220 -30.34 32.95 -66.96
N GLN E 221 -29.02 33.08 -66.83
CA GLN E 221 -28.07 32.34 -67.65
C GLN E 221 -27.40 31.23 -66.83
N TRP E 222 -27.86 30.00 -67.03
CA TRP E 222 -27.41 28.85 -66.24
C TRP E 222 -26.35 28.03 -66.97
N LEU E 223 -25.59 27.26 -66.21
CA LEU E 223 -24.54 26.40 -66.77
C LEU E 223 -25.11 25.03 -67.09
N PHE E 224 -24.96 24.62 -68.35
CA PHE E 224 -25.56 23.39 -68.87
C PHE E 224 -24.46 22.41 -69.26
N PRO E 225 -24.45 21.20 -68.64
CA PRO E 225 -23.45 20.20 -69.02
C PRO E 225 -23.84 19.39 -70.25
N LEU E 226 -22.85 19.05 -71.08
CA LEU E 226 -23.09 18.21 -72.25
C LEU E 226 -21.94 17.22 -72.43
N HIS E 227 -22.24 16.10 -73.07
CA HIS E 227 -21.23 15.13 -73.46
C HIS E 227 -20.40 15.79 -74.55
N PRO E 228 -19.05 15.65 -74.49
CA PRO E 228 -18.21 16.34 -75.48
C PRO E 228 -18.55 16.00 -76.93
N TRP E 229 -18.93 14.75 -77.19
CA TRP E 229 -19.31 14.34 -78.54
C TRP E 229 -20.69 14.87 -78.92
N GLN E 230 -21.68 14.67 -78.05
CA GLN E 230 -23.02 15.18 -78.30
C GLN E 230 -23.02 16.70 -78.38
N GLY E 231 -22.26 17.33 -77.49
CA GLY E 231 -22.14 18.78 -77.44
C GLY E 231 -21.79 19.36 -78.80
N GLU E 232 -20.71 18.87 -79.38
CA GLU E 232 -20.29 19.28 -80.72
C GLU E 232 -21.32 18.86 -81.76
N TYR E 233 -21.97 17.72 -81.51
CA TYR E 233 -22.99 17.19 -82.41
C TYR E 233 -24.28 18.02 -82.38
N LEU E 234 -24.58 18.60 -81.22
CA LEU E 234 -25.77 19.43 -81.06
C LEU E 234 -25.56 20.85 -81.58
N LEU E 235 -24.36 21.37 -81.35
CA LEU E 235 -24.05 22.77 -81.68
C LEU E 235 -24.21 23.05 -83.17
N GLN E 236 -23.87 22.05 -83.99
CA GLN E 236 -23.91 22.21 -85.44
C GLN E 236 -25.34 22.27 -85.97
N GLN E 237 -26.26 21.60 -85.26
CA GLN E 237 -27.65 21.55 -85.66
C GLN E 237 -28.23 22.97 -85.74
N GLU E 238 -29.13 23.19 -86.68
CA GLU E 238 -29.66 24.53 -86.95
C GLU E 238 -30.47 25.07 -85.78
N TRP E 239 -31.28 24.21 -85.15
CA TRP E 239 -32.12 24.66 -84.04
C TRP E 239 -31.29 25.16 -82.87
N CYS E 240 -30.12 24.55 -82.69
CA CYS E 240 -29.21 24.97 -81.63
C CYS E 240 -28.43 26.21 -82.08
N GLN E 241 -28.09 26.25 -83.35
CA GLN E 241 -27.37 27.39 -83.91
C GLN E 241 -28.25 28.64 -83.92
N GLU E 242 -29.56 28.45 -84.08
CA GLU E 242 -30.51 29.56 -84.00
C GLU E 242 -30.48 30.19 -82.62
N LEU E 243 -30.35 29.36 -81.59
CA LEU E 243 -30.28 29.84 -80.21
C LEU E 243 -29.00 30.62 -79.98
N VAL E 244 -27.91 30.18 -80.60
CA VAL E 244 -26.64 30.90 -80.50
C VAL E 244 -26.77 32.29 -81.12
N ALA E 245 -27.51 32.37 -82.23
CA ALA E 245 -27.71 33.63 -82.94
C ALA E 245 -28.48 34.62 -82.07
N LYS E 246 -29.49 34.13 -81.36
CA LYS E 246 -30.28 34.95 -80.45
C LYS E 246 -29.51 35.22 -79.15
N GLY E 247 -28.37 34.57 -78.99
CA GLY E 247 -27.55 34.75 -77.81
C GLY E 247 -28.12 34.05 -76.60
N LEU E 248 -28.97 33.05 -76.84
CA LEU E 248 -29.59 32.29 -75.77
C LEU E 248 -28.71 31.09 -75.39
N ILE E 249 -27.69 30.83 -76.20
CA ILE E 249 -26.67 29.84 -75.88
C ILE E 249 -25.29 30.44 -76.12
N LYS E 250 -24.36 30.10 -75.25
CA LYS E 250 -22.97 30.53 -75.36
C LYS E 250 -22.05 29.37 -75.02
N ASP E 251 -21.24 28.96 -75.99
CA ASP E 251 -20.35 27.81 -75.81
C ASP E 251 -19.18 28.21 -74.91
N LEU E 252 -18.97 27.41 -73.85
CA LEU E 252 -17.90 27.66 -72.89
C LEU E 252 -16.75 26.68 -73.07
N GLY E 253 -16.96 25.68 -73.92
CA GLY E 253 -15.94 24.68 -74.19
C GLY E 253 -15.84 23.67 -73.07
N GLU E 254 -14.78 22.87 -73.09
CA GLU E 254 -14.57 21.86 -72.07
C GLU E 254 -13.89 22.47 -70.84
N ALA E 255 -14.21 21.95 -69.66
CA ALA E 255 -13.66 22.48 -68.42
C ALA E 255 -14.01 21.62 -67.22
N GLY E 256 -13.10 21.60 -66.24
CA GLY E 256 -13.40 21.02 -64.94
C GLY E 256 -12.84 19.63 -64.70
N ALA E 257 -13.54 18.90 -63.84
CA ALA E 257 -13.05 17.63 -63.33
C ALA E 257 -13.07 16.53 -64.38
N PRO E 258 -12.27 15.48 -64.16
CA PRO E 258 -12.25 14.36 -65.11
C PRO E 258 -13.44 13.42 -64.98
N TRP E 259 -14.09 13.16 -66.10
CA TRP E 259 -15.16 12.17 -66.15
C TRP E 259 -14.72 10.97 -66.97
N LEU E 260 -15.08 9.77 -66.52
CA LEU E 260 -14.75 8.56 -67.26
C LEU E 260 -16.01 7.81 -67.68
N PRO E 261 -16.06 7.36 -68.94
CA PRO E 261 -17.24 6.60 -69.37
C PRO E 261 -17.34 5.26 -68.66
N THR E 262 -18.55 4.92 -68.23
CA THR E 262 -18.81 3.64 -67.58
C THR E 262 -19.14 2.58 -68.61
N THR E 263 -19.53 1.39 -68.14
CA THR E 263 -19.79 0.25 -69.01
C THR E 263 -20.81 0.58 -70.12
N SER E 264 -21.74 1.48 -69.83
CA SER E 264 -22.77 1.88 -70.80
C SER E 264 -22.32 3.00 -71.72
N SER E 265 -21.12 3.52 -71.46
CA SER E 265 -20.51 4.60 -72.25
C SER E 265 -21.25 5.95 -72.08
N ARG E 266 -22.57 5.95 -72.14
CA ARG E 266 -23.32 7.20 -72.01
C ARG E 266 -23.47 7.68 -70.56
N SER E 267 -23.30 6.77 -69.61
CA SER E 267 -23.24 7.16 -68.19
C SER E 267 -21.80 7.45 -67.75
N LEU E 268 -21.59 8.65 -67.23
CA LEU E 268 -20.25 9.12 -66.85
C LEU E 268 -20.05 9.17 -65.34
N TYR E 269 -18.83 8.90 -64.91
CA TYR E 269 -18.49 8.87 -63.48
C TYR E 269 -17.38 9.85 -63.14
N CYS E 270 -17.61 10.66 -62.12
CA CYS E 270 -16.59 11.52 -61.54
C CYS E 270 -16.52 11.27 -60.04
N ALA E 271 -15.34 10.88 -59.56
CA ALA E 271 -15.17 10.40 -58.19
C ALA E 271 -15.51 11.45 -57.13
N THR E 272 -15.44 12.72 -57.51
CA THR E 272 -15.63 13.81 -56.55
C THR E 272 -17.00 14.49 -56.71
N SER E 273 -17.74 14.08 -57.73
CA SER E 273 -19.07 14.65 -57.98
C SER E 273 -20.15 13.87 -57.25
N ARG E 274 -21.02 14.59 -56.55
CA ARG E 274 -22.12 13.96 -55.83
C ARG E 274 -23.10 13.29 -56.80
N ASP E 275 -23.06 13.72 -58.06
CA ASP E 275 -23.88 13.12 -59.11
C ASP E 275 -23.03 12.50 -60.21
N MET E 276 -23.51 11.37 -60.73
CA MET E 276 -23.09 10.86 -62.03
C MET E 276 -24.05 11.40 -63.06
N ILE E 277 -23.68 11.34 -64.33
CA ILE E 277 -24.50 11.91 -65.39
C ILE E 277 -24.68 10.94 -66.55
N LYS E 278 -25.95 10.72 -66.91
CA LYS E 278 -26.33 9.86 -68.01
C LYS E 278 -26.84 10.71 -69.16
N PHE E 279 -26.13 10.70 -70.27
CA PHE E 279 -26.46 11.52 -71.42
C PHE E 279 -27.27 10.81 -72.49
N SER E 280 -28.11 11.58 -73.18
CA SER E 280 -28.69 11.16 -74.43
C SER E 280 -27.56 11.16 -75.46
N LEU E 281 -27.16 9.99 -75.92
CA LEU E 281 -25.98 9.84 -76.77
C LEU E 281 -26.32 9.14 -78.09
N SER E 282 -26.15 9.84 -79.20
CA SER E 282 -26.54 9.33 -80.52
C SER E 282 -25.55 8.29 -81.05
N VAL E 283 -25.59 7.10 -80.44
CA VAL E 283 -24.73 5.99 -80.86
C VAL E 283 -25.49 4.68 -80.72
N ARG E 284 -25.24 3.75 -81.64
CA ARG E 284 -25.83 2.42 -81.56
C ARG E 284 -24.93 1.49 -80.73
N LEU E 285 -25.47 0.98 -79.63
CA LEU E 285 -24.75 0.03 -78.78
C LEU E 285 -25.64 -1.18 -78.49
N THR E 286 -25.24 -2.33 -79.03
CA THR E 286 -26.07 -3.55 -79.06
C THR E 286 -27.54 -3.31 -79.35
N ASN E 287 -27.84 -2.96 -80.60
CA ASN E 287 -29.21 -2.96 -81.11
C ASN E 287 -30.14 -1.93 -80.48
N SER E 288 -29.60 -0.76 -80.15
CA SER E 288 -30.43 0.36 -79.73
C SER E 288 -29.63 1.67 -79.71
N VAL E 289 -30.16 2.69 -80.37
CA VAL E 289 -29.55 4.01 -80.32
C VAL E 289 -29.72 4.60 -78.93
N ARG E 290 -28.65 5.13 -78.36
CA ARG E 290 -28.59 5.42 -76.93
C ARG E 290 -29.00 6.84 -76.57
N THR E 291 -29.97 7.38 -77.31
CA THR E 291 -30.59 8.65 -76.93
C THR E 291 -31.59 8.40 -75.80
N LEU E 292 -31.89 9.44 -75.03
CA LEU E 292 -32.90 9.35 -73.97
C LEU E 292 -34.19 10.02 -74.43
N SER E 293 -35.31 9.63 -73.83
CA SER E 293 -36.59 10.28 -74.09
C SER E 293 -37.13 10.88 -72.80
N VAL E 294 -38.01 11.86 -72.91
CA VAL E 294 -38.63 12.47 -71.75
C VAL E 294 -39.39 11.41 -70.95
N LYS E 295 -39.95 10.45 -71.67
CA LYS E 295 -40.65 9.34 -71.05
C LYS E 295 -39.71 8.54 -70.14
N GLU E 296 -38.50 8.31 -70.63
CA GLU E 296 -37.52 7.50 -69.90
C GLU E 296 -37.04 8.19 -68.63
N VAL E 297 -36.77 9.49 -68.71
CA VAL E 297 -36.24 10.20 -67.56
C VAL E 297 -37.32 10.39 -66.50
N LYS E 298 -38.58 10.36 -66.90
CA LYS E 298 -39.68 10.47 -65.95
C LYS E 298 -39.90 9.15 -65.22
N ARG E 299 -39.36 8.05 -65.77
CA ARG E 299 -39.38 6.78 -65.04
C ARG E 299 -38.53 6.92 -63.79
N GLY E 300 -37.36 7.52 -63.97
CA GLY E 300 -36.44 7.74 -62.88
C GLY E 300 -37.00 8.70 -61.84
N MET E 301 -37.62 9.77 -62.33
CA MET E 301 -38.27 10.74 -61.46
C MET E 301 -39.43 10.11 -60.69
N ARG E 302 -40.10 9.16 -61.33
CA ARG E 302 -41.21 8.45 -60.71
C ARG E 302 -40.71 7.59 -59.55
N LEU E 303 -39.66 6.82 -59.80
CA LEU E 303 -39.11 5.93 -58.77
C LEU E 303 -38.43 6.74 -57.66
N ALA E 304 -37.87 7.88 -58.04
CA ALA E 304 -37.19 8.75 -57.07
C ALA E 304 -38.18 9.31 -56.05
N ARG E 305 -39.35 9.72 -56.52
CA ARG E 305 -40.39 10.23 -55.63
C ARG E 305 -40.93 9.11 -54.75
N LEU E 306 -41.09 7.93 -55.35
CA LEU E 306 -41.60 6.78 -54.62
C LEU E 306 -40.61 6.39 -53.51
N ALA E 307 -39.36 6.78 -53.67
CA ALA E 307 -38.34 6.49 -52.67
C ALA E 307 -38.45 7.40 -51.44
N GLN E 308 -39.37 8.36 -51.49
CA GLN E 308 -39.64 9.24 -50.36
C GLN E 308 -40.74 8.71 -49.45
N THR E 309 -41.51 7.76 -49.95
CA THR E 309 -42.69 7.26 -49.23
C THR E 309 -42.30 6.45 -48.00
N ASP E 310 -43.30 6.15 -47.18
CA ASP E 310 -43.11 5.38 -45.96
C ASP E 310 -42.84 3.91 -46.26
N ASP E 311 -43.49 3.36 -47.28
CA ASP E 311 -43.34 1.94 -47.61
C ASP E 311 -41.96 1.64 -48.20
N TRP E 312 -41.37 2.62 -48.88
CA TRP E 312 -39.99 2.50 -49.33
C TRP E 312 -39.08 2.52 -48.11
N GLN E 313 -39.41 3.41 -47.19
CA GLN E 313 -38.69 3.55 -45.93
C GLN E 313 -38.66 2.21 -45.19
N THR E 314 -39.76 1.48 -45.28
CA THR E 314 -39.88 0.17 -44.65
C THR E 314 -39.04 -0.88 -45.37
N LEU E 315 -39.06 -0.83 -46.69
CA LEU E 315 -38.26 -1.74 -47.51
C LEU E 315 -36.77 -1.53 -47.26
N GLN E 316 -36.35 -0.26 -47.27
CA GLN E 316 -34.94 0.07 -47.08
C GLN E 316 -34.47 -0.33 -45.68
N ALA E 317 -35.35 -0.21 -44.69
CA ALA E 317 -35.02 -0.59 -43.33
C ALA E 317 -34.76 -2.09 -43.26
N ARG E 318 -35.58 -2.85 -43.97
CA ARG E 318 -35.50 -4.31 -43.97
C ARG E 318 -34.26 -4.79 -44.72
N PHE E 319 -33.85 -4.03 -45.72
CA PHE E 319 -32.65 -4.34 -46.50
C PHE E 319 -31.70 -3.13 -46.54
N PRO E 320 -31.01 -2.86 -45.43
CA PRO E 320 -30.17 -1.68 -45.30
C PRO E 320 -28.91 -1.71 -46.17
N THR E 321 -28.48 -2.91 -46.55
CA THR E 321 -27.31 -3.07 -47.40
C THR E 321 -27.68 -2.95 -48.87
N PHE E 322 -28.97 -2.77 -49.12
CA PHE E 322 -29.50 -2.60 -50.48
C PHE E 322 -29.81 -1.14 -50.73
N ARG E 323 -29.18 -0.58 -51.76
CA ARG E 323 -29.45 0.80 -52.19
C ARG E 323 -29.90 0.84 -53.64
N VAL E 324 -30.60 1.91 -54.01
CA VAL E 324 -30.88 2.21 -55.41
C VAL E 324 -30.32 3.60 -55.73
N MET E 325 -29.44 3.66 -56.72
CA MET E 325 -28.94 4.94 -57.21
C MET E 325 -30.07 5.67 -57.92
N GLN E 326 -30.78 6.51 -57.18
CA GLN E 326 -31.93 7.22 -57.74
C GLN E 326 -31.50 8.18 -58.84
N GLU E 327 -32.30 8.24 -59.90
CA GLU E 327 -32.11 9.22 -60.96
C GLU E 327 -33.12 10.34 -60.76
N ASP E 328 -32.84 11.22 -59.81
CA ASP E 328 -33.82 12.17 -59.31
C ASP E 328 -33.67 13.56 -59.91
N GLY E 329 -33.06 13.63 -61.08
CA GLY E 329 -32.89 14.89 -61.78
C GLY E 329 -32.63 14.69 -63.26
N TRP E 330 -33.13 15.61 -64.07
CA TRP E 330 -32.89 15.58 -65.51
C TRP E 330 -33.09 16.96 -66.12
N ALA E 331 -32.42 17.19 -67.24
CA ALA E 331 -32.54 18.46 -67.96
C ALA E 331 -32.26 18.26 -69.43
N GLY E 332 -32.71 19.20 -70.25
CA GLY E 332 -32.52 19.15 -71.68
C GLY E 332 -32.82 20.50 -72.30
N LEU E 333 -32.42 20.68 -73.55
CA LEU E 333 -32.55 21.97 -74.23
C LEU E 333 -33.85 22.10 -75.02
N ARG E 334 -34.45 23.28 -74.94
CA ARG E 334 -35.61 23.62 -75.76
C ARG E 334 -35.19 24.40 -76.99
N ASP E 335 -35.76 24.08 -78.14
CA ASP E 335 -35.54 24.88 -79.33
C ASP E 335 -36.28 26.21 -79.17
N LEU E 336 -36.21 27.06 -80.19
CA LEU E 336 -36.79 28.39 -80.09
C LEU E 336 -38.32 28.35 -79.94
N HIS E 337 -38.92 27.22 -80.26
CA HIS E 337 -40.36 27.05 -80.12
C HIS E 337 -40.74 26.53 -78.73
N GLY E 338 -39.77 25.97 -78.02
CA GLY E 338 -40.00 25.38 -76.71
C GLY E 338 -39.98 23.87 -76.75
N ASN E 339 -39.77 23.29 -77.93
CA ASN E 339 -39.70 21.84 -78.06
C ASN E 339 -38.44 21.28 -77.40
N ILE E 340 -38.65 20.40 -76.43
CA ILE E 340 -37.54 19.73 -75.76
C ILE E 340 -36.80 18.85 -76.75
N MET E 341 -35.55 19.20 -77.01
CA MET E 341 -34.71 18.44 -77.93
C MET E 341 -34.09 17.25 -77.21
N GLN E 342 -34.62 16.08 -77.52
CA GLN E 342 -34.30 14.86 -76.79
C GLN E 342 -32.85 14.40 -76.95
N GLU E 343 -32.18 14.91 -77.98
CA GLU E 343 -30.77 14.59 -78.21
C GLU E 343 -29.86 15.40 -77.26
N SER E 344 -30.47 16.30 -76.49
CA SER E 344 -29.73 17.13 -75.53
C SER E 344 -30.03 16.74 -74.09
N LEU E 345 -30.86 15.71 -73.91
CA LEU E 345 -31.28 15.29 -72.56
C LEU E 345 -30.14 14.65 -71.78
N PHE E 346 -30.26 14.71 -70.45
CA PHE E 346 -29.45 13.89 -69.57
C PHE E 346 -30.16 13.67 -68.25
N ALA E 347 -29.87 12.55 -67.60
CA ALA E 347 -30.35 12.26 -66.26
C ALA E 347 -29.20 12.41 -65.27
N LEU E 348 -29.53 12.85 -64.06
CA LEU E 348 -28.56 12.93 -62.97
C LEU E 348 -28.78 11.79 -61.99
N ARG E 349 -27.72 11.01 -61.76
CA ARG E 349 -27.79 9.82 -60.94
C ARG E 349 -26.97 9.99 -59.66
N GLU E 350 -27.61 9.71 -58.52
CA GLU E 350 -26.94 9.77 -57.23
C GLU E 350 -25.63 9.00 -57.24
N ASN E 351 -24.54 9.68 -56.89
CA ASN E 351 -23.25 9.02 -56.71
C ASN E 351 -23.09 8.59 -55.26
N LEU E 352 -23.58 7.40 -54.95
CA LEU E 352 -23.56 6.89 -53.59
C LEU E 352 -22.16 6.43 -53.16
N LEU E 353 -21.20 6.56 -54.07
CA LEU E 353 -19.81 6.18 -53.78
C LEU E 353 -18.92 7.40 -53.59
N VAL E 354 -19.51 8.59 -53.59
CA VAL E 354 -18.75 9.83 -53.55
C VAL E 354 -17.93 9.95 -52.26
N ASP E 355 -18.46 9.41 -51.16
CA ASP E 355 -17.77 9.47 -49.88
C ASP E 355 -16.81 8.29 -49.70
N GLN E 356 -16.91 7.30 -50.58
CA GLN E 356 -16.06 6.12 -50.54
C GLN E 356 -15.70 5.76 -51.97
N PRO E 357 -14.75 6.49 -52.54
CA PRO E 357 -14.37 6.26 -53.94
C PRO E 357 -13.42 5.09 -54.17
N GLN E 358 -12.94 4.48 -53.09
CA GLN E 358 -12.06 3.32 -53.21
C GLN E 358 -12.71 2.05 -52.67
N SER E 359 -14.01 2.11 -52.40
CA SER E 359 -14.73 0.96 -51.90
C SER E 359 -14.84 -0.10 -52.97
N GLN E 360 -14.72 -1.36 -52.58
CA GLN E 360 -14.82 -2.48 -53.51
C GLN E 360 -16.27 -2.68 -53.90
N THR E 361 -16.80 -1.74 -54.68
CA THR E 361 -18.14 -1.85 -55.24
C THR E 361 -17.99 -1.96 -56.75
N ASN E 362 -18.19 -3.16 -57.28
CA ASN E 362 -17.96 -3.45 -58.69
C ASN E 362 -19.22 -3.86 -59.44
N VAL E 363 -19.32 -3.45 -60.70
CA VAL E 363 -20.38 -3.93 -61.58
C VAL E 363 -20.11 -5.39 -61.91
N LEU E 364 -21.15 -6.21 -61.85
CA LEU E 364 -20.99 -7.65 -61.90
C LEU E 364 -20.43 -8.13 -63.23
N VAL E 365 -20.84 -7.49 -64.33
CA VAL E 365 -20.48 -7.94 -65.67
C VAL E 365 -18.97 -8.00 -65.91
N SER E 366 -18.23 -7.09 -65.28
CA SER E 366 -16.78 -7.05 -65.41
C SER E 366 -16.11 -8.19 -64.66
N LEU E 367 -16.74 -8.63 -63.57
CA LEU E 367 -16.20 -9.71 -62.76
C LEU E 367 -16.36 -11.06 -63.45
N THR E 368 -17.46 -11.21 -64.18
CA THR E 368 -17.85 -12.50 -64.73
C THR E 368 -17.33 -12.75 -66.16
N GLN E 369 -16.93 -11.69 -66.86
CA GLN E 369 -16.40 -11.85 -68.21
C GLN E 369 -15.19 -12.77 -68.19
N ALA E 370 -15.05 -13.58 -69.23
CA ALA E 370 -13.88 -14.42 -69.40
C ALA E 370 -12.68 -13.55 -69.69
N ALA E 371 -11.55 -13.89 -69.09
CA ALA E 371 -10.33 -13.12 -69.28
C ALA E 371 -9.86 -13.24 -70.72
N PRO E 372 -9.61 -12.10 -71.39
CA PRO E 372 -9.08 -12.11 -72.76
C PRO E 372 -7.76 -12.87 -72.92
N ASP E 373 -6.96 -12.97 -71.88
CA ASP E 373 -5.72 -13.74 -71.93
C ASP E 373 -5.94 -15.19 -71.48
N GLY E 374 -7.20 -15.53 -71.24
CA GLY E 374 -7.56 -16.89 -70.87
C GLY E 374 -7.23 -17.25 -69.43
N GLY E 375 -6.79 -16.26 -68.67
CA GLY E 375 -6.44 -16.48 -67.27
C GLY E 375 -7.67 -16.38 -66.38
N ASP E 376 -7.45 -16.04 -65.11
CA ASP E 376 -8.55 -15.91 -64.16
C ASP E 376 -9.47 -14.76 -64.53
N SER E 377 -10.77 -14.98 -64.41
CA SER E 377 -11.72 -13.89 -64.43
C SER E 377 -11.54 -13.06 -63.16
N LEU E 378 -11.93 -11.80 -63.19
CA LEU E 378 -11.74 -10.93 -62.02
C LEU E 378 -12.58 -11.40 -60.84
N LEU E 379 -13.65 -12.14 -61.11
CA LEU E 379 -14.43 -12.78 -60.05
C LEU E 379 -13.59 -13.84 -59.35
N VAL E 380 -12.93 -14.68 -60.15
CA VAL E 380 -12.12 -15.78 -59.62
C VAL E 380 -10.93 -15.26 -58.83
N ALA E 381 -10.39 -14.13 -59.25
CA ALA E 381 -9.33 -13.47 -58.50
C ALA E 381 -9.84 -13.13 -57.09
N ALA E 382 -10.97 -12.45 -57.02
CA ALA E 382 -11.58 -12.06 -55.75
C ALA E 382 -11.86 -13.28 -54.88
N VAL E 383 -12.42 -14.33 -55.48
CA VAL E 383 -12.72 -15.56 -54.75
C VAL E 383 -11.43 -16.19 -54.20
N LYS E 384 -10.36 -16.12 -54.98
CA LYS E 384 -9.08 -16.67 -54.54
C LYS E 384 -8.46 -15.86 -53.40
N ARG E 385 -8.62 -14.54 -53.43
CA ARG E 385 -8.18 -13.70 -52.33
C ARG E 385 -8.95 -14.04 -51.07
N LEU E 386 -10.26 -14.19 -51.22
CA LEU E 386 -11.13 -14.54 -50.10
C LEU E 386 -10.71 -15.87 -49.48
N SER E 387 -10.34 -16.82 -50.33
CA SER E 387 -9.86 -18.13 -49.88
C SER E 387 -8.58 -17.98 -49.07
N ASP E 388 -7.67 -17.15 -49.57
CA ASP E 388 -6.38 -16.95 -48.91
C ASP E 388 -6.52 -16.19 -47.59
N ARG E 389 -7.36 -15.17 -47.59
CA ARG E 389 -7.54 -14.33 -46.40
C ARG E 389 -8.18 -15.09 -45.24
N LEU E 390 -9.15 -15.94 -45.55
CA LEU E 390 -9.90 -16.67 -44.53
C LEU E 390 -9.26 -18.02 -44.16
N GLY E 391 -8.34 -18.48 -45.00
CA GLY E 391 -7.67 -19.75 -44.75
C GLY E 391 -8.53 -20.94 -45.14
N ILE E 392 -9.50 -20.70 -46.04
CA ILE E 392 -10.40 -21.75 -46.50
C ILE E 392 -10.08 -22.13 -47.94
N THR E 393 -10.60 -23.27 -48.39
CA THR E 393 -10.33 -23.76 -49.73
C THR E 393 -10.97 -22.85 -50.75
N ALA E 394 -10.44 -22.86 -51.97
CA ALA E 394 -10.98 -22.04 -53.06
C ALA E 394 -12.44 -22.41 -53.32
N GLN E 395 -12.76 -23.69 -53.16
CA GLN E 395 -14.13 -24.16 -53.35
C GLN E 395 -15.04 -23.61 -52.27
N GLN E 396 -14.56 -23.65 -51.03
CA GLN E 396 -15.30 -23.10 -49.91
C GLN E 396 -15.50 -21.60 -50.11
N ALA E 397 -14.50 -20.94 -50.69
CA ALA E 397 -14.60 -19.51 -50.99
C ALA E 397 -15.56 -19.29 -52.16
N ALA E 398 -15.67 -20.28 -53.04
CA ALA E 398 -16.61 -20.21 -54.15
C ALA E 398 -18.03 -20.30 -53.63
N HIS E 399 -18.26 -21.25 -52.72
CA HIS E 399 -19.57 -21.45 -52.12
C HIS E 399 -20.02 -20.22 -51.34
N ALA E 400 -19.15 -19.68 -50.49
CA ALA E 400 -19.49 -18.56 -49.63
C ALA E 400 -19.82 -17.32 -50.46
N TRP E 401 -19.04 -17.10 -51.51
CA TRP E 401 -19.28 -15.97 -52.41
C TRP E 401 -20.67 -16.12 -53.03
N VAL E 402 -20.94 -17.29 -53.57
CA VAL E 402 -22.22 -17.56 -54.22
C VAL E 402 -23.38 -17.41 -53.24
N ASP E 403 -23.19 -17.91 -52.02
CA ASP E 403 -24.23 -17.83 -51.01
C ASP E 403 -24.50 -16.38 -50.63
N ALA E 404 -23.45 -15.60 -50.39
CA ALA E 404 -23.59 -14.19 -50.04
C ALA E 404 -24.22 -13.40 -51.19
N TYR E 405 -23.90 -13.80 -52.41
CA TYR E 405 -24.48 -13.16 -53.58
C TYR E 405 -26.00 -13.33 -53.61
N CYS E 406 -26.47 -14.51 -53.23
CA CYS E 406 -27.91 -14.77 -53.17
C CYS E 406 -28.58 -13.88 -52.11
N HIS E 407 -28.02 -13.84 -50.91
CA HIS E 407 -28.57 -13.04 -49.81
C HIS E 407 -28.50 -11.54 -50.07
N GLN E 408 -27.38 -11.08 -50.63
CA GLN E 408 -27.14 -9.66 -50.78
C GLN E 408 -27.77 -9.09 -52.04
N VAL E 409 -27.84 -9.90 -53.10
CA VAL E 409 -28.33 -9.42 -54.39
C VAL E 409 -29.73 -9.95 -54.74
N LEU E 410 -29.88 -11.26 -54.77
CA LEU E 410 -31.14 -11.86 -55.19
C LEU E 410 -32.28 -11.60 -54.20
N LYS E 411 -32.00 -11.71 -52.91
CA LYS E 411 -33.05 -11.62 -51.89
C LYS E 411 -33.81 -10.30 -51.94
N PRO E 412 -33.10 -9.16 -51.89
CA PRO E 412 -33.87 -7.92 -51.93
C PRO E 412 -34.61 -7.71 -53.26
N LEU E 413 -34.10 -8.29 -54.34
CA LEU E 413 -34.67 -8.06 -55.66
C LEU E 413 -35.94 -8.89 -55.90
N PHE E 414 -35.94 -10.14 -55.43
CA PHE E 414 -37.14 -10.97 -55.49
C PHE E 414 -38.16 -10.45 -54.48
N THR E 415 -37.69 -10.07 -53.30
CA THR E 415 -38.55 -9.62 -52.22
C THR E 415 -39.17 -8.25 -52.49
N ALA E 416 -38.46 -7.42 -53.26
CA ALA E 416 -39.00 -6.12 -53.64
C ALA E 416 -40.24 -6.30 -54.51
N GLU E 417 -40.22 -7.33 -55.35
CA GLU E 417 -41.36 -7.66 -56.21
C GLU E 417 -42.45 -8.35 -55.40
N ALA E 418 -42.07 -9.39 -54.67
CA ALA E 418 -43.04 -10.25 -54.00
C ALA E 418 -43.86 -9.51 -52.95
N ASP E 419 -43.22 -8.67 -52.14
CA ASP E 419 -43.88 -8.04 -51.01
C ASP E 419 -44.34 -6.61 -51.28
N TYR E 420 -43.67 -5.90 -52.19
CA TYR E 420 -43.98 -4.49 -52.45
C TYR E 420 -44.43 -4.26 -53.89
N GLY E 421 -44.21 -5.26 -54.76
CA GLY E 421 -44.58 -5.14 -56.16
C GLY E 421 -43.60 -4.35 -56.99
N LEU E 422 -42.43 -4.05 -56.41
CA LEU E 422 -41.40 -3.30 -57.13
C LEU E 422 -40.54 -4.23 -57.96
N VAL E 423 -40.39 -3.90 -59.24
CA VAL E 423 -39.60 -4.70 -60.18
C VAL E 423 -38.35 -3.94 -60.58
N LEU E 424 -37.19 -4.56 -60.35
CA LEU E 424 -35.92 -4.03 -60.81
C LEU E 424 -35.27 -5.05 -61.73
N LEU E 425 -35.26 -4.74 -63.02
CA LEU E 425 -34.73 -5.66 -64.01
C LEU E 425 -33.21 -5.62 -64.01
N ALA E 426 -32.63 -6.46 -63.17
CA ALA E 426 -31.22 -6.37 -62.84
C ALA E 426 -30.38 -7.41 -63.55
N HIS E 427 -29.89 -7.07 -64.74
CA HIS E 427 -28.87 -7.88 -65.40
C HIS E 427 -27.49 -7.47 -64.86
N GLN E 428 -26.44 -8.06 -65.40
CA GLN E 428 -25.07 -7.90 -64.89
C GLN E 428 -24.56 -6.47 -64.82
N GLN E 429 -25.01 -5.64 -65.75
CA GLN E 429 -24.49 -4.29 -65.88
C GLN E 429 -25.27 -3.32 -65.00
N ASN E 430 -26.40 -3.78 -64.46
CA ASN E 430 -27.19 -2.98 -63.52
C ASN E 430 -26.89 -3.31 -62.06
N ILE E 431 -26.28 -4.47 -61.84
CA ILE E 431 -25.92 -4.91 -60.50
C ILE E 431 -24.53 -4.44 -60.10
N LEU E 432 -24.47 -3.60 -59.08
CA LEU E 432 -23.21 -3.28 -58.43
C LEU E 432 -23.08 -4.12 -57.16
N VAL E 433 -22.07 -4.96 -57.11
CA VAL E 433 -21.83 -5.81 -55.94
C VAL E 433 -20.95 -5.06 -54.95
N GLN E 434 -21.54 -4.64 -53.84
CA GLN E 434 -20.79 -4.03 -52.76
C GLN E 434 -20.02 -5.12 -52.02
N MET E 435 -18.70 -5.06 -52.07
CA MET E 435 -17.86 -6.08 -51.46
C MET E 435 -16.96 -5.49 -50.37
N LEU E 436 -16.63 -6.34 -49.40
CA LEU E 436 -15.69 -5.99 -48.34
C LEU E 436 -14.82 -7.21 -48.05
N GLY E 437 -13.58 -7.17 -48.52
CA GLY E 437 -12.69 -8.32 -48.44
C GLY E 437 -13.12 -9.38 -49.43
N ASP E 438 -13.57 -8.91 -50.60
CA ASP E 438 -13.99 -9.76 -51.72
C ASP E 438 -15.27 -10.55 -51.48
N LEU E 439 -15.91 -10.32 -50.33
CA LEU E 439 -17.20 -10.94 -50.03
C LEU E 439 -18.33 -9.94 -50.28
N PRO E 440 -19.40 -10.37 -50.98
CA PRO E 440 -20.56 -9.48 -51.13
C PRO E 440 -21.23 -9.18 -49.78
N VAL E 441 -21.38 -7.89 -49.46
CA VAL E 441 -21.98 -7.46 -48.21
C VAL E 441 -23.14 -6.51 -48.45
N GLY E 442 -23.44 -6.26 -49.73
CA GLY E 442 -24.51 -5.36 -50.09
C GLY E 442 -24.80 -5.34 -51.58
N LEU E 443 -25.79 -4.54 -51.97
CA LEU E 443 -26.16 -4.37 -53.37
C LEU E 443 -26.49 -2.90 -53.64
N ILE E 444 -26.05 -2.41 -54.78
CA ILE E 444 -26.51 -1.13 -55.30
C ILE E 444 -27.04 -1.38 -56.70
N TYR E 445 -28.32 -1.09 -56.91
CA TYR E 445 -28.92 -1.23 -58.24
C TYR E 445 -28.81 0.08 -59.01
N ARG E 446 -28.59 -0.04 -60.30
CA ARG E 446 -28.42 1.10 -61.20
C ARG E 446 -29.19 0.88 -62.51
N ASP E 447 -29.68 1.98 -63.07
CA ASP E 447 -30.49 2.03 -64.30
C ASP E 447 -31.99 1.97 -63.96
N CYS E 448 -32.58 3.14 -63.77
CA CYS E 448 -33.98 3.24 -63.35
C CYS E 448 -34.95 3.08 -64.53
N GLN E 449 -34.41 2.95 -65.74
CA GLN E 449 -35.22 2.61 -66.90
C GLN E 449 -35.66 1.16 -66.76
N GLY E 450 -34.95 0.42 -65.92
CA GLY E 450 -35.25 -0.98 -65.68
C GLY E 450 -36.19 -1.20 -64.51
N SER E 451 -36.86 -0.14 -64.07
CA SER E 451 -37.84 -0.25 -63.00
C SER E 451 -39.25 -0.45 -63.55
N ALA E 452 -40.03 -1.30 -62.87
CA ALA E 452 -41.42 -1.52 -63.23
C ALA E 452 -42.23 -1.84 -61.98
N PHE E 453 -43.55 -1.85 -62.13
CA PHE E 453 -44.45 -2.03 -60.98
C PHE E 453 -45.53 -3.07 -61.28
N MET E 454 -45.72 -4.00 -60.35
CA MET E 454 -46.73 -5.03 -60.48
C MET E 454 -48.09 -4.48 -60.04
N PRO E 455 -49.16 -5.25 -60.30
CA PRO E 455 -50.49 -4.77 -59.89
C PRO E 455 -50.57 -4.46 -58.40
N HIS E 456 -49.89 -5.25 -57.57
CA HIS E 456 -50.01 -5.10 -56.11
C HIS E 456 -49.09 -4.02 -55.57
N ALA E 457 -48.60 -3.15 -56.45
CA ALA E 457 -47.89 -1.94 -56.05
C ALA E 457 -48.73 -0.71 -56.38
N ALA E 458 -49.97 -0.95 -56.84
CA ALA E 458 -50.83 0.13 -57.32
C ALA E 458 -51.26 1.08 -56.22
N GLY E 459 -51.63 0.55 -55.06
CA GLY E 459 -52.06 1.36 -53.94
C GLY E 459 -50.92 2.21 -53.41
N TRP E 460 -49.72 1.69 -53.52
CA TRP E 460 -48.51 2.39 -53.09
C TRP E 460 -48.21 3.54 -54.04
N LEU E 461 -48.40 3.30 -55.34
CA LEU E 461 -48.18 4.32 -56.36
C LEU E 461 -49.18 5.47 -56.22
N ASP E 462 -50.39 5.16 -55.75
CA ASP E 462 -51.42 6.19 -55.55
C ASP E 462 -50.93 7.23 -54.55
N THR E 463 -50.07 6.81 -53.63
CA THR E 463 -49.53 7.71 -52.62
C THR E 463 -48.75 8.86 -53.25
N ILE E 464 -48.34 8.68 -54.50
CA ILE E 464 -47.66 9.75 -55.25
C ILE E 464 -48.42 10.10 -56.52
N GLY E 465 -49.55 9.43 -56.75
CA GLY E 465 -50.43 9.75 -57.86
C GLY E 465 -50.04 9.09 -59.18
N GLU E 466 -49.22 8.06 -59.10
CA GLU E 466 -48.60 7.45 -60.27
C GLU E 466 -49.16 6.08 -60.66
N ALA E 467 -50.18 5.61 -59.94
CA ALA E 467 -50.64 4.22 -60.09
C ALA E 467 -51.09 3.88 -61.50
N GLN E 468 -51.28 4.89 -62.34
CA GLN E 468 -51.58 4.65 -63.75
C GLN E 468 -50.27 4.66 -64.55
N ALA E 469 -49.20 4.19 -63.90
CA ALA E 469 -47.85 4.31 -64.45
C ALA E 469 -47.68 3.57 -65.76
N GLU E 470 -46.91 4.18 -66.66
CA GLU E 470 -46.59 3.59 -67.95
C GLU E 470 -45.87 2.27 -67.79
N ASN E 471 -44.99 2.20 -66.81
CA ASN E 471 -44.12 1.03 -66.63
C ASN E 471 -44.71 0.01 -65.66
N VAL E 472 -45.99 -0.31 -65.87
CA VAL E 472 -46.67 -1.33 -65.09
C VAL E 472 -46.64 -2.67 -65.84
N PHE E 473 -46.24 -3.72 -65.13
CA PHE E 473 -46.16 -5.06 -65.73
C PHE E 473 -47.38 -5.92 -65.38
N THR E 474 -47.75 -6.79 -66.30
CA THR E 474 -48.69 -7.85 -66.02
C THR E 474 -47.91 -9.04 -65.48
N ARG E 475 -48.63 -10.05 -64.99
CA ARG E 475 -47.96 -11.22 -64.44
C ARG E 475 -47.17 -11.96 -65.52
N GLU E 476 -47.65 -11.92 -66.76
CA GLU E 476 -46.97 -12.63 -67.85
C GLU E 476 -45.70 -11.89 -68.27
N GLN E 477 -45.72 -10.56 -68.22
CA GLN E 477 -44.54 -9.76 -68.52
C GLN E 477 -43.44 -10.02 -67.50
N LEU E 478 -43.80 -10.13 -66.23
CA LEU E 478 -42.85 -10.39 -65.16
C LEU E 478 -42.13 -11.72 -65.37
N LEU E 479 -42.90 -12.78 -65.59
CA LEU E 479 -42.33 -14.12 -65.69
C LEU E 479 -41.48 -14.31 -66.93
N ARG E 480 -41.55 -13.36 -67.86
CA ARG E 480 -40.73 -13.41 -69.06
C ARG E 480 -39.36 -12.81 -68.82
N TYR E 481 -39.35 -11.59 -68.29
CA TYR E 481 -38.12 -10.79 -68.21
C TYR E 481 -37.32 -11.04 -66.95
N PHE E 482 -38.01 -11.14 -65.83
CA PHE E 482 -37.37 -11.15 -64.52
C PHE E 482 -36.42 -12.34 -64.31
N PRO E 483 -36.86 -13.56 -64.67
CA PRO E 483 -35.92 -14.67 -64.49
C PRO E 483 -34.73 -14.63 -65.45
N TYR E 484 -34.92 -14.13 -66.67
CA TYR E 484 -33.80 -14.05 -67.60
C TYR E 484 -32.73 -13.11 -67.07
N TYR E 485 -33.16 -11.94 -66.59
CA TYR E 485 -32.21 -10.93 -66.16
C TYR E 485 -31.48 -11.32 -64.87
N LEU E 486 -32.23 -11.81 -63.88
CA LEU E 486 -31.65 -12.07 -62.57
C LEU E 486 -30.89 -13.39 -62.48
N LEU E 487 -31.32 -14.39 -63.25
CA LEU E 487 -30.72 -15.72 -63.15
C LEU E 487 -29.90 -16.09 -64.37
N VAL E 488 -30.52 -16.05 -65.55
CA VAL E 488 -29.81 -16.38 -66.78
C VAL E 488 -28.72 -15.33 -67.02
N ASN E 489 -29.12 -14.07 -67.02
CA ASN E 489 -28.21 -12.99 -67.35
C ASN E 489 -27.63 -12.31 -66.10
N SER E 490 -27.26 -13.13 -65.13
CA SER E 490 -26.65 -12.63 -63.90
C SER E 490 -26.09 -13.78 -63.06
N THR E 491 -26.99 -14.51 -62.40
CA THR E 491 -26.58 -15.55 -61.46
C THR E 491 -25.80 -16.67 -62.13
N PHE E 492 -26.15 -17.00 -63.37
CA PHE E 492 -25.54 -18.14 -64.05
C PHE E 492 -24.19 -17.75 -64.67
N ALA E 493 -23.90 -16.46 -64.75
CA ALA E 493 -22.58 -16.02 -65.15
C ALA E 493 -21.62 -16.18 -63.98
N VAL E 494 -22.12 -15.84 -62.79
CA VAL E 494 -21.39 -16.05 -61.56
C VAL E 494 -21.04 -17.53 -61.42
N THR E 495 -22.03 -18.40 -61.54
CA THR E 495 -21.81 -19.83 -61.33
C THR E 495 -21.00 -20.44 -62.47
N ALA E 496 -21.17 -19.94 -63.68
CA ALA E 496 -20.42 -20.44 -64.83
C ALA E 496 -18.95 -20.07 -64.75
N ALA E 497 -18.68 -18.82 -64.38
CA ALA E 497 -17.30 -18.32 -64.27
C ALA E 497 -16.50 -19.12 -63.24
N LEU E 498 -17.14 -19.45 -62.12
CA LEU E 498 -16.55 -20.29 -61.09
C LEU E 498 -16.39 -21.73 -61.59
N GLY E 499 -17.31 -22.15 -62.45
CA GLY E 499 -17.25 -23.50 -63.01
C GLY E 499 -16.17 -23.63 -64.06
N ALA E 500 -16.02 -22.60 -64.88
CA ALA E 500 -15.00 -22.58 -65.93
C ALA E 500 -13.61 -22.65 -65.33
N ALA E 501 -13.47 -22.13 -64.12
CA ALA E 501 -12.19 -22.11 -63.42
C ALA E 501 -11.98 -23.40 -62.63
N GLY E 502 -13.05 -24.17 -62.46
CA GLY E 502 -12.97 -25.48 -61.83
C GLY E 502 -13.08 -25.47 -60.32
N LEU E 503 -13.59 -24.38 -59.77
CA LEU E 503 -13.77 -24.27 -58.32
C LEU E 503 -14.89 -25.19 -57.85
N ASP E 504 -15.91 -25.31 -58.68
CA ASP E 504 -16.99 -26.27 -58.46
C ASP E 504 -17.83 -26.36 -59.73
N SER E 505 -18.53 -27.48 -59.91
CA SER E 505 -19.39 -27.65 -61.07
C SER E 505 -20.54 -26.64 -61.04
N GLU E 506 -21.01 -26.24 -62.21
CA GLU E 506 -22.16 -25.33 -62.30
C GLU E 506 -23.38 -25.99 -61.67
N ALA E 507 -23.47 -27.32 -61.82
CA ALA E 507 -24.60 -28.07 -61.30
C ALA E 507 -24.68 -27.98 -59.78
N ASN E 508 -23.55 -28.14 -59.12
CA ASN E 508 -23.49 -28.07 -57.67
C ASN E 508 -23.72 -26.65 -57.17
N LEU E 509 -23.21 -25.66 -57.91
CA LEU E 509 -23.35 -24.26 -57.51
C LEU E 509 -24.79 -23.79 -57.71
N MET E 510 -25.40 -24.20 -58.81
CA MET E 510 -26.81 -23.88 -59.05
C MET E 510 -27.70 -24.58 -58.03
N ALA E 511 -27.18 -25.65 -57.41
CA ALA E 511 -27.91 -26.33 -56.35
C ALA E 511 -27.96 -25.47 -55.09
N ARG E 512 -26.90 -24.70 -54.87
CA ARG E 512 -26.86 -23.77 -53.76
C ARG E 512 -27.80 -22.60 -54.01
N VAL E 513 -27.84 -22.13 -55.25
CA VAL E 513 -28.74 -21.04 -55.62
C VAL E 513 -30.17 -21.50 -55.41
N ARG E 514 -30.48 -22.72 -55.89
CA ARG E 514 -31.81 -23.28 -55.80
C ARG E 514 -32.29 -23.36 -54.36
N THR E 515 -31.46 -23.93 -53.51
CA THR E 515 -31.79 -24.11 -52.10
C THR E 515 -32.13 -22.78 -51.42
N LEU E 516 -31.37 -21.74 -51.74
CA LEU E 516 -31.57 -20.44 -51.10
C LEU E 516 -32.80 -19.72 -51.68
N LEU E 517 -33.08 -19.94 -52.95
CA LEU E 517 -34.30 -19.41 -53.56
C LEU E 517 -35.54 -20.07 -52.95
N ALA E 518 -35.37 -21.28 -52.43
CA ALA E 518 -36.47 -22.00 -51.80
C ALA E 518 -36.79 -21.38 -50.45
N GLU E 519 -35.75 -21.05 -49.69
CA GLU E 519 -35.91 -20.40 -48.40
C GLU E 519 -36.51 -19.02 -48.59
N MET E 520 -36.07 -18.33 -49.64
CA MET E 520 -36.57 -17.00 -49.97
C MET E 520 -38.07 -17.03 -50.26
N ARG E 521 -38.51 -18.06 -50.98
CA ARG E 521 -39.92 -18.23 -51.33
C ARG E 521 -40.78 -18.36 -50.08
N ASP E 522 -40.29 -19.12 -49.12
CA ASP E 522 -41.04 -19.39 -47.90
C ASP E 522 -41.36 -18.13 -47.12
N GLN E 523 -40.53 -17.10 -47.29
CA GLN E 523 -40.64 -15.88 -46.49
C GLN E 523 -41.54 -14.82 -47.11
N VAL E 524 -41.62 -14.79 -48.44
CA VAL E 524 -42.33 -13.73 -49.13
C VAL E 524 -43.83 -13.99 -49.22
N THR E 525 -44.58 -12.97 -49.61
CA THR E 525 -46.04 -13.02 -49.66
C THR E 525 -46.52 -13.55 -51.01
N HIS E 526 -46.16 -12.85 -52.08
CA HIS E 526 -46.51 -13.30 -53.43
C HIS E 526 -45.43 -14.22 -54.00
N LYS E 527 -45.73 -15.52 -54.03
CA LYS E 527 -44.77 -16.55 -54.41
C LYS E 527 -44.83 -16.86 -55.90
N THR E 528 -45.59 -16.06 -56.65
CA THR E 528 -45.81 -16.31 -58.08
C THR E 528 -44.50 -16.51 -58.85
N CYS E 529 -43.58 -15.57 -58.70
CA CYS E 529 -42.35 -15.58 -59.48
C CYS E 529 -41.40 -16.71 -59.07
N LEU E 530 -41.15 -16.82 -57.78
CA LEU E 530 -40.21 -17.83 -57.28
C LEU E 530 -40.71 -19.25 -57.58
N ASN E 531 -42.03 -19.43 -57.62
CA ASN E 531 -42.60 -20.71 -58.01
C ASN E 531 -42.30 -21.03 -59.47
N TYR E 532 -42.49 -20.04 -60.34
CA TYR E 532 -42.15 -20.17 -61.76
C TYR E 532 -40.68 -20.54 -61.93
N VAL E 533 -39.82 -19.86 -61.18
CA VAL E 533 -38.39 -20.08 -61.25
C VAL E 533 -38.02 -21.50 -60.77
N LEU E 534 -38.62 -21.91 -59.66
CA LEU E 534 -38.22 -23.17 -59.01
C LEU E 534 -38.91 -24.41 -59.56
N GLU E 535 -39.98 -24.24 -60.32
CA GLU E 535 -40.84 -25.37 -60.68
C GLU E 535 -41.15 -25.47 -62.18
N ASN E 536 -41.31 -24.34 -62.86
CA ASN E 536 -41.68 -24.35 -64.27
C ASN E 536 -40.53 -24.91 -65.12
N PRO E 537 -40.83 -25.91 -65.98
CA PRO E 537 -39.77 -26.57 -66.76
C PRO E 537 -39.00 -25.67 -67.73
N TYR E 538 -39.64 -24.66 -68.30
CA TYR E 538 -39.03 -23.85 -69.35
C TYR E 538 -39.22 -22.35 -69.16
N TRP E 539 -38.12 -21.60 -69.25
CA TRP E 539 -38.16 -20.15 -69.14
C TRP E 539 -38.10 -19.46 -70.50
N ASN E 540 -38.75 -18.31 -70.60
CA ASN E 540 -38.56 -17.43 -71.74
C ASN E 540 -37.20 -16.75 -71.63
N VAL E 541 -36.44 -16.78 -72.72
CA VAL E 541 -35.12 -16.16 -72.76
C VAL E 541 -34.97 -15.39 -74.06
N LYS E 542 -34.58 -14.12 -73.93
CA LYS E 542 -34.44 -13.24 -75.09
C LYS E 542 -33.15 -13.53 -75.85
N GLY E 543 -33.29 -13.97 -77.09
CA GLY E 543 -32.16 -14.30 -77.93
C GLY E 543 -31.67 -13.11 -78.73
N ASN E 544 -30.47 -12.64 -78.41
CA ASN E 544 -29.89 -11.48 -79.08
C ASN E 544 -29.35 -11.82 -80.47
N PHE E 545 -29.03 -13.10 -80.70
CA PHE E 545 -28.40 -13.53 -81.95
C PHE E 545 -29.31 -13.33 -83.16
N PHE E 546 -30.56 -13.75 -83.02
CA PHE E 546 -31.52 -13.64 -84.12
C PHE E 546 -32.28 -12.32 -84.05
N CYS E 547 -32.26 -11.68 -82.88
CA CYS E 547 -32.88 -10.36 -82.72
C CYS E 547 -32.01 -9.28 -83.35
N TYR E 548 -30.70 -9.46 -83.30
CA TYR E 548 -29.76 -8.51 -83.86
C TYR E 548 -29.68 -8.67 -85.38
N LEU E 549 -29.86 -9.90 -85.83
CA LEU E 549 -29.88 -10.21 -87.25
C LEU E 549 -31.05 -9.50 -87.94
N ASN E 550 -32.14 -9.33 -87.19
CA ASN E 550 -33.28 -8.54 -87.65
C ASN E 550 -33.29 -7.14 -87.02
N ASP E 551 -32.69 -6.18 -87.71
CA ASP E 551 -32.57 -4.82 -87.20
C ASP E 551 -33.94 -4.14 -87.06
N TYR E 564 -37.17 -14.89 -79.29
CA TYR E 564 -37.64 -15.53 -78.06
C TYR E 564 -37.62 -17.03 -78.18
N PHE E 565 -37.05 -17.69 -77.17
CA PHE E 565 -37.03 -19.15 -77.12
C PHE E 565 -37.24 -19.67 -75.71
N ASP E 566 -37.60 -20.95 -75.61
CA ASP E 566 -37.74 -21.61 -74.33
C ASP E 566 -36.39 -22.14 -73.88
N PHE E 567 -36.05 -21.86 -72.64
CA PHE E 567 -34.78 -22.26 -72.06
C PHE E 567 -35.01 -23.28 -70.96
N ALA E 568 -34.39 -24.44 -71.08
CA ALA E 568 -34.51 -25.50 -70.08
C ALA E 568 -34.08 -24.99 -68.71
N ASN E 569 -34.96 -25.12 -67.74
CA ASN E 569 -34.71 -24.65 -66.39
C ASN E 569 -33.82 -25.61 -65.61
N PRO E 570 -32.59 -25.16 -65.27
CA PRO E 570 -31.68 -26.05 -64.52
C PRO E 570 -32.02 -26.15 -63.03
N LEU E 571 -32.89 -25.27 -62.53
CA LEU E 571 -33.16 -25.20 -61.10
C LEU E 571 -34.28 -26.13 -60.62
N LEU E 572 -34.79 -26.97 -61.50
CA LEU E 572 -35.82 -27.93 -61.11
C LEU E 572 -35.23 -28.98 -60.17
N ALA E 573 -36.07 -29.54 -59.31
CA ALA E 573 -35.64 -30.55 -58.37
C ALA E 573 -35.35 -31.87 -59.07
N GLN E 574 -34.15 -32.40 -58.86
CA GLN E 574 -33.75 -33.68 -59.43
C GLN E 574 -33.62 -34.74 -58.34
N THR F 11 3.58 -35.55 16.62
CA THR F 11 2.89 -36.82 16.83
C THR F 11 1.47 -36.60 17.31
N LEU F 12 1.27 -35.58 18.11
CA LEU F 12 -0.05 -35.25 18.64
C LEU F 12 -0.49 -33.86 18.22
N ASP F 13 -1.76 -33.74 17.86
CA ASP F 13 -2.34 -32.47 17.45
C ASP F 13 -3.60 -32.28 18.28
N VAL F 14 -3.61 -31.29 19.17
CA VAL F 14 -4.78 -31.09 20.01
C VAL F 14 -5.85 -30.28 19.28
N ALA F 15 -5.44 -29.51 18.27
CA ALA F 15 -6.38 -28.75 17.46
C ALA F 15 -7.12 -29.68 16.51
N ALA F 16 -6.42 -30.73 16.08
CA ALA F 16 -7.01 -31.74 15.20
C ALA F 16 -7.95 -32.64 16.00
N GLN F 17 -7.60 -32.87 17.26
CA GLN F 17 -8.40 -33.73 18.13
C GLN F 17 -9.74 -33.08 18.43
N CYS F 18 -9.78 -31.75 18.41
CA CYS F 18 -11.03 -31.01 18.60
C CYS F 18 -12.03 -31.43 17.53
N PHE F 19 -11.62 -31.23 16.28
CA PHE F 19 -12.42 -31.60 15.12
C PHE F 19 -12.84 -33.07 15.17
N LEU F 20 -11.90 -33.95 15.48
CA LEU F 20 -12.15 -35.39 15.46
C LEU F 20 -13.12 -35.83 16.56
N ASN F 21 -12.79 -35.52 17.82
CA ASN F 21 -13.62 -35.93 18.94
C ASN F 21 -15.03 -35.34 18.86
N SER F 22 -15.13 -34.14 18.29
CA SER F 22 -16.42 -33.50 18.10
C SER F 22 -17.28 -34.33 17.15
N LEU F 23 -16.65 -34.92 16.14
CA LEU F 23 -17.36 -35.74 15.17
C LEU F 23 -17.76 -37.09 15.77
N VAL F 24 -16.80 -37.79 16.36
CA VAL F 24 -17.04 -39.12 16.92
C VAL F 24 -18.17 -39.13 17.95
N ARG F 25 -18.31 -38.02 18.67
CA ARG F 25 -19.39 -37.89 19.65
C ARG F 25 -20.74 -37.75 18.97
N GLU F 26 -20.77 -37.02 17.86
CA GLU F 26 -22.02 -36.70 17.16
C GLU F 26 -22.31 -37.66 16.00
N THR F 27 -21.62 -38.79 15.97
CA THR F 27 -21.84 -39.79 14.93
C THR F 27 -21.77 -41.20 15.51
N LYS F 28 -22.69 -42.07 15.06
CA LYS F 28 -22.65 -43.48 15.45
C LYS F 28 -21.79 -44.28 14.46
N ASP F 29 -21.43 -43.64 13.35
CA ASP F 29 -20.66 -44.30 12.29
C ASP F 29 -19.15 -44.22 12.51
N TRP F 30 -18.60 -45.27 13.12
CA TRP F 30 -17.17 -45.44 13.32
C TRP F 30 -16.92 -46.73 14.08
N ARG F 31 -15.83 -47.41 13.79
CA ARG F 31 -15.53 -48.70 14.42
C ARG F 31 -14.39 -48.60 15.41
N LEU F 32 -14.18 -49.70 16.14
CA LEU F 32 -13.04 -49.84 17.03
C LEU F 32 -12.53 -51.27 16.90
N THR F 33 -11.25 -51.47 17.20
CA THR F 33 -10.65 -52.80 17.12
C THR F 33 -10.63 -53.46 18.49
N GLU F 34 -10.92 -54.75 18.52
CA GLU F 34 -10.87 -55.52 19.77
C GLU F 34 -9.44 -55.94 20.06
N TYR F 35 -8.74 -56.37 19.01
CA TYR F 35 -7.32 -56.70 19.12
C TYR F 35 -6.50 -55.43 19.32
N GLN F 36 -5.18 -55.59 19.44
CA GLN F 36 -4.28 -54.47 19.74
C GLN F 36 -3.13 -54.38 18.75
N PRO F 37 -2.55 -53.18 18.57
CA PRO F 37 -2.97 -51.93 19.21
C PRO F 37 -4.31 -51.41 18.67
N THR F 38 -5.13 -50.86 19.55
CA THR F 38 -6.47 -50.42 19.19
C THR F 38 -6.41 -49.26 18.20
N GLN F 39 -7.33 -49.27 17.23
CA GLN F 39 -7.35 -48.25 16.19
C GLN F 39 -8.78 -47.80 15.85
N LEU F 40 -9.05 -46.51 16.04
CA LEU F 40 -10.33 -45.93 15.72
C LEU F 40 -10.49 -45.89 14.21
N ILE F 41 -11.71 -46.09 13.74
CA ILE F 41 -11.97 -46.25 12.31
C ILE F 41 -13.19 -45.44 11.86
N ILE F 42 -12.98 -44.57 10.88
CA ILE F 42 -14.07 -43.82 10.27
C ILE F 42 -14.13 -44.17 8.78
N PRO F 43 -15.02 -45.09 8.39
CA PRO F 43 -15.15 -45.57 7.02
C PRO F 43 -15.47 -44.43 6.03
N LEU F 44 -14.63 -44.22 5.02
CA LEU F 44 -14.83 -43.13 4.08
C LEU F 44 -15.77 -43.49 2.93
N GLY F 45 -16.24 -44.74 2.93
CA GLY F 45 -17.07 -45.24 1.84
C GLY F 45 -16.19 -45.60 0.65
N GLU F 46 -16.78 -46.27 -0.34
CA GLU F 46 -16.05 -46.67 -1.54
C GLU F 46 -14.82 -47.52 -1.19
N GLN F 47 -14.98 -48.40 -0.20
CA GLN F 47 -13.89 -49.27 0.22
C GLN F 47 -12.68 -48.47 0.68
N GLN F 48 -12.94 -47.34 1.32
CA GLN F 48 -11.88 -46.44 1.79
C GLN F 48 -12.25 -45.91 3.17
N ALA F 49 -11.25 -45.74 4.04
CA ALA F 49 -11.50 -45.26 5.39
C ALA F 49 -10.24 -44.74 6.09
N LEU F 50 -10.43 -44.10 7.24
CA LEU F 50 -9.32 -43.52 8.00
C LEU F 50 -9.07 -44.29 9.30
N HIS F 51 -7.86 -44.81 9.46
CA HIS F 51 -7.47 -45.51 10.68
C HIS F 51 -6.71 -44.60 11.63
N PHE F 52 -7.25 -44.42 12.83
CA PHE F 52 -6.60 -43.63 13.87
C PHE F 52 -6.09 -44.51 14.99
N ARG F 53 -4.77 -44.49 15.22
CA ARG F 53 -4.19 -45.14 16.38
C ARG F 53 -4.74 -44.43 17.61
N VAL F 54 -5.16 -45.20 18.60
CA VAL F 54 -5.73 -44.63 19.82
C VAL F 54 -4.84 -44.85 21.03
N ALA F 55 -4.27 -43.77 21.55
CA ALA F 55 -3.46 -43.85 22.75
C ALA F 55 -4.37 -43.98 23.96
N TYR F 56 -5.43 -43.18 23.97
CA TYR F 56 -6.44 -43.25 25.03
C TYR F 56 -7.84 -43.25 24.45
N PHE F 57 -8.70 -44.10 25.00
CA PHE F 57 -10.10 -44.18 24.60
C PHE F 57 -11.02 -43.79 25.74
N SER F 58 -11.75 -42.70 25.56
CA SER F 58 -12.64 -42.17 26.58
C SER F 58 -14.10 -42.56 26.33
N PRO F 59 -14.77 -43.11 27.35
CA PRO F 59 -16.21 -43.31 27.17
C PRO F 59 -16.95 -41.97 27.01
N THR F 60 -16.33 -40.90 27.50
CA THR F 60 -16.90 -39.57 27.40
C THR F 60 -16.39 -38.85 26.14
N GLN F 61 -15.81 -39.62 25.24
CA GLN F 61 -15.32 -39.14 23.93
C GLN F 61 -14.25 -38.04 24.02
N HIS F 62 -13.49 -38.03 25.11
CA HIS F 62 -12.27 -37.23 25.19
C HIS F 62 -11.09 -38.09 24.76
N HIS F 63 -10.97 -38.34 23.46
CA HIS F 63 -9.97 -39.27 22.94
C HIS F 63 -8.63 -38.62 22.62
N ARG F 64 -7.56 -39.40 22.73
CA ARG F 64 -6.24 -39.00 22.29
C ARG F 64 -5.79 -39.92 21.17
N PHE F 65 -5.66 -39.36 19.97
CA PHE F 65 -5.17 -40.11 18.81
C PHE F 65 -3.68 -39.87 18.57
N GLU F 66 -2.95 -40.95 18.33
CA GLU F 66 -1.56 -40.85 17.88
C GLU F 66 -1.55 -40.63 16.37
N PHE F 67 -0.75 -39.66 15.93
CA PHE F 67 -0.69 -39.29 14.52
C PHE F 67 0.65 -39.73 13.90
N PRO F 68 0.76 -39.71 12.56
CA PRO F 68 -0.26 -39.32 11.57
C PRO F 68 -1.35 -40.36 11.37
N ALA F 69 -2.50 -39.92 10.87
CA ALA F 69 -3.57 -40.82 10.48
C ALA F 69 -3.08 -41.67 9.33
N ARG F 70 -3.86 -42.70 8.95
CA ARG F 70 -3.51 -43.54 7.83
C ARG F 70 -4.71 -43.82 6.93
N LEU F 71 -4.61 -43.42 5.67
CA LEU F 71 -5.65 -43.72 4.70
C LEU F 71 -5.77 -45.22 4.53
N VAL F 72 -7.01 -45.72 4.56
CA VAL F 72 -7.25 -47.16 4.46
C VAL F 72 -7.81 -47.52 3.09
N THR F 73 -7.01 -48.23 2.30
CA THR F 73 -7.42 -48.63 0.96
C THR F 73 -7.13 -50.11 0.76
N ALA F 74 -7.80 -50.72 -0.22
CA ALA F 74 -7.60 -52.13 -0.52
C ALA F 74 -6.13 -52.42 -0.84
N SER F 75 -5.52 -51.54 -1.62
CA SER F 75 -4.12 -51.70 -2.02
C SER F 75 -3.16 -50.91 -1.13
N GLY F 76 -2.91 -51.42 0.07
CA GLY F 76 -1.97 -50.80 0.99
C GLY F 76 -2.55 -49.64 1.76
N SER F 77 -1.73 -49.03 2.61
CA SER F 77 -2.12 -47.88 3.41
C SER F 77 -1.05 -46.80 3.35
N HIS F 78 -1.45 -45.56 3.61
CA HIS F 78 -0.51 -44.44 3.56
C HIS F 78 -0.97 -43.29 4.47
N PRO F 79 -0.02 -42.61 5.13
CA PRO F 79 -0.44 -41.51 6.01
C PRO F 79 -1.05 -40.32 5.27
N VAL F 80 -1.80 -39.51 6.01
CA VAL F 80 -2.47 -38.33 5.48
C VAL F 80 -2.46 -37.20 6.52
N ASP F 81 -2.23 -35.97 6.08
CA ASP F 81 -2.16 -34.83 6.99
C ASP F 81 -3.56 -34.34 7.34
N PHE F 82 -3.69 -33.64 8.45
CA PHE F 82 -4.99 -33.20 8.96
C PHE F 82 -5.83 -32.45 7.92
N ALA F 83 -5.16 -31.66 7.09
CA ALA F 83 -5.84 -30.92 6.04
C ALA F 83 -6.53 -31.88 5.08
N THR F 84 -5.90 -33.03 4.84
CA THR F 84 -6.46 -34.04 3.96
C THR F 84 -7.59 -34.81 4.67
N LEU F 85 -7.35 -35.18 5.92
CA LEU F 85 -8.38 -35.81 6.75
C LEU F 85 -9.69 -35.04 6.70
N SER F 86 -9.64 -33.82 7.20
CA SER F 86 -10.80 -32.96 7.25
C SER F 86 -11.43 -32.77 5.88
N ARG F 87 -10.59 -32.77 4.84
CA ARG F 87 -11.09 -32.53 3.50
C ARG F 87 -11.89 -33.72 3.00
N LEU F 88 -11.39 -34.93 3.25
CA LEU F 88 -12.10 -36.15 2.89
C LEU F 88 -13.31 -36.36 3.79
N ILE F 89 -13.21 -35.89 5.04
CA ILE F 89 -14.29 -36.03 6.00
C ILE F 89 -15.44 -35.08 5.69
N VAL F 90 -15.11 -33.81 5.46
CA VAL F 90 -16.12 -32.84 5.04
C VAL F 90 -16.71 -33.28 3.71
N ASP F 91 -15.85 -33.74 2.81
CA ASP F 91 -16.28 -34.29 1.52
C ASP F 91 -17.21 -35.49 1.70
N LYS F 92 -16.74 -36.48 2.44
CA LYS F 92 -17.51 -37.70 2.70
C LYS F 92 -18.87 -37.36 3.30
N LEU F 93 -18.88 -36.43 4.24
CA LEU F 93 -20.11 -36.05 4.92
C LEU F 93 -21.16 -35.69 3.89
N GLN F 94 -20.72 -35.11 2.77
CA GLN F 94 -21.63 -34.75 1.69
C GLN F 94 -22.16 -36.01 1.01
N HIS F 95 -21.34 -37.04 0.95
CA HIS F 95 -21.73 -38.29 0.32
C HIS F 95 -22.73 -39.07 1.19
N GLN F 96 -22.49 -39.08 2.49
CA GLN F 96 -23.29 -39.87 3.42
C GLN F 96 -24.70 -39.31 3.59
N LEU F 97 -24.80 -38.02 3.93
CA LEU F 97 -26.09 -37.41 4.22
C LEU F 97 -26.43 -36.19 3.38
N LEU F 98 -26.18 -36.29 2.07
CA LEU F 98 -26.52 -35.21 1.14
C LEU F 98 -25.80 -33.91 1.52
N LEU F 99 -26.56 -32.90 1.90
CA LEU F 99 -26.02 -31.62 2.38
C LEU F 99 -25.32 -30.87 1.23
N PRO F 100 -25.47 -29.53 1.20
CA PRO F 100 -24.82 -28.73 0.14
C PRO F 100 -23.31 -28.87 0.11
N ALA F 101 -22.69 -28.37 -0.96
CA ALA F 101 -21.25 -28.48 -1.12
C ALA F 101 -20.53 -27.21 -0.64
N THR F 102 -21.19 -26.07 -0.78
CA THR F 102 -20.62 -24.79 -0.37
C THR F 102 -20.54 -24.69 1.15
N SER F 103 -21.53 -25.26 1.83
CA SER F 103 -21.56 -25.26 3.29
C SER F 103 -20.37 -26.00 3.86
N CYS F 104 -19.99 -27.09 3.20
CA CYS F 104 -18.87 -27.92 3.59
C CYS F 104 -17.54 -27.21 3.35
N GLU F 105 -17.47 -26.46 2.27
CA GLU F 105 -16.28 -25.71 1.89
C GLU F 105 -15.92 -24.63 2.91
N THR F 106 -16.90 -23.80 3.27
CA THR F 106 -16.68 -22.74 4.25
C THR F 106 -16.39 -23.31 5.63
N PHE F 107 -17.00 -24.45 5.92
CA PHE F 107 -16.76 -25.16 7.18
C PHE F 107 -15.32 -25.62 7.26
N HIS F 108 -14.80 -26.13 6.14
CA HIS F 108 -13.43 -26.64 6.09
C HIS F 108 -12.40 -25.52 6.21
N GLN F 109 -12.69 -24.37 5.59
CA GLN F 109 -11.79 -23.22 5.64
C GLN F 109 -11.64 -22.71 7.07
N ARG F 110 -12.74 -22.65 7.80
CA ARG F 110 -12.76 -22.17 9.18
C ARG F 110 -11.99 -23.12 10.10
N VAL F 111 -12.04 -24.41 9.80
CA VAL F 111 -11.36 -25.41 10.60
C VAL F 111 -9.84 -25.32 10.43
N MET F 112 -9.39 -25.11 9.20
CA MET F 112 -7.97 -24.93 8.93
C MET F 112 -7.46 -23.68 9.64
N GLU F 113 -8.26 -22.61 9.54
CA GLU F 113 -7.92 -21.32 10.14
C GLU F 113 -7.68 -21.45 11.64
N SER F 114 -8.53 -22.21 12.31
CA SER F 114 -8.38 -22.47 13.74
C SER F 114 -7.13 -23.31 14.00
N HIS F 115 -7.03 -24.42 13.30
CA HIS F 115 -5.91 -25.35 13.45
C HIS F 115 -4.57 -24.62 13.29
N ALA F 116 -4.54 -23.64 12.40
CA ALA F 116 -3.33 -22.87 12.13
C ALA F 116 -3.06 -21.85 13.24
N HIS F 117 -4.12 -21.19 13.71
CA HIS F 117 -4.01 -20.21 14.78
C HIS F 117 -3.58 -20.87 16.08
N THR F 118 -4.09 -22.07 16.32
CA THR F 118 -3.74 -22.83 17.52
C THR F 118 -2.24 -23.09 17.56
N GLN F 119 -1.69 -23.50 16.42
CA GLN F 119 -0.27 -23.85 16.34
C GLN F 119 0.61 -22.62 16.54
N GLN F 120 0.18 -21.48 16.01
CA GLN F 120 0.92 -20.22 16.17
C GLN F 120 1.01 -19.82 17.64
N ALA F 121 -0.02 -20.16 18.41
CA ALA F 121 -0.06 -19.83 19.83
C ALA F 121 0.81 -20.80 20.63
N ILE F 122 0.77 -22.06 20.26
CA ILE F 122 1.63 -23.07 20.89
C ILE F 122 3.09 -22.70 20.70
N ASP F 123 3.43 -22.20 19.51
CA ASP F 123 4.79 -21.81 19.20
C ASP F 123 5.14 -20.45 19.81
N ALA F 124 4.12 -19.62 20.04
CA ALA F 124 4.35 -18.30 20.61
C ALA F 124 4.43 -18.36 22.13
N ARG F 125 3.77 -19.35 22.72
CA ARG F 125 3.73 -19.50 24.17
C ARG F 125 4.72 -20.55 24.68
N HIS F 126 5.96 -20.10 24.93
CA HIS F 126 6.99 -20.96 25.49
C HIS F 126 6.88 -21.05 27.01
N ASP F 127 6.05 -20.18 27.59
CA ASP F 127 5.82 -20.15 29.03
C ASP F 127 4.83 -21.19 29.50
N TRP F 128 4.01 -21.71 28.59
CA TRP F 128 2.88 -22.55 28.93
C TRP F 128 3.27 -23.74 29.80
N ALA F 129 4.32 -24.44 29.41
CA ALA F 129 4.75 -25.64 30.14
C ALA F 129 5.16 -25.28 31.57
N ALA F 130 5.66 -24.07 31.76
CA ALA F 130 6.08 -23.63 33.09
C ALA F 130 4.88 -23.38 34.01
N LEU F 131 3.68 -23.35 33.45
CA LEU F 131 2.47 -23.13 34.24
C LEU F 131 2.15 -24.32 35.15
N ARG F 132 2.77 -25.47 34.86
CA ARG F 132 2.61 -26.64 35.71
C ARG F 132 3.35 -26.47 37.04
N GLU F 133 4.34 -25.59 37.05
CA GLU F 133 5.29 -25.50 38.16
C GLU F 133 4.66 -25.00 39.47
N LYS F 134 3.57 -24.25 39.37
CA LYS F 134 2.91 -23.75 40.58
C LYS F 134 1.44 -23.42 40.34
N ALA F 135 0.74 -23.14 41.43
CA ALA F 135 -0.67 -22.74 41.39
C ALA F 135 -0.83 -21.49 40.55
N LEU F 136 -1.88 -21.47 39.74
CA LEU F 136 -2.16 -20.33 38.86
C LEU F 136 -3.15 -19.38 39.51
N ASN F 137 -2.94 -18.09 39.36
CA ASN F 137 -3.93 -17.12 39.79
C ASN F 137 -4.99 -16.98 38.69
N PHE F 138 -5.91 -16.04 38.88
CA PHE F 138 -7.02 -15.85 37.95
C PHE F 138 -6.57 -15.49 36.53
N GLY F 139 -5.89 -14.35 36.40
CA GLY F 139 -5.49 -13.85 35.09
C GLY F 139 -4.61 -14.80 34.30
N GLU F 140 -3.81 -15.58 35.02
CA GLU F 140 -2.94 -16.56 34.39
C GLU F 140 -3.74 -17.65 33.71
N ALA F 141 -4.74 -18.18 34.42
CA ALA F 141 -5.58 -19.24 33.88
C ALA F 141 -6.42 -18.72 32.71
N GLU F 142 -6.86 -17.48 32.80
CA GLU F 142 -7.73 -16.89 31.78
C GLU F 142 -7.04 -16.80 30.43
N GLN F 143 -5.72 -16.82 30.42
CA GLN F 143 -4.95 -16.74 29.19
C GLN F 143 -4.20 -18.04 28.90
N ALA F 144 -4.57 -19.11 29.60
CA ALA F 144 -3.89 -20.39 29.46
C ALA F 144 -4.56 -21.32 28.45
N LEU F 145 -5.79 -20.99 28.06
CA LEU F 145 -6.54 -21.83 27.13
C LEU F 145 -6.16 -21.58 25.69
N LEU F 146 -5.27 -22.42 25.17
CA LEU F 146 -4.81 -22.29 23.79
C LEU F 146 -5.66 -23.15 22.87
N VAL F 147 -6.07 -24.31 23.36
CA VAL F 147 -6.85 -25.26 22.56
C VAL F 147 -8.22 -24.70 22.21
N GLY F 148 -8.92 -24.19 23.22
CA GLY F 148 -10.27 -23.68 23.03
C GLY F 148 -11.29 -24.75 23.33
N HIS F 149 -12.48 -24.62 22.74
CA HIS F 149 -13.57 -25.56 22.97
C HIS F 149 -13.20 -26.95 22.45
N ALA F 150 -13.06 -27.89 23.37
CA ALA F 150 -12.57 -29.24 23.04
C ALA F 150 -13.46 -29.95 22.01
N PHE F 151 -14.76 -29.68 22.07
CA PHE F 151 -15.70 -30.32 21.16
C PHE F 151 -16.37 -29.32 20.22
N HIS F 152 -15.57 -28.38 19.73
CA HIS F 152 -15.96 -27.51 18.63
C HIS F 152 -14.96 -27.78 17.51
N PRO F 153 -15.44 -27.86 16.26
CA PRO F 153 -14.51 -28.18 15.18
C PRO F 153 -13.49 -27.07 14.89
N ALA F 154 -13.90 -25.81 15.06
CA ALA F 154 -13.03 -24.67 14.80
C ALA F 154 -13.05 -23.67 15.97
N PRO F 155 -12.47 -24.05 17.11
CA PRO F 155 -12.54 -23.24 18.32
C PRO F 155 -11.77 -21.92 18.25
N LYS F 156 -10.73 -21.85 17.41
CA LYS F 156 -9.84 -20.69 17.39
C LYS F 156 -10.04 -19.79 16.17
N SER F 157 -11.19 -19.91 15.51
CA SER F 157 -11.54 -18.98 14.45
C SER F 157 -11.92 -17.66 15.10
N HIS F 158 -11.40 -16.55 14.55
CA HIS F 158 -11.60 -15.25 15.18
C HIS F 158 -11.85 -14.13 14.16
N GLU F 159 -12.58 -14.44 13.09
CA GLU F 159 -12.93 -13.44 12.08
C GLU F 159 -13.64 -12.26 12.74
N PRO F 160 -13.35 -11.02 12.31
CA PRO F 160 -12.49 -10.58 11.21
C PRO F 160 -11.07 -10.14 11.63
N PHE F 161 -10.64 -10.47 12.84
CA PHE F 161 -9.30 -10.11 13.31
C PHE F 161 -8.22 -10.61 12.36
N ASN F 162 -7.20 -9.79 12.12
CA ASN F 162 -6.04 -10.23 11.37
C ASN F 162 -5.04 -10.89 12.32
N GLN F 163 -3.81 -11.06 11.86
CA GLN F 163 -2.77 -11.64 12.70
C GLN F 163 -2.48 -10.69 13.87
N GLN F 164 -2.14 -9.45 13.54
CA GLN F 164 -1.72 -8.48 14.54
C GLN F 164 -2.79 -8.18 15.59
N GLU F 165 -4.05 -8.22 15.17
CA GLU F 165 -5.17 -7.94 16.07
C GLU F 165 -5.39 -9.11 17.01
N ALA F 166 -5.21 -10.32 16.51
CA ALA F 166 -5.32 -11.51 17.34
C ALA F 166 -4.22 -11.55 18.40
N GLU F 167 -3.11 -10.86 18.13
CA GLU F 167 -1.99 -10.84 19.07
C GLU F 167 -2.28 -9.95 20.27
N ARG F 168 -3.05 -8.88 20.05
CA ARG F 168 -3.28 -7.87 21.08
C ARG F 168 -4.60 -8.05 21.81
N TYR F 169 -5.58 -8.72 21.19
CA TYR F 169 -6.95 -8.71 21.69
C TYR F 169 -7.48 -10.09 22.14
N LEU F 170 -6.77 -11.16 21.79
CA LEU F 170 -7.13 -12.49 22.26
C LEU F 170 -6.22 -12.91 23.41
N PRO F 171 -6.73 -13.77 24.32
CA PRO F 171 -5.95 -14.20 25.48
C PRO F 171 -4.74 -15.08 25.12
N ASP F 172 -4.78 -15.68 23.94
CA ASP F 172 -3.87 -16.77 23.60
C ASP F 172 -2.39 -16.39 23.63
N PHE F 173 -2.07 -15.15 23.25
CA PHE F 173 -0.68 -14.68 23.27
C PHE F 173 -0.40 -13.89 24.55
N ALA F 174 -1.26 -14.05 25.54
CA ALA F 174 -1.12 -13.40 26.84
C ALA F 174 -0.82 -11.90 26.76
N PRO F 175 -1.67 -11.14 26.05
CA PRO F 175 -1.46 -9.70 25.95
C PRO F 175 -2.12 -8.90 27.08
N HIS F 176 -1.76 -7.63 27.17
CA HIS F 176 -2.41 -6.70 28.07
C HIS F 176 -2.36 -5.30 27.45
N PHE F 177 -3.41 -4.52 27.70
CA PHE F 177 -3.52 -3.20 27.10
C PHE F 177 -4.43 -2.29 27.91
N PRO F 178 -4.23 -0.97 27.79
CA PRO F 178 -5.13 -0.02 28.44
C PRO F 178 -6.40 0.24 27.62
N LEU F 179 -7.49 0.57 28.29
CA LEU F 179 -8.75 0.88 27.62
C LEU F 179 -8.65 2.19 26.86
N ARG F 180 -9.52 2.35 25.87
CA ARG F 180 -9.67 3.63 25.20
C ARG F 180 -10.83 4.38 25.85
N TRP F 181 -10.79 5.71 25.77
CA TRP F 181 -11.72 6.54 26.52
C TRP F 181 -12.30 7.69 25.69
N PHE F 182 -13.62 7.81 25.72
CA PHE F 182 -14.31 8.96 25.16
C PHE F 182 -14.84 9.85 26.29
N ALA F 183 -14.85 11.16 26.06
CA ALA F 183 -15.47 12.11 26.98
C ALA F 183 -16.85 12.49 26.45
N VAL F 184 -17.84 11.69 26.82
CA VAL F 184 -19.15 11.75 26.19
C VAL F 184 -20.17 12.54 27.01
N ASN F 185 -20.94 13.38 26.34
CA ASN F 185 -22.02 14.11 26.99
C ASN F 185 -23.06 13.11 27.51
N LYS F 186 -23.64 13.40 28.66
CA LYS F 186 -24.56 12.47 29.30
C LYS F 186 -25.83 12.22 28.50
N THR F 187 -26.13 13.09 27.55
CA THR F 187 -27.29 12.91 26.68
C THR F 187 -27.10 11.66 25.83
N GLN F 188 -25.86 11.39 25.46
CA GLN F 188 -25.54 10.26 24.59
C GLN F 188 -25.02 9.06 25.36
N ILE F 189 -25.45 8.94 26.62
CA ILE F 189 -25.10 7.79 27.44
C ILE F 189 -26.37 7.16 28.00
N ALA F 190 -26.57 5.89 27.63
CA ALA F 190 -27.68 5.09 28.16
C ALA F 190 -27.11 3.99 29.02
N GLY F 191 -27.64 3.83 30.23
CA GLY F 191 -27.11 2.84 31.14
C GLY F 191 -27.91 2.68 32.40
N GLU F 192 -27.38 1.88 33.33
CA GLU F 192 -28.12 1.48 34.52
C GLU F 192 -27.15 0.86 35.53
N SER F 193 -27.23 1.28 36.79
CA SER F 193 -26.31 0.76 37.80
C SER F 193 -26.90 0.70 39.22
N LEU F 194 -26.58 -0.37 39.93
CA LEU F 194 -27.04 -0.58 41.30
C LEU F 194 -26.04 -0.02 42.31
N HIS F 195 -26.52 0.27 43.51
CA HIS F 195 -25.69 0.78 44.61
C HIS F 195 -25.16 2.19 44.29
N LEU F 196 -24.42 2.30 43.19
CA LEU F 196 -24.05 3.60 42.65
C LEU F 196 -24.86 3.84 41.38
N ASN F 197 -25.35 5.05 41.17
CA ASN F 197 -26.03 5.36 39.91
C ASN F 197 -25.00 5.34 38.79
N LEU F 198 -25.47 5.47 37.55
CA LEU F 198 -24.59 5.38 36.40
C LEU F 198 -23.48 6.42 36.45
N GLN F 199 -23.85 7.65 36.81
CA GLN F 199 -22.87 8.73 36.89
C GLN F 199 -21.77 8.39 37.90
N GLN F 200 -22.12 7.55 38.88
CA GLN F 200 -21.20 7.25 39.97
C GLN F 200 -20.36 6.00 39.71
N ARG F 201 -20.83 5.09 38.85
CA ARG F 201 -19.97 3.99 38.41
C ARG F 201 -18.88 4.54 37.52
N LEU F 202 -19.29 5.18 36.43
CA LEU F 202 -18.37 5.72 35.44
C LEU F 202 -17.34 6.63 36.08
N THR F 203 -17.77 7.37 37.09
CA THR F 203 -16.86 8.23 37.83
C THR F 203 -15.87 7.38 38.63
N ARG F 204 -16.37 6.29 39.21
CA ARG F 204 -15.54 5.40 40.00
C ARG F 204 -14.65 4.55 39.11
N PHE F 205 -15.20 4.08 38.00
CA PHE F 205 -14.47 3.20 37.09
C PHE F 205 -13.30 3.96 36.47
N ALA F 206 -13.53 5.21 36.10
CA ALA F 206 -12.50 6.05 35.50
C ALA F 206 -11.41 6.37 36.51
N ALA F 207 -11.83 6.67 37.74
CA ALA F 207 -10.90 7.10 38.77
C ALA F 207 -9.91 6.01 39.16
N GLU F 208 -10.35 4.76 39.16
CA GLU F 208 -9.49 3.67 39.61
C GLU F 208 -8.63 3.11 38.48
N ASN F 209 -8.99 3.43 37.24
CA ASN F 209 -8.32 2.86 36.06
C ASN F 209 -7.59 3.88 35.19
N ALA F 210 -8.19 5.04 34.96
CA ALA F 210 -7.54 6.10 34.21
C ALA F 210 -7.66 7.45 34.92
N PRO F 211 -6.98 7.60 36.07
CA PRO F 211 -7.11 8.80 36.91
C PRO F 211 -6.68 10.09 36.20
N GLN F 212 -5.70 10.01 35.31
CA GLN F 212 -5.18 11.20 34.65
C GLN F 212 -6.21 11.83 33.70
N LEU F 213 -7.20 11.04 33.31
CA LEU F 213 -8.24 11.53 32.39
C LEU F 213 -9.35 12.27 33.11
N LEU F 214 -9.28 12.34 34.44
CA LEU F 214 -10.31 13.00 35.22
C LEU F 214 -10.31 14.51 34.98
N ASN F 215 -9.32 14.99 34.25
CA ASN F 215 -9.30 16.40 33.84
C ASN F 215 -10.48 16.69 32.91
N GLU F 216 -10.96 15.66 32.21
CA GLU F 216 -12.07 15.79 31.27
C GLU F 216 -13.45 15.63 31.91
N LEU F 217 -13.47 15.11 33.14
CA LEU F 217 -14.73 14.76 33.79
C LEU F 217 -15.49 15.99 34.31
N SER F 218 -16.76 16.08 33.94
CA SER F 218 -17.63 17.17 34.39
C SER F 218 -19.02 16.66 34.72
N ASP F 219 -19.95 17.58 34.95
CA ASP F 219 -21.33 17.22 35.22
C ASP F 219 -22.01 16.69 33.96
N ASN F 220 -21.72 17.31 32.83
CA ASN F 220 -22.32 16.94 31.55
C ASN F 220 -21.47 15.95 30.76
N GLN F 221 -20.16 16.15 30.76
CA GLN F 221 -19.23 15.24 30.10
C GLN F 221 -18.73 14.19 31.08
N TRP F 222 -18.98 12.93 30.74
CA TRP F 222 -18.54 11.80 31.54
C TRP F 222 -17.45 11.03 30.79
N LEU F 223 -16.75 10.16 31.51
CA LEU F 223 -15.70 9.34 30.91
C LEU F 223 -16.23 7.95 30.54
N PHE F 224 -16.23 7.67 29.24
CA PHE F 224 -16.82 6.45 28.70
C PHE F 224 -15.72 5.49 28.22
N PRO F 225 -15.61 4.30 28.85
CA PRO F 225 -14.57 3.35 28.44
C PRO F 225 -14.94 2.53 27.21
N LEU F 226 -13.95 2.09 26.46
CA LEU F 226 -14.17 1.32 25.25
C LEU F 226 -13.04 0.32 24.98
N HIS F 227 -13.39 -0.80 24.36
CA HIS F 227 -12.41 -1.75 23.86
C HIS F 227 -11.62 -1.06 22.75
N PRO F 228 -10.28 -1.11 22.80
CA PRO F 228 -9.46 -0.40 21.81
C PRO F 228 -9.81 -0.73 20.35
N TRP F 229 -10.26 -1.94 20.09
CA TRP F 229 -10.65 -2.35 18.74
C TRP F 229 -12.02 -1.77 18.36
N GLN F 230 -13.03 -2.02 19.19
CA GLN F 230 -14.37 -1.49 18.98
C GLN F 230 -14.36 0.03 18.91
N GLY F 231 -13.51 0.64 19.73
CA GLY F 231 -13.37 2.09 19.74
C GLY F 231 -12.99 2.64 18.39
N GLU F 232 -12.05 1.99 17.71
CA GLU F 232 -11.68 2.33 16.35
C GLU F 232 -12.86 2.06 15.43
N TYR F 233 -13.57 0.98 15.73
CA TYR F 233 -14.68 0.50 14.91
C TYR F 233 -15.91 1.39 15.04
N LEU F 234 -16.12 1.94 16.23
CA LEU F 234 -17.25 2.83 16.48
C LEU F 234 -17.01 4.23 15.92
N LEU F 235 -15.76 4.69 16.01
CA LEU F 235 -15.43 6.06 15.64
C LEU F 235 -15.49 6.30 14.13
N GLN F 236 -15.28 5.23 13.35
CA GLN F 236 -15.28 5.33 11.89
C GLN F 236 -16.71 5.30 11.34
N GLN F 237 -17.65 4.86 12.17
CA GLN F 237 -19.07 4.85 11.79
C GLN F 237 -19.61 6.27 11.73
N GLU F 238 -20.59 6.48 10.86
CA GLU F 238 -21.10 7.82 10.61
C GLU F 238 -21.83 8.41 11.81
N TRP F 239 -22.69 7.61 12.44
CA TRP F 239 -23.50 8.10 13.56
C TRP F 239 -22.62 8.59 14.70
N CYS F 240 -21.46 7.97 14.86
CA CYS F 240 -20.52 8.39 15.90
C CYS F 240 -19.80 9.66 15.47
N GLN F 241 -19.42 9.73 14.21
CA GLN F 241 -18.74 10.90 13.67
C GLN F 241 -19.64 12.13 13.79
N GLU F 242 -20.95 11.92 13.63
CA GLU F 242 -21.92 13.00 13.77
C GLU F 242 -21.87 13.60 15.18
N LEU F 243 -21.68 12.75 16.18
CA LEU F 243 -21.58 13.18 17.57
C LEU F 243 -20.29 13.96 17.80
N VAL F 244 -19.21 13.49 17.17
CA VAL F 244 -17.94 14.18 17.23
C VAL F 244 -18.07 15.56 16.59
N ALA F 245 -18.81 15.61 15.48
CA ALA F 245 -19.00 16.85 14.74
C ALA F 245 -19.72 17.90 15.60
N LYS F 246 -20.72 17.46 16.35
CA LYS F 246 -21.47 18.37 17.23
C LYS F 246 -20.74 18.60 18.54
N GLY F 247 -19.71 17.80 18.80
CA GLY F 247 -18.90 17.95 20.00
C GLY F 247 -19.52 17.28 21.20
N LEU F 248 -20.20 16.15 20.97
CA LEU F 248 -20.79 15.38 22.05
C LEU F 248 -19.88 14.22 22.46
N ILE F 249 -18.94 13.89 21.58
CA ILE F 249 -17.91 12.90 21.86
C ILE F 249 -16.53 13.50 21.62
N LYS F 250 -15.60 13.19 22.52
CA LYS F 250 -14.22 13.61 22.39
C LYS F 250 -13.30 12.43 22.65
N ASP F 251 -12.52 12.04 21.64
CA ASP F 251 -11.58 10.95 21.78
C ASP F 251 -10.41 11.36 22.65
N LEU F 252 -10.13 10.56 23.68
CA LEU F 252 -9.05 10.83 24.61
C LEU F 252 -7.89 9.86 24.40
N GLY F 253 -8.12 8.84 23.57
CA GLY F 253 -7.10 7.85 23.30
C GLY F 253 -6.97 6.87 24.44
N GLU F 254 -6.06 5.91 24.30
CA GLU F 254 -5.86 4.88 25.32
C GLU F 254 -5.13 5.46 26.54
N ALA F 255 -5.47 4.94 27.71
CA ALA F 255 -4.88 5.43 28.95
C ALA F 255 -5.22 4.54 30.14
N GLY F 256 -4.38 4.61 31.16
CA GLY F 256 -4.69 3.98 32.43
C GLY F 256 -4.09 2.61 32.67
N ALA F 257 -4.75 1.85 33.54
CA ALA F 257 -4.23 0.56 34.00
C ALA F 257 -4.26 -0.47 32.88
N PRO F 258 -3.44 -1.53 33.03
CA PRO F 258 -3.39 -2.61 32.04
C PRO F 258 -4.53 -3.60 32.18
N TRP F 259 -5.25 -3.82 31.08
CA TRP F 259 -6.32 -4.82 31.03
C TRP F 259 -5.91 -6.01 30.18
N LEU F 260 -6.27 -7.21 30.63
CA LEU F 260 -6.00 -8.41 29.86
C LEU F 260 -7.30 -9.04 29.38
N PRO F 261 -7.33 -9.50 28.11
CA PRO F 261 -8.51 -10.23 27.67
C PRO F 261 -8.60 -11.60 28.34
N THR F 262 -9.78 -11.95 28.84
CA THR F 262 -10.00 -13.25 29.46
C THR F 262 -10.34 -14.30 28.41
N THR F 263 -10.72 -15.50 28.85
CA THR F 263 -11.00 -16.61 27.95
C THR F 263 -12.05 -16.26 26.89
N SER F 264 -12.93 -15.32 27.20
CA SER F 264 -14.01 -14.90 26.30
C SER F 264 -13.59 -13.73 25.41
N SER F 265 -12.38 -13.22 25.63
CA SER F 265 -11.81 -12.13 24.84
C SER F 265 -12.55 -10.80 25.03
N ARG F 266 -13.88 -10.80 25.03
CA ARG F 266 -14.63 -9.55 25.17
C ARG F 266 -14.78 -9.13 26.64
N SER F 267 -14.55 -10.07 27.56
CA SER F 267 -14.49 -9.74 28.99
C SER F 267 -13.05 -9.49 29.42
N LEU F 268 -12.79 -8.31 29.96
CA LEU F 268 -11.44 -7.91 30.33
C LEU F 268 -11.23 -7.90 31.84
N TYR F 269 -9.99 -8.04 32.27
CA TYR F 269 -9.65 -8.11 33.68
C TYR F 269 -8.50 -7.18 34.06
N CYS F 270 -8.76 -6.30 35.01
CA CYS F 270 -7.73 -5.47 35.61
C CYS F 270 -7.62 -5.79 37.11
N ALA F 271 -6.45 -6.25 37.53
CA ALA F 271 -6.24 -6.74 38.88
C ALA F 271 -6.59 -5.70 39.94
N THR F 272 -6.38 -4.43 39.62
CA THR F 272 -6.60 -3.35 40.58
C THR F 272 -7.96 -2.66 40.40
N SER F 273 -8.79 -3.22 39.51
CA SER F 273 -10.11 -2.67 39.23
C SER F 273 -11.20 -3.46 39.93
N ARG F 274 -12.07 -2.75 40.65
CA ARG F 274 -13.17 -3.39 41.36
C ARG F 274 -14.15 -4.01 40.37
N ASP F 275 -14.14 -3.50 39.14
CA ASP F 275 -14.98 -4.01 38.07
C ASP F 275 -14.15 -4.61 36.96
N MET F 276 -14.57 -5.79 36.49
CA MET F 276 -14.16 -6.26 35.18
C MET F 276 -15.12 -5.61 34.20
N ILE F 277 -14.84 -5.75 32.90
CA ILE F 277 -15.67 -5.11 31.89
C ILE F 277 -15.89 -6.04 30.70
N LYS F 278 -17.15 -6.20 30.33
CA LYS F 278 -17.55 -7.08 29.23
C LYS F 278 -18.10 -6.25 28.08
N PHE F 279 -17.39 -6.24 26.96
CA PHE F 279 -17.71 -5.37 25.85
C PHE F 279 -18.54 -6.04 24.75
N SER F 280 -19.36 -5.23 24.09
CA SER F 280 -20.00 -5.66 22.85
C SER F 280 -18.93 -5.66 21.77
N LEU F 281 -18.46 -6.85 21.41
CA LEU F 281 -17.31 -6.99 20.50
C LEU F 281 -17.69 -7.66 19.18
N SER F 282 -17.53 -6.93 18.08
CA SER F 282 -17.95 -7.43 16.77
C SER F 282 -16.94 -8.43 16.20
N VAL F 283 -16.88 -9.61 16.81
CA VAL F 283 -16.04 -10.70 16.35
C VAL F 283 -16.82 -11.99 16.45
N ARG F 284 -16.53 -12.95 15.58
CA ARG F 284 -17.20 -14.24 15.60
C ARG F 284 -16.34 -15.29 16.30
N LEU F 285 -16.81 -15.73 17.47
CA LEU F 285 -16.08 -16.72 18.27
C LEU F 285 -16.96 -17.93 18.55
N THR F 286 -16.52 -19.08 18.06
CA THR F 286 -17.30 -20.34 18.11
C THR F 286 -18.79 -20.14 17.88
N ASN F 287 -19.13 -19.79 16.64
CA ASN F 287 -20.49 -19.47 16.20
C ASN F 287 -21.29 -18.56 17.16
N SER F 288 -21.43 -17.29 16.72
CA SER F 288 -22.14 -16.20 17.39
C SER F 288 -21.26 -14.95 17.38
N VAL F 289 -21.71 -13.91 16.69
CA VAL F 289 -21.05 -12.61 16.75
C VAL F 289 -21.19 -12.07 18.17
N ARG F 290 -20.07 -11.63 18.73
CA ARG F 290 -20.00 -11.36 20.16
C ARG F 290 -20.40 -9.94 20.53
N THR F 291 -21.42 -9.43 19.88
CA THR F 291 -22.03 -8.18 20.27
C THR F 291 -23.02 -8.43 21.40
N LEU F 292 -23.27 -7.39 22.21
CA LEU F 292 -24.25 -7.47 23.28
C LEU F 292 -25.52 -6.72 22.87
N SER F 293 -26.64 -7.13 23.45
CA SER F 293 -27.91 -6.43 23.26
C SER F 293 -28.44 -5.95 24.62
N VAL F 294 -29.35 -4.99 24.59
CA VAL F 294 -29.96 -4.45 25.80
C VAL F 294 -30.68 -5.56 26.57
N LYS F 295 -31.15 -6.56 25.84
CA LYS F 295 -31.81 -7.71 26.46
C LYS F 295 -30.85 -8.46 27.36
N GLU F 296 -29.70 -8.84 26.82
CA GLU F 296 -28.74 -9.66 27.54
C GLU F 296 -28.24 -8.98 28.82
N VAL F 297 -27.94 -7.68 28.74
CA VAL F 297 -27.45 -6.97 29.92
C VAL F 297 -28.54 -6.84 30.96
N LYS F 298 -29.79 -6.74 30.49
CA LYS F 298 -30.93 -6.66 31.39
C LYS F 298 -31.07 -7.94 32.21
N ARG F 299 -30.62 -9.06 31.64
CA ARG F 299 -30.58 -10.32 32.38
C ARG F 299 -29.64 -10.17 33.57
N GLY F 300 -28.56 -9.43 33.37
CA GLY F 300 -27.57 -9.23 34.41
C GLY F 300 -28.08 -8.33 35.52
N MET F 301 -28.72 -7.23 35.13
CA MET F 301 -29.34 -6.32 36.09
C MET F 301 -30.45 -7.03 36.86
N ARG F 302 -31.20 -7.86 36.15
CA ARG F 302 -32.29 -8.63 36.73
C ARG F 302 -31.82 -9.53 37.87
N LEU F 303 -30.76 -10.29 37.60
CA LEU F 303 -30.21 -11.19 38.60
C LEU F 303 -29.55 -10.42 39.74
N ALA F 304 -28.93 -9.29 39.41
CA ALA F 304 -28.27 -8.46 40.40
C ALA F 304 -29.27 -7.88 41.40
N ARG F 305 -30.46 -7.53 40.92
CA ARG F 305 -31.52 -7.04 41.79
C ARG F 305 -32.05 -8.15 42.67
N LEU F 306 -32.20 -9.33 42.08
CA LEU F 306 -32.67 -10.49 42.80
C LEU F 306 -31.67 -10.90 43.87
N ALA F 307 -30.43 -10.44 43.74
CA ALA F 307 -29.39 -10.75 44.72
C ALA F 307 -29.52 -9.87 45.96
N GLN F 308 -30.44 -8.90 45.92
CA GLN F 308 -30.68 -8.02 47.07
C GLN F 308 -31.87 -8.49 47.90
N THR F 309 -32.46 -9.61 47.51
CA THR F 309 -33.64 -10.13 48.20
C THR F 309 -33.25 -10.98 49.41
N ASP F 310 -34.25 -11.37 50.19
CA ASP F 310 -34.02 -12.16 51.39
C ASP F 310 -33.79 -13.64 51.10
N ASP F 311 -34.38 -14.16 50.02
CA ASP F 311 -34.22 -15.56 49.67
C ASP F 311 -32.84 -15.82 49.08
N TRP F 312 -32.32 -14.85 48.34
CA TRP F 312 -30.95 -14.93 47.85
C TRP F 312 -30.01 -14.97 49.03
N GLN F 313 -30.32 -14.12 50.01
CA GLN F 313 -29.60 -14.07 51.27
C GLN F 313 -29.54 -15.45 51.90
N THR F 314 -30.68 -16.13 51.90
CA THR F 314 -30.79 -17.47 52.48
C THR F 314 -29.96 -18.49 51.69
N LEU F 315 -29.98 -18.35 50.37
CA LEU F 315 -29.21 -19.22 49.49
C LEU F 315 -27.72 -19.02 49.71
N GLN F 316 -27.31 -17.76 49.78
CA GLN F 316 -25.90 -17.43 50.00
C GLN F 316 -25.44 -17.92 51.36
N ALA F 317 -26.31 -17.82 52.36
CA ALA F 317 -26.00 -18.26 53.72
C ALA F 317 -25.72 -19.74 53.78
N ARG F 318 -26.49 -20.50 53.01
CA ARG F 318 -26.40 -21.95 53.00
C ARG F 318 -25.16 -22.43 52.23
N PHE F 319 -24.78 -21.67 51.21
CA PHE F 319 -23.60 -21.96 50.40
C PHE F 319 -22.64 -20.77 50.39
N PRO F 320 -21.94 -20.55 51.52
CA PRO F 320 -21.07 -19.37 51.65
C PRO F 320 -19.84 -19.44 50.76
N THR F 321 -19.47 -20.64 50.32
CA THR F 321 -18.35 -20.81 49.41
C THR F 321 -18.78 -20.68 47.96
N PHE F 322 -20.03 -20.27 47.76
CA PHE F 322 -20.57 -20.06 46.43
C PHE F 322 -20.87 -18.59 46.21
N ARG F 323 -20.28 -18.03 45.16
CA ARG F 323 -20.48 -16.64 44.81
C ARG F 323 -20.87 -16.49 43.34
N VAL F 324 -21.58 -15.42 43.03
CA VAL F 324 -21.90 -15.06 41.65
C VAL F 324 -21.37 -13.68 41.35
N MET F 325 -20.60 -13.56 40.26
CA MET F 325 -20.12 -12.26 39.82
C MET F 325 -21.24 -11.50 39.15
N GLN F 326 -21.95 -10.69 39.92
CA GLN F 326 -23.09 -9.94 39.41
C GLN F 326 -22.66 -8.92 38.38
N GLU F 327 -23.47 -8.76 37.34
CA GLU F 327 -23.25 -7.74 36.32
C GLU F 327 -24.25 -6.61 36.52
N ASP F 328 -24.02 -5.83 37.58
CA ASP F 328 -24.99 -4.83 38.04
C ASP F 328 -24.68 -3.45 37.46
N GLY F 329 -24.08 -3.42 36.28
CA GLY F 329 -23.83 -2.18 35.58
C GLY F 329 -23.71 -2.42 34.09
N TRP F 330 -24.20 -1.47 33.31
CA TRP F 330 -24.04 -1.52 31.86
C TRP F 330 -24.26 -0.13 31.27
N ALA F 331 -23.61 0.15 30.14
CA ALA F 331 -23.75 1.43 29.48
C ALA F 331 -23.50 1.32 27.99
N GLY F 332 -24.08 2.25 27.23
CA GLY F 332 -23.93 2.28 25.79
C GLY F 332 -24.03 3.69 25.25
N LEU F 333 -23.74 3.85 23.97
CA LEU F 333 -23.82 5.16 23.32
C LEU F 333 -25.13 5.30 22.54
N ARG F 334 -25.74 6.48 22.63
CA ARG F 334 -26.95 6.78 21.89
C ARG F 334 -26.64 7.49 20.59
N ASP F 335 -27.30 7.08 19.51
CA ASP F 335 -27.25 7.81 18.25
C ASP F 335 -27.84 9.20 18.47
N LEU F 336 -27.57 10.12 17.55
CA LEU F 336 -28.10 11.48 17.63
C LEU F 336 -29.62 11.49 17.76
N HIS F 337 -30.25 10.40 17.37
CA HIS F 337 -31.71 10.25 17.49
C HIS F 337 -32.10 9.60 18.81
N GLY F 338 -31.11 9.19 19.59
CA GLY F 338 -31.35 8.58 20.88
C GLY F 338 -31.35 7.06 20.82
N ASN F 339 -31.08 6.51 19.64
CA ASN F 339 -31.02 5.07 19.46
C ASN F 339 -29.80 4.45 20.12
N ILE F 340 -30.03 3.56 21.08
CA ILE F 340 -28.96 2.84 21.73
C ILE F 340 -28.24 1.98 20.70
N MET F 341 -26.95 2.24 20.52
CA MET F 341 -26.15 1.48 19.57
C MET F 341 -25.56 0.26 20.27
N GLN F 342 -26.06 -0.91 19.89
CA GLN F 342 -25.71 -2.17 20.54
C GLN F 342 -24.21 -2.45 20.51
N GLU F 343 -23.54 -1.93 19.48
CA GLU F 343 -22.11 -2.18 19.27
C GLU F 343 -21.25 -1.42 20.27
N SER F 344 -21.84 -0.44 20.95
CA SER F 344 -21.13 0.39 21.91
C SER F 344 -21.44 -0.03 23.34
N LEU F 345 -22.11 -1.17 23.50
CA LEU F 345 -22.53 -1.63 24.81
C LEU F 345 -21.41 -2.31 25.59
N PHE F 346 -21.48 -2.19 26.91
CA PHE F 346 -20.65 -3.01 27.79
C PHE F 346 -21.35 -3.23 29.12
N ALA F 347 -21.03 -4.34 29.77
CA ALA F 347 -21.49 -4.60 31.12
C ALA F 347 -20.32 -4.48 32.09
N LEU F 348 -20.63 -4.22 33.36
CA LEU F 348 -19.61 -4.17 34.41
C LEU F 348 -19.80 -5.37 35.33
N ARG F 349 -18.72 -6.09 35.55
CA ARG F 349 -18.75 -7.32 36.34
C ARG F 349 -17.95 -7.15 37.64
N GLU F 350 -18.56 -7.54 38.75
CA GLU F 350 -17.91 -7.51 40.06
C GLU F 350 -16.58 -8.25 40.03
N ASN F 351 -15.48 -7.54 40.23
CA ASN F 351 -14.20 -8.21 40.44
C ASN F 351 -14.10 -8.65 41.89
N LEU F 352 -14.62 -9.84 42.16
CA LEU F 352 -14.65 -10.39 43.51
C LEU F 352 -13.27 -10.91 43.94
N LEU F 353 -12.28 -10.69 43.08
CA LEU F 353 -10.92 -11.10 43.34
C LEU F 353 -9.99 -9.90 43.57
N VAL F 354 -10.55 -8.70 43.57
CA VAL F 354 -9.74 -7.48 43.66
C VAL F 354 -8.92 -7.43 44.94
N ASP F 355 -9.44 -8.05 46.01
CA ASP F 355 -8.76 -8.08 47.29
C ASP F 355 -7.97 -9.38 47.49
N GLN F 356 -7.89 -10.20 46.44
CA GLN F 356 -7.11 -11.43 46.51
C GLN F 356 -6.60 -11.86 45.13
N PRO F 357 -5.82 -10.98 44.47
CA PRO F 357 -5.42 -11.19 43.08
C PRO F 357 -4.52 -12.42 42.82
N GLN F 358 -3.88 -12.96 43.86
CA GLN F 358 -3.00 -14.12 43.71
C GLN F 358 -3.67 -15.39 44.22
N SER F 359 -4.97 -15.31 44.51
CA SER F 359 -5.74 -16.46 44.96
C SER F 359 -5.88 -17.48 43.84
N GLN F 360 -5.63 -18.74 44.17
CA GLN F 360 -5.77 -19.82 43.20
C GLN F 360 -7.25 -20.04 42.86
N THR F 361 -7.82 -19.10 42.13
CA THR F 361 -9.18 -19.24 41.60
C THR F 361 -9.09 -19.29 40.08
N ASN F 362 -9.19 -20.50 39.52
CA ASN F 362 -8.99 -20.71 38.09
C ASN F 362 -10.26 -21.11 37.36
N VAL F 363 -10.39 -20.66 36.12
CA VAL F 363 -11.47 -21.12 35.25
C VAL F 363 -11.21 -22.58 34.89
N LEU F 364 -12.25 -23.40 34.91
CA LEU F 364 -12.10 -24.84 34.80
C LEU F 364 -11.59 -25.31 33.44
N VAL F 365 -11.97 -24.59 32.38
CA VAL F 365 -11.67 -25.01 31.00
C VAL F 365 -10.18 -25.05 30.71
N SER F 366 -9.42 -24.19 31.38
CA SER F 366 -7.97 -24.15 31.20
C SER F 366 -7.29 -25.31 31.93
N LEU F 367 -7.93 -25.80 32.97
CA LEU F 367 -7.38 -26.91 33.76
C LEU F 367 -7.58 -28.24 33.05
N THR F 368 -8.71 -28.36 32.37
CA THR F 368 -9.12 -29.63 31.78
C THR F 368 -8.59 -29.83 30.36
N GLN F 369 -8.22 -28.74 29.69
CA GLN F 369 -7.72 -28.84 28.33
C GLN F 369 -6.49 -29.73 28.27
N ALA F 370 -6.38 -30.48 27.19
CA ALA F 370 -5.24 -31.36 26.99
C ALA F 370 -4.00 -30.53 26.70
N ALA F 371 -2.89 -30.92 27.31
CA ALA F 371 -1.63 -30.21 27.13
C ALA F 371 -1.23 -30.28 25.66
N PRO F 372 -0.98 -29.12 25.03
CA PRO F 372 -0.52 -29.11 23.63
C PRO F 372 0.73 -29.95 23.38
N ASP F 373 1.60 -30.05 24.38
CA ASP F 373 2.84 -30.83 24.25
C ASP F 373 2.65 -32.28 24.67
N GLY F 374 1.48 -32.59 25.21
CA GLY F 374 1.14 -33.97 25.58
C GLY F 374 1.47 -34.31 27.01
N GLY F 375 2.03 -33.34 27.74
CA GLY F 375 2.37 -33.55 29.13
C GLY F 375 1.13 -33.50 30.01
N ASP F 376 1.33 -33.33 31.32
CA ASP F 376 0.21 -33.20 32.25
C ASP F 376 -0.68 -32.02 31.88
N SER F 377 -1.98 -32.17 32.06
CA SER F 377 -2.88 -31.04 32.00
C SER F 377 -2.67 -30.22 33.27
N LEU F 378 -3.13 -28.98 33.28
CA LEU F 378 -2.93 -28.12 34.44
C LEU F 378 -3.75 -28.61 35.63
N LEU F 379 -4.80 -29.36 35.36
CA LEU F 379 -5.56 -30.02 36.41
C LEU F 379 -4.72 -31.09 37.09
N VAL F 380 -4.16 -31.98 36.27
CA VAL F 380 -3.31 -33.06 36.75
C VAL F 380 -2.08 -32.52 37.49
N ALA F 381 -1.59 -31.36 37.06
CA ALA F 381 -0.48 -30.72 37.75
C ALA F 381 -0.88 -30.32 39.17
N ALA F 382 -2.11 -29.83 39.32
CA ALA F 382 -2.64 -29.45 40.63
C ALA F 382 -2.87 -30.68 41.50
N VAL F 383 -3.48 -31.70 40.92
CA VAL F 383 -3.79 -32.93 41.64
C VAL F 383 -2.53 -33.62 42.16
N LYS F 384 -1.43 -33.44 41.43
CA LYS F 384 -0.16 -34.04 41.83
C LYS F 384 0.49 -33.23 42.94
N ARG F 385 0.29 -31.92 42.92
CA ARG F 385 0.77 -31.07 44.00
C ARG F 385 0.01 -31.41 45.27
N LEU F 386 -1.28 -31.69 45.11
CA LEU F 386 -2.14 -32.03 46.24
C LEU F 386 -1.71 -33.34 46.87
N SER F 387 -1.40 -34.33 46.03
CA SER F 387 -0.93 -35.62 46.50
C SER F 387 0.37 -35.48 47.28
N ASP F 388 1.30 -34.70 46.74
CA ASP F 388 2.60 -34.49 47.37
C ASP F 388 2.45 -33.79 48.72
N ARG F 389 1.65 -32.73 48.75
CA ARG F 389 1.46 -31.95 49.98
C ARG F 389 0.82 -32.78 51.10
N LEU F 390 -0.20 -33.57 50.75
CA LEU F 390 -0.94 -34.34 51.73
C LEU F 390 -0.33 -35.72 52.01
N GLY F 391 0.67 -36.09 51.21
CA GLY F 391 1.34 -37.35 51.40
C GLY F 391 0.47 -38.54 51.04
N ILE F 392 -0.49 -38.31 50.15
CA ILE F 392 -1.39 -39.35 49.69
C ILE F 392 -1.11 -39.69 48.23
N THR F 393 -1.72 -40.77 47.73
CA THR F 393 -1.48 -41.19 46.36
C THR F 393 -2.19 -40.28 45.35
N ALA F 394 -1.66 -40.25 44.13
CA ALA F 394 -2.22 -39.41 43.08
C ALA F 394 -3.62 -39.88 42.68
N GLN F 395 -3.98 -41.09 43.08
CA GLN F 395 -5.33 -41.61 42.87
C GLN F 395 -6.27 -41.05 43.92
N GLN F 396 -5.78 -41.01 45.15
CA GLN F 396 -6.56 -40.48 46.27
C GLN F 396 -6.78 -38.99 46.07
N ALA F 397 -5.74 -38.31 45.61
CA ALA F 397 -5.84 -36.89 45.31
C ALA F 397 -6.82 -36.68 44.16
N ALA F 398 -6.84 -37.64 43.24
CA ALA F 398 -7.79 -37.60 42.12
C ALA F 398 -9.22 -37.75 42.62
N HIS F 399 -9.43 -38.73 43.50
CA HIS F 399 -10.74 -38.94 44.12
C HIS F 399 -11.19 -37.71 44.90
N ALA F 400 -10.32 -37.23 45.78
CA ALA F 400 -10.64 -36.11 46.66
C ALA F 400 -10.93 -34.85 45.87
N TRP F 401 -10.12 -34.59 44.84
CA TRP F 401 -10.32 -33.42 43.99
C TRP F 401 -11.68 -33.52 43.30
N VAL F 402 -12.02 -34.72 42.83
CA VAL F 402 -13.30 -34.94 42.17
C VAL F 402 -14.45 -34.76 43.16
N ASP F 403 -14.34 -35.41 44.32
CA ASP F 403 -15.36 -35.33 45.35
C ASP F 403 -15.61 -33.88 45.74
N ALA F 404 -14.55 -33.15 46.04
CA ALA F 404 -14.66 -31.74 46.42
C ALA F 404 -15.36 -30.93 45.32
N TYR F 405 -14.99 -31.20 44.07
CA TYR F 405 -15.58 -30.49 42.94
C TYR F 405 -17.09 -30.69 42.90
N CYS F 406 -17.56 -31.87 43.29
CA CYS F 406 -18.99 -32.14 43.32
C CYS F 406 -19.66 -31.29 44.40
N HIS F 407 -19.07 -31.25 45.58
CA HIS F 407 -19.64 -30.50 46.70
C HIS F 407 -19.57 -29.00 46.47
N GLN F 408 -18.45 -28.52 45.95
CA GLN F 408 -18.19 -27.09 45.84
C GLN F 408 -18.84 -26.46 44.60
N VAL F 409 -19.05 -27.26 43.56
CA VAL F 409 -19.54 -26.73 42.29
C VAL F 409 -20.93 -27.23 41.93
N LEU F 410 -21.12 -28.55 41.92
CA LEU F 410 -22.39 -29.13 41.49
C LEU F 410 -23.53 -28.87 42.46
N LYS F 411 -23.28 -29.12 43.74
CA LYS F 411 -24.32 -29.03 44.77
C LYS F 411 -25.05 -27.68 44.77
N PRO F 412 -24.31 -26.57 44.84
CA PRO F 412 -25.04 -25.30 44.84
C PRO F 412 -25.75 -25.00 43.52
N LEU F 413 -25.24 -25.56 42.42
CA LEU F 413 -25.84 -25.29 41.11
C LEU F 413 -27.11 -26.11 40.88
N PHE F 414 -27.10 -27.36 41.34
CA PHE F 414 -28.31 -28.18 41.31
C PHE F 414 -29.34 -27.67 42.31
N THR F 415 -28.87 -27.43 43.54
CA THR F 415 -29.75 -27.01 44.63
C THR F 415 -30.37 -25.64 44.38
N ALA F 416 -29.63 -24.75 43.73
CA ALA F 416 -30.16 -23.42 43.40
C ALA F 416 -31.35 -23.55 42.46
N GLU F 417 -31.34 -24.59 41.64
CA GLU F 417 -32.44 -24.87 40.71
C GLU F 417 -33.59 -25.59 41.40
N ALA F 418 -33.26 -26.68 42.10
CA ALA F 418 -34.27 -27.50 42.75
C ALA F 418 -35.07 -26.73 43.80
N ASP F 419 -34.38 -26.09 44.73
CA ASP F 419 -35.03 -25.46 45.88
C ASP F 419 -35.47 -24.02 45.64
N TYR F 420 -34.70 -23.27 44.84
CA TYR F 420 -34.97 -21.85 44.65
C TYR F 420 -35.41 -21.50 43.22
N GLY F 421 -35.22 -22.43 42.28
CA GLY F 421 -35.63 -22.22 40.90
C GLY F 421 -34.69 -21.34 40.11
N LEU F 422 -33.43 -21.29 40.53
CA LEU F 422 -32.41 -20.50 39.84
C LEU F 422 -31.55 -21.37 38.92
N VAL F 423 -31.48 -20.99 37.64
CA VAL F 423 -30.75 -21.76 36.64
C VAL F 423 -29.48 -21.04 36.23
N LEU F 424 -28.35 -21.64 36.57
CA LEU F 424 -27.05 -21.11 36.17
C LEU F 424 -26.39 -22.10 35.21
N LEU F 425 -26.46 -21.78 33.92
CA LEU F 425 -25.92 -22.66 32.90
C LEU F 425 -24.41 -22.58 32.88
N ALA F 426 -23.79 -23.44 33.69
CA ALA F 426 -22.37 -23.36 33.96
C ALA F 426 -21.56 -24.39 33.19
N HIS F 427 -21.07 -23.99 32.02
CA HIS F 427 -20.06 -24.78 31.31
C HIS F 427 -18.69 -24.38 31.88
N GLN F 428 -17.64 -25.06 31.44
CA GLN F 428 -16.30 -24.92 32.02
C GLN F 428 -15.78 -23.49 32.14
N GLN F 429 -16.14 -22.65 31.19
CA GLN F 429 -15.60 -21.31 31.15
C GLN F 429 -16.32 -20.41 32.16
N ASN F 430 -17.60 -20.69 32.42
CA ASN F 430 -18.36 -19.94 33.41
C ASN F 430 -18.05 -20.37 34.85
N ILE F 431 -17.33 -21.48 34.99
CA ILE F 431 -16.97 -22.01 36.30
C ILE F 431 -15.58 -21.58 36.73
N LEU F 432 -15.51 -20.78 37.78
CA LEU F 432 -14.25 -20.49 38.45
C LEU F 432 -14.15 -21.37 39.69
N VAL F 433 -13.18 -22.27 39.72
CA VAL F 433 -12.99 -23.15 40.87
C VAL F 433 -12.06 -22.49 41.87
N GLN F 434 -12.62 -22.04 42.99
CA GLN F 434 -11.82 -21.49 44.08
C GLN F 434 -11.03 -22.61 44.73
N MET F 435 -9.71 -22.57 44.59
CA MET F 435 -8.87 -23.60 45.15
C MET F 435 -7.97 -23.08 46.25
N LEU F 436 -7.75 -23.91 47.25
CA LEU F 436 -6.79 -23.64 48.31
C LEU F 436 -5.96 -24.91 48.49
N GLY F 437 -4.68 -24.81 48.12
CA GLY F 437 -3.79 -25.96 48.17
C GLY F 437 -4.19 -26.95 47.10
N ASP F 438 -4.62 -26.42 45.95
CA ASP F 438 -5.01 -27.19 44.78
C ASP F 438 -6.30 -28.01 44.99
N LEU F 439 -6.99 -27.77 46.12
CA LEU F 439 -8.26 -28.43 46.41
C LEU F 439 -9.41 -27.45 46.23
N PRO F 440 -10.48 -27.85 45.51
CA PRO F 440 -11.65 -26.95 45.43
C PRO F 440 -12.26 -26.68 46.81
N VAL F 441 -12.41 -25.39 47.13
CA VAL F 441 -12.97 -24.98 48.41
C VAL F 441 -14.10 -23.97 48.21
N GLY F 442 -14.42 -23.67 46.96
CA GLY F 442 -15.50 -22.75 46.64
C GLY F 442 -15.84 -22.70 45.17
N LEU F 443 -16.80 -21.84 44.82
CA LEU F 443 -17.21 -21.63 43.44
C LEU F 443 -17.57 -20.17 43.21
N ILE F 444 -17.08 -19.63 42.10
CA ILE F 444 -17.53 -18.34 41.62
C ILE F 444 -18.07 -18.49 40.20
N TYR F 445 -19.37 -18.28 40.04
CA TYR F 445 -19.99 -18.37 38.73
C TYR F 445 -19.91 -17.04 37.99
N ARG F 446 -19.64 -17.12 36.70
CA ARG F 446 -19.52 -15.95 35.84
C ARG F 446 -20.40 -16.08 34.60
N ASP F 447 -20.77 -14.95 34.00
CA ASP F 447 -21.60 -14.86 32.79
C ASP F 447 -23.09 -15.01 33.12
N CYS F 448 -23.77 -13.88 33.25
CA CYS F 448 -25.17 -13.86 33.66
C CYS F 448 -26.12 -14.01 32.47
N GLN F 449 -25.57 -14.03 31.26
CA GLN F 449 -26.36 -14.37 30.08
C GLN F 449 -26.87 -15.80 30.24
N GLY F 450 -26.11 -16.61 30.95
CA GLY F 450 -26.46 -18.00 31.18
C GLY F 450 -27.32 -18.20 32.40
N SER F 451 -27.97 -17.12 32.85
CA SER F 451 -28.89 -17.21 33.98
C SER F 451 -30.34 -17.33 33.50
N ALA F 452 -31.09 -18.21 34.15
CA ALA F 452 -32.49 -18.41 33.81
C ALA F 452 -33.28 -18.80 35.05
N PHE F 453 -34.59 -18.91 34.91
CA PHE F 453 -35.47 -19.18 36.04
C PHE F 453 -36.55 -20.22 35.72
N MET F 454 -36.79 -21.12 36.67
CA MET F 454 -37.82 -22.14 36.53
C MET F 454 -39.17 -21.56 36.99
N PRO F 455 -40.26 -22.29 36.75
CA PRO F 455 -41.58 -21.80 37.17
C PRO F 455 -41.69 -21.55 38.67
N HIS F 456 -41.06 -22.40 39.48
CA HIS F 456 -41.19 -22.31 40.93
C HIS F 456 -40.31 -21.22 41.55
N ALA F 457 -39.79 -20.33 40.70
CA ALA F 457 -39.10 -19.13 41.17
C ALA F 457 -39.98 -17.89 40.94
N ALA F 458 -41.18 -18.13 40.41
CA ALA F 458 -42.06 -17.05 39.97
C ALA F 458 -42.47 -16.12 41.11
N GLY F 459 -42.75 -16.70 42.27
CA GLY F 459 -43.16 -15.92 43.42
C GLY F 459 -42.00 -15.13 44.02
N TRP F 460 -40.80 -15.69 43.90
CA TRP F 460 -39.59 -15.01 44.35
C TRP F 460 -39.24 -13.89 43.39
N LEU F 461 -39.53 -14.10 42.12
CA LEU F 461 -39.32 -13.09 41.10
C LEU F 461 -40.33 -11.95 41.24
N ASP F 462 -41.54 -12.29 41.69
CA ASP F 462 -42.59 -11.29 41.91
C ASP F 462 -42.13 -10.23 42.90
N THR F 463 -41.20 -10.61 43.77
CA THR F 463 -40.69 -9.72 44.80
C THR F 463 -39.97 -8.51 44.20
N ILE F 464 -39.44 -8.68 42.99
CA ILE F 464 -38.81 -7.57 42.26
C ILE F 464 -39.56 -7.25 40.97
N GLY F 465 -40.68 -7.94 40.76
CA GLY F 465 -41.54 -7.66 39.62
C GLY F 465 -41.03 -8.25 38.32
N GLU F 466 -40.23 -9.31 38.43
CA GLU F 466 -39.61 -9.94 37.27
C GLU F 466 -40.08 -11.38 37.06
N ALA F 467 -41.26 -11.71 37.58
CA ALA F 467 -41.80 -13.06 37.44
C ALA F 467 -42.11 -13.36 35.99
N GLN F 468 -42.31 -12.30 35.22
CA GLN F 468 -42.62 -12.41 33.80
C GLN F 468 -41.35 -12.21 32.98
N ALA F 469 -40.24 -12.71 33.51
CA ALA F 469 -38.93 -12.47 32.89
C ALA F 469 -38.83 -13.11 31.50
N GLU F 470 -37.96 -12.54 30.69
CA GLU F 470 -37.77 -12.99 29.32
C GLU F 470 -36.93 -14.27 29.29
N ASN F 471 -36.22 -14.55 30.38
CA ASN F 471 -35.31 -15.69 30.46
C ASN F 471 -35.83 -16.80 31.38
N VAL F 472 -37.15 -16.95 31.44
CA VAL F 472 -37.77 -18.03 32.20
C VAL F 472 -37.77 -19.32 31.38
N PHE F 473 -37.35 -20.42 32.01
CA PHE F 473 -37.27 -21.71 31.32
C PHE F 473 -38.51 -22.57 31.54
N THR F 474 -38.73 -23.50 30.62
CA THR F 474 -39.71 -24.57 30.80
C THR F 474 -39.00 -25.79 31.33
N ARG F 475 -39.76 -26.77 31.78
CA ARG F 475 -39.19 -28.04 32.26
C ARG F 475 -38.37 -28.70 31.17
N GLU F 476 -38.80 -28.50 29.93
CA GLU F 476 -38.16 -29.14 28.79
C GLU F 476 -36.83 -28.46 28.46
N GLN F 477 -36.80 -27.14 28.57
CA GLN F 477 -35.57 -26.38 28.32
C GLN F 477 -34.52 -26.71 29.37
N LEU F 478 -34.95 -26.93 30.61
CA LEU F 478 -34.03 -27.27 31.69
C LEU F 478 -33.39 -28.63 31.45
N LEU F 479 -34.23 -29.64 31.20
CA LEU F 479 -33.75 -31.00 31.03
C LEU F 479 -32.78 -31.09 29.85
N ARG F 480 -32.98 -30.23 28.86
CA ARG F 480 -32.12 -30.20 27.69
C ARG F 480 -30.74 -29.64 28.04
N TYR F 481 -30.73 -28.35 28.36
CA TYR F 481 -29.48 -27.62 28.55
C TYR F 481 -28.71 -28.06 29.79
N PHE F 482 -29.33 -27.90 30.95
CA PHE F 482 -28.66 -28.02 32.25
C PHE F 482 -27.68 -29.20 32.36
N PRO F 483 -28.13 -30.42 32.03
CA PRO F 483 -27.19 -31.54 32.21
C PRO F 483 -26.05 -31.55 31.18
N TYR F 484 -26.20 -30.83 30.08
CA TYR F 484 -25.13 -30.77 29.08
C TYR F 484 -24.06 -29.79 29.53
N TYR F 485 -24.47 -28.59 29.93
CA TYR F 485 -23.52 -27.58 30.37
C TYR F 485 -22.73 -28.05 31.59
N LEU F 486 -23.43 -28.66 32.55
CA LEU F 486 -22.85 -28.95 33.85
C LEU F 486 -22.09 -30.27 33.95
N LEU F 487 -22.57 -31.29 33.25
CA LEU F 487 -21.95 -32.62 33.35
C LEU F 487 -21.16 -32.98 32.10
N VAL F 488 -21.80 -32.83 30.94
CA VAL F 488 -21.13 -33.16 29.68
C VAL F 488 -20.01 -32.17 29.40
N ASN F 489 -20.35 -30.90 29.28
CA ASN F 489 -19.37 -29.85 29.02
C ASN F 489 -18.79 -29.27 30.30
N SER F 490 -18.38 -30.14 31.22
CA SER F 490 -17.76 -29.71 32.47
C SER F 490 -17.28 -30.90 33.29
N THR F 491 -18.19 -31.50 34.06
CA THR F 491 -17.84 -32.56 35.02
C THR F 491 -17.06 -33.70 34.37
N PHE F 492 -17.45 -34.07 33.16
CA PHE F 492 -16.87 -35.24 32.51
C PHE F 492 -15.49 -34.93 31.92
N ALA F 493 -15.20 -33.65 31.72
CA ALA F 493 -13.87 -33.25 31.29
C ALA F 493 -12.88 -33.40 32.43
N VAL F 494 -13.33 -33.06 33.63
CA VAL F 494 -12.54 -33.25 34.84
C VAL F 494 -12.18 -34.72 34.99
N THR F 495 -13.17 -35.58 34.84
CA THR F 495 -12.97 -37.02 34.98
C THR F 495 -12.21 -37.61 33.80
N ALA F 496 -12.35 -36.98 32.63
CA ALA F 496 -11.67 -37.44 31.43
C ALA F 496 -10.18 -37.11 31.49
N ALA F 497 -9.86 -35.91 31.96
CA ALA F 497 -8.48 -35.47 32.10
C ALA F 497 -7.74 -36.38 33.07
N LEU F 498 -8.37 -36.67 34.20
CA LEU F 498 -7.81 -37.59 35.19
C LEU F 498 -7.75 -39.00 34.63
N GLY F 499 -8.75 -39.35 33.83
CA GLY F 499 -8.82 -40.68 33.24
C GLY F 499 -7.78 -40.89 32.16
N ALA F 500 -7.52 -39.84 31.38
CA ALA F 500 -6.50 -39.89 30.34
C ALA F 500 -5.10 -39.98 30.94
N ALA F 501 -4.91 -39.26 32.05
CA ALA F 501 -3.62 -39.25 32.74
C ALA F 501 -3.34 -40.59 33.40
N GLY F 502 -4.40 -41.34 33.68
CA GLY F 502 -4.27 -42.69 34.23
C GLY F 502 -4.45 -42.75 35.73
N LEU F 503 -4.81 -41.63 36.35
CA LEU F 503 -4.96 -41.56 37.80
C LEU F 503 -6.03 -42.53 38.27
N ASP F 504 -7.14 -42.59 37.53
CA ASP F 504 -8.18 -43.58 37.77
C ASP F 504 -9.14 -43.58 36.59
N SER F 505 -9.79 -44.72 36.34
CA SER F 505 -10.70 -44.86 35.20
C SER F 505 -11.84 -43.84 35.27
N GLU F 506 -12.33 -43.42 34.11
CA GLU F 506 -13.47 -42.50 34.05
C GLU F 506 -14.70 -43.14 34.69
N ALA F 507 -14.78 -44.46 34.60
CA ALA F 507 -15.91 -45.20 35.15
C ALA F 507 -15.96 -45.07 36.67
N ASN F 508 -14.85 -45.38 37.32
CA ASN F 508 -14.77 -45.33 38.78
C ASN F 508 -14.95 -43.91 39.31
N LEU F 509 -14.45 -42.92 38.56
CA LEU F 509 -14.57 -41.52 38.97
C LEU F 509 -16.01 -41.04 38.81
N MET F 510 -16.68 -41.47 37.75
CA MET F 510 -18.07 -41.11 37.51
C MET F 510 -18.98 -41.82 38.51
N ALA F 511 -18.48 -42.89 39.12
CA ALA F 511 -19.22 -43.57 40.18
C ALA F 511 -19.24 -42.71 41.43
N ARG F 512 -18.17 -41.95 41.65
CA ARG F 512 -18.10 -41.03 42.77
C ARG F 512 -19.01 -39.83 42.53
N VAL F 513 -19.09 -39.40 41.27
CA VAL F 513 -19.98 -38.30 40.91
C VAL F 513 -21.43 -38.76 41.08
N ARG F 514 -21.75 -39.88 40.44
CA ARG F 514 -23.07 -40.49 40.51
C ARG F 514 -23.54 -40.66 41.95
N THR F 515 -22.65 -41.21 42.77
CA THR F 515 -22.95 -41.47 44.18
C THR F 515 -23.35 -40.20 44.91
N LEU F 516 -22.58 -39.13 44.75
CA LEU F 516 -22.84 -37.89 45.44
C LEU F 516 -24.09 -37.20 44.92
N LEU F 517 -24.30 -37.29 43.61
CA LEU F 517 -25.51 -36.73 43.00
C LEU F 517 -26.76 -37.35 43.59
N ALA F 518 -26.65 -38.60 44.04
CA ALA F 518 -27.76 -39.29 44.69
C ALA F 518 -28.02 -38.68 46.07
N GLU F 519 -26.93 -38.43 46.80
CA GLU F 519 -27.03 -37.83 48.13
C GLU F 519 -27.59 -36.41 48.03
N MET F 520 -27.27 -35.72 46.94
CA MET F 520 -27.80 -34.38 46.68
C MET F 520 -29.31 -34.45 46.49
N ARG F 521 -29.74 -35.41 45.67
CA ARG F 521 -31.14 -35.61 45.35
C ARG F 521 -31.99 -35.76 46.60
N ASP F 522 -31.46 -36.49 47.57
CA ASP F 522 -32.18 -36.77 48.80
C ASP F 522 -32.48 -35.50 49.61
N GLN F 523 -31.65 -34.48 49.44
CA GLN F 523 -31.76 -33.25 50.23
C GLN F 523 -32.67 -32.20 49.60
N VAL F 524 -32.71 -32.16 48.27
CA VAL F 524 -33.44 -31.12 47.56
C VAL F 524 -34.94 -31.40 47.51
N THR F 525 -35.71 -30.38 47.16
CA THR F 525 -37.18 -30.47 47.16
C THR F 525 -37.72 -30.92 45.81
N HIS F 526 -37.28 -30.26 44.74
CA HIS F 526 -37.69 -30.62 43.38
C HIS F 526 -36.67 -31.55 42.71
N LYS F 527 -36.94 -32.84 42.77
CA LYS F 527 -35.98 -33.86 42.35
C LYS F 527 -36.03 -34.15 40.85
N THR F 528 -36.75 -33.32 40.09
CA THR F 528 -36.91 -33.54 38.65
C THR F 528 -35.59 -33.76 37.94
N CYS F 529 -34.76 -32.72 37.93
CA CYS F 529 -33.55 -32.73 37.12
C CYS F 529 -32.58 -33.83 37.49
N LEU F 530 -32.32 -33.98 38.78
CA LEU F 530 -31.37 -34.99 39.25
C LEU F 530 -31.83 -36.40 38.90
N ASN F 531 -33.15 -36.61 38.84
CA ASN F 531 -33.69 -37.88 38.39
C ASN F 531 -33.41 -38.09 36.91
N TYR F 532 -33.70 -37.07 36.12
CA TYR F 532 -33.46 -37.09 34.68
C TYR F 532 -31.98 -37.34 34.37
N VAL F 533 -31.12 -37.01 35.34
CA VAL F 533 -29.69 -37.23 35.20
C VAL F 533 -29.33 -38.66 35.63
N LEU F 534 -29.77 -39.04 36.82
CA LEU F 534 -29.35 -40.30 37.42
C LEU F 534 -30.04 -41.54 36.83
N GLU F 535 -31.16 -41.32 36.13
CA GLU F 535 -32.05 -42.43 35.77
C GLU F 535 -32.36 -42.54 34.27
N ASN F 536 -32.59 -41.43 33.60
CA ASN F 536 -32.90 -41.45 32.17
C ASN F 536 -31.72 -42.08 31.40
N PRO F 537 -32.00 -43.07 30.53
CA PRO F 537 -30.93 -43.69 29.75
C PRO F 537 -30.20 -42.72 28.80
N TYR F 538 -30.91 -41.78 28.21
CA TYR F 538 -30.31 -40.91 27.20
C TYR F 538 -30.54 -39.41 27.40
N TRP F 539 -29.45 -38.66 27.47
CA TRP F 539 -29.51 -37.20 27.53
C TRP F 539 -29.37 -36.63 26.11
N ASN F 540 -30.35 -35.84 25.69
CA ASN F 540 -30.25 -35.15 24.42
C ASN F 540 -29.31 -33.95 24.56
N VAL F 541 -28.19 -33.99 23.85
CA VAL F 541 -27.16 -32.96 23.99
C VAL F 541 -26.92 -32.18 22.70
N LYS F 542 -26.43 -30.95 22.86
CA LYS F 542 -26.10 -30.08 21.73
C LYS F 542 -24.84 -30.55 21.01
N GLY F 543 -24.79 -30.32 19.70
CA GLY F 543 -23.66 -30.73 18.89
C GLY F 543 -23.14 -29.59 18.04
N ASN F 544 -21.87 -29.25 18.23
CA ASN F 544 -21.25 -28.14 17.52
C ASN F 544 -20.72 -28.56 16.15
N PHE F 545 -20.41 -29.85 16.01
CA PHE F 545 -19.75 -30.39 14.83
C PHE F 545 -20.60 -30.19 13.58
N PHE F 546 -21.91 -30.33 13.72
CA PHE F 546 -22.83 -30.18 12.60
C PHE F 546 -23.53 -28.83 12.65
N CYS F 547 -23.65 -28.27 13.86
CA CYS F 547 -24.24 -26.95 14.02
C CYS F 547 -23.33 -25.91 13.40
N TYR F 548 -22.02 -26.14 13.49
CA TYR F 548 -21.03 -25.23 12.92
C TYR F 548 -21.07 -25.28 11.40
N LEU F 549 -21.30 -26.48 10.85
CA LEU F 549 -21.39 -26.67 9.41
C LEU F 549 -22.56 -25.86 8.84
N ASN F 550 -23.62 -25.74 9.62
CA ASN F 550 -24.79 -24.95 9.23
C ASN F 550 -24.73 -23.55 9.84
N TYR F 564 -28.77 -31.71 17.43
CA TYR F 564 -29.14 -32.34 18.69
C TYR F 564 -29.06 -33.85 18.57
N PHE F 565 -28.41 -34.48 19.56
CA PHE F 565 -28.22 -35.92 19.56
C PHE F 565 -28.46 -36.50 20.95
N ASP F 566 -28.86 -37.76 21.00
CA ASP F 566 -29.04 -38.47 22.26
C ASP F 566 -27.70 -39.03 22.73
N PHE F 567 -27.32 -38.65 23.94
CA PHE F 567 -26.09 -39.13 24.54
C PHE F 567 -26.40 -40.11 25.67
N ALA F 568 -25.79 -41.28 25.61
CA ALA F 568 -25.96 -42.29 26.64
C ALA F 568 -25.57 -41.70 28.00
N ASN F 569 -26.37 -41.98 29.01
CA ASN F 569 -26.10 -41.49 30.37
C ASN F 569 -25.23 -42.47 31.15
N PRO F 570 -23.92 -42.18 31.28
CA PRO F 570 -23.05 -43.12 31.99
C PRO F 570 -23.39 -43.22 33.47
N LEU F 571 -24.18 -42.27 33.96
CA LEU F 571 -24.52 -42.20 35.38
C LEU F 571 -25.61 -43.20 35.76
N LEU F 572 -26.03 -44.02 34.80
CA LEU F 572 -27.02 -45.06 35.08
C LEU F 572 -26.47 -46.08 36.06
N ALA F 573 -27.34 -46.67 36.86
CA ALA F 573 -26.94 -47.69 37.83
C ALA F 573 -26.53 -48.97 37.11
N GLN F 574 -25.22 -49.19 37.01
CA GLN F 574 -24.67 -50.34 36.29
C GLN F 574 -24.16 -51.40 37.27
N THR G 11 3.80 12.19 -90.54
CA THR G 11 4.41 13.51 -90.59
C THR G 11 5.47 13.66 -89.51
N LEU G 12 5.16 13.18 -88.31
CA LEU G 12 6.09 13.26 -87.20
C LEU G 12 6.65 11.88 -86.85
N ASP G 13 7.96 11.83 -86.65
CA ASP G 13 8.64 10.59 -86.29
C ASP G 13 9.78 10.88 -85.33
N VAL G 14 9.50 10.71 -84.04
CA VAL G 14 10.47 11.06 -83.01
C VAL G 14 11.63 10.08 -82.94
N ALA G 15 11.42 8.84 -83.40
CA ALA G 15 12.49 7.84 -83.41
C ALA G 15 13.49 8.14 -84.52
N ALA G 16 12.98 8.55 -85.67
CA ALA G 16 13.81 8.91 -86.80
C ALA G 16 14.61 10.16 -86.50
N GLN G 17 14.06 11.02 -85.65
CA GLN G 17 14.72 12.29 -85.31
C GLN G 17 15.95 12.04 -84.45
N CYS G 18 15.91 11.01 -83.61
CA CYS G 18 17.07 10.60 -82.82
C CYS G 18 18.22 10.25 -83.73
N PHE G 19 17.93 9.41 -84.72
CA PHE G 19 18.90 8.96 -85.70
C PHE G 19 19.50 10.16 -86.45
N LEU G 20 18.64 11.06 -86.93
CA LEU G 20 19.06 12.14 -87.80
C LEU G 20 19.78 13.28 -87.07
N ASN G 21 19.31 13.63 -85.88
CA ASN G 21 19.95 14.68 -85.09
C ASN G 21 21.30 14.21 -84.57
N SER G 22 21.37 12.94 -84.18
CA SER G 22 22.63 12.32 -83.77
C SER G 22 23.64 12.36 -84.91
N LEU G 23 23.14 12.20 -86.13
CA LEU G 23 23.98 12.23 -87.32
C LEU G 23 24.48 13.65 -87.60
N VAL G 24 23.57 14.61 -87.61
CA VAL G 24 23.89 16.00 -87.91
C VAL G 24 24.82 16.63 -86.87
N ARG G 25 24.75 16.16 -85.63
CA ARG G 25 25.62 16.67 -84.58
C ARG G 25 27.07 16.18 -84.73
N GLU G 26 27.23 14.99 -85.29
CA GLU G 26 28.55 14.35 -85.39
C GLU G 26 29.20 14.47 -86.76
N THR G 27 28.61 15.27 -87.65
CA THR G 27 29.15 15.48 -88.99
C THR G 27 29.15 16.96 -89.36
N LYS G 28 30.03 17.33 -90.28
CA LYS G 28 30.09 18.68 -90.81
C LYS G 28 29.73 18.69 -92.29
N ASP G 29 29.20 17.56 -92.76
CA ASP G 29 28.78 17.39 -94.14
C ASP G 29 27.25 17.47 -94.29
N TRP G 30 26.73 18.70 -94.31
CA TRP G 30 25.32 18.99 -94.53
C TRP G 30 25.22 20.49 -94.64
N ARG G 31 24.08 20.99 -95.13
CA ARG G 31 23.95 22.43 -95.34
C ARG G 31 22.50 22.89 -95.20
N LEU G 32 22.33 24.20 -95.14
CA LEU G 32 21.02 24.82 -94.92
C LEU G 32 20.67 25.72 -96.09
N THR G 33 19.43 25.63 -96.54
CA THR G 33 18.97 26.42 -97.66
C THR G 33 18.60 27.83 -97.22
N GLU G 34 19.14 28.83 -97.92
CA GLU G 34 18.86 30.23 -97.62
C GLU G 34 17.37 30.56 -97.75
N TYR G 35 16.77 30.14 -98.87
CA TYR G 35 15.36 30.43 -99.15
C TYR G 35 14.43 29.69 -98.20
N GLN G 36 13.22 30.21 -98.06
CA GLN G 36 12.19 29.57 -97.25
C GLN G 36 11.19 28.87 -98.16
N PRO G 37 10.60 27.75 -97.70
CA PRO G 37 10.81 27.12 -96.38
C PRO G 37 12.19 26.46 -96.27
N THR G 38 12.86 26.69 -95.15
CA THR G 38 14.20 26.16 -94.94
C THR G 38 14.20 24.64 -94.99
N GLN G 39 15.24 24.09 -95.61
CA GLN G 39 15.42 22.65 -95.70
C GLN G 39 16.86 22.30 -95.36
N LEU G 40 17.02 21.26 -94.55
CA LEU G 40 18.35 20.75 -94.23
C LEU G 40 18.72 19.67 -95.23
N ILE G 41 19.94 19.77 -95.76
CA ILE G 41 20.39 18.88 -96.82
C ILE G 41 21.56 18.03 -96.39
N ILE G 42 21.44 16.72 -96.59
CA ILE G 42 22.51 15.77 -96.32
C ILE G 42 22.96 15.12 -97.62
N PRO G 43 24.07 15.59 -98.20
CA PRO G 43 24.52 15.04 -99.49
C PRO G 43 24.94 13.58 -99.41
N LEU G 44 24.54 12.79 -100.40
CA LEU G 44 24.90 11.38 -100.48
C LEU G 44 25.99 11.14 -101.54
N GLY G 45 26.27 12.16 -102.35
CA GLY G 45 27.26 12.06 -103.41
C GLY G 45 26.62 11.59 -104.70
N GLU G 46 27.36 11.68 -105.81
CA GLU G 46 26.86 11.28 -107.12
C GLU G 46 25.63 12.09 -107.50
N GLN G 47 25.70 13.40 -107.27
CA GLN G 47 24.60 14.31 -107.56
C GLN G 47 23.29 13.83 -106.95
N GLN G 48 23.35 13.47 -105.68
CA GLN G 48 22.24 12.81 -105.00
C GLN G 48 22.28 13.16 -103.51
N ALA G 49 21.15 13.62 -102.98
CA ALA G 49 21.11 14.17 -101.62
C ALA G 49 19.73 14.10 -100.98
N LEU G 50 19.69 14.06 -99.66
CA LEU G 50 18.44 14.04 -98.90
C LEU G 50 18.07 15.44 -98.42
N HIS G 51 16.83 15.85 -98.70
CA HIS G 51 16.31 17.15 -98.24
C HIS G 51 15.29 16.95 -97.13
N PHE G 52 15.55 17.56 -95.98
CA PHE G 52 14.62 17.51 -94.86
C PHE G 52 14.03 18.89 -94.57
N ARG G 53 12.72 18.99 -94.70
CA ARG G 53 12.02 20.23 -94.36
C ARG G 53 12.13 20.43 -92.85
N VAL G 54 12.83 21.49 -92.44
CA VAL G 54 13.02 21.77 -91.03
C VAL G 54 11.81 22.52 -90.46
N ALA G 55 11.30 22.03 -89.34
CA ALA G 55 10.20 22.68 -88.65
C ALA G 55 10.73 23.47 -87.47
N TYR G 56 11.87 23.02 -86.93
CA TYR G 56 12.55 23.76 -85.88
C TYR G 56 14.06 23.52 -85.96
N PHE G 57 14.82 24.59 -86.19
CA PHE G 57 16.26 24.52 -86.21
C PHE G 57 16.86 24.88 -84.85
N SER G 58 17.68 23.97 -84.34
CA SER G 58 18.24 24.08 -83.00
C SER G 58 19.73 24.31 -83.02
N PRO G 59 20.20 25.37 -82.34
CA PRO G 59 21.65 25.56 -82.23
C PRO G 59 22.32 24.49 -81.35
N THR G 60 21.51 23.64 -80.73
CA THR G 60 22.04 22.51 -79.96
C THR G 60 21.64 21.20 -80.65
N GLN G 61 21.23 21.32 -81.91
CA GLN G 61 20.92 20.18 -82.77
C GLN G 61 19.74 19.34 -82.26
N HIS G 62 18.87 19.94 -81.48
CA HIS G 62 17.59 19.33 -81.13
C HIS G 62 16.55 19.71 -82.18
N HIS G 63 16.76 19.23 -83.41
CA HIS G 63 15.91 19.61 -84.54
C HIS G 63 14.57 18.90 -84.54
N ARG G 64 13.61 19.47 -85.27
CA ARG G 64 12.39 18.78 -85.64
C ARG G 64 12.17 18.89 -87.14
N PHE G 65 12.29 17.76 -87.83
CA PHE G 65 12.07 17.73 -89.28
C PHE G 65 10.62 17.39 -89.61
N GLU G 66 10.16 17.89 -90.74
CA GLU G 66 8.85 17.52 -91.27
C GLU G 66 9.02 16.41 -92.30
N PHE G 67 8.29 15.31 -92.10
CA PHE G 67 8.44 14.12 -92.93
C PHE G 67 7.25 13.99 -93.88
N PRO G 68 7.38 13.20 -94.95
CA PRO G 68 8.53 12.38 -95.35
C PRO G 68 9.70 13.19 -95.91
N ALA G 69 10.90 12.62 -95.81
CA ALA G 69 12.08 13.21 -96.43
C ALA G 69 11.95 13.14 -97.95
N ARG G 70 12.80 13.89 -98.65
CA ARG G 70 12.75 13.95 -100.11
C ARG G 70 14.15 13.75 -100.69
N LEU G 71 14.33 12.65 -101.42
CA LEU G 71 15.59 12.38 -102.12
C LEU G 71 15.64 13.11 -103.45
N VAL G 72 16.68 13.93 -103.64
CA VAL G 72 16.79 14.77 -104.83
C VAL G 72 17.96 14.36 -105.71
N THR G 73 17.67 14.16 -107.00
CA THR G 73 18.68 13.82 -107.98
C THR G 73 18.59 14.82 -109.13
N ALA G 74 19.48 14.67 -110.11
CA ALA G 74 19.41 15.47 -111.32
C ALA G 74 18.16 15.10 -112.12
N SER G 75 17.69 13.87 -111.93
CA SER G 75 16.52 13.35 -112.62
C SER G 75 15.21 13.83 -112.02
N GLY G 76 15.22 14.11 -110.72
CA GLY G 76 14.03 14.59 -110.05
C GLY G 76 14.05 14.35 -108.55
N SER G 77 12.89 14.51 -107.92
CA SER G 77 12.74 14.33 -106.48
C SER G 77 11.59 13.40 -106.16
N HIS G 78 11.77 12.55 -105.15
CA HIS G 78 10.71 11.67 -104.69
C HIS G 78 10.83 11.41 -103.19
N PRO G 79 9.70 11.16 -102.51
CA PRO G 79 9.77 10.87 -101.08
C PRO G 79 10.45 9.54 -100.75
N VAL G 80 11.07 9.47 -99.58
CA VAL G 80 11.66 8.22 -99.09
C VAL G 80 11.34 8.03 -97.61
N ASP G 81 10.98 6.81 -97.22
CA ASP G 81 10.64 6.54 -95.84
C ASP G 81 11.92 6.35 -95.02
N PHE G 82 11.79 6.16 -93.71
CA PHE G 82 12.95 6.09 -92.83
C PHE G 82 13.83 4.89 -93.09
N ALA G 83 13.22 3.75 -93.40
CA ALA G 83 13.98 2.54 -93.71
C ALA G 83 14.92 2.79 -94.88
N THR G 84 14.46 3.59 -95.84
CA THR G 84 15.23 3.86 -97.05
C THR G 84 16.36 4.85 -96.80
N LEU G 85 16.02 6.03 -96.29
CA LEU G 85 17.03 7.08 -96.07
C LEU G 85 18.10 6.62 -95.09
N SER G 86 17.75 5.73 -94.17
CA SER G 86 18.72 5.21 -93.21
C SER G 86 19.66 4.19 -93.86
N ARG G 87 19.16 3.42 -94.82
CA ARG G 87 20.02 2.53 -95.61
C ARG G 87 20.97 3.35 -96.47
N LEU G 88 20.43 4.39 -97.10
CA LEU G 88 21.23 5.27 -97.95
C LEU G 88 22.35 5.96 -97.17
N ILE G 89 22.04 6.36 -95.95
CA ILE G 89 23.02 7.07 -95.13
C ILE G 89 24.08 6.08 -94.62
N VAL G 90 23.66 4.88 -94.27
CA VAL G 90 24.61 3.86 -93.81
C VAL G 90 25.47 3.34 -94.97
N ASP G 91 24.86 3.22 -96.15
CA ASP G 91 25.60 2.88 -97.35
C ASP G 91 26.69 3.91 -97.61
N LYS G 92 26.31 5.18 -97.52
CA LYS G 92 27.25 6.29 -97.64
C LYS G 92 28.39 6.11 -96.63
N LEU G 93 28.05 6.06 -95.36
CA LEU G 93 29.03 5.96 -94.30
C LEU G 93 29.87 4.70 -94.42
N GLN G 94 29.31 3.66 -95.04
CA GLN G 94 30.01 2.39 -95.15
C GLN G 94 31.26 2.52 -96.03
N HIS G 95 31.14 3.26 -97.13
CA HIS G 95 32.28 3.44 -98.04
C HIS G 95 33.15 4.61 -97.64
N GLN G 96 32.53 5.64 -97.05
CA GLN G 96 33.24 6.85 -96.67
C GLN G 96 34.23 6.57 -95.53
N LEU G 97 33.87 5.61 -94.68
CA LEU G 97 34.73 5.17 -93.58
C LEU G 97 35.42 3.86 -93.91
N LEU G 98 35.21 3.36 -95.13
CA LEU G 98 35.59 2.00 -95.48
C LEU G 98 34.98 1.03 -94.47
N LEU G 99 33.80 1.39 -93.97
CA LEU G 99 33.11 0.60 -92.96
C LEU G 99 32.85 -0.84 -93.42
N PRO G 100 33.28 -1.81 -92.61
CA PRO G 100 33.04 -3.23 -92.87
C PRO G 100 31.55 -3.51 -93.09
N ALA G 101 31.24 -4.25 -94.15
CA ALA G 101 29.86 -4.45 -94.59
C ALA G 101 29.01 -5.19 -93.57
N THR G 102 29.60 -6.18 -92.90
CA THR G 102 28.87 -6.98 -91.92
C THR G 102 28.50 -6.15 -90.68
N SER G 103 29.39 -5.23 -90.30
CA SER G 103 29.17 -4.39 -89.13
C SER G 103 28.06 -3.37 -89.39
N CYS G 104 28.03 -2.84 -90.60
CA CYS G 104 27.05 -1.80 -90.96
C CYS G 104 25.64 -2.36 -91.05
N GLU G 105 25.51 -3.60 -91.53
CA GLU G 105 24.22 -4.26 -91.65
C GLU G 105 23.61 -4.46 -90.27
N THR G 106 24.45 -4.79 -89.31
CA THR G 106 24.01 -4.99 -87.93
C THR G 106 23.59 -3.66 -87.31
N PHE G 107 24.29 -2.59 -87.71
CA PHE G 107 23.97 -1.25 -87.23
C PHE G 107 22.58 -0.83 -87.68
N HIS G 108 22.32 -0.93 -88.98
CA HIS G 108 21.04 -0.50 -89.54
C HIS G 108 19.88 -1.39 -89.09
N GLN G 109 20.17 -2.67 -88.86
CA GLN G 109 19.16 -3.60 -88.37
C GLN G 109 18.68 -3.19 -86.97
N ARG G 110 19.60 -2.70 -86.16
CA ARG G 110 19.29 -2.27 -84.80
C ARG G 110 18.61 -0.91 -84.79
N VAL G 111 18.89 -0.10 -85.82
CA VAL G 111 18.23 1.19 -85.98
C VAL G 111 16.76 1.00 -86.35
N MET G 112 16.48 0.02 -87.21
CA MET G 112 15.11 -0.25 -87.62
C MET G 112 14.34 -0.97 -86.52
N GLU G 113 15.05 -1.78 -85.74
CA GLU G 113 14.47 -2.46 -84.58
C GLU G 113 14.05 -1.44 -83.52
N SER G 114 14.94 -0.50 -83.23
CA SER G 114 14.68 0.58 -82.29
C SER G 114 13.48 1.41 -82.78
N HIS G 115 13.53 1.83 -84.03
CA HIS G 115 12.47 2.63 -84.65
C HIS G 115 11.11 1.91 -84.55
N ALA G 116 11.13 0.60 -84.76
CA ALA G 116 9.91 -0.20 -84.73
C ALA G 116 9.36 -0.39 -83.32
N HIS G 117 10.24 -0.73 -82.38
CA HIS G 117 9.84 -0.95 -80.98
C HIS G 117 9.26 0.32 -80.37
N THR G 118 9.80 1.46 -80.77
CA THR G 118 9.33 2.76 -80.30
C THR G 118 7.88 2.99 -80.70
N GLN G 119 7.56 2.69 -81.95
CA GLN G 119 6.21 2.91 -82.47
C GLN G 119 5.21 1.97 -81.80
N GLN G 120 5.67 0.77 -81.43
CA GLN G 120 4.84 -0.17 -80.70
C GLN G 120 4.49 0.38 -79.32
N ALA G 121 5.46 1.07 -78.72
CA ALA G 121 5.29 1.60 -77.37
C ALA G 121 4.36 2.80 -77.39
N ILE G 122 4.53 3.65 -78.39
CA ILE G 122 3.65 4.81 -78.58
C ILE G 122 2.21 4.34 -78.75
N ASP G 123 2.02 3.33 -79.60
CA ASP G 123 0.70 2.76 -79.85
C ASP G 123 0.11 2.16 -78.57
N ALA G 124 0.95 1.54 -77.75
CA ALA G 124 0.49 0.85 -76.55
C ALA G 124 0.12 1.84 -75.45
N ARG G 125 0.83 2.95 -75.39
CA ARG G 125 0.67 3.93 -74.31
C ARG G 125 -0.34 5.02 -74.65
N HIS G 126 -1.62 4.69 -74.53
CA HIS G 126 -2.70 5.65 -74.76
C HIS G 126 -2.87 6.62 -73.58
N ASP G 127 -2.13 6.35 -72.50
CA ASP G 127 -2.21 7.17 -71.30
C ASP G 127 -1.16 8.28 -71.28
N TRP G 128 -0.25 8.28 -72.25
CA TRP G 128 0.88 9.19 -72.22
C TRP G 128 0.45 10.65 -72.31
N ALA G 129 -0.46 10.96 -73.24
CA ALA G 129 -0.90 12.33 -73.42
C ALA G 129 -1.48 12.89 -72.13
N ALA G 130 -2.19 12.03 -71.40
CA ALA G 130 -2.81 12.43 -70.13
C ALA G 130 -1.80 12.80 -69.06
N LEU G 131 -0.53 12.45 -69.26
CA LEU G 131 0.52 12.79 -68.31
C LEU G 131 0.73 14.30 -68.25
N ARG G 132 0.28 15.00 -69.29
CA ARG G 132 0.39 16.45 -69.34
C ARG G 132 -0.49 17.13 -68.29
N GLU G 133 -1.51 16.43 -67.83
CA GLU G 133 -2.59 17.04 -67.06
C GLU G 133 -2.18 17.49 -65.66
N LYS G 134 -1.33 16.71 -65.00
CA LYS G 134 -0.93 17.00 -63.62
C LYS G 134 0.52 16.62 -63.35
N ALA G 135 1.06 17.12 -62.24
CA ALA G 135 2.43 16.85 -61.85
C ALA G 135 2.66 15.35 -61.69
N LEU G 136 3.76 14.87 -62.25
CA LEU G 136 4.12 13.46 -62.20
C LEU G 136 4.82 13.12 -60.89
N ASN G 137 4.66 11.88 -60.46
CA ASN G 137 5.48 11.35 -59.38
C ASN G 137 6.68 10.63 -59.99
N PHE G 138 7.57 10.15 -59.13
CA PHE G 138 8.82 9.53 -59.58
C PHE G 138 8.58 8.34 -60.51
N GLY G 139 7.72 7.43 -60.09
CA GLY G 139 7.45 6.23 -60.87
C GLY G 139 6.83 6.54 -62.22
N GLU G 140 5.97 7.56 -62.26
CA GLU G 140 5.32 7.95 -63.51
C GLU G 140 6.33 8.50 -64.52
N ALA G 141 7.31 9.24 -64.02
CA ALA G 141 8.33 9.83 -64.89
C ALA G 141 9.30 8.78 -65.38
N GLU G 142 9.58 7.79 -64.55
CA GLU G 142 10.56 6.76 -64.88
C GLU G 142 10.11 5.88 -66.02
N GLN G 143 8.81 5.89 -66.31
CA GLN G 143 8.27 5.08 -67.39
C GLN G 143 7.64 5.94 -68.50
N ALA G 144 7.97 7.24 -68.50
CA ALA G 144 7.37 8.19 -69.44
C ALA G 144 8.27 8.44 -70.65
N LEU G 145 9.47 7.86 -70.63
CA LEU G 145 10.44 8.03 -71.70
C LEU G 145 10.26 6.95 -72.77
N LEU G 146 9.59 7.31 -73.86
CA LEU G 146 9.33 6.38 -74.95
C LEU G 146 10.28 6.59 -76.13
N VAL G 147 10.94 7.76 -76.17
CA VAL G 147 11.90 8.06 -77.23
C VAL G 147 13.29 7.50 -76.91
N GLY G 148 13.70 7.67 -75.65
CA GLY G 148 15.02 7.23 -75.20
C GLY G 148 16.04 8.33 -75.39
N HIS G 149 17.30 7.94 -75.53
CA HIS G 149 18.40 8.88 -75.74
C HIS G 149 18.19 9.63 -77.05
N ALA G 150 18.06 10.95 -76.97
CA ALA G 150 17.69 11.77 -78.13
C ALA G 150 18.81 11.91 -79.15
N PHE G 151 20.02 11.50 -78.78
CA PHE G 151 21.17 11.57 -79.68
C PHE G 151 21.92 10.24 -79.71
N HIS G 152 21.13 9.17 -79.75
CA HIS G 152 21.63 7.83 -80.04
C HIS G 152 20.85 7.36 -81.26
N PRO G 153 21.51 6.65 -82.20
CA PRO G 153 20.80 6.23 -83.42
C PRO G 153 19.76 5.14 -83.22
N ALA G 154 19.94 4.33 -82.18
CA ALA G 154 19.01 3.24 -81.87
C ALA G 154 18.79 3.15 -80.36
N PRO G 155 18.11 4.15 -79.80
CA PRO G 155 17.96 4.26 -78.34
C PRO G 155 16.99 3.24 -77.72
N LYS G 156 16.27 2.48 -78.55
CA LYS G 156 15.34 1.47 -78.04
C LYS G 156 15.62 0.07 -78.57
N SER G 157 16.90 -0.22 -78.82
CA SER G 157 17.32 -1.58 -79.11
C SER G 157 17.49 -2.31 -77.79
N HIS G 158 16.87 -3.49 -77.70
CA HIS G 158 16.92 -4.28 -76.47
C HIS G 158 17.21 -5.75 -76.77
N GLU G 159 18.28 -6.00 -77.52
CA GLU G 159 18.72 -7.38 -77.73
C GLU G 159 19.27 -7.86 -76.39
N PRO G 160 18.96 -9.11 -76.02
CA PRO G 160 18.21 -10.15 -76.73
C PRO G 160 16.70 -10.26 -76.42
N PHE G 161 16.13 -9.31 -75.69
CA PHE G 161 14.70 -9.37 -75.35
C PHE G 161 13.81 -9.56 -76.57
N ASN G 162 12.90 -10.53 -76.50
CA ASN G 162 11.84 -10.65 -77.48
C ASN G 162 10.76 -9.62 -77.16
N GLN G 163 9.64 -9.64 -77.88
CA GLN G 163 8.64 -8.60 -77.72
C GLN G 163 7.83 -8.79 -76.44
N GLN G 164 7.67 -10.05 -76.02
CA GLN G 164 6.96 -10.33 -74.78
C GLN G 164 7.80 -9.93 -73.58
N GLU G 165 9.11 -10.17 -73.67
CA GLU G 165 10.04 -9.86 -72.60
C GLU G 165 10.23 -8.35 -72.47
N ALA G 166 10.14 -7.63 -73.59
CA ALA G 166 10.25 -6.18 -73.58
C ALA G 166 9.08 -5.56 -72.82
N GLU G 167 7.89 -6.11 -73.02
CA GLU G 167 6.67 -5.55 -72.42
C GLU G 167 6.66 -5.64 -70.90
N ARG G 168 7.41 -6.60 -70.36
CA ARG G 168 7.41 -6.84 -68.92
C ARG G 168 8.62 -6.21 -68.22
N TYR G 169 9.73 -6.11 -68.93
CA TYR G 169 11.02 -5.81 -68.29
C TYR G 169 11.63 -4.46 -68.70
N LEU G 170 10.99 -3.79 -69.64
CA LEU G 170 11.37 -2.42 -70.00
C LEU G 170 10.31 -1.44 -69.50
N PRO G 171 10.71 -0.19 -69.21
CA PRO G 171 9.74 0.79 -68.69
C PRO G 171 8.65 1.16 -69.69
N ASP G 172 8.92 0.88 -70.96
CA ASP G 172 8.17 1.41 -72.09
C ASP G 172 6.66 1.14 -72.07
N PHE G 173 6.26 -0.04 -71.61
CA PHE G 173 4.85 -0.39 -71.51
C PHE G 173 4.32 -0.21 -70.08
N ALA G 174 5.08 0.52 -69.27
CA ALA G 174 4.73 0.78 -67.87
C ALA G 174 4.35 -0.48 -67.10
N PRO G 175 5.19 -1.52 -67.16
CA PRO G 175 4.87 -2.74 -66.42
C PRO G 175 5.31 -2.70 -64.97
N HIS G 176 4.89 -3.70 -64.20
CA HIS G 176 5.46 -3.95 -62.90
C HIS G 176 5.30 -5.41 -62.53
N PHE G 177 6.11 -5.88 -61.59
CA PHE G 177 6.21 -7.30 -61.31
C PHE G 177 6.90 -7.57 -59.98
N PRO G 178 6.67 -8.77 -59.41
CA PRO G 178 7.38 -9.15 -58.19
C PRO G 178 8.76 -9.73 -58.50
N LEU G 179 9.67 -9.65 -57.55
CA LEU G 179 11.02 -10.17 -57.75
C LEU G 179 11.04 -11.69 -57.67
N ARG G 180 12.04 -12.29 -58.30
CA ARG G 180 12.34 -13.70 -58.11
C ARG G 180 13.20 -13.87 -56.86
N TRP G 181 13.12 -15.02 -56.22
CA TRP G 181 13.81 -15.24 -54.95
C TRP G 181 14.44 -16.62 -54.87
N PHE G 182 15.68 -16.65 -54.40
CA PHE G 182 16.38 -17.89 -54.04
C PHE G 182 16.68 -17.92 -52.55
N ALA G 183 16.50 -19.08 -51.93
CA ALA G 183 17.05 -19.33 -50.61
C ALA G 183 18.43 -19.92 -50.81
N VAL G 184 19.43 -19.24 -50.28
CA VAL G 184 20.83 -19.51 -50.62
C VAL G 184 21.69 -19.69 -49.38
N ASN G 185 22.55 -20.70 -49.39
CA ASN G 185 23.51 -20.88 -48.31
C ASN G 185 24.47 -19.69 -48.28
N LYS G 186 24.74 -19.18 -47.09
CA LYS G 186 25.56 -17.98 -46.93
C LYS G 186 26.99 -18.15 -47.47
N THR G 187 27.40 -19.40 -47.68
CA THR G 187 28.71 -19.68 -48.24
C THR G 187 28.79 -19.24 -49.70
N GLN G 188 27.65 -19.31 -50.38
CA GLN G 188 27.59 -18.95 -51.80
C GLN G 188 27.16 -17.50 -52.04
N ILE G 189 27.02 -16.73 -50.97
CA ILE G 189 26.65 -15.33 -51.09
C ILE G 189 27.85 -14.43 -50.86
N ALA G 190 28.13 -13.58 -51.85
CA ALA G 190 29.13 -12.51 -51.73
C ALA G 190 28.37 -11.21 -51.59
N GLY G 191 28.99 -10.23 -50.94
CA GLY G 191 28.36 -8.93 -50.82
C GLY G 191 28.92 -8.09 -49.69
N GLU G 192 28.27 -6.96 -49.45
CA GLU G 192 28.76 -5.96 -48.51
C GLU G 192 27.66 -4.95 -48.24
N SER G 193 27.66 -4.36 -47.04
CA SER G 193 26.73 -3.28 -46.74
C SER G 193 27.20 -2.38 -45.61
N LEU G 194 26.65 -1.17 -45.60
CA LEU G 194 26.93 -0.19 -44.54
C LEU G 194 25.74 -0.09 -43.61
N HIS G 195 26.00 0.35 -42.38
CA HIS G 195 24.97 0.54 -41.36
C HIS G 195 24.42 -0.80 -40.88
N LEU G 196 23.91 -1.60 -41.81
CA LEU G 196 23.58 -2.98 -41.54
C LEU G 196 24.61 -3.85 -42.25
N ASN G 197 24.94 -5.00 -41.69
CA ASN G 197 25.84 -5.92 -42.39
C ASN G 197 25.05 -6.58 -43.51
N LEU G 198 25.68 -7.47 -44.28
CA LEU G 198 25.01 -8.04 -45.43
C LEU G 198 23.80 -8.89 -45.03
N GLN G 199 23.99 -9.73 -44.00
CA GLN G 199 22.92 -10.60 -43.54
C GLN G 199 21.71 -9.77 -43.15
N GLN G 200 21.97 -8.63 -42.53
CA GLN G 200 20.93 -7.77 -41.99
C GLN G 200 20.19 -6.99 -43.07
N ARG G 201 20.90 -6.56 -44.11
CA ARG G 201 20.25 -5.87 -45.24
C ARG G 201 19.30 -6.78 -45.99
N LEU G 202 19.81 -7.95 -46.37
CA LEU G 202 19.02 -8.92 -47.09
C LEU G 202 17.82 -9.33 -46.25
N THR G 203 18.02 -9.38 -44.94
CA THR G 203 16.93 -9.67 -44.01
C THR G 203 15.86 -8.58 -44.13
N ARG G 204 16.29 -7.33 -44.06
CA ARG G 204 15.37 -6.20 -44.16
C ARG G 204 14.74 -6.11 -45.54
N PHE G 205 15.54 -6.28 -46.58
CA PHE G 205 15.07 -6.15 -47.95
C PHE G 205 13.99 -7.19 -48.24
N ALA G 206 14.14 -8.38 -47.65
CA ALA G 206 13.17 -9.46 -47.85
C ALA G 206 11.92 -9.24 -47.00
N ALA G 207 12.10 -8.70 -45.81
CA ALA G 207 11.01 -8.58 -44.85
C ALA G 207 10.01 -7.49 -45.22
N GLU G 208 10.43 -6.54 -46.06
CA GLU G 208 9.56 -5.44 -46.47
C GLU G 208 9.02 -5.62 -47.89
N ASN G 209 9.58 -6.59 -48.63
CA ASN G 209 9.22 -6.80 -50.03
C ASN G 209 8.57 -8.15 -50.31
N ALA G 210 9.02 -9.18 -49.60
CA ALA G 210 8.41 -10.51 -49.70
C ALA G 210 8.35 -11.19 -48.34
N PRO G 211 7.56 -10.62 -47.41
CA PRO G 211 7.41 -11.14 -46.05
C PRO G 211 7.01 -12.62 -45.97
N GLN G 212 6.23 -13.11 -46.93
CA GLN G 212 5.71 -14.46 -46.85
C GLN G 212 6.80 -15.51 -47.11
N LEU G 213 7.94 -15.07 -47.65
CA LEU G 213 9.06 -15.95 -47.90
C LEU G 213 9.97 -16.09 -46.68
N LEU G 214 9.64 -15.40 -45.60
CA LEU G 214 10.48 -15.39 -44.42
C LEU G 214 10.53 -16.74 -43.71
N ASN G 215 9.63 -17.64 -44.10
CA ASN G 215 9.65 -18.98 -43.52
C ASN G 215 10.90 -19.73 -43.95
N GLU G 216 11.51 -19.28 -45.04
CA GLU G 216 12.74 -19.88 -45.58
C GLU G 216 13.99 -19.30 -44.94
N LEU G 217 13.83 -18.20 -44.21
CA LEU G 217 14.97 -17.48 -43.66
C LEU G 217 15.55 -18.18 -42.43
N SER G 218 16.86 -18.35 -42.44
CA SER G 218 17.57 -19.00 -41.34
C SER G 218 19.00 -18.48 -41.27
N ASP G 219 19.73 -18.90 -40.23
CA ASP G 219 21.10 -18.45 -40.02
C ASP G 219 22.00 -18.75 -41.21
N ASN G 220 21.82 -19.92 -41.81
CA ASN G 220 22.66 -20.37 -42.92
C ASN G 220 22.03 -20.13 -44.29
N GLN G 221 20.71 -20.23 -44.37
CA GLN G 221 20.01 -19.98 -45.63
C GLN G 221 19.39 -18.59 -45.64
N TRP G 222 19.86 -17.75 -46.56
CA TRP G 222 19.42 -16.37 -46.66
C TRP G 222 18.58 -16.16 -47.90
N LEU G 223 17.63 -15.23 -47.82
CA LEU G 223 16.82 -14.87 -48.98
C LEU G 223 17.61 -13.94 -49.89
N PHE G 224 17.58 -14.25 -51.18
CA PHE G 224 18.41 -13.58 -52.18
C PHE G 224 17.53 -13.13 -53.35
N PRO G 225 17.44 -11.81 -53.59
CA PRO G 225 16.57 -11.32 -54.67
C PRO G 225 17.20 -11.39 -56.06
N LEU G 226 16.37 -11.66 -57.06
CA LEU G 226 16.82 -11.78 -58.45
C LEU G 226 15.87 -11.04 -59.39
N HIS G 227 16.39 -10.63 -60.55
CA HIS G 227 15.56 -10.12 -61.62
C HIS G 227 14.81 -11.32 -62.23
N PRO G 228 13.49 -11.19 -62.46
CA PRO G 228 12.71 -12.33 -62.99
C PRO G 228 13.27 -12.92 -64.29
N TRP G 229 13.87 -12.07 -65.13
CA TRP G 229 14.48 -12.53 -66.38
C TRP G 229 15.88 -13.09 -66.12
N GLN G 230 16.70 -12.31 -65.42
CA GLN G 230 18.07 -12.70 -65.12
C GLN G 230 18.12 -13.98 -64.30
N GLY G 231 17.21 -14.10 -63.35
CA GLY G 231 17.15 -15.27 -62.50
C GLY G 231 16.91 -16.56 -63.26
N GLU G 232 16.03 -16.51 -64.25
CA GLU G 232 15.77 -17.67 -65.10
C GLU G 232 17.01 -17.95 -65.95
N TYR G 233 17.54 -16.87 -66.55
CA TYR G 233 18.75 -16.94 -67.35
C TYR G 233 19.91 -17.55 -66.55
N LEU G 234 19.95 -17.27 -65.26
CA LEU G 234 21.00 -17.79 -64.38
C LEU G 234 20.79 -19.26 -64.04
N LEU G 235 19.57 -19.59 -63.63
CA LEU G 235 19.22 -20.92 -63.16
C LEU G 235 19.67 -22.01 -64.14
N GLN G 236 19.59 -21.71 -65.43
CA GLN G 236 19.86 -22.67 -66.48
C GLN G 236 21.35 -22.96 -66.68
N GLN G 237 22.21 -22.06 -66.23
CA GLN G 237 23.65 -22.22 -66.38
C GLN G 237 24.17 -23.36 -65.51
N GLU G 238 25.23 -24.02 -65.97
CA GLU G 238 25.74 -25.22 -65.33
C GLU G 238 26.13 -24.98 -63.88
N TRP G 239 26.85 -23.89 -63.63
CA TRP G 239 27.37 -23.62 -62.29
C TRP G 239 26.24 -23.46 -61.28
N CYS G 240 25.13 -22.86 -61.70
CA CYS G 240 24.00 -22.64 -60.79
C CYS G 240 23.26 -23.95 -60.54
N GLN G 241 23.19 -24.82 -61.55
CA GLN G 241 22.57 -26.13 -61.40
C GLN G 241 23.29 -26.94 -60.33
N GLU G 242 24.60 -26.79 -60.27
CA GLU G 242 25.43 -27.51 -59.30
C GLU G 242 25.07 -27.10 -57.87
N LEU G 243 24.75 -25.81 -57.70
CA LEU G 243 24.35 -25.29 -56.39
C LEU G 243 23.00 -25.85 -55.99
N VAL G 244 22.11 -26.00 -56.97
CA VAL G 244 20.78 -26.57 -56.70
C VAL G 244 20.92 -28.05 -56.33
N ALA G 245 21.79 -28.77 -57.04
CA ALA G 245 22.01 -30.19 -56.78
C ALA G 245 22.67 -30.39 -55.42
N LYS G 246 23.56 -29.48 -55.06
CA LYS G 246 24.24 -29.53 -53.77
C LYS G 246 23.33 -29.05 -52.63
N GLY G 247 22.16 -28.53 -52.98
CA GLY G 247 21.21 -28.04 -52.00
C GLY G 247 21.58 -26.66 -51.48
N LEU G 248 22.53 -26.01 -52.14
CA LEU G 248 22.99 -24.69 -51.74
C LEU G 248 22.01 -23.60 -52.17
N ILE G 249 21.17 -23.91 -53.15
CA ILE G 249 20.14 -22.98 -53.61
C ILE G 249 18.79 -23.68 -53.72
N LYS G 250 17.76 -23.01 -53.23
CA LYS G 250 16.38 -23.44 -53.40
C LYS G 250 15.59 -22.31 -54.04
N ASP G 251 14.98 -22.58 -55.18
CA ASP G 251 14.20 -21.58 -55.90
C ASP G 251 12.80 -21.42 -55.33
N LEU G 252 12.50 -20.20 -54.89
CA LEU G 252 11.23 -19.89 -54.25
C LEU G 252 10.23 -19.28 -55.23
N GLY G 253 10.67 -19.07 -56.47
CA GLY G 253 9.81 -18.49 -57.50
C GLY G 253 9.70 -16.98 -57.37
N GLU G 254 8.65 -16.41 -57.95
CA GLU G 254 8.37 -14.98 -57.80
C GLU G 254 7.47 -14.74 -56.59
N ALA G 255 7.68 -13.61 -55.92
CA ALA G 255 6.84 -13.25 -54.78
C ALA G 255 7.07 -11.81 -54.34
N GLY G 256 6.05 -11.24 -53.68
CA GLY G 256 6.23 -9.99 -52.98
C GLY G 256 5.65 -8.76 -53.64
N ALA G 257 6.15 -7.61 -53.21
CA ALA G 257 5.66 -6.31 -53.65
C ALA G 257 5.95 -6.05 -55.12
N PRO G 258 5.18 -5.14 -55.73
CA PRO G 258 5.40 -4.82 -57.14
C PRO G 258 6.64 -3.97 -57.35
N TRP G 259 7.41 -4.31 -58.38
CA TRP G 259 8.55 -3.49 -58.80
C TRP G 259 8.35 -3.02 -60.23
N LEU G 260 8.63 -1.74 -60.49
CA LEU G 260 8.55 -1.22 -61.86
C LEU G 260 9.93 -0.87 -62.42
N PRO G 261 10.25 -1.36 -63.63
CA PRO G 261 11.54 -0.98 -64.21
C PRO G 261 11.59 0.51 -64.51
N THR G 262 12.71 1.14 -64.17
CA THR G 262 12.94 2.55 -64.42
C THR G 262 13.48 2.80 -65.83
N THR G 263 13.86 4.04 -66.12
CA THR G 263 14.34 4.41 -67.45
C THR G 263 15.56 3.59 -67.88
N SER G 264 16.28 3.03 -66.90
CA SER G 264 17.47 2.23 -67.16
C SER G 264 17.16 0.74 -67.21
N SER G 265 15.90 0.39 -66.93
CA SER G 265 15.42 -0.99 -66.98
C SER G 265 16.03 -1.92 -65.92
N ARG G 266 17.36 -1.92 -65.78
CA ARG G 266 17.99 -2.83 -64.81
C ARG G 266 17.84 -2.33 -63.38
N SER G 267 17.54 -1.04 -63.22
CA SER G 267 17.19 -0.48 -61.91
C SER G 267 15.67 -0.51 -61.71
N LEU G 268 15.25 -1.06 -60.57
CA LEU G 268 13.83 -1.27 -60.26
C LEU G 268 13.37 -0.41 -59.10
N TYR G 269 12.10 -0.01 -59.13
CA TYR G 269 11.54 0.87 -58.11
C TYR G 269 10.28 0.29 -57.46
N CYS G 270 10.30 0.22 -56.13
CA CYS G 270 9.13 -0.14 -55.35
C CYS G 270 8.87 0.95 -54.32
N ALA G 271 7.69 1.55 -54.41
CA ALA G 271 7.35 2.73 -53.62
C ALA G 271 7.45 2.49 -52.11
N THR G 272 7.18 1.24 -51.69
CA THR G 272 7.12 0.93 -50.27
C THR G 272 8.47 0.45 -49.70
N SER G 273 9.49 0.36 -50.55
CA SER G 273 10.77 -0.18 -50.12
C SER G 273 11.78 0.93 -49.82
N ARG G 274 12.53 0.74 -48.73
CA ARG G 274 13.57 1.69 -48.36
C ARG G 274 14.72 1.65 -49.34
N ASP G 275 14.78 0.56 -50.12
CA ASP G 275 15.84 0.35 -51.09
C ASP G 275 15.29 0.20 -52.50
N MET G 276 15.99 0.81 -53.45
CA MET G 276 15.86 0.46 -54.85
C MET G 276 16.94 -0.58 -55.15
N ILE G 277 16.75 -1.37 -56.20
CA ILE G 277 17.71 -2.43 -56.53
C ILE G 277 18.14 -2.34 -57.99
N LYS G 278 19.46 -2.38 -58.19
CA LYS G 278 20.06 -2.29 -59.50
C LYS G 278 20.72 -3.62 -59.85
N PHE G 279 20.20 -4.30 -60.87
CA PHE G 279 20.66 -5.63 -61.22
C PHE G 279 21.68 -5.68 -62.35
N SER G 280 22.57 -6.66 -62.27
CA SER G 280 23.36 -7.09 -63.41
C SER G 280 22.37 -7.74 -64.38
N LEU G 281 22.17 -7.12 -65.54
CA LEU G 281 21.18 -7.59 -66.51
C LEU G 281 21.81 -7.77 -67.89
N SER G 282 21.83 -9.02 -68.37
CA SER G 282 22.49 -9.36 -69.62
C SER G 282 21.70 -8.90 -70.83
N VAL G 283 21.59 -7.59 -71.00
CA VAL G 283 20.84 -7.00 -72.12
C VAL G 283 21.57 -5.76 -72.62
N ARG G 284 21.57 -5.58 -73.93
CA ARG G 284 22.24 -4.43 -74.52
C ARG G 284 21.33 -3.22 -74.72
N LEU G 285 21.57 -2.19 -73.91
CA LEU G 285 20.83 -0.94 -74.01
C LEU G 285 21.83 0.16 -74.35
N THR G 286 21.63 0.78 -75.52
CA THR G 286 22.56 1.78 -76.07
C THR G 286 24.03 1.38 -75.86
N ASN G 287 24.56 0.62 -76.82
CA ASN G 287 25.93 0.10 -76.83
C ASN G 287 26.57 -0.14 -75.46
N SER G 288 25.96 -1.02 -74.68
CA SER G 288 26.53 -1.49 -73.43
C SER G 288 25.65 -2.58 -72.82
N VAL G 289 26.18 -3.79 -72.73
CA VAL G 289 25.50 -4.88 -72.03
C VAL G 289 25.48 -4.51 -70.55
N ARG G 290 24.31 -4.66 -69.93
CA ARG G 290 24.04 -4.01 -68.67
C ARG G 290 24.34 -4.88 -67.45
N THR G 291 25.30 -5.78 -67.59
CA THR G 291 25.79 -6.52 -66.45
C THR G 291 26.64 -5.59 -65.58
N LEU G 292 26.64 -5.85 -64.28
CA LEU G 292 27.52 -5.13 -63.36
C LEU G 292 28.83 -5.88 -63.23
N SER G 293 29.85 -5.21 -62.69
CA SER G 293 31.08 -5.89 -62.29
C SER G 293 31.36 -5.58 -60.84
N VAL G 294 32.21 -6.38 -60.21
CA VAL G 294 32.58 -6.14 -58.82
C VAL G 294 33.20 -4.75 -58.69
N LYS G 295 34.07 -4.40 -59.62
CA LYS G 295 34.68 -3.07 -59.65
C LYS G 295 33.62 -1.98 -59.59
N GLU G 296 32.53 -2.16 -60.33
CA GLU G 296 31.52 -1.12 -60.48
C GLU G 296 30.73 -0.89 -59.20
N VAL G 297 30.47 -1.94 -58.44
CA VAL G 297 29.72 -1.80 -57.19
C VAL G 297 30.62 -1.36 -56.03
N LYS G 298 31.93 -1.50 -56.19
CA LYS G 298 32.88 -0.93 -55.23
C LYS G 298 32.75 0.59 -55.25
N ARG G 299 32.49 1.15 -56.43
CA ARG G 299 32.37 2.59 -56.59
C ARG G 299 31.24 3.15 -55.73
N GLY G 300 30.11 2.44 -55.71
CA GLY G 300 28.99 2.84 -54.88
C GLY G 300 29.32 2.75 -53.40
N MET G 301 29.97 1.65 -53.01
CA MET G 301 30.40 1.48 -51.63
C MET G 301 31.41 2.56 -51.23
N ARG G 302 32.31 2.88 -52.15
CA ARG G 302 33.35 3.87 -51.92
C ARG G 302 32.78 5.24 -51.61
N LEU G 303 31.84 5.69 -52.45
CA LEU G 303 31.20 6.97 -52.28
C LEU G 303 30.33 6.99 -51.02
N ALA G 304 29.68 5.87 -50.74
CA ALA G 304 28.84 5.75 -49.56
C ALA G 304 29.67 5.94 -48.28
N ARG G 305 30.84 5.30 -48.23
CA ARG G 305 31.74 5.44 -47.09
C ARG G 305 32.29 6.86 -47.00
N LEU G 306 32.50 7.48 -48.14
CA LEU G 306 32.98 8.85 -48.19
C LEU G 306 31.85 9.80 -47.78
N ALA G 307 30.62 9.35 -47.95
CA ALA G 307 29.47 10.16 -47.58
C ALA G 307 29.28 10.23 -46.07
N GLN G 308 30.07 9.46 -45.33
CA GLN G 308 30.00 9.42 -43.88
C GLN G 308 31.07 10.30 -43.22
N THR G 309 31.87 10.97 -44.03
CA THR G 309 32.96 11.81 -43.52
C THR G 309 32.49 13.22 -43.22
N ASP G 310 33.30 13.97 -42.49
CA ASP G 310 32.92 15.30 -42.03
C ASP G 310 32.85 16.31 -43.17
N ASP G 311 33.69 16.13 -44.20
CA ASP G 311 33.73 17.06 -45.32
C ASP G 311 32.50 16.90 -46.22
N TRP G 312 32.00 15.67 -46.32
CA TRP G 312 30.74 15.42 -47.01
C TRP G 312 29.62 16.13 -46.25
N GLN G 313 29.72 16.08 -44.94
CA GLN G 313 28.82 16.79 -44.05
C GLN G 313 28.83 18.28 -44.37
N THR G 314 30.03 18.83 -44.49
CA THR G 314 30.22 20.25 -44.81
C THR G 314 29.61 20.59 -46.16
N LEU G 315 29.73 19.68 -47.11
CA LEU G 315 29.17 19.87 -48.43
C LEU G 315 27.64 19.84 -48.36
N GLN G 316 27.13 18.83 -47.67
CA GLN G 316 25.68 18.64 -47.57
C GLN G 316 25.00 19.84 -46.92
N ALA G 317 25.63 20.37 -45.88
CA ALA G 317 25.06 21.50 -45.13
C ALA G 317 24.99 22.75 -45.99
N ARG G 318 25.87 22.82 -46.98
CA ARG G 318 25.94 23.97 -47.87
C ARG G 318 24.87 23.88 -48.94
N PHE G 319 24.53 22.64 -49.31
CA PHE G 319 23.50 22.37 -50.30
C PHE G 319 22.49 21.36 -49.76
N PRO G 320 21.63 21.80 -48.83
CA PRO G 320 20.68 20.89 -48.18
C PRO G 320 19.62 20.33 -49.13
N THR G 321 19.41 20.99 -50.26
CA THR G 321 18.44 20.54 -51.25
C THR G 321 19.04 19.51 -52.20
N PHE G 322 20.33 19.26 -52.07
CA PHE G 322 21.05 18.32 -52.91
C PHE G 322 21.35 17.02 -52.16
N ARG G 323 20.83 15.91 -52.67
CA ARG G 323 21.15 14.58 -52.15
C ARG G 323 21.76 13.68 -53.21
N VAL G 324 22.50 12.68 -52.76
CA VAL G 324 22.94 11.58 -53.61
C VAL G 324 22.28 10.31 -53.09
N MET G 325 21.73 9.51 -53.99
CA MET G 325 21.16 8.22 -53.63
C MET G 325 22.30 7.21 -53.48
N GLN G 326 22.75 7.02 -52.25
CA GLN G 326 23.90 6.16 -51.98
C GLN G 326 23.62 4.70 -52.30
N GLU G 327 24.56 4.07 -52.99
CA GLU G 327 24.52 2.62 -53.20
C GLU G 327 25.41 1.96 -52.15
N ASP G 328 24.85 1.80 -50.95
CA ASP G 328 25.62 1.41 -49.78
C ASP G 328 25.62 -0.09 -49.53
N GLY G 329 25.14 -0.86 -50.50
CA GLY G 329 25.16 -2.31 -50.38
C GLY G 329 25.19 -3.00 -51.72
N TRP G 330 25.65 -4.24 -51.72
CA TRP G 330 25.66 -5.07 -52.93
C TRP G 330 25.79 -6.53 -52.54
N ALA G 331 25.29 -7.42 -53.39
CA ALA G 331 25.49 -8.85 -53.19
C ALA G 331 25.59 -9.59 -54.51
N GLY G 332 26.07 -10.82 -54.45
CA GLY G 332 26.19 -11.66 -55.62
C GLY G 332 26.38 -13.11 -55.24
N LEU G 333 26.05 -14.01 -56.17
CA LEU G 333 26.25 -15.43 -55.95
C LEU G 333 27.68 -15.83 -56.28
N ARG G 334 28.16 -16.88 -55.60
CA ARG G 334 29.46 -17.47 -55.88
C ARG G 334 29.24 -18.88 -56.42
N ASP G 335 30.05 -19.31 -57.39
CA ASP G 335 29.97 -20.69 -57.87
C ASP G 335 30.55 -21.61 -56.81
N LEU G 336 30.54 -22.92 -57.07
CA LEU G 336 31.01 -23.89 -56.09
C LEU G 336 32.47 -23.67 -55.69
N HIS G 337 33.22 -22.95 -56.54
CA HIS G 337 34.64 -22.68 -56.30
C HIS G 337 34.88 -21.35 -55.60
N GLY G 338 33.80 -20.67 -55.22
CA GLY G 338 33.91 -19.41 -54.50
C GLY G 338 34.09 -18.22 -55.42
N ASN G 339 33.96 -18.45 -56.72
CA ASN G 339 34.09 -17.37 -57.70
C ASN G 339 32.79 -16.59 -57.86
N ILE G 340 32.85 -15.30 -57.57
CA ILE G 340 31.69 -14.43 -57.69
C ILE G 340 31.24 -14.37 -59.13
N MET G 341 29.97 -14.69 -59.37
CA MET G 341 29.42 -14.73 -60.71
C MET G 341 28.83 -13.38 -61.09
N GLN G 342 29.52 -12.71 -62.00
CA GLN G 342 29.21 -11.35 -62.42
C GLN G 342 27.75 -11.14 -62.82
N GLU G 343 27.11 -12.19 -63.33
CA GLU G 343 25.75 -12.12 -63.86
C GLU G 343 24.67 -12.18 -62.77
N SER G 344 25.10 -12.42 -61.52
CA SER G 344 24.17 -12.53 -60.40
C SER G 344 24.18 -11.29 -59.51
N LEU G 345 25.07 -10.36 -59.82
CA LEU G 345 25.26 -9.19 -58.97
C LEU G 345 24.03 -8.29 -58.95
N PHE G 346 23.89 -7.55 -57.84
CA PHE G 346 22.98 -6.42 -57.79
C PHE G 346 23.49 -5.43 -56.75
N ALA G 347 23.05 -4.18 -56.88
CA ALA G 347 23.39 -3.13 -55.93
C ALA G 347 22.11 -2.56 -55.35
N LEU G 348 22.13 -2.26 -54.05
CA LEU G 348 20.99 -1.65 -53.40
C LEU G 348 21.21 -0.15 -53.30
N ARG G 349 20.15 0.60 -53.56
CA ARG G 349 20.20 2.06 -53.65
C ARG G 349 19.15 2.66 -52.71
N GLU G 350 19.56 3.70 -51.98
CA GLU G 350 18.66 4.42 -51.08
C GLU G 350 17.42 4.93 -51.81
N ASN G 351 16.25 4.55 -51.31
CA ASN G 351 15.01 5.10 -51.82
C ASN G 351 14.63 6.34 -51.01
N LEU G 352 15.23 7.48 -51.37
CA LEU G 352 15.02 8.72 -50.65
C LEU G 352 13.62 9.30 -50.84
N LEU G 353 12.82 8.63 -51.67
CA LEU G 353 11.45 9.04 -51.92
C LEU G 353 10.45 8.15 -51.21
N VAL G 354 10.96 7.28 -50.33
CA VAL G 354 10.11 6.27 -49.70
C VAL G 354 9.06 6.89 -48.79
N ASP G 355 9.36 8.07 -48.27
CA ASP G 355 8.47 8.76 -47.33
C ASP G 355 7.52 9.72 -48.04
N GLN G 356 7.92 10.19 -49.23
CA GLN G 356 7.00 10.94 -50.08
C GLN G 356 7.00 10.35 -51.49
N PRO G 357 6.22 9.28 -51.69
CA PRO G 357 6.13 8.62 -52.99
C PRO G 357 5.44 9.47 -54.07
N GLN G 358 4.67 10.48 -53.66
CA GLN G 358 3.94 11.32 -54.61
C GLN G 358 4.58 12.69 -54.82
N SER G 359 5.83 12.84 -54.39
CA SER G 359 6.57 14.07 -54.64
C SER G 359 6.72 14.31 -56.12
N GLN G 360 6.84 15.57 -56.51
CA GLN G 360 7.11 15.91 -57.90
C GLN G 360 8.61 15.86 -58.14
N THR G 361 9.17 14.67 -57.91
CA THR G 361 10.57 14.41 -58.23
C THR G 361 10.62 13.60 -59.52
N ASN G 362 11.07 14.22 -60.59
CA ASN G 362 11.08 13.60 -61.91
C ASN G 362 12.48 13.53 -62.51
N VAL G 363 12.83 12.39 -63.10
CA VAL G 363 14.08 12.29 -63.85
C VAL G 363 13.98 13.25 -65.03
N LEU G 364 15.06 13.98 -65.28
CA LEU G 364 15.02 15.08 -66.23
C LEU G 364 14.69 14.64 -67.66
N VAL G 365 15.22 13.48 -68.06
CA VAL G 365 15.14 13.03 -69.44
C VAL G 365 13.71 12.82 -69.94
N SER G 366 12.82 12.40 -69.06
CA SER G 366 11.43 12.20 -69.43
C SER G 366 10.69 13.54 -69.58
N LEU G 367 11.20 14.57 -68.92
CA LEU G 367 10.60 15.91 -69.01
C LEU G 367 10.98 16.58 -70.32
N THR G 368 12.25 16.45 -70.69
CA THR G 368 12.79 17.13 -71.86
C THR G 368 12.38 16.46 -73.17
N GLN G 369 12.06 15.17 -73.11
CA GLN G 369 11.77 14.38 -74.31
C GLN G 369 10.69 15.02 -75.17
N ALA G 370 10.92 15.00 -76.48
CA ALA G 370 9.94 15.48 -77.44
C ALA G 370 8.72 14.57 -77.40
N ALA G 371 7.54 15.18 -77.32
CA ALA G 371 6.31 14.43 -77.31
C ALA G 371 6.17 13.64 -78.62
N PRO G 372 5.90 12.33 -78.52
CA PRO G 372 5.62 11.54 -79.73
C PRO G 372 4.51 12.11 -80.60
N ASP G 373 3.46 12.66 -79.99
CA ASP G 373 2.34 13.21 -80.75
C ASP G 373 2.56 14.67 -81.13
N GLY G 374 3.75 15.18 -80.87
CA GLY G 374 4.15 16.51 -81.32
C GLY G 374 3.65 17.65 -80.44
N GLY G 375 2.93 17.31 -79.37
CA GLY G 375 2.40 18.32 -78.47
C GLY G 375 3.44 18.86 -77.49
N ASP G 376 2.96 19.45 -76.39
CA ASP G 376 3.84 19.96 -75.34
C ASP G 376 4.68 18.83 -74.73
N SER G 377 5.93 19.13 -74.43
CA SER G 377 6.77 18.20 -73.69
C SER G 377 6.28 18.21 -72.24
N LEU G 378 6.63 17.18 -71.49
CA LEU G 378 6.22 17.11 -70.08
C LEU G 378 6.87 18.23 -69.27
N LEU G 379 7.99 18.76 -69.77
CA LEU G 379 8.61 19.93 -69.17
C LEU G 379 7.78 21.20 -69.41
N VAL G 380 7.32 21.38 -70.64
CA VAL G 380 6.50 22.54 -70.99
C VAL G 380 5.12 22.45 -70.36
N ALA G 381 4.68 21.23 -70.08
CA ALA G 381 3.41 21.03 -69.39
C ALA G 381 3.52 21.60 -67.98
N ALA G 382 4.68 21.42 -67.37
CA ALA G 382 4.93 21.90 -66.02
C ALA G 382 5.10 23.42 -65.98
N VAL G 383 5.90 23.96 -66.88
CA VAL G 383 6.16 25.40 -66.92
C VAL G 383 4.88 26.18 -67.15
N LYS G 384 3.92 25.57 -67.82
CA LYS G 384 2.66 26.22 -68.07
C LYS G 384 1.77 26.14 -66.84
N ARG G 385 1.88 25.06 -66.08
CA ARG G 385 1.20 24.97 -64.78
C ARG G 385 1.77 26.04 -63.86
N LEU G 386 3.09 26.13 -63.83
CA LEU G 386 3.79 27.12 -63.04
C LEU G 386 3.35 28.54 -63.38
N SER G 387 3.17 28.79 -64.68
CA SER G 387 2.70 30.08 -65.15
C SER G 387 1.29 30.40 -64.68
N ASP G 388 0.40 29.41 -64.79
CA ASP G 388 -1.00 29.59 -64.43
C ASP G 388 -1.18 29.74 -62.92
N ARG G 389 -0.32 29.08 -62.16
CA ARG G 389 -0.38 29.13 -60.70
C ARG G 389 0.07 30.49 -60.15
N LEU G 390 1.14 31.03 -60.72
CA LEU G 390 1.71 32.28 -60.25
C LEU G 390 1.14 33.51 -60.96
N GLY G 391 0.40 33.27 -62.04
CA GLY G 391 -0.20 34.36 -62.79
C GLY G 391 0.83 35.16 -63.54
N ILE G 392 1.94 34.51 -63.91
CA ILE G 392 2.98 35.14 -64.72
C ILE G 392 2.92 34.62 -66.15
N THR G 393 3.69 35.24 -67.04
CA THR G 393 3.74 34.83 -68.43
C THR G 393 4.47 33.51 -68.58
N ALA G 394 4.19 32.80 -69.67
CA ALA G 394 4.82 31.51 -69.92
C ALA G 394 6.32 31.68 -70.06
N GLN G 395 6.73 32.81 -70.64
CA GLN G 395 8.14 33.11 -70.81
C GLN G 395 8.81 33.33 -69.45
N GLN G 396 8.12 34.08 -68.58
CA GLN G 396 8.62 34.35 -67.23
C GLN G 396 8.76 33.06 -66.42
N ALA G 397 7.77 32.19 -66.54
CA ALA G 397 7.81 30.89 -65.88
C ALA G 397 8.97 30.06 -66.43
N ALA G 398 9.19 30.16 -67.74
CA ALA G 398 10.30 29.47 -68.40
C ALA G 398 11.64 29.97 -67.87
N HIS G 399 11.76 31.29 -67.75
CA HIS G 399 12.96 31.88 -67.19
C HIS G 399 13.18 31.43 -65.76
N ALA G 400 12.12 31.50 -64.95
CA ALA G 400 12.20 31.14 -63.54
C ALA G 400 12.62 29.68 -63.38
N TRP G 401 12.01 28.80 -64.17
CA TRP G 401 12.33 27.39 -64.14
C TRP G 401 13.80 27.16 -64.49
N VAL G 402 14.29 27.83 -65.53
CA VAL G 402 15.67 27.66 -65.96
C VAL G 402 16.64 28.18 -64.92
N ASP G 403 16.36 29.36 -64.37
CA ASP G 403 17.20 29.94 -63.32
C ASP G 403 17.20 29.06 -62.07
N ALA G 404 16.05 28.48 -61.75
CA ALA G 404 15.93 27.59 -60.61
C ALA G 404 16.66 26.27 -60.88
N TYR G 405 16.71 25.88 -62.15
CA TYR G 405 17.43 24.68 -62.55
C TYR G 405 18.92 24.87 -62.29
N CYS G 406 19.44 26.03 -62.67
CA CYS G 406 20.86 26.32 -62.53
C CYS G 406 21.30 26.36 -61.07
N HIS G 407 20.44 26.92 -60.21
CA HIS G 407 20.76 27.04 -58.78
C HIS G 407 20.63 25.72 -58.02
N GLN G 408 19.66 24.89 -58.42
CA GLN G 408 19.37 23.66 -57.70
C GLN G 408 20.16 22.47 -58.21
N VAL G 409 20.53 22.49 -59.50
CA VAL G 409 21.20 21.35 -60.12
C VAL G 409 22.66 21.62 -60.43
N LEU G 410 22.94 22.73 -61.12
CA LEU G 410 24.29 23.00 -61.61
C LEU G 410 25.24 23.48 -60.52
N LYS G 411 24.75 24.35 -59.64
CA LYS G 411 25.59 24.90 -58.59
C LYS G 411 26.20 23.81 -57.70
N PRO G 412 25.37 22.93 -57.12
CA PRO G 412 25.98 21.91 -56.25
C PRO G 412 26.92 20.95 -56.98
N LEU G 413 26.72 20.74 -58.27
CA LEU G 413 27.52 19.75 -59.01
C LEU G 413 28.88 20.30 -59.43
N PHE G 414 28.90 21.51 -59.98
CA PHE G 414 30.16 22.17 -60.29
C PHE G 414 30.97 22.39 -59.02
N THR G 415 30.31 23.00 -58.04
CA THR G 415 30.91 23.33 -56.74
C THR G 415 31.48 22.10 -56.05
N ALA G 416 30.85 20.95 -56.24
CA ALA G 416 31.31 19.71 -55.63
C ALA G 416 32.68 19.33 -56.20
N GLU G 417 32.88 19.58 -57.49
CA GLU G 417 34.16 19.30 -58.12
C GLU G 417 35.18 20.36 -57.73
N ALA G 418 34.79 21.63 -57.87
CA ALA G 418 35.71 22.73 -57.68
C ALA G 418 36.24 22.83 -56.23
N ASP G 419 35.35 22.70 -55.26
CA ASP G 419 35.71 22.93 -53.85
C ASP G 419 36.06 21.65 -53.10
N TYR G 420 35.61 20.50 -53.59
CA TYR G 420 35.84 19.24 -52.89
C TYR G 420 36.52 18.18 -53.78
N GLY G 421 36.44 18.35 -55.09
CA GLY G 421 37.03 17.41 -56.01
C GLY G 421 36.16 16.19 -56.26
N LEU G 422 34.87 16.31 -55.97
CA LEU G 422 33.92 15.23 -56.21
C LEU G 422 33.29 15.38 -57.58
N VAL G 423 33.40 14.33 -58.40
CA VAL G 423 32.90 14.34 -59.77
C VAL G 423 31.67 13.46 -59.91
N LEU G 424 30.56 14.06 -60.30
CA LEU G 424 29.34 13.32 -60.58
C LEU G 424 28.92 13.56 -62.02
N LEU G 425 29.02 12.51 -62.82
CA LEU G 425 28.76 12.60 -64.24
C LEU G 425 27.26 12.51 -64.52
N ALA G 426 26.60 13.66 -64.44
CA ALA G 426 25.15 13.72 -64.38
C ALA G 426 24.51 14.09 -65.71
N HIS G 427 24.19 13.07 -66.51
CA HIS G 427 23.35 13.29 -67.68
C HIS G 427 21.89 13.36 -67.22
N GLN G 428 20.97 13.51 -68.16
CA GLN G 428 19.55 13.68 -67.87
C GLN G 428 18.96 12.56 -67.06
N GLN G 429 19.49 11.36 -67.24
CA GLN G 429 18.90 10.17 -66.65
C GLN G 429 19.43 9.94 -65.23
N ASN G 430 20.52 10.62 -64.87
CA ASN G 430 21.02 10.59 -63.50
C ASN G 430 20.45 11.74 -62.67
N ILE G 431 19.95 12.76 -63.35
CA ILE G 431 19.37 13.94 -62.71
C ILE G 431 17.90 13.77 -62.38
N LEU G 432 17.59 13.74 -61.09
CA LEU G 432 16.21 13.80 -60.62
C LEU G 432 15.92 15.21 -60.13
N VAL G 433 15.05 15.91 -60.85
CA VAL G 433 14.70 17.29 -60.49
C VAL G 433 13.59 17.29 -59.45
N GLN G 434 13.91 17.77 -58.25
CA GLN G 434 12.96 17.84 -57.17
C GLN G 434 12.14 19.13 -57.28
N MET G 435 10.85 19.01 -57.58
CA MET G 435 10.02 20.18 -57.80
C MET G 435 8.97 20.37 -56.71
N LEU G 436 8.48 21.59 -56.61
CA LEU G 436 7.37 21.93 -55.74
C LEU G 436 6.49 22.95 -56.46
N GLY G 437 5.35 22.49 -56.97
CA GLY G 437 4.48 23.34 -57.76
C GLY G 437 5.14 23.68 -59.08
N ASP G 438 5.80 22.66 -59.65
CA ASP G 438 6.43 22.73 -60.97
C ASP G 438 7.66 23.64 -61.03
N LEU G 439 8.15 24.07 -59.87
CA LEU G 439 9.42 24.79 -59.79
C LEU G 439 10.48 23.88 -59.14
N PRO G 440 11.68 23.82 -59.73
CA PRO G 440 12.74 23.05 -59.06
C PRO G 440 13.09 23.65 -57.71
N VAL G 441 13.24 22.80 -56.70
CA VAL G 441 13.60 23.23 -55.35
C VAL G 441 14.69 22.35 -54.76
N GLY G 442 15.22 21.43 -55.57
CA GLY G 442 16.29 20.57 -55.13
C GLY G 442 16.87 19.68 -56.22
N LEU G 443 17.82 18.84 -55.84
CA LEU G 443 18.42 17.86 -56.74
C LEU G 443 18.62 16.54 -56.02
N ILE G 444 18.38 15.44 -56.72
CA ILE G 444 18.80 14.13 -56.27
C ILE G 444 19.59 13.48 -57.39
N TYR G 445 20.88 13.20 -57.14
CA TYR G 445 21.70 12.53 -58.12
C TYR G 445 21.57 11.02 -57.94
N ARG G 446 21.67 10.29 -59.06
CA ARG G 446 21.56 8.84 -59.07
C ARG G 446 22.63 8.20 -59.98
N ASP G 447 22.99 6.96 -59.69
CA ASP G 447 23.99 6.18 -60.46
C ASP G 447 25.42 6.55 -60.05
N CYS G 448 25.94 5.83 -59.06
CA CYS G 448 27.25 6.14 -58.51
C CYS G 448 28.38 5.55 -59.34
N GLN G 449 28.01 4.84 -60.41
CA GLN G 449 28.99 4.36 -61.38
C GLN G 449 29.61 5.55 -62.12
N GLY G 450 28.85 6.64 -62.23
CA GLY G 450 29.31 7.85 -62.88
C GLY G 450 29.92 8.83 -61.90
N SER G 451 30.37 8.31 -60.75
CA SER G 451 31.08 9.12 -59.76
C SER G 451 32.58 8.98 -59.95
N ALA G 452 33.29 10.10 -59.83
CA ALA G 452 34.74 10.10 -59.92
C ALA G 452 35.35 11.14 -58.98
N PHE G 453 36.68 11.22 -58.96
CA PHE G 453 37.38 12.12 -58.03
C PHE G 453 38.59 12.79 -58.68
N MET G 454 38.82 14.06 -58.34
CA MET G 454 39.94 14.81 -58.86
C MET G 454 41.16 14.69 -57.93
N PRO G 455 42.35 15.13 -58.40
CA PRO G 455 43.56 15.07 -57.58
C PRO G 455 43.43 15.80 -56.24
N HIS G 456 42.72 16.92 -56.20
CA HIS G 456 42.62 17.71 -54.98
C HIS G 456 41.56 17.16 -54.01
N ALA G 457 41.01 15.98 -54.34
CA ALA G 457 40.14 15.26 -53.42
C ALA G 457 40.91 14.18 -52.67
N ALA G 458 42.19 14.04 -52.99
CA ALA G 458 43.00 12.92 -52.49
C ALA G 458 43.14 12.93 -50.97
N GLY G 459 43.31 14.11 -50.39
CA GLY G 459 43.44 14.21 -48.95
C GLY G 459 42.17 13.80 -48.24
N TRP G 460 41.04 14.16 -48.84
CA TRP G 460 39.74 13.76 -48.32
C TRP G 460 39.54 12.25 -48.47
N LEU G 461 40.09 11.69 -49.54
CA LEU G 461 40.00 10.26 -49.78
C LEU G 461 40.87 9.49 -48.78
N ASP G 462 41.94 10.13 -48.32
CA ASP G 462 42.86 9.51 -47.37
C ASP G 462 42.18 9.24 -46.02
N THR G 463 41.06 9.93 -45.76
CA THR G 463 40.36 9.79 -44.49
C THR G 463 39.61 8.46 -44.44
N ILE G 464 39.43 7.83 -45.61
CA ILE G 464 38.82 6.51 -45.68
C ILE G 464 39.73 5.53 -46.43
N GLY G 465 40.93 5.98 -46.77
CA GLY G 465 41.92 5.12 -47.39
C GLY G 465 41.60 4.76 -48.83
N GLU G 466 40.89 5.65 -49.52
CA GLU G 466 40.47 5.41 -50.90
C GLU G 466 41.11 6.42 -51.87
N ALA G 467 42.26 6.96 -51.50
CA ALA G 467 42.97 7.90 -52.36
C ALA G 467 43.55 7.18 -53.58
N GLN G 468 43.63 5.86 -53.49
CA GLN G 468 44.16 5.04 -54.56
C GLN G 468 43.04 4.53 -55.47
N ALA G 469 41.90 5.21 -55.45
CA ALA G 469 40.71 4.74 -56.16
C ALA G 469 40.91 4.66 -57.66
N GLU G 470 40.37 3.60 -58.24
CA GLU G 470 40.37 3.41 -59.68
C GLU G 470 39.69 4.58 -60.39
N ASN G 471 38.61 5.09 -59.81
CA ASN G 471 37.82 6.13 -60.47
C ASN G 471 38.31 7.53 -60.11
N VAL G 472 39.63 7.73 -60.16
CA VAL G 472 40.22 9.05 -60.04
C VAL G 472 40.46 9.59 -61.44
N PHE G 473 40.11 10.86 -61.64
CA PHE G 473 40.24 11.49 -62.95
C PHE G 473 41.47 12.38 -63.05
N THR G 474 41.94 12.56 -64.27
CA THR G 474 42.91 13.59 -64.60
C THR G 474 42.15 14.85 -64.98
N ARG G 475 42.85 15.98 -65.03
CA ARG G 475 42.23 17.23 -65.47
C ARG G 475 41.62 17.05 -66.85
N GLU G 476 42.32 16.32 -67.71
CA GLU G 476 41.90 16.12 -69.09
C GLU G 476 40.61 15.28 -69.19
N GLN G 477 40.53 14.23 -68.39
CA GLN G 477 39.35 13.38 -68.34
C GLN G 477 38.12 14.16 -67.84
N LEU G 478 38.35 15.05 -66.89
CA LEU G 478 37.26 15.89 -66.37
C LEU G 478 36.73 16.83 -67.44
N LEU G 479 37.63 17.49 -68.15
CA LEU G 479 37.23 18.52 -69.10
C LEU G 479 36.59 17.92 -70.35
N ARG G 480 36.82 16.63 -70.58
CA ARG G 480 36.20 15.96 -71.72
C ARG G 480 34.77 15.52 -71.41
N TYR G 481 34.61 14.84 -70.29
CA TYR G 481 33.33 14.22 -69.94
C TYR G 481 32.33 15.18 -69.30
N PHE G 482 32.80 15.95 -68.33
CA PHE G 482 31.92 16.70 -67.43
C PHE G 482 30.98 17.67 -68.15
N PRO G 483 31.52 18.53 -69.03
CA PRO G 483 30.61 19.46 -69.70
C PRO G 483 29.62 18.78 -70.64
N TYR G 484 29.98 17.64 -71.20
CA TYR G 484 29.05 16.95 -72.10
C TYR G 484 27.82 16.46 -71.34
N TYR G 485 28.07 15.67 -70.30
CA TYR G 485 26.98 15.13 -69.51
C TYR G 485 26.13 16.23 -68.88
N LEU G 486 26.80 17.24 -68.33
CA LEU G 486 26.15 18.19 -67.44
C LEU G 486 25.64 19.45 -68.14
N LEU G 487 26.05 19.67 -69.39
CA LEU G 487 25.51 20.78 -70.18
C LEU G 487 24.89 20.29 -71.49
N VAL G 488 25.71 19.66 -72.33
CA VAL G 488 25.23 19.17 -73.62
C VAL G 488 24.08 18.19 -73.42
N ASN G 489 24.34 17.13 -72.66
CA ASN G 489 23.36 16.09 -72.42
C ASN G 489 22.61 16.29 -71.10
N SER G 490 22.15 17.51 -70.85
CA SER G 490 21.37 17.82 -69.66
C SER G 490 20.72 19.19 -69.77
N THR G 491 21.53 20.22 -69.58
CA THR G 491 21.04 21.60 -69.53
C THR G 491 20.47 22.06 -70.86
N PHE G 492 21.11 21.65 -71.95
CA PHE G 492 20.71 22.13 -73.27
C PHE G 492 19.45 21.45 -73.79
N ALA G 493 19.09 20.33 -73.18
CA ALA G 493 17.82 19.67 -73.53
C ALA G 493 16.67 20.44 -72.92
N VAL G 494 16.94 21.02 -71.75
CA VAL G 494 15.97 21.89 -71.08
C VAL G 494 15.76 23.15 -71.92
N THR G 495 16.85 23.82 -72.27
CA THR G 495 16.76 25.05 -73.05
C THR G 495 16.25 24.81 -74.46
N ALA G 496 16.45 23.61 -74.98
CA ALA G 496 16.00 23.27 -76.32
C ALA G 496 14.52 22.89 -76.34
N ALA G 497 14.04 22.27 -75.26
CA ALA G 497 12.64 21.92 -75.14
C ALA G 497 11.79 23.18 -74.96
N LEU G 498 12.31 24.12 -74.17
CA LEU G 498 11.66 25.41 -73.99
C LEU G 498 11.71 26.22 -75.28
N GLY G 499 12.80 26.07 -76.02
CA GLY G 499 12.96 26.79 -77.28
C GLY G 499 12.06 26.25 -78.37
N ALA G 500 12.01 24.93 -78.49
CA ALA G 500 11.19 24.29 -79.50
C ALA G 500 9.71 24.59 -79.26
N ALA G 501 9.38 24.88 -78.00
CA ALA G 501 8.01 25.19 -77.62
C ALA G 501 7.65 26.66 -77.92
N GLY G 502 8.67 27.48 -78.15
CA GLY G 502 8.45 28.88 -78.51
C GLY G 502 8.28 29.77 -77.29
N LEU G 503 8.76 29.32 -76.14
CA LEU G 503 8.71 30.13 -74.93
C LEU G 503 9.76 31.22 -75.03
N ASP G 504 10.94 30.86 -75.53
CA ASP G 504 12.01 31.82 -75.79
C ASP G 504 13.03 31.13 -76.66
N SER G 505 13.94 31.88 -77.27
CA SER G 505 14.97 31.26 -78.12
C SER G 505 15.97 30.52 -77.24
N GLU G 506 16.58 29.47 -77.79
CA GLU G 506 17.64 28.76 -77.08
C GLU G 506 18.77 29.70 -76.72
N ALA G 507 19.04 30.65 -77.62
CA ALA G 507 20.13 31.60 -77.44
C ALA G 507 19.92 32.43 -76.18
N ASN G 508 18.72 32.98 -76.03
CA ASN G 508 18.40 33.80 -74.87
C ASN G 508 18.43 33.00 -73.57
N LEU G 509 17.97 31.76 -73.65
CA LEU G 509 17.94 30.89 -72.49
C LEU G 509 19.33 30.39 -72.13
N MET G 510 20.18 30.19 -73.14
CA MET G 510 21.57 29.79 -72.91
C MET G 510 22.37 30.94 -72.31
N ALA G 511 21.95 32.17 -72.61
CA ALA G 511 22.58 33.36 -72.03
C ALA G 511 22.34 33.41 -70.53
N ARG G 512 21.13 33.03 -70.12
CA ARG G 512 20.79 32.99 -68.71
C ARG G 512 21.65 31.99 -67.96
N VAL G 513 21.92 30.86 -68.61
CA VAL G 513 22.74 29.81 -68.00
C VAL G 513 24.17 30.30 -67.85
N ARG G 514 24.71 30.95 -68.90
CA ARG G 514 26.08 31.46 -68.86
C ARG G 514 26.26 32.47 -67.74
N THR G 515 25.34 33.42 -67.65
CA THR G 515 25.39 34.47 -66.64
C THR G 515 25.47 33.89 -65.24
N LEU G 516 24.75 32.80 -65.01
CA LEU G 516 24.76 32.15 -63.71
C LEU G 516 26.02 31.31 -63.52
N LEU G 517 26.47 30.65 -64.58
CA LEU G 517 27.73 29.90 -64.51
C LEU G 517 28.90 30.84 -64.22
N ALA G 518 28.80 32.06 -64.74
CA ALA G 518 29.81 33.08 -64.49
C ALA G 518 29.85 33.46 -63.02
N GLU G 519 28.67 33.70 -62.45
CA GLU G 519 28.55 34.05 -61.03
C GLU G 519 29.05 32.91 -60.15
N MET G 520 28.81 31.68 -60.58
CA MET G 520 29.29 30.50 -59.87
C MET G 520 30.81 30.46 -59.81
N ARG G 521 31.44 30.65 -60.97
CA ARG G 521 32.88 30.59 -61.11
C ARG G 521 33.60 31.51 -60.12
N ASP G 522 32.95 32.62 -59.77
CA ASP G 522 33.54 33.60 -58.87
C ASP G 522 33.55 33.13 -57.41
N GLN G 523 32.75 32.10 -57.11
CA GLN G 523 32.59 31.63 -55.74
C GLN G 523 33.42 30.38 -55.44
N VAL G 524 33.89 29.70 -56.48
CA VAL G 524 34.61 28.44 -56.29
C VAL G 524 36.12 28.66 -56.29
N THR G 525 36.85 27.69 -55.72
CA THR G 525 38.30 27.82 -55.58
C THR G 525 39.03 27.33 -56.84
N HIS G 526 38.67 26.15 -57.33
CA HIS G 526 39.24 25.62 -58.57
C HIS G 526 38.37 25.98 -59.77
N LYS G 527 38.78 27.00 -60.51
CA LYS G 527 37.99 27.56 -61.61
C LYS G 527 38.27 26.87 -62.94
N THR G 528 39.13 25.85 -62.92
CA THR G 528 39.55 25.17 -64.14
C THR G 528 38.39 24.74 -65.02
N CYS G 529 37.41 24.06 -64.41
CA CYS G 529 36.32 23.47 -65.17
C CYS G 529 35.39 24.53 -65.77
N LEU G 530 34.97 25.49 -64.97
CA LEU G 530 34.06 26.54 -65.44
C LEU G 530 34.74 27.43 -66.48
N ASN G 531 36.05 27.63 -66.34
CA ASN G 531 36.82 28.37 -67.32
C ASN G 531 36.78 27.71 -68.69
N TYR G 532 36.99 26.40 -68.70
CA TYR G 532 36.89 25.60 -69.92
C TYR G 532 35.50 25.67 -70.54
N VAL G 533 34.47 25.70 -69.69
CA VAL G 533 33.09 25.80 -70.15
C VAL G 533 32.78 27.19 -70.72
N LEU G 534 33.26 28.23 -70.04
CA LEU G 534 32.87 29.59 -70.38
C LEU G 534 33.73 30.24 -71.46
N GLU G 535 34.94 29.74 -71.66
CA GLU G 535 35.94 30.43 -72.48
C GLU G 535 36.53 29.62 -73.64
N ASN G 536 36.75 28.33 -73.45
CA ASN G 536 37.40 27.50 -74.47
C ASN G 536 36.47 27.37 -75.69
N PRO G 537 36.99 27.64 -76.90
CA PRO G 537 36.10 27.71 -78.07
C PRO G 537 35.43 26.40 -78.45
N TYR G 538 36.02 25.27 -78.08
CA TYR G 538 35.48 23.96 -78.47
C TYR G 538 35.39 22.99 -77.29
N TRP G 539 34.38 22.13 -77.30
CA TRP G 539 34.24 21.08 -76.28
C TRP G 539 34.38 19.70 -76.90
N ASN G 540 34.96 18.77 -76.14
CA ASN G 540 34.99 17.38 -76.54
C ASN G 540 33.61 16.76 -76.29
N VAL G 541 33.17 15.90 -77.20
CA VAL G 541 31.79 15.38 -77.19
C VAL G 541 31.70 13.99 -77.83
N LYS G 542 30.83 13.15 -77.27
CA LYS G 542 30.71 11.77 -77.71
C LYS G 542 29.84 11.53 -78.94
N GLY G 543 30.38 10.72 -79.84
CA GLY G 543 29.70 10.35 -81.06
C GLY G 543 29.02 9.02 -80.86
N ASN G 544 27.85 9.06 -80.21
CA ASN G 544 27.09 7.85 -79.95
C ASN G 544 26.67 7.22 -81.26
N PHE G 545 26.75 7.99 -82.34
CA PHE G 545 26.33 7.50 -83.66
C PHE G 545 27.37 6.57 -84.28
N PHE G 546 28.59 7.08 -84.42
CA PHE G 546 29.66 6.29 -85.02
C PHE G 546 30.25 5.32 -84.00
N CYS G 547 30.01 5.60 -82.72
CA CYS G 547 30.33 4.66 -81.66
C CYS G 547 29.46 3.42 -81.76
N TYR G 548 28.17 3.61 -82.04
CA TYR G 548 27.24 2.51 -82.15
C TYR G 548 27.47 1.74 -83.46
N LEU G 549 27.94 2.46 -84.47
CA LEU G 549 28.30 1.86 -85.74
C LEU G 549 29.50 0.93 -85.58
N ASN G 550 30.40 1.30 -84.66
CA ASN G 550 31.59 0.51 -84.33
C ASN G 550 31.52 -0.08 -82.92
N ASP G 551 31.00 -1.29 -82.81
CA ASP G 551 30.82 -1.97 -81.52
C ASP G 551 32.05 -1.87 -80.61
N TYR G 564 36.71 11.96 -79.03
CA TYR G 564 35.68 11.63 -80.00
C TYR G 564 35.54 12.71 -81.07
N PHE G 565 34.86 13.81 -80.75
CA PHE G 565 34.77 14.92 -81.71
C PHE G 565 34.58 16.26 -81.01
N ASP G 566 35.09 17.32 -81.65
CA ASP G 566 35.02 18.67 -81.12
C ASP G 566 33.65 19.28 -81.36
N PHE G 567 33.28 20.21 -80.48
CA PHE G 567 31.96 20.81 -80.51
C PHE G 567 32.10 22.31 -80.23
N ALA G 568 31.57 23.13 -81.12
CA ALA G 568 31.58 24.58 -80.95
C ALA G 568 30.86 25.00 -79.66
N ASN G 569 31.59 25.74 -78.81
CA ASN G 569 31.04 26.24 -77.56
C ASN G 569 30.02 27.35 -77.80
N PRO G 570 28.76 27.15 -77.37
CA PRO G 570 27.78 28.23 -77.48
C PRO G 570 27.81 29.19 -76.29
N LEU G 571 28.50 28.79 -75.22
CA LEU G 571 28.57 29.62 -74.02
C LEU G 571 29.72 30.62 -74.07
N LEU G 572 30.22 30.88 -75.27
CA LEU G 572 31.23 31.92 -75.45
C LEU G 572 30.57 33.29 -75.32
N ALA G 573 31.39 34.30 -75.00
CA ALA G 573 30.90 35.67 -74.90
C ALA G 573 30.86 36.36 -76.26
N GLN G 574 29.66 36.73 -76.69
CA GLN G 574 29.50 37.40 -77.97
C GLN G 574 28.50 38.55 -77.88
N THR H 11 11.94 -4.21 6.72
CA THR H 11 12.56 -2.91 6.64
C THR H 11 13.64 -2.74 7.71
N LEU H 12 13.44 -3.42 8.84
CA LEU H 12 14.39 -3.33 9.95
C LEU H 12 14.99 -4.69 10.27
N ASP H 13 16.30 -4.72 10.45
CA ASP H 13 17.01 -5.93 10.84
C ASP H 13 18.18 -5.57 11.76
N VAL H 14 17.94 -5.69 13.06
CA VAL H 14 18.95 -5.35 14.05
C VAL H 14 20.12 -6.33 13.98
N ALA H 15 19.85 -7.56 13.53
CA ALA H 15 20.88 -8.59 13.45
C ALA H 15 21.85 -8.34 12.30
N ALA H 16 21.37 -7.68 11.25
CA ALA H 16 22.21 -7.30 10.13
C ALA H 16 23.05 -6.09 10.51
N GLN H 17 22.45 -5.18 11.26
CA GLN H 17 23.12 -3.95 11.64
C GLN H 17 24.33 -4.20 12.52
N CYS H 18 24.35 -5.33 13.22
CA CYS H 18 25.51 -5.74 14.00
C CYS H 18 26.68 -6.04 13.07
N PHE H 19 26.41 -6.96 12.15
CA PHE H 19 27.36 -7.36 11.11
C PHE H 19 27.90 -6.16 10.35
N LEU H 20 27.02 -5.24 9.97
CA LEU H 20 27.41 -4.09 9.17
C LEU H 20 28.21 -3.06 9.97
N ASN H 21 27.67 -2.62 11.12
CA ASN H 21 28.37 -1.64 11.95
C ASN H 21 29.70 -2.17 12.46
N SER H 22 29.81 -3.49 12.57
CA SER H 22 31.05 -4.14 12.92
C SER H 22 32.08 -3.98 11.81
N LEU H 23 31.59 -4.04 10.57
CA LEU H 23 32.47 -3.93 9.40
C LEU H 23 32.89 -2.49 9.14
N VAL H 24 31.94 -1.56 9.25
CA VAL H 24 32.21 -0.15 8.98
C VAL H 24 33.20 0.45 9.98
N ARG H 25 33.14 0.00 11.23
CA ARG H 25 34.03 0.52 12.26
C ARG H 25 35.46 0.05 12.04
N GLU H 26 35.64 -1.16 11.51
CA GLU H 26 36.96 -1.75 11.37
C GLU H 26 37.56 -1.56 9.98
N THR H 27 36.94 -0.70 9.18
CA THR H 27 37.37 -0.48 7.81
C THR H 27 37.32 1.00 7.41
N LYS H 28 38.30 1.42 6.63
CA LYS H 28 38.30 2.78 6.08
C LYS H 28 37.80 2.76 4.63
N ASP H 29 37.34 1.59 4.20
CA ASP H 29 36.85 1.40 2.83
C ASP H 29 35.33 1.48 2.73
N TRP H 30 34.82 2.71 2.68
CA TRP H 30 33.39 2.99 2.53
C TRP H 30 33.23 4.49 2.45
N ARG H 31 32.09 4.95 1.90
CA ARG H 31 31.91 6.36 1.61
C ARG H 31 30.50 6.85 1.94
N LEU H 32 30.40 8.13 2.27
CA LEU H 32 29.10 8.74 2.55
C LEU H 32 28.60 9.52 1.33
N THR H 33 27.28 9.64 1.21
CA THR H 33 26.67 10.34 0.10
C THR H 33 26.29 11.76 0.51
N GLU H 34 26.94 12.74 -0.10
CA GLU H 34 26.68 14.14 0.19
C GLU H 34 25.24 14.56 -0.14
N TYR H 35 24.69 13.99 -1.20
CA TYR H 35 23.34 14.35 -1.62
C TYR H 35 22.29 13.55 -0.85
N GLN H 36 21.22 14.23 -0.45
CA GLN H 36 20.15 13.58 0.32
C GLN H 36 19.16 12.89 -0.60
N PRO H 37 18.54 11.79 -0.15
CA PRO H 37 18.75 11.15 1.15
C PRO H 37 20.09 10.44 1.23
N THR H 38 20.81 10.63 2.34
CA THR H 38 22.14 10.07 2.52
C THR H 38 22.12 8.55 2.37
N GLN H 39 23.23 8.00 1.89
CA GLN H 39 23.34 6.57 1.67
C GLN H 39 24.79 6.11 1.79
N LEU H 40 25.07 5.29 2.80
CA LEU H 40 26.41 4.77 3.01
C LEU H 40 26.69 3.66 2.02
N ILE H 41 27.86 3.74 1.38
CA ILE H 41 28.25 2.79 0.37
C ILE H 41 29.48 2.00 0.81
N ILE H 42 29.51 0.73 0.44
CA ILE H 42 30.65 -0.14 0.71
C ILE H 42 31.10 -0.77 -0.62
N PRO H 43 32.12 -0.17 -1.27
CA PRO H 43 32.51 -0.64 -2.61
C PRO H 43 32.89 -2.12 -2.65
N LEU H 44 32.48 -2.80 -3.71
CA LEU H 44 32.74 -4.23 -3.88
C LEU H 44 33.76 -4.49 -5.00
N GLY H 45 34.15 -3.44 -5.71
CA GLY H 45 35.09 -3.55 -6.82
C GLY H 45 34.38 -3.98 -8.09
N GLU H 46 35.12 -4.01 -9.19
CA GLU H 46 34.58 -4.39 -10.50
C GLU H 46 33.34 -3.55 -10.83
N GLN H 47 33.41 -2.27 -10.53
CA GLN H 47 32.29 -1.35 -10.79
C GLN H 47 31.01 -1.81 -10.10
N GLN H 48 31.15 -2.28 -8.86
CA GLN H 48 30.02 -2.79 -8.09
C GLN H 48 30.13 -2.39 -6.63
N ALA H 49 29.00 -2.02 -6.03
CA ALA H 49 28.99 -1.55 -4.64
C ALA H 49 27.59 -1.67 -4.04
N LEU H 50 27.53 -1.72 -2.70
CA LEU H 50 26.26 -1.80 -1.99
C LEU H 50 25.85 -0.45 -1.42
N HIS H 51 24.64 -0.01 -1.73
CA HIS H 51 24.13 1.27 -1.25
C HIS H 51 23.19 1.09 -0.05
N PHE H 52 23.59 1.64 1.09
CA PHE H 52 22.78 1.59 2.31
C PHE H 52 22.15 2.94 2.62
N ARG H 53 20.83 2.98 2.65
CA ARG H 53 20.13 4.17 3.10
C ARG H 53 20.30 4.30 4.61
N VAL H 54 20.71 5.49 5.05
CA VAL H 54 20.99 5.71 6.47
C VAL H 54 19.86 6.51 7.13
N ALA H 55 19.33 5.95 8.21
CA ALA H 55 18.27 6.61 8.97
C ALA H 55 18.89 7.38 10.13
N TYR H 56 20.02 6.88 10.61
CA TYR H 56 20.79 7.58 11.63
C TYR H 56 22.28 7.30 11.48
N PHE H 57 23.05 8.38 11.30
CA PHE H 57 24.50 8.29 11.19
C PHE H 57 25.15 8.62 12.53
N SER H 58 25.96 7.68 13.03
CA SER H 58 26.57 7.80 14.34
C SER H 58 28.08 8.01 14.26
N PRO H 59 28.59 9.06 14.93
CA PRO H 59 30.04 9.21 14.97
C PRO H 59 30.72 8.10 15.77
N THR H 60 29.94 7.34 16.52
CA THR H 60 30.44 6.16 17.22
C THR H 60 29.99 4.90 16.48
N GLN H 61 29.65 5.07 15.21
CA GLN H 61 29.27 3.97 14.31
C GLN H 61 28.11 3.12 14.81
N HIS H 62 27.30 3.68 15.70
CA HIS H 62 26.03 3.05 16.07
C HIS H 62 24.97 3.43 15.03
N HIS H 63 25.19 3.02 13.78
CA HIS H 63 24.27 3.35 12.69
C HIS H 63 23.02 2.48 12.72
N ARG H 64 21.96 2.97 12.08
CA ARG H 64 20.84 2.11 11.69
C ARG H 64 20.47 2.41 10.25
N PHE H 65 20.57 1.38 9.41
CA PHE H 65 20.26 1.52 7.99
C PHE H 65 18.81 1.13 7.72
N GLU H 66 18.22 1.74 6.69
CA GLU H 66 16.93 1.31 6.18
C GLU H 66 17.17 0.20 5.16
N PHE H 67 16.33 -0.83 5.22
CA PHE H 67 16.49 -2.00 4.35
C PHE H 67 15.27 -2.13 3.43
N PRO H 68 15.42 -2.88 2.32
CA PRO H 68 16.60 -3.66 1.89
C PRO H 68 17.74 -2.80 1.35
N ALA H 69 18.93 -3.38 1.30
CA ALA H 69 20.08 -2.74 0.67
C ALA H 69 19.95 -2.87 -0.84
N ARG H 70 20.64 -2.00 -1.56
CA ARG H 70 20.69 -2.04 -3.03
C ARG H 70 22.09 -2.39 -3.51
N LEU H 71 22.17 -3.11 -4.63
CA LEU H 71 23.46 -3.35 -5.28
C LEU H 71 23.71 -2.29 -6.35
N VAL H 72 24.98 -1.98 -6.59
CA VAL H 72 25.35 -0.99 -7.59
C VAL H 72 26.35 -1.56 -8.58
N THR H 73 25.88 -2.44 -9.46
CA THR H 73 26.73 -3.04 -10.47
C THR H 73 26.60 -2.25 -11.77
N ALA H 74 27.54 -2.47 -12.69
CA ALA H 74 27.52 -1.78 -13.97
C ALA H 74 26.43 -2.33 -14.88
N SER H 75 25.22 -2.44 -14.33
CA SER H 75 24.09 -2.95 -15.09
C SER H 75 22.78 -2.43 -14.51
N GLY H 76 22.85 -1.92 -13.29
CA GLY H 76 21.68 -1.40 -12.62
C GLY H 76 21.70 -1.67 -11.13
N SER H 77 20.73 -1.08 -10.41
CA SER H 77 20.64 -1.27 -8.97
C SER H 77 19.43 -2.12 -8.62
N HIS H 78 19.67 -3.21 -7.88
CA HIS H 78 18.60 -4.11 -7.49
C HIS H 78 18.74 -4.54 -6.03
N PRO H 79 17.61 -4.64 -5.31
CA PRO H 79 17.68 -5.00 -3.89
C PRO H 79 18.32 -6.38 -3.65
N VAL H 80 19.01 -6.50 -2.53
CA VAL H 80 19.65 -7.76 -2.13
C VAL H 80 19.33 -8.06 -0.67
N ASP H 81 19.01 -9.32 -0.37
CA ASP H 81 18.72 -9.72 0.99
C ASP H 81 20.03 -9.83 1.76
N PHE H 82 19.93 -10.00 3.07
CA PHE H 82 21.12 -10.02 3.93
C PHE H 82 22.06 -11.19 3.62
N ALA H 83 21.49 -12.33 3.22
CA ALA H 83 22.28 -13.52 2.96
C ALA H 83 23.14 -13.36 1.72
N THR H 84 22.61 -12.64 0.72
CA THR H 84 23.37 -12.28 -0.46
C THR H 84 24.39 -11.21 -0.09
N LEU H 85 23.87 -10.17 0.52
CA LEU H 85 24.65 -9.02 0.99
C LEU H 85 25.92 -9.44 1.73
N SER H 86 25.76 -10.33 2.70
CA SER H 86 26.91 -10.84 3.45
C SER H 86 27.87 -11.60 2.54
N ARG H 87 27.35 -12.65 1.89
CA ARG H 87 28.14 -13.52 1.03
C ARG H 87 29.02 -12.75 0.04
N LEU H 88 28.51 -11.63 -0.46
CA LEU H 88 29.28 -10.77 -1.36
C LEU H 88 30.46 -10.15 -0.61
N ILE H 89 30.15 -9.59 0.56
CA ILE H 89 31.16 -8.96 1.41
C ILE H 89 32.11 -10.01 1.97
N VAL H 90 31.58 -11.18 2.32
CA VAL H 90 32.39 -12.26 2.89
C VAL H 90 33.39 -12.81 1.89
N ASP H 91 32.96 -12.94 0.63
CA ASP H 91 33.79 -13.48 -0.42
C ASP H 91 35.11 -12.73 -0.60
N LYS H 92 35.19 -11.52 -0.05
CA LYS H 92 36.41 -10.73 -0.13
C LYS H 92 37.38 -11.22 0.94
N LEU H 93 36.97 -12.25 1.68
CA LEU H 93 37.78 -12.82 2.75
C LEU H 93 38.96 -13.65 2.24
N GLN H 94 38.72 -14.92 1.96
CA GLN H 94 39.78 -15.81 1.48
C GLN H 94 40.59 -15.12 0.39
N HIS H 95 39.90 -14.57 -0.61
CA HIS H 95 40.58 -13.90 -1.71
C HIS H 95 41.50 -12.79 -1.19
N GLN H 96 40.98 -11.56 -1.29
CA GLN H 96 41.67 -10.34 -0.87
C GLN H 96 41.85 -10.33 0.63
N LEU H 97 43.01 -10.82 1.05
CA LEU H 97 43.42 -10.97 2.44
C LEU H 97 44.33 -12.18 2.47
N LEU H 98 44.03 -13.14 1.58
CA LEU H 98 44.78 -14.36 1.44
C LEU H 98 44.35 -15.41 2.46
N LEU H 99 43.06 -15.46 2.79
CA LEU H 99 42.68 -16.48 3.75
C LEU H 99 42.71 -17.85 3.09
N PRO H 100 42.27 -18.91 3.87
CA PRO H 100 42.31 -20.21 3.19
C PRO H 100 40.95 -20.61 2.61
N ALA H 101 40.00 -19.68 2.64
CA ALA H 101 38.66 -19.94 2.12
C ALA H 101 37.83 -20.73 3.12
N THR H 102 38.18 -22.00 3.32
CA THR H 102 37.46 -22.85 4.25
C THR H 102 37.18 -22.15 5.57
N SER H 103 38.02 -21.18 5.91
CA SER H 103 37.84 -20.38 7.12
C SER H 103 36.90 -19.20 6.86
N CYS H 104 36.67 -18.91 5.59
CA CYS H 104 35.81 -17.81 5.20
C CYS H 104 34.37 -18.25 4.98
N GLU H 105 34.18 -19.48 4.53
CA GLU H 105 32.85 -20.03 4.31
C GLU H 105 32.19 -20.35 5.65
N THR H 106 32.98 -20.82 6.60
CA THR H 106 32.49 -21.14 7.93
C THR H 106 32.14 -19.86 8.71
N PHE H 107 32.72 -18.74 8.27
CA PHE H 107 32.41 -17.44 8.84
C PHE H 107 31.02 -16.99 8.41
N HIS H 108 30.75 -17.05 7.12
CA HIS H 108 29.44 -16.69 6.59
C HIS H 108 28.35 -17.59 7.18
N GLN H 109 28.68 -18.86 7.39
CA GLN H 109 27.73 -19.83 7.95
C GLN H 109 27.35 -19.45 9.38
N ARG H 110 28.36 -19.08 10.17
CA ARG H 110 28.14 -18.68 11.55
C ARG H 110 27.31 -17.39 11.61
N VAL H 111 27.65 -16.44 10.75
CA VAL H 111 26.93 -15.17 10.65
C VAL H 111 25.48 -15.41 10.24
N MET H 112 25.24 -16.48 9.50
CA MET H 112 23.90 -16.77 9.00
C MET H 112 23.04 -17.41 10.09
N GLU H 113 23.65 -18.26 10.91
CA GLU H 113 22.95 -18.85 12.04
C GLU H 113 22.59 -17.77 13.07
N SER H 114 23.53 -16.86 13.32
CA SER H 114 23.30 -15.76 14.24
C SER H 114 22.11 -14.91 13.82
N HIS H 115 22.11 -14.49 12.55
CA HIS H 115 21.05 -13.66 12.01
C HIS H 115 19.69 -14.36 12.08
N ALA H 116 19.70 -15.67 11.87
CA ALA H 116 18.47 -16.46 11.88
C ALA H 116 17.96 -16.65 13.30
N HIS H 117 18.86 -16.98 14.21
CA HIS H 117 18.50 -17.23 15.60
C HIS H 117 17.94 -15.99 16.28
N THR H 118 18.45 -14.82 15.88
CA THR H 118 17.99 -13.56 16.44
C THR H 118 16.52 -13.31 16.12
N GLN H 119 16.18 -13.33 14.83
CA GLN H 119 14.80 -13.12 14.39
C GLN H 119 13.88 -14.18 14.97
N GLN H 120 14.43 -15.38 15.18
CA GLN H 120 13.71 -16.46 15.83
C GLN H 120 13.29 -16.07 17.24
N ALA H 121 14.15 -15.31 17.91
CA ALA H 121 13.89 -14.90 19.28
C ALA H 121 12.98 -13.68 19.31
N ILE H 122 13.13 -12.80 18.34
CA ILE H 122 12.26 -11.64 18.22
C ILE H 122 10.83 -12.11 18.00
N ASP H 123 10.67 -13.21 17.27
CA ASP H 123 9.37 -13.79 17.02
C ASP H 123 8.81 -14.50 18.26
N ALA H 124 9.69 -15.02 19.09
CA ALA H 124 9.27 -15.79 20.27
C ALA H 124 8.99 -14.88 21.47
N ARG H 125 9.56 -13.68 21.46
CA ARG H 125 9.43 -12.76 22.58
C ARG H 125 8.40 -11.67 22.32
N HIS H 126 7.13 -12.02 22.45
CA HIS H 126 6.04 -11.07 22.27
C HIS H 126 5.97 -10.08 23.43
N ASP H 127 6.62 -10.43 24.54
CA ASP H 127 6.57 -9.63 25.75
C ASP H 127 7.60 -8.49 25.78
N TRP H 128 8.44 -8.40 24.74
CA TRP H 128 9.56 -7.47 24.78
C TRP H 128 9.11 -6.01 24.81
N ALA H 129 8.15 -5.67 23.97
CA ALA H 129 7.67 -4.28 23.88
C ALA H 129 7.13 -3.80 25.22
N ALA H 130 6.49 -4.70 25.97
CA ALA H 130 5.90 -4.36 27.25
C ALA H 130 6.94 -4.04 28.32
N LEU H 131 8.20 -4.37 28.05
CA LEU H 131 9.29 -4.08 28.98
C LEU H 131 9.51 -2.57 29.12
N ARG H 132 9.03 -1.80 28.14
CA ARG H 132 9.15 -0.35 28.18
C ARG H 132 8.27 0.27 29.27
N GLU H 133 7.19 -0.43 29.62
CA GLU H 133 6.12 0.14 30.42
C GLU H 133 6.55 0.51 31.85
N LYS H 134 7.44 -0.27 32.43
CA LYS H 134 7.85 -0.06 33.81
C LYS H 134 9.30 -0.43 34.04
N ALA H 135 9.84 0.04 35.17
CA ALA H 135 11.21 -0.26 35.55
C ALA H 135 11.41 -1.77 35.62
N LEU H 136 12.50 -2.23 35.04
CA LEU H 136 12.85 -3.64 35.05
C LEU H 136 13.56 -4.02 36.34
N ASN H 137 13.54 -5.31 36.68
CA ASN H 137 14.40 -5.82 37.74
C ASN H 137 15.62 -6.48 37.13
N PHE H 138 16.50 -7.03 37.96
CA PHE H 138 17.74 -7.63 37.47
C PHE H 138 17.47 -8.77 36.50
N GLY H 139 16.68 -9.75 36.93
CA GLY H 139 16.41 -10.93 36.13
C GLY H 139 15.84 -10.59 34.76
N GLU H 140 14.93 -9.62 34.72
CA GLU H 140 14.30 -9.20 33.49
C GLU H 140 15.30 -8.66 32.50
N ALA H 141 16.14 -7.74 32.96
CA ALA H 141 17.12 -7.09 32.10
C ALA H 141 18.16 -8.09 31.60
N GLU H 142 18.37 -9.17 32.33
CA GLU H 142 19.40 -10.14 31.99
C GLU H 142 19.01 -11.01 30.79
N GLN H 143 17.72 -11.06 30.49
CA GLN H 143 17.24 -11.86 29.35
C GLN H 143 16.49 -10.98 28.35
N ALA H 144 16.73 -9.67 28.42
CA ALA H 144 16.10 -8.73 27.50
C ALA H 144 16.96 -8.53 26.24
N LEU H 145 18.21 -8.95 26.32
CA LEU H 145 19.16 -8.74 25.24
C LEU H 145 18.98 -9.76 24.13
N LEU H 146 18.34 -9.33 23.04
CA LEU H 146 18.03 -10.22 21.93
C LEU H 146 18.99 -9.98 20.77
N VAL H 147 19.58 -8.79 20.73
CA VAL H 147 20.52 -8.44 19.66
C VAL H 147 21.90 -9.02 19.93
N GLY H 148 22.40 -8.82 21.15
CA GLY H 148 23.71 -9.30 21.53
C GLY H 148 24.75 -8.21 21.41
N HIS H 149 26.01 -8.59 21.24
CA HIS H 149 27.10 -7.63 21.08
C HIS H 149 26.92 -6.84 19.79
N ALA H 150 26.74 -5.53 19.92
CA ALA H 150 26.34 -4.67 18.81
C ALA H 150 27.40 -4.57 17.72
N PHE H 151 28.67 -4.77 18.08
CA PHE H 151 29.76 -4.73 17.12
C PHE H 151 30.48 -6.08 17.05
N HIS H 152 29.68 -7.13 16.86
CA HIS H 152 30.18 -8.46 16.54
C HIS H 152 29.40 -8.92 15.32
N PRO H 153 30.07 -9.64 14.39
CA PRO H 153 29.33 -10.08 13.19
C PRO H 153 28.31 -11.19 13.44
N ALA H 154 28.61 -12.09 14.39
CA ALA H 154 27.72 -13.18 14.74
C ALA H 154 27.54 -13.29 16.25
N PRO H 155 26.89 -12.30 16.86
CA PRO H 155 26.72 -12.25 18.31
C PRO H 155 25.86 -13.38 18.90
N LYS H 156 25.06 -14.04 18.07
CA LYS H 156 24.14 -15.07 18.54
C LYS H 156 24.47 -16.46 17.99
N SER H 157 25.75 -16.70 17.72
CA SER H 157 26.20 -18.04 17.39
C SER H 157 26.34 -18.84 18.67
N HIS H 158 25.64 -19.96 18.77
CA HIS H 158 25.66 -20.79 19.98
C HIS H 158 25.91 -22.25 19.64
N GLU H 159 26.94 -22.52 18.84
CA GLU H 159 27.34 -23.89 18.59
C GLU H 159 27.87 -24.48 19.89
N PRO H 160 27.57 -25.76 20.16
CA PRO H 160 26.84 -26.75 19.37
C PRO H 160 25.36 -26.93 19.75
N PHE H 161 24.76 -25.96 20.43
CA PHE H 161 23.35 -26.07 20.83
C PHE H 161 22.42 -26.26 19.63
N ASN H 162 21.50 -27.20 19.74
CA ASN H 162 20.43 -27.32 18.77
C ASN H 162 19.35 -26.30 19.12
N GLN H 163 18.19 -26.39 18.49
CA GLN H 163 17.13 -25.41 18.73
C GLN H 163 16.52 -25.60 20.10
N GLN H 164 16.02 -26.80 20.38
CA GLN H 164 15.39 -27.08 21.67
C GLN H 164 16.29 -26.69 22.83
N GLU H 165 17.59 -26.94 22.70
CA GLU H 165 18.55 -26.62 23.75
C GLU H 165 18.73 -25.12 23.92
N ALA H 166 18.70 -24.38 22.81
CA ALA H 166 18.82 -22.93 22.84
C ALA H 166 17.58 -22.30 23.48
N GLU H 167 16.47 -23.02 23.44
CA GLU H 167 15.21 -22.52 24.01
C GLU H 167 15.25 -22.49 25.53
N ARG H 168 16.07 -23.35 26.12
CA ARG H 168 16.05 -23.55 27.57
C ARG H 168 17.29 -22.99 28.26
N TYR H 169 18.41 -22.92 27.55
CA TYR H 169 19.70 -22.66 28.19
C TYR H 169 20.30 -21.30 27.81
N LEU H 170 19.67 -20.61 26.88
CA LEU H 170 20.03 -19.23 26.57
C LEU H 170 18.97 -18.30 27.15
N PRO H 171 19.35 -17.04 27.43
CA PRO H 171 18.38 -16.08 27.97
C PRO H 171 17.31 -15.67 26.95
N ASP H 172 17.61 -15.89 25.68
CA ASP H 172 16.89 -15.24 24.59
C ASP H 172 15.38 -15.53 24.56
N PHE H 173 14.96 -16.70 25.03
CA PHE H 173 13.54 -17.03 25.12
C PHE H 173 13.05 -16.93 26.57
N ALA H 174 13.86 -16.28 27.42
CA ALA H 174 13.55 -16.06 28.82
C ALA H 174 13.12 -17.33 29.56
N PRO H 175 13.94 -18.40 29.49
CA PRO H 175 13.60 -19.64 30.19
C PRO H 175 14.10 -19.67 31.62
N HIS H 176 13.61 -20.63 32.39
CA HIS H 176 14.21 -20.93 33.68
C HIS H 176 14.09 -22.43 33.93
N PHE H 177 14.95 -22.94 34.80
CA PHE H 177 15.06 -24.39 35.01
C PHE H 177 15.76 -24.66 36.33
N PRO H 178 15.58 -25.88 36.87
CA PRO H 178 16.34 -26.30 38.05
C PRO H 178 17.70 -26.87 37.68
N LEU H 179 18.63 -26.88 38.63
CA LEU H 179 19.98 -27.40 38.39
C LEU H 179 20.00 -28.94 38.39
N ARG H 180 21.02 -29.50 37.78
CA ARG H 180 21.29 -30.94 37.85
C ARG H 180 22.22 -31.20 39.05
N TRP H 181 21.96 -32.27 39.79
CA TRP H 181 22.65 -32.50 41.07
C TRP H 181 23.30 -33.88 41.18
N PHE H 182 24.56 -33.90 41.60
CA PHE H 182 25.27 -35.13 41.92
C PHE H 182 25.55 -35.24 43.42
N ALA H 183 25.45 -36.45 43.96
CA ALA H 183 25.98 -36.74 45.28
C ALA H 183 27.38 -37.32 45.07
N VAL H 184 28.38 -36.54 45.47
CA VAL H 184 29.77 -36.85 45.17
C VAL H 184 30.59 -37.06 46.44
N ASN H 185 31.52 -38.01 46.39
CA ASN H 185 32.44 -38.21 47.51
C ASN H 185 33.42 -37.04 47.56
N LYS H 186 33.68 -36.53 48.76
CA LYS H 186 34.54 -35.37 48.94
C LYS H 186 35.92 -35.56 48.32
N THR H 187 36.35 -36.82 48.21
CA THR H 187 37.63 -37.14 47.59
C THR H 187 37.67 -36.69 46.13
N GLN H 188 36.49 -36.59 45.51
CA GLN H 188 36.41 -36.20 44.11
C GLN H 188 35.88 -34.78 43.92
N ILE H 189 35.98 -33.96 44.97
CA ILE H 189 35.57 -32.56 44.89
C ILE H 189 36.74 -31.63 45.18
N ALA H 190 37.23 -30.98 44.13
CA ALA H 190 38.17 -29.89 44.27
C ALA H 190 37.38 -28.61 44.45
N GLY H 191 37.91 -27.67 45.19
CA GLY H 191 37.25 -26.39 45.34
C GLY H 191 37.87 -25.52 46.40
N GLU H 192 37.24 -24.38 46.63
CA GLU H 192 37.75 -23.38 47.54
C GLU H 192 36.61 -22.43 47.91
N SER H 193 36.70 -21.80 49.08
CA SER H 193 35.69 -20.83 49.49
C SER H 193 36.15 -19.97 50.65
N LEU H 194 35.70 -18.72 50.66
CA LEU H 194 35.99 -17.79 51.74
C LEU H 194 34.81 -17.69 52.70
N HIS H 195 35.10 -17.30 53.94
CA HIS H 195 34.11 -17.19 55.02
C HIS H 195 33.63 -18.55 55.48
N LEU H 196 33.08 -19.33 54.54
CA LEU H 196 32.77 -20.73 54.79
C LEU H 196 33.79 -21.57 54.05
N ASN H 197 34.14 -22.74 54.57
CA ASN H 197 34.99 -23.66 53.84
C ASN H 197 34.15 -24.27 52.71
N LEU H 198 34.77 -25.11 51.89
CA LEU H 198 34.09 -25.64 50.71
C LEU H 198 32.92 -26.55 51.08
N GLN H 199 33.12 -27.40 52.08
CA GLN H 199 32.06 -28.28 52.54
C GLN H 199 30.84 -27.48 52.96
N GLN H 200 31.10 -26.32 53.56
CA GLN H 200 30.06 -25.48 54.12
C GLN H 200 29.30 -24.69 53.08
N ARG H 201 29.96 -24.26 52.01
CA ARG H 201 29.25 -23.59 50.91
C ARG H 201 28.22 -24.54 50.32
N LEU H 202 28.72 -25.64 49.79
CA LEU H 202 27.89 -26.61 49.08
C LEU H 202 26.78 -27.14 49.98
N THR H 203 26.98 -27.02 51.29
CA THR H 203 25.92 -27.33 52.24
C THR H 203 24.87 -26.23 52.23
N ARG H 204 25.31 -24.97 52.24
CA ARG H 204 24.40 -23.84 52.18
C ARG H 204 23.76 -23.71 50.81
N PHE H 205 24.57 -23.81 49.77
CA PHE H 205 24.10 -23.67 48.39
C PHE H 205 23.03 -24.71 48.08
N ALA H 206 23.18 -25.90 48.66
CA ALA H 206 22.22 -26.98 48.44
C ALA H 206 20.99 -26.80 49.31
N ALA H 207 21.20 -26.29 50.52
CA ALA H 207 20.11 -26.14 51.49
C ALA H 207 19.09 -25.10 51.04
N GLU H 208 19.54 -24.04 50.39
CA GLU H 208 18.65 -22.95 50.02
C GLU H 208 18.07 -23.11 48.61
N ASN H 209 18.67 -23.99 47.81
CA ASN H 209 18.23 -24.17 46.42
C ASN H 209 17.62 -25.54 46.11
N ALA H 210 18.05 -26.58 46.83
CA ALA H 210 17.46 -27.91 46.65
C ALA H 210 17.40 -28.66 47.98
N PRO H 211 16.56 -28.18 48.91
CA PRO H 211 16.45 -28.77 50.25
C PRO H 211 16.05 -30.25 50.25
N GLN H 212 15.27 -30.66 49.26
CA GLN H 212 14.74 -32.01 49.22
C GLN H 212 15.86 -33.05 49.03
N LEU H 213 16.99 -32.63 48.49
CA LEU H 213 18.10 -33.52 48.22
C LEU H 213 19.01 -33.70 49.43
N LEU H 214 18.65 -33.10 50.56
CA LEU H 214 19.50 -33.11 51.74
C LEU H 214 19.58 -34.50 52.36
N ASN H 215 18.69 -35.40 51.95
CA ASN H 215 18.75 -36.77 52.43
C ASN H 215 19.98 -37.50 51.90
N GLU H 216 20.64 -36.90 50.91
CA GLU H 216 21.85 -37.45 50.31
C GLU H 216 23.12 -36.83 50.89
N LEU H 217 22.95 -35.83 51.76
CA LEU H 217 24.10 -35.11 52.32
C LEU H 217 24.70 -35.85 53.52
N SER H 218 26.01 -36.00 53.51
CA SER H 218 26.72 -36.66 54.60
C SER H 218 28.13 -36.10 54.74
N ASP H 219 28.87 -36.61 55.71
CA ASP H 219 30.26 -36.18 55.93
C ASP H 219 31.10 -36.44 54.70
N ASN H 220 30.88 -37.59 54.07
CA ASN H 220 31.70 -38.03 52.95
C ASN H 220 31.08 -37.74 51.58
N GLN H 221 29.75 -37.76 51.51
CA GLN H 221 29.05 -37.50 50.26
C GLN H 221 28.43 -36.11 50.28
N TRP H 222 28.89 -35.26 49.36
CA TRP H 222 28.45 -33.87 49.29
C TRP H 222 27.59 -33.61 48.06
N LEU H 223 26.69 -32.63 48.17
CA LEU H 223 25.82 -32.26 47.06
C LEU H 223 26.52 -31.28 46.12
N PHE H 224 26.66 -31.70 44.86
CA PHE H 224 27.42 -30.96 43.85
C PHE H 224 26.48 -30.51 42.73
N PRO H 225 26.39 -29.19 42.48
CA PRO H 225 25.47 -28.69 41.44
C PRO H 225 26.04 -28.75 40.03
N LEU H 226 25.16 -28.91 39.04
CA LEU H 226 25.57 -28.99 37.64
C LEU H 226 24.60 -28.28 36.71
N HIS H 227 25.14 -27.62 35.68
CA HIS H 227 24.34 -27.07 34.59
C HIS H 227 23.66 -28.24 33.86
N PRO H 228 22.32 -28.18 33.70
CA PRO H 228 21.60 -29.35 33.17
C PRO H 228 22.11 -29.86 31.82
N TRP H 229 22.75 -29.00 31.04
CA TRP H 229 23.34 -29.43 29.77
C TRP H 229 24.69 -30.08 30.01
N GLN H 230 25.55 -29.43 30.79
CA GLN H 230 26.87 -29.97 31.13
C GLN H 230 26.74 -31.27 31.91
N GLY H 231 25.80 -31.31 32.85
CA GLY H 231 25.62 -32.45 33.72
C GLY H 231 25.50 -33.75 32.95
N GLU H 232 24.56 -33.80 32.02
CA GLU H 232 24.37 -34.97 31.18
C GLU H 232 25.62 -35.16 30.32
N TYR H 233 26.04 -34.08 29.66
CA TYR H 233 27.23 -34.08 28.81
C TYR H 233 28.48 -34.58 29.53
N LEU H 234 28.58 -34.26 30.82
CA LEU H 234 29.70 -34.73 31.64
C LEU H 234 29.52 -36.19 32.05
N LEU H 235 28.27 -36.56 32.32
CA LEU H 235 27.95 -37.88 32.83
C LEU H 235 28.32 -38.99 31.83
N GLN H 236 28.25 -38.69 30.54
CA GLN H 236 28.53 -39.70 29.51
C GLN H 236 30.02 -40.01 29.39
N GLN H 237 30.87 -39.04 29.72
CA GLN H 237 32.31 -39.21 29.57
C GLN H 237 32.82 -40.39 30.39
N GLU H 238 33.92 -40.98 29.94
CA GLU H 238 34.41 -42.23 30.49
C GLU H 238 35.01 -42.06 31.89
N TRP H 239 35.59 -40.89 32.17
CA TRP H 239 36.17 -40.66 33.49
C TRP H 239 35.06 -40.49 34.52
N CYS H 240 34.00 -39.78 34.13
CA CYS H 240 32.87 -39.56 35.03
C CYS H 240 32.10 -40.86 35.21
N GLN H 241 32.15 -41.72 34.20
CA GLN H 241 31.47 -43.00 34.26
C GLN H 241 32.22 -43.95 35.21
N GLU H 242 33.54 -43.85 35.22
CA GLU H 242 34.36 -44.62 36.14
C GLU H 242 33.99 -44.30 37.59
N LEU H 243 33.77 -43.02 37.86
CA LEU H 243 33.41 -42.56 39.20
C LEU H 243 32.08 -43.15 39.65
N VAL H 244 31.13 -43.25 38.72
CA VAL H 244 29.83 -43.82 39.03
C VAL H 244 29.97 -45.29 39.38
N ALA H 245 30.79 -46.00 38.60
CA ALA H 245 31.01 -47.42 38.79
C ALA H 245 31.57 -47.74 40.17
N LYS H 246 32.46 -46.87 40.65
CA LYS H 246 33.07 -47.04 41.96
C LYS H 246 32.22 -46.47 43.08
N GLY H 247 31.08 -45.87 42.72
CA GLY H 247 30.16 -45.33 43.70
C GLY H 247 30.59 -43.96 44.23
N LEU H 248 31.48 -43.30 43.51
CA LEU H 248 31.98 -42.00 43.92
C LEU H 248 31.00 -40.88 43.54
N ILE H 249 30.17 -41.15 42.53
CA ILE H 249 29.14 -40.20 42.10
C ILE H 249 27.77 -40.89 42.04
N LYS H 250 26.75 -40.17 42.48
CA LYS H 250 25.36 -40.61 42.34
C LYS H 250 24.53 -39.49 41.74
N ASP H 251 23.90 -39.77 40.60
CA ASP H 251 23.11 -38.78 39.88
C ASP H 251 21.74 -38.62 40.51
N LEU H 252 21.46 -37.42 41.01
CA LEU H 252 20.21 -37.15 41.74
C LEU H 252 19.16 -36.49 40.86
N GLY H 253 19.52 -36.22 39.60
CA GLY H 253 18.58 -35.62 38.67
C GLY H 253 18.52 -34.12 38.80
N GLU H 254 17.47 -33.53 38.25
CA GLU H 254 17.20 -32.11 38.42
C GLU H 254 16.35 -31.88 39.66
N ALA H 255 16.58 -30.75 40.33
CA ALA H 255 15.81 -30.42 41.53
C ALA H 255 15.97 -28.96 41.91
N GLY H 256 14.96 -28.44 42.61
CA GLY H 256 15.11 -27.17 43.31
C GLY H 256 14.63 -25.92 42.62
N ALA H 257 15.16 -24.79 43.07
CA ALA H 257 14.69 -23.48 42.68
C ALA H 257 14.92 -23.20 41.20
N PRO H 258 14.10 -22.31 40.62
CA PRO H 258 14.22 -21.93 39.21
C PRO H 258 15.38 -20.97 38.96
N TRP H 259 16.30 -21.37 38.09
CA TRP H 259 17.45 -20.56 37.75
C TRP H 259 17.27 -19.90 36.40
N LEU H 260 17.75 -18.66 36.29
CA LEU H 260 17.63 -17.89 35.06
C LEU H 260 18.98 -17.75 34.38
N PRO H 261 19.12 -18.27 33.15
CA PRO H 261 20.35 -17.95 32.42
C PRO H 261 20.42 -16.47 32.10
N THR H 262 21.56 -15.86 32.38
CA THR H 262 21.76 -14.42 32.18
C THR H 262 22.33 -14.14 30.79
N THR H 263 22.62 -12.87 30.54
CA THR H 263 23.16 -12.42 29.25
C THR H 263 24.34 -13.27 28.78
N SER H 264 25.08 -13.84 29.73
CA SER H 264 26.27 -14.64 29.43
C SER H 264 25.95 -16.13 29.32
N SER H 265 24.69 -16.48 29.57
CA SER H 265 24.21 -17.86 29.48
C SER H 265 24.81 -18.79 30.54
N ARG H 266 26.14 -18.81 30.66
CA ARG H 266 26.78 -19.76 31.58
C ARG H 266 26.66 -19.33 33.04
N SER H 267 26.44 -18.04 33.26
CA SER H 267 26.10 -17.54 34.60
C SER H 267 24.59 -17.59 34.79
N LEU H 268 24.16 -18.16 35.91
CA LEU H 268 22.73 -18.33 36.20
C LEU H 268 22.32 -17.50 37.43
N TYR H 269 21.06 -17.09 37.44
CA TYR H 269 20.53 -16.23 38.50
C TYR H 269 19.27 -16.81 39.12
N CYS H 270 19.30 -16.98 40.44
CA CYS H 270 18.13 -17.37 41.21
C CYS H 270 17.91 -16.34 42.31
N ALA H 271 16.75 -15.69 42.26
CA ALA H 271 16.44 -14.57 43.15
C ALA H 271 16.57 -14.93 44.63
N THR H 272 16.25 -16.17 44.97
CA THR H 272 16.20 -16.60 46.37
C THR H 272 17.52 -17.20 46.86
N SER H 273 18.55 -17.13 46.02
CA SER H 273 19.85 -17.69 46.37
C SER H 273 20.84 -16.59 46.71
N ARG H 274 21.56 -16.78 47.81
CA ARG H 274 22.58 -15.82 48.23
C ARG H 274 23.75 -15.83 47.26
N ASP H 275 23.87 -16.91 46.49
CA ASP H 275 24.90 -17.06 45.48
C ASP H 275 24.32 -17.16 44.07
N MET H 276 24.96 -16.49 43.13
CA MET H 276 24.79 -16.78 41.72
C MET H 276 25.84 -17.81 41.36
N ILE H 277 25.65 -18.52 40.25
CA ILE H 277 26.56 -19.59 39.88
C ILE H 277 26.97 -19.51 38.41
N LYS H 278 28.29 -19.57 38.18
CA LYS H 278 28.87 -19.46 36.85
C LYS H 278 29.53 -20.78 36.46
N PHE H 279 29.00 -21.42 35.43
CA PHE H 279 29.45 -22.75 35.03
C PHE H 279 30.47 -22.78 33.90
N SER H 280 31.36 -23.75 33.96
CA SER H 280 32.16 -24.13 32.82
C SER H 280 31.21 -24.80 31.84
N LEU H 281 30.93 -24.13 30.72
CA LEU H 281 29.90 -24.55 29.78
C LEU H 281 30.46 -24.70 28.37
N SER H 282 30.52 -25.94 27.89
CA SER H 282 31.14 -26.24 26.60
C SER H 282 30.29 -25.76 25.42
N VAL H 283 30.21 -24.44 25.25
CA VAL H 283 29.46 -23.85 24.15
C VAL H 283 30.21 -22.61 23.66
N ARG H 284 30.18 -22.38 22.35
CA ARG H 284 30.88 -21.25 21.77
C ARG H 284 29.98 -20.03 21.70
N LEU H 285 30.31 -19.02 22.51
CA LEU H 285 29.62 -17.73 22.47
C LEU H 285 30.63 -16.65 22.10
N THR H 286 30.37 -15.99 20.98
CA THR H 286 31.28 -15.01 20.38
C THR H 286 32.75 -15.41 20.45
N ASN H 287 33.13 -16.36 19.61
CA ASN H 287 34.55 -16.68 19.37
C ASN H 287 35.32 -17.17 20.58
N SER H 288 34.62 -17.74 21.56
CA SER H 288 35.29 -18.36 22.69
C SER H 288 34.40 -19.42 23.34
N VAL H 289 34.92 -20.64 23.43
CA VAL H 289 34.25 -21.72 24.13
C VAL H 289 34.19 -21.38 25.62
N ARG H 290 33.02 -21.54 26.21
CA ARG H 290 32.73 -20.96 27.52
C ARG H 290 32.98 -21.92 28.68
N THR H 291 34.09 -22.64 28.61
CA THR H 291 34.56 -23.43 29.73
C THR H 291 35.42 -22.55 30.64
N LEU H 292 35.47 -22.90 31.92
CA LEU H 292 36.35 -22.23 32.87
C LEU H 292 37.62 -23.02 33.08
N SER H 293 38.69 -22.33 33.44
CA SER H 293 39.93 -22.98 33.85
C SER H 293 40.18 -22.67 35.31
N VAL H 294 41.03 -23.49 35.95
CA VAL H 294 41.40 -23.25 37.34
C VAL H 294 42.03 -21.88 37.48
N LYS H 295 42.85 -21.50 36.50
CA LYS H 295 43.50 -20.20 36.49
C LYS H 295 42.49 -19.06 36.58
N GLU H 296 41.38 -19.20 35.87
CA GLU H 296 40.37 -18.15 35.81
C GLU H 296 39.69 -17.94 37.15
N VAL H 297 39.40 -19.05 37.86
CA VAL H 297 38.69 -18.95 39.12
C VAL H 297 39.58 -18.47 40.26
N LYS H 298 40.90 -18.63 40.10
CA LYS H 298 41.83 -18.06 41.08
C LYS H 298 41.69 -16.55 41.11
N ARG H 299 41.42 -15.96 39.94
CA ARG H 299 41.26 -14.51 39.83
C ARG H 299 40.11 -14.00 40.68
N GLY H 300 39.03 -14.79 40.75
CA GLY H 300 37.88 -14.42 41.54
C GLY H 300 38.15 -14.62 43.02
N MET H 301 39.01 -15.57 43.34
CA MET H 301 39.46 -15.80 44.70
C MET H 301 40.46 -14.72 45.11
N ARG H 302 41.35 -14.39 44.19
CA ARG H 302 42.39 -13.41 44.41
C ARG H 302 41.83 -12.03 44.76
N LEU H 303 40.86 -11.59 43.98
CA LEU H 303 40.21 -10.31 44.20
C LEU H 303 39.36 -10.33 45.46
N ALA H 304 38.77 -11.49 45.76
CA ALA H 304 37.91 -11.65 46.93
C ALA H 304 38.70 -11.58 48.23
N ARG H 305 39.90 -12.13 48.22
CA ARG H 305 40.79 -12.07 49.38
C ARG H 305 41.36 -10.67 49.53
N LEU H 306 41.58 -10.00 48.40
CA LEU H 306 42.09 -8.64 48.40
C LEU H 306 41.01 -7.69 48.88
N ALA H 307 39.75 -8.12 48.78
CA ALA H 307 38.64 -7.30 49.23
C ALA H 307 38.51 -7.31 50.74
N GLN H 308 39.29 -8.17 51.40
CA GLN H 308 39.29 -8.28 52.85
C GLN H 308 40.35 -7.38 53.48
N THR H 309 41.06 -6.61 52.66
CA THR H 309 42.14 -5.78 53.15
C THR H 309 41.62 -4.41 53.58
N ASP H 310 42.47 -3.67 54.28
CA ASP H 310 42.09 -2.36 54.79
C ASP H 310 42.01 -1.31 53.69
N ASP H 311 42.86 -1.44 52.68
CA ASP H 311 42.87 -0.48 51.57
C ASP H 311 41.61 -0.61 50.73
N TRP H 312 41.11 -1.83 50.59
CA TRP H 312 39.83 -2.06 49.92
C TRP H 312 38.73 -1.37 50.70
N GLN H 313 38.88 -1.42 52.01
CA GLN H 313 37.96 -0.75 52.92
C GLN H 313 37.95 0.74 52.63
N THR H 314 39.15 1.30 52.48
CA THR H 314 39.31 2.73 52.19
C THR H 314 38.67 3.11 50.86
N LEU H 315 38.87 2.25 49.87
CA LEU H 315 38.26 2.45 48.56
C LEU H 315 36.75 2.40 48.67
N GLN H 316 36.24 1.38 49.37
CA GLN H 316 34.81 1.19 49.51
C GLN H 316 34.16 2.38 50.20
N ALA H 317 34.74 2.82 51.30
CA ALA H 317 34.18 3.91 52.09
C ALA H 317 34.11 5.20 51.28
N ARG H 318 34.89 5.28 50.22
CA ARG H 318 34.94 6.46 49.36
C ARG H 318 33.84 6.37 48.30
N PHE H 319 33.52 5.14 47.91
CA PHE H 319 32.48 4.89 46.91
C PHE H 319 31.50 3.84 47.43
N PRO H 320 30.64 4.25 48.38
CA PRO H 320 29.71 3.33 49.05
C PRO H 320 28.56 2.85 48.16
N THR H 321 28.39 3.48 47.00
CA THR H 321 27.38 3.05 46.04
C THR H 321 27.98 2.08 45.03
N PHE H 322 29.30 1.99 45.03
CA PHE H 322 30.02 1.08 44.14
C PHE H 322 30.35 -0.24 44.84
N ARG H 323 29.90 -1.35 44.26
CA ARG H 323 30.18 -2.67 44.80
C ARG H 323 30.72 -3.61 43.73
N VAL H 324 31.39 -4.67 44.16
CA VAL H 324 31.84 -5.75 43.27
C VAL H 324 31.27 -7.07 43.76
N MET H 325 30.59 -7.78 42.86
CA MET H 325 30.10 -9.12 43.18
C MET H 325 31.27 -10.08 43.24
N GLN H 326 31.79 -10.31 44.43
CA GLN H 326 32.94 -11.18 44.61
C GLN H 326 32.60 -12.60 44.20
N GLU H 327 33.59 -13.29 43.64
CA GLU H 327 33.45 -14.71 43.31
C GLU H 327 34.34 -15.49 44.27
N ASP H 328 33.89 -15.58 45.52
CA ASP H 328 34.72 -16.03 46.62
C ASP H 328 34.70 -17.54 46.83
N GLY H 329 34.21 -18.26 45.83
CA GLY H 329 34.13 -19.71 45.92
C GLY H 329 34.12 -20.38 44.58
N TRP H 330 34.56 -21.62 44.55
CA TRP H 330 34.52 -22.43 43.33
C TRP H 330 34.70 -23.90 43.67
N ALA H 331 34.19 -24.77 42.82
CA ALA H 331 34.39 -26.20 42.98
C ALA H 331 34.46 -26.88 41.62
N GLY H 332 34.86 -28.14 41.63
CA GLY H 332 34.99 -28.92 40.42
C GLY H 332 35.20 -30.38 40.75
N LEU H 333 35.07 -31.24 39.75
CA LEU H 333 35.20 -32.68 39.95
C LEU H 333 36.61 -33.15 39.62
N ARG H 334 37.12 -34.09 40.43
CA ARG H 334 38.38 -34.76 40.13
C ARG H 334 38.10 -36.12 39.50
N ASP H 335 38.91 -36.52 38.51
CA ASP H 335 38.81 -37.87 37.99
C ASP H 335 39.47 -38.81 38.99
N LEU H 336 39.46 -40.11 38.70
CA LEU H 336 39.99 -41.09 39.63
C LEU H 336 41.49 -40.92 39.90
N HIS H 337 42.15 -40.11 39.07
CA HIS H 337 43.57 -39.82 39.25
C HIS H 337 43.81 -38.47 39.94
N GLY H 338 42.75 -37.87 40.46
CA GLY H 338 42.86 -36.63 41.20
C GLY H 338 42.88 -35.39 40.32
N ASN H 339 42.91 -35.59 39.00
CA ASN H 339 42.94 -34.47 38.05
C ASN H 339 41.63 -33.70 38.01
N ILE H 340 41.71 -32.39 38.21
CA ILE H 340 40.54 -31.52 38.15
C ILE H 340 40.07 -31.41 36.70
N MET H 341 38.79 -31.69 36.48
CA MET H 341 38.21 -31.67 35.14
C MET H 341 37.56 -30.32 34.85
N GLN H 342 38.21 -29.53 34.01
CA GLN H 342 37.78 -28.17 33.67
C GLN H 342 36.29 -28.08 33.33
N GLU H 343 35.79 -29.08 32.60
CA GLU H 343 34.42 -29.05 32.10
C GLU H 343 33.37 -29.16 33.19
N SER H 344 33.81 -29.41 34.42
CA SER H 344 32.90 -29.57 35.56
C SER H 344 32.98 -28.40 36.54
N LEU H 345 33.87 -27.44 36.26
CA LEU H 345 34.08 -26.31 37.16
C LEU H 345 32.85 -25.40 37.24
N PHE H 346 32.71 -24.73 38.38
CA PHE H 346 31.79 -23.61 38.49
C PHE H 346 32.30 -22.61 39.51
N ALA H 347 31.82 -21.38 39.41
CA ALA H 347 32.20 -20.31 40.34
C ALA H 347 30.96 -19.73 41.00
N LEU H 348 31.02 -19.58 42.32
CA LEU H 348 29.93 -18.97 43.07
C LEU H 348 30.14 -17.47 43.14
N ARG H 349 29.08 -16.72 42.87
CA ARG H 349 29.13 -15.25 42.81
C ARG H 349 28.10 -14.67 43.78
N GLU H 350 28.53 -13.72 44.59
CA GLU H 350 27.66 -13.05 45.56
C GLU H 350 26.43 -12.45 44.90
N ASN H 351 25.27 -12.97 45.23
CA ASN H 351 24.02 -12.33 44.84
C ASN H 351 23.74 -11.16 45.77
N LEU H 352 24.27 -9.99 45.42
CA LEU H 352 24.10 -8.79 46.22
C LEU H 352 22.69 -8.20 46.10
N LEU H 353 21.86 -8.86 45.29
CA LEU H 353 20.47 -8.45 45.10
C LEU H 353 19.49 -9.38 45.80
N VAL H 354 20.03 -10.28 46.63
CA VAL H 354 19.20 -11.32 47.24
C VAL H 354 18.19 -10.74 48.22
N ASP H 355 18.50 -9.56 48.77
CA ASP H 355 17.63 -8.93 49.74
C ASP H 355 16.65 -7.95 49.09
N GLN H 356 17.02 -7.45 47.90
CA GLN H 356 16.09 -6.66 47.11
C GLN H 356 16.08 -7.16 45.68
N PRO H 357 15.23 -8.16 45.40
CA PRO H 357 15.16 -8.75 44.06
C PRO H 357 14.46 -7.89 43.03
N GLN H 358 13.72 -6.87 43.49
CA GLN H 358 12.93 -6.03 42.60
C GLN H 358 13.56 -4.65 42.38
N SER H 359 14.78 -4.46 42.85
CA SER H 359 15.48 -3.19 42.59
C SER H 359 15.68 -2.98 41.12
N GLN H 360 15.61 -1.72 40.69
CA GLN H 360 15.86 -1.37 39.31
C GLN H 360 17.36 -1.36 39.06
N THR H 361 17.98 -2.52 39.25
CA THR H 361 19.38 -2.72 38.91
C THR H 361 19.42 -3.52 37.62
N ASN H 362 19.89 -2.89 36.53
CA ASN H 362 19.90 -3.52 35.22
C ASN H 362 21.29 -3.54 34.59
N VAL H 363 21.59 -4.60 33.83
CA VAL H 363 22.82 -4.63 33.05
C VAL H 363 22.71 -3.57 31.96
N LEU H 364 23.82 -2.88 31.70
CA LEU H 364 23.78 -1.73 30.80
C LEU H 364 23.50 -2.13 29.35
N VAL H 365 23.98 -3.29 28.93
CA VAL H 365 23.87 -3.71 27.53
C VAL H 365 22.42 -3.81 27.04
N SER H 366 21.55 -4.31 27.92
CA SER H 366 20.14 -4.50 27.57
C SER H 366 19.38 -3.18 27.54
N LEU H 367 19.88 -2.18 28.26
CA LEU H 367 19.30 -0.84 28.26
C LEU H 367 19.65 -0.11 26.98
N THR H 368 20.87 -0.30 26.51
CA THR H 368 21.39 0.45 25.37
C THR H 368 21.03 -0.16 24.03
N GLN H 369 20.74 -1.46 24.01
CA GLN H 369 20.51 -2.15 22.75
C GLN H 369 19.38 -1.51 21.98
N ALA H 370 19.52 -1.50 20.66
CA ALA H 370 18.48 -0.99 19.79
C ALA H 370 17.27 -1.90 19.92
N ALA H 371 16.08 -1.31 19.90
CA ALA H 371 14.85 -2.09 19.94
C ALA H 371 14.67 -2.83 18.62
N PRO H 372 14.49 -4.17 18.68
CA PRO H 372 14.23 -4.96 17.47
C PRO H 372 13.08 -4.44 16.61
N ASP H 373 12.02 -3.92 17.23
CA ASP H 373 10.87 -3.40 16.49
C ASP H 373 11.08 -1.95 16.09
N GLY H 374 12.21 -1.37 16.51
CA GLY H 374 12.61 -0.04 16.07
C GLY H 374 12.14 1.09 16.97
N GLY H 375 11.52 0.75 18.10
CA GLY H 375 11.02 1.75 19.02
C GLY H 375 12.08 2.24 19.99
N ASP H 376 11.63 2.73 21.14
CA ASP H 376 12.53 3.21 22.17
C ASP H 376 13.37 2.06 22.74
N SER H 377 14.63 2.35 23.03
CA SER H 377 15.46 1.42 23.76
C SER H 377 15.01 1.45 25.22
N LEU H 378 15.39 0.42 25.98
CA LEU H 378 14.99 0.34 27.38
C LEU H 378 15.67 1.43 28.21
N LEU H 379 16.74 2.01 27.65
CA LEU H 379 17.37 3.18 28.26
C LEU H 379 16.50 4.41 28.06
N VAL H 380 15.96 4.55 26.85
CA VAL H 380 15.13 5.71 26.49
C VAL H 380 13.75 5.62 27.16
N ALA H 381 13.28 4.39 27.38
CA ALA H 381 12.05 4.19 28.14
C ALA H 381 12.22 4.70 29.56
N ALA H 382 13.40 4.47 30.14
CA ALA H 382 13.69 4.90 31.50
C ALA H 382 13.85 6.41 31.57
N VAL H 383 14.62 6.98 30.64
CA VAL H 383 14.89 8.41 30.61
C VAL H 383 13.60 9.22 30.47
N LYS H 384 12.64 8.66 29.74
CA LYS H 384 11.37 9.36 29.52
C LYS H 384 10.50 9.30 30.77
N ARG H 385 10.64 8.22 31.55
CA ARG H 385 9.95 8.13 32.83
C ARG H 385 10.56 9.08 33.84
N LEU H 386 11.90 9.19 33.80
CA LEU H 386 12.61 10.12 34.66
C LEU H 386 12.14 11.55 34.40
N SER H 387 11.91 11.87 33.14
CA SER H 387 11.38 13.18 32.75
C SER H 387 9.98 13.39 33.32
N ASP H 388 9.11 12.42 33.05
CA ASP H 388 7.71 12.51 33.45
C ASP H 388 7.55 12.60 34.96
N ARG H 389 8.45 11.97 35.70
CA ARG H 389 8.39 11.95 37.16
C ARG H 389 8.85 13.28 37.74
N LEU H 390 9.90 13.85 37.16
CA LEU H 390 10.50 15.07 37.68
C LEU H 390 9.91 16.33 37.04
N GLY H 391 9.18 16.15 35.94
CA GLY H 391 8.56 17.26 35.25
C GLY H 391 9.57 18.11 34.51
N ILE H 392 10.63 17.46 34.02
CA ILE H 392 11.67 18.12 33.25
C ILE H 392 11.61 17.64 31.81
N THR H 393 12.36 18.28 30.92
CA THR H 393 12.38 17.88 29.51
C THR H 393 13.11 16.55 29.35
N ALA H 394 12.83 15.84 28.27
CA ALA H 394 13.46 14.56 28.00
C ALA H 394 14.95 14.74 27.76
N GLN H 395 15.33 15.95 27.34
CA GLN H 395 16.73 16.26 27.09
C GLN H 395 17.43 16.55 28.41
N GLN H 396 16.74 17.24 29.31
CA GLN H 396 17.26 17.48 30.64
C GLN H 396 17.45 16.15 31.37
N ALA H 397 16.49 15.24 31.19
CA ALA H 397 16.58 13.92 31.79
C ALA H 397 17.73 13.13 31.18
N ALA H 398 17.92 13.28 29.88
CA ALA H 398 19.02 12.64 29.19
C ALA H 398 20.34 13.09 29.79
N HIS H 399 20.52 14.39 29.93
CA HIS H 399 21.73 14.95 30.51
C HIS H 399 21.94 14.47 31.94
N ALA H 400 20.87 14.45 32.73
CA ALA H 400 20.95 14.06 34.12
C ALA H 400 21.30 12.58 34.25
N TRP H 401 20.79 11.76 33.34
CA TRP H 401 21.10 10.34 33.33
C TRP H 401 22.57 10.14 32.98
N VAL H 402 23.02 10.85 31.96
CA VAL H 402 24.40 10.77 31.51
C VAL H 402 25.37 11.25 32.58
N ASP H 403 25.07 12.40 33.17
CA ASP H 403 25.91 12.94 34.24
C ASP H 403 26.01 11.93 35.39
N ALA H 404 24.87 11.42 35.84
CA ALA H 404 24.83 10.48 36.96
C ALA H 404 25.53 9.17 36.62
N TYR H 405 25.50 8.80 35.34
CA TYR H 405 26.22 7.62 34.89
C TYR H 405 27.72 7.83 35.07
N CYS H 406 28.21 9.01 34.73
CA CYS H 406 29.64 9.33 34.86
C CYS H 406 30.07 9.30 36.32
N HIS H 407 29.23 9.84 37.20
CA HIS H 407 29.56 9.90 38.62
C HIS H 407 29.46 8.54 39.30
N GLN H 408 28.47 7.75 38.90
CA GLN H 408 28.20 6.47 39.57
C GLN H 408 29.03 5.33 39.00
N VAL H 409 29.25 5.35 37.69
CA VAL H 409 29.94 4.24 37.02
C VAL H 409 31.40 4.55 36.75
N LEU H 410 31.66 5.64 36.03
CA LEU H 410 33.02 5.94 35.58
C LEU H 410 33.94 6.35 36.73
N LYS H 411 33.43 7.17 37.65
CA LYS H 411 34.27 7.73 38.71
C LYS H 411 34.93 6.65 39.58
N PRO H 412 34.14 5.69 40.10
CA PRO H 412 34.80 4.66 40.91
C PRO H 412 35.77 3.77 40.13
N LEU H 413 35.47 3.50 38.86
CA LEU H 413 36.31 2.59 38.08
C LEU H 413 37.63 3.24 37.68
N PHE H 414 37.57 4.49 37.21
CA PHE H 414 38.78 5.24 36.88
C PHE H 414 39.58 5.53 38.14
N THR H 415 38.89 5.81 39.24
CA THR H 415 39.54 6.12 40.51
C THR H 415 40.22 4.89 41.10
N ALA H 416 39.61 3.73 40.90
CA ALA H 416 40.17 2.48 41.42
C ALA H 416 41.53 2.19 40.76
N GLU H 417 41.66 2.51 39.49
CA GLU H 417 42.93 2.31 38.80
C GLU H 417 43.96 3.34 39.26
N ALA H 418 43.59 4.62 39.17
CA ALA H 418 44.51 5.71 39.43
C ALA H 418 45.07 5.72 40.85
N ASP H 419 44.20 5.57 41.85
CA ASP H 419 44.60 5.69 43.24
C ASP H 419 44.99 4.36 43.90
N TYR H 420 44.47 3.25 43.38
CA TYR H 420 44.68 1.94 44.01
C TYR H 420 45.35 0.94 43.06
N GLY H 421 45.32 1.23 41.77
CA GLY H 421 45.93 0.36 40.78
C GLY H 421 45.06 -0.84 40.42
N LEU H 422 43.78 -0.76 40.77
CA LEU H 422 42.83 -1.83 40.46
C LEU H 422 42.24 -1.64 39.07
N VAL H 423 42.31 -2.70 38.26
CA VAL H 423 41.80 -2.64 36.90
C VAL H 423 40.59 -3.54 36.72
N LEU H 424 39.43 -2.93 36.49
CA LEU H 424 38.21 -3.65 36.22
C LEU H 424 37.74 -3.39 34.80
N LEU H 425 37.91 -4.39 33.94
CA LEU H 425 37.55 -4.24 32.53
C LEU H 425 36.04 -4.37 32.37
N ALA H 426 35.38 -3.22 32.34
CA ALA H 426 33.94 -3.15 32.41
C ALA H 426 33.29 -2.76 31.09
N HIS H 427 32.89 -3.77 30.32
CA HIS H 427 32.01 -3.56 29.18
C HIS H 427 30.58 -3.49 29.68
N GLN H 428 29.64 -3.28 28.75
CA GLN H 428 28.23 -3.11 29.09
C GLN H 428 27.67 -4.26 29.91
N GLN H 429 28.20 -5.45 29.68
CA GLN H 429 27.65 -6.64 30.33
C GLN H 429 28.21 -6.83 31.73
N ASN H 430 29.42 -6.31 31.97
CA ASN H 430 30.02 -6.35 33.31
C ASN H 430 29.50 -5.24 34.20
N ILE H 431 28.78 -4.29 33.61
CA ILE H 431 28.24 -3.15 34.32
C ILE H 431 26.77 -3.36 34.67
N LEU H 432 26.47 -3.35 35.96
CA LEU H 432 25.09 -3.36 36.43
C LEU H 432 24.74 -2.00 37.01
N VAL H 433 23.95 -1.23 36.28
CA VAL H 433 23.55 0.11 36.72
C VAL H 433 22.48 0.03 37.80
N GLN H 434 22.81 0.51 39.00
CA GLN H 434 21.87 0.56 40.12
C GLN H 434 21.07 1.86 40.05
N MET H 435 19.79 1.75 39.70
CA MET H 435 18.93 2.92 39.56
C MET H 435 17.89 3.04 40.65
N LEU H 436 17.36 4.26 40.80
CA LEU H 436 16.25 4.53 41.69
C LEU H 436 15.45 5.65 41.05
N GLY H 437 14.23 5.33 40.63
CA GLY H 437 13.42 6.29 39.90
C GLY H 437 14.04 6.58 38.55
N ASP H 438 14.65 5.54 37.97
CA ASP H 438 15.25 5.59 36.64
C ASP H 438 16.47 6.50 36.55
N LEU H 439 17.00 6.91 37.70
CA LEU H 439 18.27 7.64 37.75
C LEU H 439 19.33 6.73 38.34
N PRO H 440 20.52 6.65 37.71
CA PRO H 440 21.57 5.85 38.32
C PRO H 440 21.98 6.39 39.69
N VAL H 441 22.06 5.50 40.67
CA VAL H 441 22.45 5.89 42.03
C VAL H 441 23.53 4.95 42.57
N GLY H 442 24.16 4.20 41.67
CA GLY H 442 25.23 3.31 42.06
C GLY H 442 25.75 2.45 40.93
N LEU H 443 26.78 1.65 41.25
CA LEU H 443 27.35 0.70 40.30
C LEU H 443 27.60 -0.62 41.00
N ILE H 444 27.29 -1.72 40.31
CA ILE H 444 27.74 -3.04 40.72
C ILE H 444 28.49 -3.65 39.56
N TYR H 445 29.72 -4.09 39.82
CA TYR H 445 30.53 -4.74 38.81
C TYR H 445 30.49 -6.26 38.99
N ARG H 446 30.48 -6.97 37.86
CA ARG H 446 30.55 -8.42 37.85
C ARG H 446 31.59 -8.91 36.85
N ASP H 447 31.91 -10.20 36.93
CA ASP H 447 32.88 -10.86 36.05
C ASP H 447 34.30 -10.52 36.49
N CYS H 448 34.83 -11.31 37.42
CA CYS H 448 36.09 -11.01 38.05
C CYS H 448 37.32 -11.51 37.26
N GLN H 449 37.08 -12.23 36.16
CA GLN H 449 38.17 -12.61 35.28
C GLN H 449 38.59 -11.38 34.46
N GLY H 450 37.75 -10.34 34.50
CA GLY H 450 38.07 -9.08 33.88
C GLY H 450 38.79 -8.16 34.83
N SER H 451 39.23 -8.71 35.96
CA SER H 451 40.00 -7.96 36.94
C SER H 451 41.49 -8.03 36.65
N ALA H 452 42.17 -6.90 36.79
CA ALA H 452 43.61 -6.85 36.61
C ALA H 452 44.22 -5.84 37.57
N PHE H 453 45.56 -5.81 37.61
CA PHE H 453 46.27 -4.96 38.57
C PHE H 453 47.46 -4.26 37.92
N MET H 454 47.66 -3.00 38.31
CA MET H 454 48.77 -2.20 37.82
C MET H 454 49.98 -2.37 38.73
N PRO H 455 51.15 -1.92 38.27
CA PRO H 455 52.36 -2.03 39.10
C PRO H 455 52.22 -1.33 40.45
N HIS H 456 51.51 -0.21 40.50
CA HIS H 456 51.37 0.54 41.74
C HIS H 456 50.26 -0.03 42.63
N ALA H 457 49.85 -1.26 42.34
CA ALA H 457 48.99 -2.03 43.23
C ALA H 457 49.78 -3.20 43.82
N ALA H 458 51.07 -3.26 43.50
CA ALA H 458 51.91 -4.40 43.85
C ALA H 458 52.12 -4.53 45.37
N GLY H 459 52.34 -3.39 46.04
CA GLY H 459 52.53 -3.41 47.47
C GLY H 459 51.27 -3.85 48.19
N TRP H 460 50.13 -3.37 47.73
CA TRP H 460 48.84 -3.77 48.26
C TRP H 460 48.62 -5.27 48.06
N LEU H 461 49.08 -5.79 46.92
CA LEU H 461 48.98 -7.22 46.64
C LEU H 461 49.87 -8.03 47.58
N ASP H 462 50.99 -7.45 48.01
CA ASP H 462 51.93 -8.14 48.89
C ASP H 462 51.31 -8.35 50.27
N THR H 463 50.27 -7.59 50.58
CA THR H 463 49.52 -7.78 51.82
C THR H 463 49.04 -9.23 51.89
N ILE H 464 48.40 -9.69 50.82
CA ILE H 464 47.86 -11.03 50.76
C ILE H 464 48.81 -12.00 50.06
N GLY H 465 50.02 -11.53 49.77
CA GLY H 465 51.06 -12.37 49.19
C GLY H 465 50.86 -12.68 47.72
N GLU H 466 50.04 -11.87 47.05
CA GLU H 466 49.62 -12.14 45.67
C GLU H 466 50.27 -11.22 44.64
N ALA H 467 51.31 -10.49 45.04
CA ALA H 467 51.96 -9.56 44.13
C ALA H 467 52.53 -10.28 42.91
N GLN H 468 52.68 -11.59 43.03
CA GLN H 468 53.17 -12.43 41.94
C GLN H 468 52.02 -13.02 41.14
N ALA H 469 50.93 -12.25 41.00
CA ALA H 469 49.74 -12.72 40.31
C ALA H 469 49.89 -12.62 38.80
N GLU H 470 49.25 -13.54 38.08
CA GLU H 470 49.33 -13.58 36.63
C GLU H 470 48.52 -12.47 35.97
N ASN H 471 47.44 -12.05 36.62
CA ASN H 471 46.55 -11.04 36.05
C ASN H 471 47.03 -9.62 36.38
N VAL H 472 48.34 -9.41 36.28
CA VAL H 472 48.94 -8.09 36.44
C VAL H 472 49.16 -7.48 35.06
N PHE H 473 48.89 -6.18 34.94
CA PHE H 473 48.99 -5.48 33.67
C PHE H 473 50.22 -4.61 33.55
N THR H 474 50.54 -4.25 32.31
CA THR H 474 51.52 -3.22 32.02
C THR H 474 50.76 -1.93 31.71
N ARG H 475 51.47 -0.83 31.56
CA ARG H 475 50.84 0.44 31.21
C ARG H 475 50.20 0.35 29.83
N GLU H 476 50.83 -0.43 28.95
CA GLU H 476 50.34 -0.59 27.58
C GLU H 476 49.05 -1.39 27.53
N GLN H 477 49.02 -2.49 28.27
CA GLN H 477 47.82 -3.34 28.34
C GLN H 477 46.63 -2.56 28.87
N LEU H 478 46.88 -1.65 29.80
CA LEU H 478 45.83 -0.79 30.34
C LEU H 478 45.31 0.17 29.27
N LEU H 479 46.22 0.95 28.70
CA LEU H 479 45.84 1.99 27.74
C LEU H 479 45.18 1.40 26.49
N ARG H 480 45.32 0.10 26.29
CA ARG H 480 44.72 -0.58 25.15
C ARG H 480 43.31 -1.08 25.46
N TYR H 481 43.20 -1.93 26.48
CA TYR H 481 41.94 -2.56 26.85
C TYR H 481 40.97 -1.61 27.53
N PHE H 482 41.46 -0.91 28.55
CA PHE H 482 40.62 -0.16 29.47
C PHE H 482 39.70 0.86 28.79
N PRO H 483 40.25 1.75 27.95
CA PRO H 483 39.36 2.75 27.35
C PRO H 483 38.35 2.15 26.36
N TYR H 484 38.68 1.02 25.76
CA TYR H 484 37.74 0.37 24.85
C TYR H 484 36.54 -0.14 25.62
N TYR H 485 36.80 -0.84 26.72
CA TYR H 485 35.72 -1.42 27.51
C TYR H 485 34.85 -0.34 28.15
N LEU H 486 35.46 0.67 28.73
CA LEU H 486 34.74 1.63 29.56
C LEU H 486 34.12 2.80 28.80
N LEU H 487 34.63 3.11 27.61
CA LEU H 487 34.11 4.24 26.83
C LEU H 487 33.50 3.82 25.50
N VAL H 488 34.28 3.18 24.64
CA VAL H 488 33.80 2.77 23.34
C VAL H 488 32.65 1.77 23.50
N ASN H 489 32.87 0.74 24.29
CA ASN H 489 31.90 -0.32 24.46
C ASN H 489 30.73 0.11 25.36
N SER H 490 31.05 0.81 26.46
CA SER H 490 30.07 1.10 27.50
C SER H 490 29.47 2.51 27.41
N THR H 491 30.29 3.52 27.66
CA THR H 491 29.82 4.90 27.77
C THR H 491 29.21 5.44 26.48
N PHE H 492 29.73 5.01 25.34
CA PHE H 492 29.30 5.58 24.06
C PHE H 492 27.99 5.01 23.57
N ALA H 493 27.72 3.74 23.89
CA ALA H 493 26.43 3.14 23.55
C ALA H 493 25.31 3.89 24.25
N VAL H 494 25.62 4.39 25.44
CA VAL H 494 24.69 5.21 26.19
C VAL H 494 24.46 6.54 25.48
N THR H 495 25.53 7.19 25.05
CA THR H 495 25.42 8.46 24.33
C THR H 495 24.81 8.26 22.94
N ALA H 496 25.06 7.09 22.34
CA ALA H 496 24.52 6.78 21.03
C ALA H 496 23.01 6.50 21.11
N ALA H 497 22.61 5.72 22.11
CA ALA H 497 21.21 5.35 22.29
C ALA H 497 20.34 6.58 22.51
N LEU H 498 20.86 7.53 23.29
CA LEU H 498 20.17 8.80 23.53
C LEU H 498 20.22 9.67 22.28
N GLY H 499 21.30 9.52 21.51
CA GLY H 499 21.44 10.27 20.28
C GLY H 499 20.52 9.76 19.19
N ALA H 500 20.51 8.44 19.01
CA ALA H 500 19.67 7.80 18.02
C ALA H 500 18.20 8.13 18.26
N ALA H 501 17.86 8.34 19.53
CA ALA H 501 16.50 8.68 19.93
C ALA H 501 16.19 10.16 19.73
N GLY H 502 17.20 10.94 19.36
CA GLY H 502 17.01 12.34 19.06
C GLY H 502 16.89 13.23 20.29
N LEU H 503 17.26 12.71 21.45
CA LEU H 503 17.21 13.47 22.69
C LEU H 503 18.24 14.58 22.68
N ASP H 504 19.42 14.27 22.11
CA ASP H 504 20.47 15.25 21.92
C ASP H 504 21.56 14.61 21.07
N SER H 505 22.43 15.42 20.46
CA SER H 505 23.50 14.88 19.61
C SER H 505 24.49 14.10 20.45
N GLU H 506 25.09 13.07 19.86
CA GLU H 506 26.16 12.33 20.55
C GLU H 506 27.30 13.27 20.88
N ALA H 507 27.54 14.23 20.00
CA ALA H 507 28.62 15.19 20.17
C ALA H 507 28.40 16.03 21.42
N ASN H 508 27.17 16.50 21.60
CA ASN H 508 26.84 17.31 22.77
C ASN H 508 26.83 16.47 24.05
N LEU H 509 26.48 15.19 23.93
CA LEU H 509 26.44 14.30 25.08
C LEU H 509 27.84 13.82 25.45
N MET H 510 28.69 13.61 24.46
CA MET H 510 30.07 13.23 24.72
C MET H 510 30.81 14.40 25.37
N ALA H 511 30.40 15.62 25.03
CA ALA H 511 30.96 16.83 25.64
C ALA H 511 30.63 16.87 27.12
N ARG H 512 29.53 16.25 27.51
CA ARG H 512 29.18 16.12 28.93
C ARG H 512 30.10 15.12 29.61
N VAL H 513 30.49 14.08 28.88
CA VAL H 513 31.37 13.06 29.41
C VAL H 513 32.79 13.60 29.59
N ARG H 514 33.28 14.32 28.58
CA ARG H 514 34.63 14.89 28.63
C ARG H 514 34.75 15.86 29.79
N THR H 515 33.76 16.74 29.92
CA THR H 515 33.74 17.74 30.98
C THR H 515 33.92 17.09 32.34
N LEU H 516 33.26 15.97 32.57
CA LEU H 516 33.33 15.28 33.85
C LEU H 516 34.59 14.41 33.98
N LEU H 517 35.05 13.85 32.87
CA LEU H 517 36.30 13.09 32.87
C LEU H 517 37.48 13.99 33.19
N ALA H 518 37.35 15.27 32.88
CA ALA H 518 38.37 16.26 33.20
C ALA H 518 38.38 16.58 34.68
N GLU H 519 37.19 16.67 35.26
CA GLU H 519 37.05 16.95 36.70
C GLU H 519 37.51 15.75 37.53
N MET H 520 37.46 14.57 36.93
CA MET H 520 37.94 13.35 37.56
C MET H 520 39.46 13.32 37.59
N ARG H 521 40.06 13.77 36.50
CA ARG H 521 41.52 13.75 36.34
C ARG H 521 42.21 14.63 37.35
N ASP H 522 41.58 15.73 37.72
CA ASP H 522 42.15 16.67 38.66
C ASP H 522 42.13 16.14 40.10
N GLN H 523 41.44 15.02 40.30
CA GLN H 523 41.26 14.46 41.64
C GLN H 523 42.13 13.22 41.90
N VAL H 524 42.63 12.61 40.83
CA VAL H 524 43.35 11.34 40.97
C VAL H 524 44.86 11.51 41.00
N THR H 525 45.54 10.47 41.49
CA THR H 525 47.00 10.48 41.61
C THR H 525 47.66 10.16 40.27
N HIS H 526 47.41 8.96 39.75
CA HIS H 526 47.98 8.53 38.49
C HIS H 526 47.09 8.91 37.31
N LYS H 527 47.44 10.00 36.63
CA LYS H 527 46.62 10.56 35.56
C LYS H 527 46.93 9.95 34.19
N THR H 528 47.79 8.93 34.17
CA THR H 528 48.22 8.30 32.93
C THR H 528 47.05 7.90 32.04
N CYS H 529 46.17 7.06 32.58
CA CYS H 529 45.07 6.48 31.82
C CYS H 529 44.10 7.53 31.28
N LEU H 530 43.72 8.45 32.15
CA LEU H 530 42.71 9.45 31.84
C LEU H 530 43.24 10.53 30.89
N ASN H 531 44.56 10.69 30.88
CA ASN H 531 45.22 11.55 29.90
C ASN H 531 45.18 10.93 28.50
N TYR H 532 45.51 9.65 28.43
CA TYR H 532 45.45 8.88 27.18
C TYR H 532 44.07 8.93 26.56
N VAL H 533 43.06 9.14 27.41
CA VAL H 533 41.68 9.26 26.97
C VAL H 533 41.40 10.68 26.48
N LEU H 534 41.77 11.67 27.28
CA LEU H 534 41.38 13.05 26.98
C LEU H 534 42.27 13.75 25.95
N GLU H 535 43.43 13.17 25.64
CA GLU H 535 44.44 13.87 24.84
C GLU H 535 44.92 13.10 23.61
N ASN H 536 45.16 11.80 23.74
CA ASN H 536 45.69 11.02 22.63
C ASN H 536 44.71 11.01 21.46
N PRO H 537 45.21 11.30 20.23
CA PRO H 537 44.30 11.35 19.07
C PRO H 537 43.63 10.02 18.73
N TYR H 538 44.21 8.90 19.12
CA TYR H 538 43.63 7.59 18.83
C TYR H 538 43.61 6.70 20.08
N TRP H 539 42.73 5.70 20.03
CA TRP H 539 42.57 4.73 21.10
C TRP H 539 42.58 3.34 20.46
N ASN H 540 43.64 3.07 19.68
CA ASN H 540 43.79 1.80 18.99
C ASN H 540 43.32 0.59 19.80
N VAL H 541 42.54 -0.27 19.15
CA VAL H 541 42.01 -1.45 19.82
C VAL H 541 41.87 -2.62 18.84
N LYS H 542 41.23 -3.69 19.32
CA LYS H 542 41.01 -4.88 18.51
C LYS H 542 39.60 -4.93 17.95
N GLY H 543 39.45 -5.52 16.77
CA GLY H 543 38.16 -5.64 16.12
C GLY H 543 37.63 -7.06 16.13
N ASN H 544 36.33 -7.19 16.36
CA ASN H 544 35.69 -8.50 16.42
C ASN H 544 35.40 -9.08 15.04
N PHE H 545 34.99 -8.22 14.12
CA PHE H 545 34.67 -8.66 12.76
C PHE H 545 35.74 -9.57 12.18
N PHE H 546 36.92 -8.99 11.94
CA PHE H 546 38.04 -9.74 11.38
C PHE H 546 38.56 -10.79 12.36
N CYS H 547 38.52 -10.49 13.65
CA CYS H 547 38.99 -11.41 14.67
C CYS H 547 38.15 -12.69 14.67
N TYR H 548 36.87 -12.56 14.31
CA TYR H 548 35.96 -13.70 14.32
C TYR H 548 36.12 -14.50 13.04
N LEU H 549 36.55 -13.84 11.97
CA LEU H 549 36.87 -14.50 10.72
C LEU H 549 38.05 -15.44 10.93
N ASN H 550 38.99 -15.00 11.78
CA ASN H 550 40.18 -15.77 12.11
C ASN H 550 40.05 -16.44 13.48
N ASP H 551 39.61 -17.69 13.50
CA ASP H 551 39.42 -18.43 14.74
C ASP H 551 40.69 -18.44 15.60
N TYR H 564 43.73 -5.47 14.91
CA TYR H 564 43.95 -4.23 15.65
C TYR H 564 43.85 -3.01 14.74
N PHE H 565 43.01 -2.06 15.12
CA PHE H 565 42.81 -0.84 14.33
C PHE H 565 42.71 0.42 15.17
N ASP H 566 43.24 1.52 14.64
CA ASP H 566 43.21 2.80 15.33
C ASP H 566 41.82 3.44 15.28
N PHE H 567 41.35 3.86 16.45
CA PHE H 567 40.05 4.52 16.59
C PHE H 567 40.22 5.98 16.97
N ALA H 568 39.71 6.87 16.14
CA ALA H 568 39.82 8.31 16.38
C ALA H 568 39.16 8.70 17.71
N ASN H 569 39.83 9.59 18.44
CA ASN H 569 39.34 10.07 19.73
C ASN H 569 38.27 11.15 19.57
N PRO H 570 37.01 10.85 19.95
CA PRO H 570 36.01 11.92 19.91
C PRO H 570 36.07 12.85 21.12
N LEU H 571 36.82 12.44 22.15
CA LEU H 571 36.97 13.25 23.37
C LEU H 571 38.17 14.19 23.28
N LEU H 572 38.70 14.38 22.08
CA LEU H 572 39.84 15.26 21.86
C LEU H 572 39.54 16.69 22.31
PG ATP I . -6.92 -8.18 -24.73
O1G ATP I . -5.85 -7.22 -25.23
O2G ATP I . -8.26 -8.00 -25.40
O3G ATP I . -6.47 -9.61 -24.67
PB ATP I . -7.32 -8.61 -21.89
O1B ATP I . -6.73 -7.84 -20.73
O2B ATP I . -6.83 -10.01 -22.16
O3B ATP I . -7.20 -7.69 -23.21
PA ATP I . -9.71 -9.06 -20.37
O1A ATP I . -8.82 -9.97 -19.57
O2A ATP I . -11.08 -9.52 -20.79
O3A ATP I . -8.92 -8.64 -21.72
O5' ATP I . -9.89 -7.65 -19.61
C5' ATP I . -10.68 -6.66 -20.25
C4' ATP I . -10.21 -5.26 -19.92
O4' ATP I . -11.10 -4.32 -20.54
C3' ATP I . -10.22 -4.96 -18.42
O3' ATP I . -8.96 -4.40 -18.03
C2' ATP I . -11.35 -3.97 -18.21
O2' ATP I . -10.98 -2.92 -17.31
C1' ATP I . -11.64 -3.40 -19.59
N9 ATP I . -13.08 -3.24 -19.84
C8 ATP I . -13.67 -2.07 -20.12
N7 ATP I . -15.01 -2.23 -20.29
C5 ATP I . -15.28 -3.53 -20.12
C6 ATP I . -16.49 -4.38 -20.16
N6 ATP I . -17.69 -3.82 -20.44
N1 ATP I . -16.36 -5.70 -19.91
C2 ATP I . -15.15 -6.25 -19.63
N3 ATP I . -14.02 -5.54 -19.58
C4 ATP I . -14.01 -4.21 -19.81
MG MG J . -10.35 -9.02 -23.76
PG ATP K . 1.96 -26.61 71.89
O1G ATP K . 0.48 -26.85 72.01
O2G ATP K . 2.30 -25.32 71.18
O3G ATP K . 2.76 -27.81 71.43
PB ATP K . 2.14 -27.23 74.70
O1B ATP K . 2.98 -26.66 75.82
O2B ATP K . 2.23 -28.69 74.37
O3B ATP K . 2.48 -26.35 73.40
PA ATP K . -0.37 -27.78 75.94
O1A ATP K . 0.45 -28.78 76.72
O2A ATP K . -1.47 -28.25 75.04
O3A ATP K . 0.61 -26.84 75.06
O5' ATP K . -0.93 -26.67 76.97
C5' ATP K . -1.94 -25.76 76.60
C4' ATP K . -1.39 -24.35 76.72
O4' ATP K . -2.30 -23.42 76.13
C3' ATP K . -1.19 -23.93 78.17
O3' ATP K . 0.15 -23.44 78.36
C2' ATP K . -2.19 -22.82 78.42
O2' ATP K . -1.64 -21.77 79.22
C1' ATP K . -2.56 -22.34 77.02
N9 ATP K . -3.99 -21.95 76.94
C8 ATP K . -4.44 -20.69 76.88
N7 ATP K . -5.81 -20.69 76.80
C5 ATP K . -6.22 -21.97 76.80
C6 ATP K . -7.52 -22.67 76.74
N6 ATP K . -8.69 -21.97 76.65
N1 ATP K . -7.51 -24.02 76.78
C2 ATP K . -6.36 -24.73 76.86
N3 ATP K . -5.14 -24.15 76.92
C4 ATP K . -5.01 -22.80 76.89
MG MG L . -1.58 -27.29 73.13
PG ATP M . -5.04 37.35 -39.38
O1G ATP M . -3.56 37.25 -39.09
O2G ATP M . -5.73 36.02 -39.52
O3G ATP M . -5.40 38.36 -40.44
PB ATP M . -5.39 39.41 -37.42
O1B ATP M . -6.26 39.56 -36.19
O2B ATP M . -5.48 40.43 -38.53
O3B ATP M . -5.65 37.93 -38.00
PA ATP M . -3.11 40.47 -36.06
O1A ATP M . -3.95 41.73 -36.02
O2A ATP M . -1.69 40.55 -36.57
O3A ATP M . -3.86 39.31 -36.90
O5' ATP M . -3.12 39.80 -34.61
C5' ATP M . -2.09 38.87 -34.28
C4' ATP M . -2.69 37.73 -33.45
O4' ATP M . -1.68 36.75 -33.22
C3' ATP M . -3.17 38.21 -32.09
O3' ATP M . -4.40 37.55 -31.74
C2' ATP M . -2.03 37.82 -31.16
O2' ATP M . -2.48 37.55 -29.82
C1' ATP M . -1.42 36.60 -31.83
N9 ATP M . 0.03 36.53 -31.60
C8 ATP M . 0.66 35.56 -30.90
N7 ATP M . 1.99 35.78 -30.86
C5 ATP M . 2.23 36.91 -31.55
C6 ATP M . 3.43 37.70 -31.91
N6 ATP M . 4.66 37.30 -31.49
N1 ATP M . 3.26 38.82 -32.65
C2 ATP M . 2.03 39.22 -33.06
N3 ATP M . 0.91 38.54 -32.77
C4 ATP M . 0.94 37.40 -32.03
MG MG N . -2.15 38.70 -38.61
PG ATP O . 4.16 19.28 58.89
O1G ATP O . 5.63 19.29 59.21
O2G ATP O . 3.60 17.90 58.68
O3G ATP O . 3.76 20.28 57.84
PB ATP O . 3.67 21.21 60.99
O1B ATP O . 2.83 21.19 62.24
O2B ATP O . 3.52 22.34 60.00
O3B ATP O . 3.47 19.77 60.27
PA ATP O . 6.02 22.22 62.29
O1A ATP O . 5.20 23.49 62.32
O2A ATP O . 7.43 22.25 61.75
O3A ATP O . 5.21 21.08 61.47
O5' ATP O . 6.00 21.55 63.75
C5' ATP O . 7.10 20.77 64.23
C4' ATP O . 6.53 19.56 64.96
O4' ATP O . 7.53 18.54 65.04
C3' ATP O . 6.12 19.89 66.39
O3' ATP O . 4.89 19.22 66.70
C2' ATP O . 7.26 19.38 67.24
O2' ATP O . 6.83 18.92 68.52
C1' ATP O . 7.82 18.24 66.40
N9 ATP O . 9.28 18.14 66.56
C8 ATP O . 9.93 17.20 67.25
N7 ATP O . 11.27 17.39 67.18
C5 ATP O . 11.47 18.50 66.43
C6 ATP O . 12.65 19.26 65.97
N6 ATP O . 13.89 18.86 66.32
N1 ATP O . 12.43 20.35 65.20
C2 ATP O . 11.20 20.75 64.85
N3 ATP O . 10.09 20.11 65.25
C4 ATP O . 10.16 18.99 66.02
MG MG P . 7.27 20.53 59.94
PG ATP Q . -27.03 2.93 -67.61
O1G ATP Q . -28.35 3.60 -67.31
O2G ATP Q . -25.83 3.72 -67.16
O3G ATP Q . -26.96 1.47 -67.24
PB ATP Q . -27.99 2.27 -70.22
O1B ATP Q . -29.39 2.73 -69.87
O2B ATP Q . -27.48 2.47 -71.62
O3B ATP Q . -26.93 2.97 -69.22
PA ATP Q . -28.66 -0.44 -70.64
O1A ATP Q . -29.03 -1.49 -69.63
O2A ATP Q . -29.73 0.17 -71.52
O3A ATP Q . -27.84 0.71 -69.86
O5' ATP Q . -27.45 -0.94 -71.59
C5' ATP Q . -26.55 -1.96 -71.16
C4' ATP Q . -25.19 -1.78 -71.83
O4' ATP Q . -24.25 -2.67 -71.23
C3' ATP Q . -25.24 -2.10 -73.32
O3' ATP Q . -24.75 -0.97 -74.05
C2' ATP Q . -24.39 -3.35 -73.50
O2' ATP Q . -23.51 -3.24 -74.64
C1' ATP Q . -23.61 -3.49 -72.22
N9 ATP Q . -23.60 -4.88 -71.74
C8 ATP Q . -22.50 -5.66 -71.66
N7 ATP Q . -22.81 -6.89 -71.18
C5 ATP Q . -24.13 -6.89 -70.92
C6 ATP Q . -25.09 -7.87 -70.38
N6 ATP Q . -24.66 -9.11 -70.03
N1 ATP Q . -26.39 -7.50 -70.26
C2 ATP Q . -26.79 -6.26 -70.61
N3 ATP Q . -25.97 -5.32 -71.10
C4 ATP Q . -24.65 -5.57 -71.28
MG MG R . -27.79 -0.28 -67.36
PG ATP S . -18.18 -14.09 29.61
O1G ATP S . -19.41 -13.32 30.01
O2G ATP S . -18.27 -15.58 29.78
O3G ATP S . -16.89 -13.50 30.11
PB ATP S . -19.19 -14.41 26.96
O1B ATP S . -20.57 -13.98 27.38
O2B ATP S . -18.68 -14.04 25.59
O3B ATP S . -18.09 -13.86 28.01
PA ATP S . -19.92 -17.05 26.30
O1A ATP S . -20.33 -18.19 27.21
O2A ATP S . -20.96 -16.28 25.54
O3A ATP S . -19.07 -16.00 27.18
O5' ATP S . -18.79 -17.61 25.31
C5' ATP S . -17.72 -18.38 25.87
C4' ATP S . -16.43 -18.20 25.08
O4' ATP S . -15.44 -19.10 25.58
C3' ATP S . -16.61 -18.50 23.60
O3' ATP S . -16.18 -17.36 22.85
C2' ATP S . -15.76 -19.71 23.30
O2' ATP S . -14.95 -19.51 22.14
C1' ATP S . -14.89 -19.90 24.54
N9 ATP S . -14.84 -21.33 24.97
C8 ATP S . -13.74 -22.09 25.01
N7 ATP S . -14.04 -23.34 25.45
C5 ATP S . -15.35 -23.37 25.71
C6 ATP S . -16.31 -24.38 26.20
N6 ATP S . -15.87 -25.62 26.51
N1 ATP S . -17.61 -24.03 26.32
C2 ATP S . -18.03 -22.79 26.02
N3 ATP S . -17.21 -21.82 25.56
C4 ATP S . -15.88 -22.04 25.39
MG MG T . -18.86 -17.24 29.58
PG ATP U . 20.86 3.66 -63.26
O1G ATP U . 22.03 3.33 -62.35
O2G ATP U . 19.54 3.14 -62.76
O3G ATP U . 20.83 5.10 -63.72
PB ATP U . 22.42 2.66 -65.52
O1B ATP U . 23.68 2.66 -64.68
O2B ATP U . 22.20 1.52 -66.48
O3B ATP U . 21.10 2.77 -64.60
PA ATP U . 23.43 4.52 -67.42
O1A ATP U . 23.70 5.98 -67.15
O2A ATP U . 24.58 3.53 -67.45
O3A ATP U . 22.32 4.02 -66.36
O5' ATP U . 22.60 4.36 -68.77
C5' ATP U . 21.74 5.41 -69.20
C4' ATP U . 20.44 4.76 -69.68
O4' ATP U . 19.44 5.76 -69.85
C3' ATP U . 20.63 4.04 -71.00
O3' ATP U . 20.10 2.71 -70.89
C2' ATP U . 19.87 4.87 -72.01
O2' ATP U . 19.16 4.03 -72.93
C1' ATP U . 18.91 5.70 -71.17
N9 ATP U . 18.79 7.09 -71.67
C8 ATP U . 17.70 7.58 -72.30
N7 ATP U . 17.89 8.88 -72.63
C5 ATP U . 19.12 9.22 -72.20
C6 ATP U . 19.94 10.45 -72.23
N6 ATP U . 19.44 11.57 -72.80
N1 ATP U . 21.17 10.40 -71.69
C2 ATP U . 21.66 9.28 -71.12
N3 ATP U . 20.96 8.12 -71.06
C4 ATP U . 19.70 8.04 -71.57
MG MG V . 22.53 6.41 -65.00
PG ATP W . 29.74 -13.18 33.33
O1G ATP W . 28.58 -13.93 33.94
O2G ATP W . 31.08 -13.46 33.98
O3G ATP W . 29.49 -11.71 33.10
PB ATP W . 31.20 -14.12 31.04
O1B ATP W . 32.41 -13.73 31.85
O2B ATP W . 31.06 -15.51 30.46
O3B ATP W . 29.84 -13.76 31.83
PA ATP W . 32.24 -12.26 29.15
O1A ATP W . 32.26 -10.90 29.82
O2A ATP W . 33.48 -13.12 29.14
O3A ATP W . 31.03 -13.10 29.81
O5' ATP W . 31.66 -12.18 27.66
C5' ATP W . 30.72 -11.18 27.27
C4' ATP W . 29.37 -11.83 26.99
O4' ATP W . 28.36 -10.83 26.91
C3' ATP W . 29.37 -12.57 25.66
O3' ATP W . 28.61 -13.78 25.78
C2' ATP W . 28.73 -11.60 24.70
O2' ATP W . 28.02 -12.28 23.66
C1' ATP W . 27.79 -10.80 25.60
N9 ATP W . 27.65 -9.39 25.17
C8 ATP W . 26.52 -8.90 24.63
N7 ATP W . 26.67 -7.58 24.34
C5 ATP W . 27.91 -7.22 24.69
C6 ATP W . 28.70 -5.98 24.64
N6 ATP W . 28.11 -4.85 24.14
N1 ATP W . 29.97 -6.01 25.11
C2 ATP W . 30.52 -7.14 25.59
N3 ATP W . 29.85 -8.31 25.66
C4 ATP W . 28.56 -8.42 25.24
MG MG X . 31.19 -10.14 31.48
#